data_5VNC
#
_entry.id   5VNC
#
_cell.length_a   193.044
_cell.length_b   204.698
_cell.length_c   205.888
_cell.angle_alpha   90.00
_cell.angle_beta   90.00
_cell.angle_gamma   90.00
#
_symmetry.space_group_name_H-M   'I 2 2 2'
#
loop_
_entity.id
_entity.type
_entity.pdbx_description
1 polymer 'Glycogen [starch] synthase isoform 2'
2 non-polymer "URIDINE-5'-DIPHOSPHATE"
3 non-polymer 6-O-phosphono-alpha-D-glucopyranose
4 non-polymer 2-amino-2-deoxy-beta-D-glucopyranose
5 water water
#
_entity_poly.entity_id   1
_entity_poly.type   'polypeptide(L)'
_entity_poly.pdbx_seq_one_letter_code
;MGSSHHHHHHSSGLVPRGSHMSRDLQNHLLFETATEVANRVGGIYSVLKSKAPITVAQYKDHYHLIGPLNKATYQNEVDI
LDWKKPEAFSDEMRPVQHALQTMESRGVHFVYGRWLIEGAPKVILFDLDSVRGYSNEWKGDLWSLVGIPSPENDFETNDA
ILLGYTVAWFLGEVAHLDSQHAIVAHFHQWLAGVALPLCRKRRIDVVTIFTTHATLLGRYLCASGSFDFYNCLESVDVDH
EAGRFGIYHRYCIERAAAHSADVFTTVSQITAFEAEHLLKRKPDGILPNGLNVIKFQAFHEFQNLHALKKEKINDFVRGH
FHGCFDFDLDNTLYFFIAGRYEYKNKGADMFIEALARLNYRLKVSGSKKTVVAFIVMPAKNNSFTVEALKGQAEVRALEN
TVHEVTTSIGKRIFDHAIRYPHNGLTTELPTDLGELLKSSDKVMLKRRILALRRPEGQLPPIVTHNMVDDANDLILNKIR
QVQLFNSPSDRVKMIFHPEFLNANNPILGLDYDEFVRGCHLGVFPSYYEPWGYTPAECTVMGVPSITTNVSGFGSYMEDL
IETNQAKDYGIYIVDRRFKAPDESVEQLVDYMEEFVKKTRRQRINQRNRTERLSDLLDWKRMGLEYVKARQLALRRGYPD
QFRELVGEELNDSNMDALAGGKKLKVARPLSVPGSPRDLRSNSTVYMTPGDLGTLQEVNNADDYFSLGVNPAADDDDDGP
;
_entity_poly.pdbx_strand_id   A,B,C,D
#
loop_
_chem_comp.id
_chem_comp.type
_chem_comp.name
_chem_comp.formula
G6P D-saccharide, alpha linking 6-O-phosphono-alpha-D-glucopyranose 'C6 H13 O9 P'
GCS D-saccharide, beta linking 2-amino-2-deoxy-beta-D-glucopyranose 'C6 H13 N O5'
UDP RNA linking URIDINE-5'-DIPHOSPHATE 'C9 H14 N2 O12 P2'
#
# COMPACT_ATOMS: atom_id res chain seq x y z
N SER A 22 -42.09 59.36 -9.57
CA SER A 22 -42.76 58.13 -9.04
C SER A 22 -41.84 56.93 -8.83
N ARG A 23 -40.81 56.78 -9.67
CA ARG A 23 -39.88 55.63 -9.64
C ARG A 23 -39.23 55.37 -8.29
N ASP A 24 -39.12 54.08 -7.95
CA ASP A 24 -38.60 53.62 -6.65
C ASP A 24 -37.09 53.41 -6.71
N LEU A 25 -36.36 54.19 -5.92
CA LEU A 25 -34.90 54.14 -5.88
C LEU A 25 -34.35 53.00 -5.02
N GLN A 26 -35.13 52.56 -4.03
CA GLN A 26 -34.65 51.57 -3.06
C GLN A 26 -34.82 50.14 -3.60
N ASN A 27 -36.02 49.86 -4.10
CA ASN A 27 -36.31 48.60 -4.77
C ASN A 27 -36.10 48.82 -6.28
N HIS A 28 -34.83 48.79 -6.70
CA HIS A 28 -34.44 49.04 -8.10
C HIS A 28 -33.99 47.78 -8.83
N LEU A 29 -33.88 47.85 -10.16
CA LEU A 29 -33.37 46.74 -11.00
C LEU A 29 -31.91 46.95 -11.38
N LEU A 30 -31.12 45.86 -11.39
CA LEU A 30 -29.73 45.90 -11.84
C LEU A 30 -29.56 45.10 -13.12
N PHE A 31 -28.91 45.70 -14.12
CA PHE A 31 -28.57 45.01 -15.36
C PHE A 31 -27.07 45.16 -15.63
N GLU A 32 -26.35 44.04 -15.69
CA GLU A 32 -24.88 44.09 -15.77
C GLU A 32 -24.40 43.53 -17.08
N THR A 33 -24.17 44.40 -18.04
CA THR A 33 -23.69 44.00 -19.35
C THR A 33 -22.18 43.82 -19.33
N ALA A 34 -21.74 42.75 -19.99
CA ALA A 34 -20.33 42.54 -20.30
C ALA A 34 -20.22 41.61 -21.48
N THR A 35 -19.11 41.70 -22.20
CA THR A 35 -18.84 40.82 -23.31
C THR A 35 -18.58 39.37 -22.83
N GLU A 36 -18.01 39.21 -21.63
CA GLU A 36 -17.55 37.91 -21.11
C GLU A 36 -18.56 37.22 -20.16
N VAL A 37 -19.84 37.24 -20.52
CA VAL A 37 -20.89 36.67 -19.66
C VAL A 37 -21.00 35.16 -19.80
N ALA A 38 -21.28 34.70 -21.02
CA ALA A 38 -21.34 33.25 -21.30
C ALA A 38 -20.01 32.56 -20.99
N ASN A 39 -18.91 33.23 -21.34
CA ASN A 39 -17.68 32.54 -21.72
C ASN A 39 -16.40 33.18 -21.18
N ARG A 40 -15.48 32.33 -20.74
CA ARG A 40 -14.18 32.74 -20.20
C ARG A 40 -13.23 33.23 -21.30
N VAL A 41 -13.49 34.44 -21.81
CA VAL A 41 -12.60 35.08 -22.79
C VAL A 41 -11.49 35.86 -22.08
N GLY A 42 -11.78 36.44 -20.91
CA GLY A 42 -10.78 37.20 -20.17
C GLY A 42 -11.08 37.38 -18.70
N GLY A 43 -10.22 38.16 -18.04
CA GLY A 43 -10.24 38.35 -16.57
C GLY A 43 -11.55 38.81 -15.98
N ILE A 44 -12.39 39.43 -16.81
CA ILE A 44 -13.73 39.86 -16.41
C ILE A 44 -14.65 38.65 -16.13
N TYR A 45 -14.41 37.51 -16.78
CA TYR A 45 -15.13 36.28 -16.47
C TYR A 45 -14.97 35.86 -15.01
N SER A 46 -13.76 35.97 -14.49
CA SER A 46 -13.49 35.69 -13.07
C SER A 46 -14.33 36.61 -12.18
N VAL A 47 -14.35 37.91 -12.51
CA VAL A 47 -15.00 38.90 -11.64
C VAL A 47 -16.51 38.76 -11.64
N LEU A 48 -17.12 38.62 -12.80
CA LEU A 48 -18.58 38.45 -12.87
C LEU A 48 -19.05 37.15 -12.20
N LYS A 49 -18.29 36.06 -12.42
CA LYS A 49 -18.57 34.76 -11.80
C LYS A 49 -18.43 34.83 -10.28
N SER A 50 -17.27 35.27 -9.81
CA SER A 50 -17.00 35.31 -8.37
C SER A 50 -17.85 36.33 -7.62
N LYS A 51 -18.24 37.42 -8.29
CA LYS A 51 -19.06 38.46 -7.68
C LYS A 51 -20.55 38.09 -7.59
N ALA A 52 -20.99 37.13 -8.42
CA ALA A 52 -22.41 36.80 -8.55
C ALA A 52 -23.15 36.41 -7.25
N PRO A 53 -22.49 35.68 -6.33
CA PRO A 53 -23.15 35.31 -5.07
C PRO A 53 -23.69 36.47 -4.23
N ILE A 54 -22.83 37.42 -3.85
CA ILE A 54 -23.29 38.62 -3.13
C ILE A 54 -24.26 39.47 -3.96
N THR A 55 -24.03 39.59 -5.27
CA THR A 55 -24.93 40.37 -6.11
C THR A 55 -26.32 39.74 -6.16
N VAL A 56 -26.37 38.43 -6.31
CA VAL A 56 -27.63 37.67 -6.24
C VAL A 56 -28.26 37.81 -4.85
N ALA A 57 -27.48 37.54 -3.81
CA ALA A 57 -27.90 37.70 -2.42
C ALA A 57 -28.61 39.05 -2.14
N GLN A 58 -28.12 40.13 -2.74
CA GLN A 58 -28.67 41.47 -2.53
C GLN A 58 -29.90 41.75 -3.39
N TYR A 59 -29.85 41.29 -4.65
CA TYR A 59 -30.90 41.59 -5.66
C TYR A 59 -31.86 40.44 -5.96
N LYS A 60 -31.65 39.26 -5.35
CA LYS A 60 -32.42 38.04 -5.64
C LYS A 60 -32.91 37.97 -7.12
N ASP A 61 -34.20 38.18 -7.39
CA ASP A 61 -34.74 38.03 -8.76
C ASP A 61 -34.64 39.28 -9.62
N HIS A 62 -34.15 40.40 -9.07
CA HIS A 62 -34.10 41.68 -9.76
C HIS A 62 -32.84 41.84 -10.64
N TYR A 63 -31.87 40.95 -10.48
CA TYR A 63 -30.58 41.04 -11.17
C TYR A 63 -30.55 40.18 -12.44
N HIS A 64 -29.93 40.72 -13.49
CA HIS A 64 -29.72 39.99 -14.75
C HIS A 64 -28.36 40.37 -15.34
N LEU A 65 -27.57 39.37 -15.69
CA LEU A 65 -26.39 39.60 -16.51
C LEU A 65 -26.83 39.59 -17.98
N ILE A 66 -26.17 40.39 -18.81
CA ILE A 66 -26.51 40.53 -20.23
C ILE A 66 -25.23 40.46 -21.04
N GLY A 67 -25.21 39.63 -22.08
CA GLY A 67 -24.05 39.51 -22.96
C GLY A 67 -24.39 39.09 -24.38
N PRO A 68 -23.35 38.94 -25.23
CA PRO A 68 -23.58 38.34 -26.53
C PRO A 68 -23.82 36.86 -26.34
N LEU A 69 -24.62 36.25 -27.21
CA LEU A 69 -24.84 34.81 -27.19
C LEU A 69 -23.65 34.12 -27.83
N ASN A 70 -23.01 33.22 -27.10
CA ASN A 70 -21.95 32.38 -27.67
C ASN A 70 -22.56 31.07 -28.18
N LYS A 71 -23.12 31.14 -29.39
CA LYS A 71 -23.70 29.98 -30.06
C LYS A 71 -22.76 28.77 -30.00
N ALA A 72 -21.46 29.00 -30.19
CA ALA A 72 -20.44 27.94 -30.19
C ALA A 72 -20.27 27.17 -28.86
N THR A 73 -20.42 27.84 -27.71
CA THR A 73 -20.12 27.21 -26.40
C THR A 73 -21.09 27.49 -25.23
N TYR A 74 -22.29 28.02 -25.49
CA TYR A 74 -23.23 28.36 -24.40
C TYR A 74 -23.86 27.14 -23.68
N GLN A 75 -23.85 25.97 -24.32
CA GLN A 75 -24.43 24.74 -23.75
C GLN A 75 -23.81 24.28 -22.42
N ASN A 76 -22.51 24.53 -22.24
CA ASN A 76 -21.78 24.13 -21.02
C ASN A 76 -22.13 24.99 -19.81
N GLU A 77 -21.90 26.30 -19.95
CA GLU A 77 -22.04 27.25 -18.84
C GLU A 77 -23.48 27.46 -18.42
N VAL A 78 -24.39 27.69 -19.38
CA VAL A 78 -25.76 28.12 -19.08
C VAL A 78 -26.78 26.96 -19.01
N ASP A 79 -27.64 27.01 -17.98
CA ASP A 79 -28.90 26.25 -17.90
C ASP A 79 -29.99 27.06 -18.65
N ILE A 80 -30.80 26.38 -19.46
CA ILE A 80 -31.64 27.04 -20.48
C ILE A 80 -33.16 27.02 -20.12
N LEU A 81 -33.54 27.89 -19.18
CA LEU A 81 -34.95 28.04 -18.72
C LEU A 81 -35.88 28.67 -19.78
N ASP A 82 -37.15 28.25 -19.77
CA ASP A 82 -38.17 28.70 -20.75
C ASP A 82 -38.83 30.00 -20.30
N TRP A 83 -38.67 31.04 -21.12
CA TRP A 83 -39.10 32.43 -20.79
C TRP A 83 -40.55 32.77 -21.19
N LYS A 84 -41.12 32.00 -22.13
CA LYS A 84 -42.52 32.17 -22.54
C LYS A 84 -43.48 31.80 -21.40
N LYS A 85 -43.11 30.78 -20.62
CA LYS A 85 -43.86 30.37 -19.42
C LYS A 85 -44.10 31.57 -18.50
N PRO A 86 -45.39 31.91 -18.21
CA PRO A 86 -45.68 32.98 -17.24
C PRO A 86 -45.16 32.69 -15.82
N GLU A 87 -45.13 31.42 -15.43
CA GLU A 87 -44.53 30.99 -14.15
C GLU A 87 -43.05 31.37 -13.93
N ALA A 88 -42.34 31.79 -14.99
CA ALA A 88 -40.89 32.10 -14.93
C ALA A 88 -40.51 33.60 -14.90
N PHE A 89 -41.40 34.47 -14.40
CA PHE A 89 -41.07 35.87 -14.15
C PHE A 89 -42.15 36.50 -13.27
N SER A 90 -41.79 36.92 -12.06
CA SER A 90 -42.77 37.37 -11.04
C SER A 90 -43.62 38.59 -11.46
N ASP A 91 -44.66 38.87 -10.69
CA ASP A 91 -45.64 39.92 -11.04
C ASP A 91 -45.02 41.32 -11.16
N GLU A 92 -44.12 41.68 -10.25
CA GLU A 92 -43.45 42.98 -10.33
C GLU A 92 -42.36 42.99 -11.41
N MET A 93 -41.73 41.84 -11.64
CA MET A 93 -40.82 41.66 -12.78
C MET A 93 -41.54 41.34 -14.10
N ARG A 94 -42.87 41.50 -14.13
CA ARG A 94 -43.66 41.29 -15.34
C ARG A 94 -43.19 42.10 -16.56
N PRO A 95 -42.84 43.40 -16.38
CA PRO A 95 -42.41 44.23 -17.52
C PRO A 95 -41.27 43.65 -18.35
N VAL A 96 -40.34 42.95 -17.69
CA VAL A 96 -39.16 42.40 -18.37
C VAL A 96 -39.50 41.19 -19.28
N GLN A 97 -40.53 40.41 -18.92
CA GLN A 97 -41.05 39.34 -19.81
C GLN A 97 -41.77 39.91 -21.04
N HIS A 98 -42.50 41.01 -20.85
CA HIS A 98 -43.20 41.71 -21.95
C HIS A 98 -42.27 42.47 -22.90
N ALA A 99 -41.11 42.92 -22.39
CA ALA A 99 -40.09 43.59 -23.22
C ALA A 99 -39.29 42.59 -24.06
N LEU A 100 -38.97 41.45 -23.47
CA LEU A 100 -38.35 40.34 -24.20
C LEU A 100 -39.28 39.85 -25.32
N GLN A 101 -40.58 39.76 -25.02
CA GLN A 101 -41.63 39.47 -26.03
C GLN A 101 -41.55 40.41 -27.22
N THR A 102 -41.45 41.71 -26.94
CA THR A 102 -41.28 42.75 -27.97
C THR A 102 -40.07 42.42 -28.85
N MET A 103 -38.94 42.09 -28.21
CA MET A 103 -37.70 41.76 -28.91
C MET A 103 -37.80 40.46 -29.73
N GLU A 104 -38.50 39.44 -29.21
CA GLU A 104 -38.73 38.19 -29.95
C GLU A 104 -39.74 38.35 -31.07
N SER A 105 -40.84 39.07 -30.80
CA SER A 105 -41.87 39.36 -31.80
C SER A 105 -41.41 40.33 -32.88
N ARG A 106 -40.47 41.22 -32.56
CA ARG A 106 -39.88 42.12 -33.55
C ARG A 106 -38.58 41.57 -34.18
N GLY A 107 -38.29 40.27 -34.02
CA GLY A 107 -37.24 39.60 -34.80
C GLY A 107 -36.05 39.03 -34.04
N VAL A 108 -35.66 39.67 -32.94
CA VAL A 108 -34.38 39.37 -32.27
C VAL A 108 -34.44 38.05 -31.49
N HIS A 109 -33.66 37.05 -31.92
CA HIS A 109 -33.49 35.79 -31.18
C HIS A 109 -32.53 36.02 -30.01
N PHE A 110 -32.80 35.36 -28.87
CA PHE A 110 -31.95 35.45 -27.66
C PHE A 110 -32.11 34.19 -26.77
N VAL A 111 -31.31 34.11 -25.71
CA VAL A 111 -31.42 33.00 -24.73
C VAL A 111 -31.60 33.55 -23.32
N TYR A 112 -32.70 33.17 -22.66
CA TYR A 112 -32.88 33.35 -21.22
C TYR A 112 -32.31 32.11 -20.51
N GLY A 113 -32.00 32.22 -19.21
CA GLY A 113 -31.53 31.08 -18.43
C GLY A 113 -31.10 31.35 -17.01
N ARG A 114 -30.33 30.42 -16.44
CA ARG A 114 -29.63 30.60 -15.17
C ARG A 114 -28.19 30.18 -15.44
N TRP A 115 -27.22 30.94 -14.95
CA TRP A 115 -25.81 30.65 -15.22
C TRP A 115 -25.31 29.63 -14.20
N LEU A 116 -24.76 28.50 -14.68
CA LEU A 116 -24.36 27.35 -13.83
C LEU A 116 -23.10 27.65 -13.03
N ILE A 117 -23.24 28.61 -12.10
CA ILE A 117 -22.19 28.96 -11.15
C ILE A 117 -22.90 29.30 -9.85
N GLU A 118 -22.20 29.12 -8.73
CA GLU A 118 -22.71 29.46 -7.42
C GLU A 118 -23.40 30.83 -7.45
N GLY A 119 -24.59 30.89 -6.87
CA GLY A 119 -25.45 32.08 -6.97
C GLY A 119 -26.57 31.91 -7.98
N ALA A 120 -26.24 31.36 -9.15
CA ALA A 120 -27.20 31.07 -10.21
C ALA A 120 -28.00 32.31 -10.70
N PRO A 121 -27.29 33.30 -11.27
CA PRO A 121 -27.94 34.52 -11.73
C PRO A 121 -28.65 34.32 -13.07
N LYS A 122 -29.88 34.85 -13.19
CA LYS A 122 -30.60 34.87 -14.45
C LYS A 122 -29.73 35.62 -15.45
N VAL A 123 -29.76 35.19 -16.70
CA VAL A 123 -28.91 35.77 -17.74
C VAL A 123 -29.69 35.91 -19.05
N ILE A 124 -29.34 36.92 -19.85
CA ILE A 124 -29.97 37.19 -21.15
C ILE A 124 -28.86 37.35 -22.18
N LEU A 125 -28.82 36.44 -23.15
CA LEU A 125 -27.77 36.45 -24.17
C LEU A 125 -28.39 36.65 -25.55
N PHE A 126 -27.99 37.74 -26.22
CA PHE A 126 -28.57 38.13 -27.51
C PHE A 126 -27.80 37.52 -28.68
N ASP A 127 -28.53 36.86 -29.59
CA ASP A 127 -27.97 36.30 -30.83
C ASP A 127 -27.66 37.46 -31.77
N LEU A 128 -26.38 37.82 -31.88
CA LEU A 128 -25.94 38.92 -32.74
C LEU A 128 -26.12 38.60 -34.24
N ASP A 129 -26.04 37.31 -34.60
CA ASP A 129 -26.36 36.84 -35.95
C ASP A 129 -27.79 37.20 -36.35
N SER A 130 -28.71 37.10 -35.38
CA SER A 130 -30.12 37.45 -35.58
C SER A 130 -30.39 38.95 -35.64
N VAL A 131 -29.35 39.79 -35.64
CA VAL A 131 -29.50 41.22 -35.91
C VAL A 131 -28.42 41.79 -36.86
N ARG A 132 -27.56 40.92 -37.42
CA ARG A 132 -26.38 41.34 -38.20
C ARG A 132 -26.72 42.24 -39.41
N GLY A 133 -27.94 42.12 -39.92
CA GLY A 133 -28.44 42.96 -41.01
C GLY A 133 -28.50 44.46 -40.76
N TYR A 134 -28.60 44.86 -39.49
CA TYR A 134 -28.58 46.29 -39.13
C TYR A 134 -27.18 46.91 -39.01
N SER A 135 -26.14 46.10 -39.17
CA SER A 135 -24.73 46.54 -39.04
C SER A 135 -24.36 47.82 -39.82
N ASN A 136 -25.02 48.06 -40.94
CA ASN A 136 -24.81 49.27 -41.75
C ASN A 136 -25.65 50.43 -41.26
N GLU A 137 -26.91 50.15 -40.92
CA GLU A 137 -27.83 51.14 -40.35
C GLU A 137 -27.22 51.76 -39.10
N TRP A 138 -26.65 50.90 -38.25
CA TRP A 138 -26.16 51.30 -36.93
C TRP A 138 -24.72 51.81 -36.90
N LYS A 139 -23.82 51.20 -37.68
CA LYS A 139 -22.43 51.71 -37.80
C LYS A 139 -22.41 53.15 -38.30
N GLY A 140 -23.34 53.46 -39.22
CA GLY A 140 -23.55 54.81 -39.74
C GLY A 140 -24.24 55.76 -38.78
N ASP A 141 -25.25 55.27 -38.04
CA ASP A 141 -25.90 56.06 -36.97
C ASP A 141 -24.90 56.46 -35.88
N LEU A 142 -24.03 55.51 -35.52
CA LEU A 142 -23.02 55.74 -34.50
C LEU A 142 -21.99 56.80 -34.90
N TRP A 143 -21.73 56.97 -36.21
CA TRP A 143 -20.91 58.09 -36.67
C TRP A 143 -21.63 59.43 -36.44
N SER A 144 -22.76 59.61 -37.12
CA SER A 144 -23.47 60.89 -37.13
C SER A 144 -23.99 61.32 -35.75
N LEU A 145 -24.22 60.35 -34.86
CA LEU A 145 -24.73 60.61 -33.50
C LEU A 145 -23.63 60.85 -32.44
N VAL A 146 -22.46 60.23 -32.60
CA VAL A 146 -21.36 60.34 -31.61
C VAL A 146 -19.96 60.62 -32.17
N GLY A 147 -19.69 60.21 -33.42
CA GLY A 147 -18.43 60.49 -34.10
C GLY A 147 -17.51 59.28 -34.28
N ILE A 148 -18.03 58.07 -34.06
CA ILE A 148 -17.20 56.85 -34.02
C ILE A 148 -17.07 56.23 -35.42
N PRO A 149 -15.84 56.15 -35.96
CA PRO A 149 -15.62 55.50 -37.26
C PRO A 149 -15.71 53.98 -37.15
N SER A 150 -15.91 53.32 -38.28
CA SER A 150 -16.28 51.90 -38.30
C SER A 150 -15.69 51.14 -39.50
N PRO A 151 -14.36 50.92 -39.50
CA PRO A 151 -13.72 50.06 -40.51
C PRO A 151 -14.40 48.69 -40.67
N GLU A 152 -14.66 48.32 -41.92
CA GLU A 152 -15.48 47.13 -42.25
C GLU A 152 -14.93 45.84 -41.65
N ASN A 153 -13.61 45.67 -41.75
CA ASN A 153 -12.94 44.38 -41.42
C ASN A 153 -12.91 43.91 -39.95
N ASP A 154 -13.11 44.83 -39.00
CA ASP A 154 -12.91 44.52 -37.56
C ASP A 154 -14.05 43.68 -36.94
N PHE A 155 -13.86 42.35 -36.97
CA PHE A 155 -14.78 41.36 -36.37
C PHE A 155 -15.28 41.79 -34.97
N GLU A 156 -14.37 42.23 -34.12
CA GLU A 156 -14.66 42.49 -32.69
C GLU A 156 -15.53 43.73 -32.43
N THR A 157 -15.25 44.84 -33.12
CA THR A 157 -16.01 46.10 -32.93
C THR A 157 -17.39 46.07 -33.59
N ASN A 158 -17.49 45.34 -34.69
CA ASN A 158 -18.78 45.04 -35.30
C ASN A 158 -19.71 44.38 -34.28
N ASP A 159 -19.22 43.33 -33.62
CA ASP A 159 -19.96 42.63 -32.56
C ASP A 159 -20.26 43.52 -31.34
N ALA A 160 -19.31 44.38 -30.99
CA ALA A 160 -19.50 45.38 -29.92
C ALA A 160 -20.61 46.37 -30.24
N ILE A 161 -20.63 46.85 -31.49
CA ILE A 161 -21.65 47.76 -31.99
C ILE A 161 -23.04 47.11 -31.99
N LEU A 162 -23.13 45.90 -32.53
CA LEU A 162 -24.38 45.15 -32.54
C LEU A 162 -24.90 44.84 -31.14
N LEU A 163 -23.98 44.55 -30.22
CA LEU A 163 -24.34 44.28 -28.82
C LEU A 163 -25.04 45.47 -28.19
N GLY A 164 -24.36 46.60 -28.12
CA GLY A 164 -24.90 47.77 -27.41
C GLY A 164 -26.12 48.47 -28.00
N TYR A 165 -26.34 48.33 -29.31
CA TYR A 165 -27.58 48.82 -29.94
C TYR A 165 -28.78 47.94 -29.55
N THR A 166 -28.56 46.62 -29.57
CA THR A 166 -29.57 45.65 -29.12
C THR A 166 -29.89 45.80 -27.62
N VAL A 167 -28.84 45.98 -26.81
CA VAL A 167 -28.98 46.12 -25.36
C VAL A 167 -29.70 47.42 -24.99
N ALA A 168 -29.37 48.52 -25.66
CA ALA A 168 -30.04 49.82 -25.44
C ALA A 168 -31.49 49.85 -25.96
N TRP A 169 -31.76 49.09 -27.03
CA TRP A 169 -33.13 48.84 -27.51
C TRP A 169 -33.93 48.10 -26.43
N PHE A 170 -33.30 47.07 -25.86
CA PHE A 170 -33.89 46.30 -24.78
C PHE A 170 -34.22 47.17 -23.57
N LEU A 171 -33.24 47.91 -23.08
CA LEU A 171 -33.41 48.80 -21.91
C LEU A 171 -34.39 49.95 -22.18
N GLY A 172 -34.44 50.43 -23.42
CA GLY A 172 -35.44 51.41 -23.83
C GLY A 172 -36.85 50.88 -23.62
N GLU A 173 -37.12 49.68 -24.16
CA GLU A 173 -38.42 49.01 -24.00
C GLU A 173 -38.75 48.72 -22.53
N VAL A 174 -37.75 48.32 -21.75
CA VAL A 174 -37.97 47.94 -20.34
C VAL A 174 -38.35 49.16 -19.51
N ALA A 175 -37.68 50.29 -19.74
CA ALA A 175 -38.02 51.55 -19.07
C ALA A 175 -39.42 52.08 -19.46
N HIS A 176 -39.84 51.84 -20.70
CA HIS A 176 -41.19 52.21 -21.15
C HIS A 176 -42.29 51.32 -20.55
N LEU A 177 -41.95 50.06 -20.28
CA LEU A 177 -42.92 49.08 -19.75
C LEU A 177 -42.87 48.93 -18.21
N ASP A 178 -41.74 49.24 -17.58
CA ASP A 178 -41.64 49.32 -16.11
C ASP A 178 -41.66 50.78 -15.65
N SER A 179 -42.76 51.19 -14.99
CA SER A 179 -42.87 52.51 -14.36
C SER A 179 -42.82 52.45 -12.82
N GLN A 180 -42.38 51.30 -12.27
CA GLN A 180 -42.31 51.07 -10.84
C GLN A 180 -40.88 51.25 -10.31
N HIS A 181 -39.95 50.52 -10.92
CA HIS A 181 -38.56 50.44 -10.44
C HIS A 181 -37.65 51.44 -11.15
N ALA A 182 -36.65 51.93 -10.42
CA ALA A 182 -35.49 52.58 -11.04
C ALA A 182 -34.59 51.50 -11.64
N ILE A 183 -33.83 51.86 -12.68
CA ILE A 183 -33.09 50.87 -13.47
C ILE A 183 -31.60 51.21 -13.59
N VAL A 184 -30.76 50.44 -12.91
CA VAL A 184 -29.32 50.59 -13.01
C VAL A 184 -28.85 49.70 -14.15
N ALA A 185 -28.00 50.26 -15.01
CA ALA A 185 -27.41 49.53 -16.11
C ALA A 185 -25.90 49.68 -16.01
N HIS A 186 -25.25 48.70 -15.39
CA HIS A 186 -23.79 48.64 -15.27
C HIS A 186 -23.23 48.05 -16.58
N PHE A 187 -22.10 48.59 -17.03
CA PHE A 187 -21.39 48.11 -18.22
C PHE A 187 -19.90 47.90 -17.92
N HIS A 188 -19.34 46.83 -18.52
CA HIS A 188 -17.96 46.40 -18.26
C HIS A 188 -17.13 46.34 -19.53
N GLN A 189 -16.03 47.09 -19.55
CA GLN A 189 -15.08 47.15 -20.66
C GLN A 189 -15.69 47.78 -21.90
N TRP A 190 -14.85 48.42 -22.71
CA TRP A 190 -15.31 49.14 -23.91
C TRP A 190 -16.23 48.33 -24.83
N LEU A 191 -15.92 47.04 -25.02
CA LEU A 191 -16.67 46.11 -25.88
C LEU A 191 -18.18 46.14 -25.63
N ALA A 192 -18.56 46.16 -24.35
CA ALA A 192 -19.96 46.30 -23.94
C ALA A 192 -20.51 47.71 -24.15
N GLY A 193 -19.66 48.72 -23.97
CA GLY A 193 -20.08 50.12 -23.83
C GLY A 193 -20.39 51.04 -25.02
N VAL A 194 -20.84 50.50 -26.16
CA VAL A 194 -21.44 51.35 -27.20
C VAL A 194 -22.88 51.73 -26.85
N ALA A 195 -23.49 50.98 -25.92
CA ALA A 195 -24.82 51.32 -25.36
C ALA A 195 -24.83 52.58 -24.48
N LEU A 196 -23.67 52.99 -23.98
CA LEU A 196 -23.59 54.12 -23.07
C LEU A 196 -23.94 55.47 -23.72
N PRO A 197 -23.35 55.80 -24.88
CA PRO A 197 -23.76 57.01 -25.62
C PRO A 197 -25.21 57.00 -26.09
N LEU A 198 -25.74 55.82 -26.42
CA LEU A 198 -27.13 55.68 -26.86
C LEU A 198 -28.11 55.97 -25.74
N CYS A 199 -27.81 55.45 -24.54
CA CYS A 199 -28.61 55.74 -23.35
C CYS A 199 -28.62 57.21 -22.97
N ARG A 200 -27.47 57.90 -23.11
CA ARG A 200 -27.41 59.33 -22.82
C ARG A 200 -28.06 60.16 -23.94
N LYS A 201 -27.56 59.98 -25.18
CA LYS A 201 -28.06 60.75 -26.33
C LYS A 201 -29.56 60.53 -26.58
N ARG A 202 -30.03 59.28 -26.44
CA ARG A 202 -31.47 58.94 -26.56
C ARG A 202 -32.32 59.15 -25.28
N ARG A 203 -31.78 59.87 -24.28
CA ARG A 203 -32.40 60.11 -22.96
C ARG A 203 -33.27 58.96 -22.43
N ILE A 204 -32.72 57.74 -22.46
CA ILE A 204 -33.41 56.52 -22.01
C ILE A 204 -33.43 56.59 -20.49
N ASP A 205 -34.54 56.22 -19.85
CA ASP A 205 -34.70 56.47 -18.39
C ASP A 205 -34.10 55.36 -17.48
N VAL A 206 -32.80 55.14 -17.63
CA VAL A 206 -31.99 54.27 -16.76
C VAL A 206 -30.73 55.05 -16.31
N VAL A 207 -30.17 54.72 -15.16
CA VAL A 207 -28.85 55.26 -14.79
C VAL A 207 -27.74 54.29 -15.24
N THR A 208 -26.59 54.86 -15.64
CA THR A 208 -25.49 54.08 -16.21
C THR A 208 -24.23 54.08 -15.34
N ILE A 209 -23.62 52.92 -15.20
CA ILE A 209 -22.28 52.82 -14.64
C ILE A 209 -21.39 52.18 -15.71
N PHE A 210 -20.18 52.72 -15.85
CA PHE A 210 -19.16 52.14 -16.71
C PHE A 210 -17.91 51.82 -15.89
N THR A 211 -17.54 50.54 -15.84
CA THR A 211 -16.27 50.15 -15.28
C THR A 211 -15.36 49.77 -16.42
N THR A 212 -14.11 50.23 -16.38
CA THR A 212 -13.12 49.79 -17.36
C THR A 212 -11.98 49.10 -16.63
N HIS A 213 -11.61 47.94 -17.16
CA HIS A 213 -10.63 47.04 -16.54
C HIS A 213 -9.22 47.20 -17.10
N ALA A 214 -9.11 47.84 -18.25
CA ALA A 214 -7.85 48.38 -18.73
C ALA A 214 -8.16 49.60 -19.57
N THR A 215 -7.13 50.21 -20.15
CA THR A 215 -7.33 51.19 -21.21
C THR A 215 -6.64 50.64 -22.43
N LEU A 216 -7.22 50.90 -23.60
CA LEU A 216 -6.65 50.38 -24.82
C LEU A 216 -5.26 50.93 -25.01
N LEU A 217 -5.10 52.24 -24.88
CA LEU A 217 -3.78 52.86 -25.05
C LEU A 217 -2.75 52.33 -24.07
N GLY A 218 -3.18 52.03 -22.85
CA GLY A 218 -2.31 51.51 -21.80
C GLY A 218 -1.63 50.21 -22.15
N ARG A 219 -2.41 49.24 -22.65
CA ARG A 219 -1.90 47.90 -22.97
C ARG A 219 -0.91 47.88 -24.16
N TYR A 220 -1.14 48.74 -25.15
CA TYR A 220 -0.31 48.82 -26.36
C TYR A 220 0.97 49.63 -26.13
N LEU A 221 0.83 50.78 -25.46
CA LEU A 221 2.00 51.63 -25.15
C LEU A 221 3.04 50.95 -24.28
N CYS A 222 2.60 50.09 -23.36
CA CYS A 222 3.49 49.41 -22.41
C CYS A 222 4.09 48.11 -22.95
N ALA A 223 3.42 47.48 -23.93
CA ALA A 223 3.90 46.22 -24.56
C ALA A 223 5.26 46.37 -25.24
N SER A 224 5.44 47.43 -26.02
CA SER A 224 6.71 47.69 -26.72
C SER A 224 7.84 48.13 -25.77
N GLY A 225 7.47 48.64 -24.60
CA GLY A 225 8.36 48.58 -23.43
C GLY A 225 9.52 49.55 -23.26
N SER A 226 9.82 50.36 -24.28
CA SER A 226 10.83 51.43 -24.14
C SER A 226 10.22 52.67 -23.49
N PHE A 227 8.99 53.01 -23.91
CA PHE A 227 8.25 54.19 -23.43
C PHE A 227 8.07 54.18 -21.91
N ASP A 228 8.30 55.33 -21.28
CA ASP A 228 8.15 55.50 -19.84
C ASP A 228 6.70 55.91 -19.56
N PHE A 229 5.81 54.93 -19.59
CA PHE A 229 4.36 55.17 -19.50
C PHE A 229 3.90 55.91 -18.22
N TYR A 230 4.53 55.65 -17.07
CA TYR A 230 3.95 56.09 -15.79
C TYR A 230 4.34 57.49 -15.32
N ASN A 231 5.32 58.12 -15.97
CA ASN A 231 5.72 59.51 -15.65
C ASN A 231 5.32 60.51 -16.76
N CYS A 232 5.78 60.29 -17.99
CA CYS A 232 5.38 61.16 -19.12
C CYS A 232 4.26 60.58 -20.01
N LEU A 233 3.10 60.32 -19.39
CA LEU A 233 1.86 60.06 -20.13
C LEU A 233 0.96 61.27 -20.19
N GLU A 234 1.20 62.27 -19.33
CA GLU A 234 0.47 63.54 -19.41
C GLU A 234 0.81 64.20 -20.75
N SER A 235 2.04 63.97 -21.21
CA SER A 235 2.51 64.35 -22.52
C SER A 235 2.42 63.19 -23.53
N VAL A 236 1.19 62.81 -23.90
CA VAL A 236 0.96 61.78 -24.93
C VAL A 236 -0.14 62.19 -25.91
N ASP A 237 0.18 62.14 -27.20
CA ASP A 237 -0.76 62.51 -28.26
C ASP A 237 -1.70 61.31 -28.48
N VAL A 238 -2.81 61.35 -27.77
CA VAL A 238 -3.83 60.27 -27.79
C VAL A 238 -4.26 59.82 -29.20
N ASP A 239 -4.52 60.77 -30.08
CA ASP A 239 -5.04 60.47 -31.42
C ASP A 239 -3.96 59.89 -32.33
N HIS A 240 -2.74 60.38 -32.18
CA HIS A 240 -1.60 59.90 -32.95
C HIS A 240 -1.22 58.46 -32.57
N GLU A 241 -1.25 58.14 -31.28
CA GLU A 241 -0.87 56.80 -30.78
C GLU A 241 -1.97 55.79 -31.08
N ALA A 242 -3.21 56.11 -30.74
CA ALA A 242 -4.37 55.32 -31.14
C ALA A 242 -4.34 54.97 -32.63
N GLY A 243 -4.06 55.99 -33.45
CA GLY A 243 -3.85 55.85 -34.88
C GLY A 243 -2.66 54.98 -35.22
N ARG A 244 -1.51 55.25 -34.60
CA ARG A 244 -0.27 54.48 -34.83
C ARG A 244 -0.45 52.98 -34.59
N PHE A 245 -1.10 52.62 -33.48
CA PHE A 245 -1.40 51.22 -33.15
C PHE A 245 -2.58 50.61 -33.95
N GLY A 246 -3.22 51.37 -34.84
CA GLY A 246 -4.32 50.86 -35.65
C GLY A 246 -5.53 50.46 -34.83
N ILE A 247 -5.87 51.29 -33.84
CA ILE A 247 -7.01 51.06 -32.93
C ILE A 247 -7.76 52.36 -32.60
N TYR A 248 -7.81 53.31 -33.53
CA TYR A 248 -8.44 54.61 -33.26
C TYR A 248 -9.94 54.46 -33.06
N HIS A 249 -10.58 53.79 -34.02
CA HIS A 249 -11.99 53.39 -33.92
C HIS A 249 -12.36 52.67 -32.60
N ARG A 250 -11.45 51.82 -32.12
CA ARG A 250 -11.64 51.10 -30.85
C ARG A 250 -11.58 52.03 -29.63
N TYR A 251 -10.47 52.76 -29.49
CA TYR A 251 -10.31 53.79 -28.45
C TYR A 251 -11.50 54.77 -28.32
N CYS A 252 -12.05 55.18 -29.45
CA CYS A 252 -13.20 56.11 -29.50
C CYS A 252 -14.43 55.58 -28.77
N ILE A 253 -14.62 54.27 -28.79
CA ILE A 253 -15.74 53.63 -28.10
C ILE A 253 -15.50 53.65 -26.57
N GLU A 254 -14.26 53.33 -26.17
CA GLU A 254 -13.84 53.35 -24.76
C GLU A 254 -13.96 54.74 -24.14
N ARG A 255 -13.53 55.76 -24.88
CA ARG A 255 -13.66 57.15 -24.45
C ARG A 255 -15.12 57.58 -24.40
N ALA A 256 -15.87 57.22 -25.44
CA ALA A 256 -17.31 57.47 -25.50
C ALA A 256 -18.02 56.86 -24.28
N ALA A 257 -17.72 55.59 -23.99
CA ALA A 257 -18.29 54.87 -22.84
C ALA A 257 -17.99 55.54 -21.50
N ALA A 258 -16.75 55.96 -21.33
CA ALA A 258 -16.33 56.65 -20.11
C ALA A 258 -17.01 58.01 -19.91
N HIS A 259 -17.20 58.77 -20.99
CA HIS A 259 -17.77 60.12 -20.90
C HIS A 259 -19.28 60.14 -20.81
N SER A 260 -19.93 59.25 -21.55
CA SER A 260 -21.39 59.19 -21.55
C SER A 260 -21.99 58.49 -20.32
N ALA A 261 -21.18 57.80 -19.52
CA ALA A 261 -21.68 57.10 -18.31
C ALA A 261 -21.96 58.07 -17.16
N ASP A 262 -23.05 57.84 -16.42
CA ASP A 262 -23.38 58.66 -15.24
C ASP A 262 -22.29 58.53 -14.17
N VAL A 263 -21.97 57.28 -13.84
CA VAL A 263 -20.79 56.95 -13.02
C VAL A 263 -19.73 56.26 -13.86
N PHE A 264 -18.50 56.74 -13.77
CA PHE A 264 -17.34 56.16 -14.47
C PHE A 264 -16.36 55.63 -13.43
N THR A 265 -15.92 54.39 -13.62
CA THR A 265 -15.14 53.72 -12.61
C THR A 265 -14.12 52.75 -13.20
N THR A 266 -13.05 52.53 -12.44
CA THR A 266 -11.96 51.63 -12.82
C THR A 266 -11.78 50.55 -11.72
N VAL A 267 -10.85 49.63 -11.94
CA VAL A 267 -10.60 48.53 -11.03
C VAL A 267 -9.44 48.74 -10.08
N SER A 268 -8.73 49.86 -10.20
CA SER A 268 -7.62 50.15 -9.31
C SER A 268 -7.18 51.59 -9.46
N GLN A 269 -6.54 52.10 -8.42
CA GLN A 269 -6.13 53.50 -8.36
C GLN A 269 -5.04 53.80 -9.39
N ILE A 270 -4.14 52.86 -9.65
CA ILE A 270 -3.19 53.02 -10.76
C ILE A 270 -3.87 53.14 -12.12
N THR A 271 -4.93 52.36 -12.35
CA THR A 271 -5.65 52.38 -13.62
C THR A 271 -6.59 53.59 -13.66
N ALA A 272 -7.01 54.09 -12.50
CA ALA A 272 -7.72 55.37 -12.43
C ALA A 272 -6.83 56.52 -12.89
N PHE A 273 -5.60 56.57 -12.40
CA PHE A 273 -4.62 57.57 -12.81
C PHE A 273 -4.43 57.52 -14.33
N GLU A 274 -4.07 56.36 -14.84
CA GLU A 274 -3.97 56.11 -16.27
C GLU A 274 -5.21 56.59 -17.04
N ALA A 275 -6.41 56.21 -16.57
CA ALA A 275 -7.64 56.50 -17.32
C ALA A 275 -8.07 57.96 -17.26
N GLU A 276 -7.61 58.69 -16.25
CA GLU A 276 -7.85 60.15 -16.14
C GLU A 276 -7.18 60.86 -17.32
N HIS A 277 -5.89 60.59 -17.50
CA HIS A 277 -5.11 61.20 -18.58
C HIS A 277 -5.37 60.62 -19.97
N LEU A 278 -5.71 59.33 -20.07
CA LEU A 278 -5.90 58.72 -21.39
C LEU A 278 -7.33 58.78 -21.93
N LEU A 279 -8.33 58.59 -21.06
CA LEU A 279 -9.74 58.73 -21.48
C LEU A 279 -10.37 60.08 -21.10
N LYS A 280 -9.58 60.99 -20.52
CA LYS A 280 -10.02 62.35 -20.25
C LYS A 280 -11.24 62.41 -19.33
N ARG A 281 -11.23 61.57 -18.29
CA ARG A 281 -12.23 61.68 -17.20
C ARG A 281 -11.69 61.08 -15.91
N LYS A 282 -11.64 61.91 -14.85
CA LYS A 282 -11.26 61.45 -13.52
C LYS A 282 -12.38 60.54 -13.07
N PRO A 283 -12.06 59.29 -12.69
CA PRO A 283 -13.15 58.39 -12.32
C PRO A 283 -13.68 58.65 -10.92
N ASP A 284 -14.94 58.29 -10.72
CA ASP A 284 -15.68 58.58 -9.49
C ASP A 284 -15.31 57.71 -8.31
N GLY A 285 -14.52 56.67 -8.55
CA GLY A 285 -14.03 55.75 -7.53
C GLY A 285 -13.49 54.52 -8.20
N ILE A 286 -13.04 53.57 -7.38
CA ILE A 286 -12.52 52.27 -7.86
C ILE A 286 -13.40 51.10 -7.38
N LEU A 287 -13.49 50.09 -8.26
CA LEU A 287 -14.17 48.83 -8.00
C LEU A 287 -13.18 47.65 -8.02
N PRO A 288 -12.38 47.52 -6.94
CA PRO A 288 -11.36 46.47 -6.95
C PRO A 288 -12.00 45.08 -6.94
N ASN A 289 -11.28 44.08 -7.44
CA ASN A 289 -11.83 42.75 -7.71
C ASN A 289 -11.67 41.81 -6.52
N GLY A 290 -12.79 41.41 -5.94
CA GLY A 290 -12.84 40.33 -4.96
C GLY A 290 -12.73 38.90 -5.51
N LEU A 291 -12.43 37.99 -4.58
CA LEU A 291 -12.57 36.55 -4.78
C LEU A 291 -13.66 36.01 -3.85
N ASN A 292 -14.09 34.79 -4.14
CA ASN A 292 -14.99 34.03 -3.25
C ASN A 292 -14.17 33.23 -2.27
N VAL A 293 -13.65 33.86 -1.22
CA VAL A 293 -12.68 33.16 -0.36
C VAL A 293 -13.40 32.05 0.42
N ILE A 294 -12.82 30.84 0.37
CA ILE A 294 -13.43 29.63 0.93
C ILE A 294 -12.69 29.30 2.25
N LYS A 295 -13.14 29.89 3.35
CA LYS A 295 -12.40 29.80 4.63
C LYS A 295 -12.55 28.43 5.34
N PHE A 296 -11.55 27.54 5.20
CA PHE A 296 -11.52 26.22 5.90
C PHE A 296 -12.04 26.18 7.38
N GLN A 297 -12.61 25.03 7.76
CA GLN A 297 -13.12 24.81 9.14
C GLN A 297 -11.97 24.74 10.14
N ALA A 298 -10.83 24.24 9.68
CA ALA A 298 -9.58 24.29 10.42
C ALA A 298 -8.59 25.20 9.69
N PHE A 299 -8.30 26.35 10.29
CA PHE A 299 -7.41 27.36 9.72
C PHE A 299 -6.12 26.78 9.14
N HIS A 300 -5.50 25.89 9.91
CA HIS A 300 -4.20 25.29 9.56
C HIS A 300 -4.25 24.29 8.41
N GLU A 301 -5.44 23.91 7.95
CA GLU A 301 -5.53 22.96 6.82
C GLU A 301 -4.69 23.41 5.64
N PHE A 302 -4.81 24.67 5.23
CA PHE A 302 -4.02 25.23 4.10
C PHE A 302 -2.51 24.93 4.24
N GLN A 303 -2.04 24.95 5.48
CA GLN A 303 -0.65 24.68 5.82
C GLN A 303 -0.26 23.23 5.49
N ASN A 304 -1.18 22.31 5.79
CA ASN A 304 -1.06 20.92 5.38
C ASN A 304 -1.06 20.82 3.86
N LEU A 305 -2.02 21.43 3.20
CA LEU A 305 -2.08 21.42 1.73
C LEU A 305 -0.77 21.86 1.08
N HIS A 306 -0.10 22.87 1.64
CA HIS A 306 1.23 23.27 1.15
C HIS A 306 2.23 22.11 1.12
N ALA A 307 2.40 21.45 2.27
CA ALA A 307 3.34 20.31 2.38
C ALA A 307 3.04 19.23 1.36
N LEU A 308 1.76 18.95 1.23
CA LEU A 308 1.26 17.86 0.42
C LEU A 308 1.47 18.17 -1.04
N LYS A 309 1.11 19.38 -1.47
CA LYS A 309 1.40 19.80 -2.85
C LYS A 309 2.89 19.98 -3.13
N LYS A 310 3.63 20.48 -2.14
CA LYS A 310 5.08 20.63 -2.28
C LYS A 310 5.71 19.32 -2.66
N GLU A 311 5.20 18.22 -2.09
CA GLU A 311 5.75 16.90 -2.40
C GLU A 311 5.61 16.54 -3.85
N LYS A 312 4.47 16.84 -4.45
CA LYS A 312 4.30 16.63 -5.88
C LYS A 312 5.26 17.45 -6.75
N ILE A 313 5.57 18.67 -6.32
CA ILE A 313 6.60 19.46 -6.99
C ILE A 313 8.00 18.79 -6.78
N ASN A 314 8.29 18.41 -5.54
CA ASN A 314 9.50 17.66 -5.23
C ASN A 314 9.63 16.45 -6.18
N ASP A 315 8.50 15.78 -6.45
CA ASP A 315 8.48 14.66 -7.38
C ASP A 315 8.91 15.05 -8.79
N PHE A 316 8.26 16.06 -9.35
CA PHE A 316 8.63 16.56 -10.67
C PHE A 316 10.12 16.88 -10.75
N VAL A 317 10.60 17.58 -9.72
CA VAL A 317 11.97 18.12 -9.71
C VAL A 317 13.02 17.01 -9.71
N ARG A 318 12.81 15.97 -8.92
CA ARG A 318 13.70 14.80 -8.96
C ARG A 318 13.82 14.27 -10.39
N GLY A 319 12.68 14.09 -11.04
CA GLY A 319 12.63 13.67 -12.43
C GLY A 319 13.29 14.65 -13.39
N HIS A 320 13.05 15.93 -13.16
CA HIS A 320 13.65 16.94 -14.01
C HIS A 320 15.18 16.98 -13.93
N PHE A 321 15.69 16.78 -12.71
CA PHE A 321 17.14 16.82 -12.44
C PHE A 321 17.76 15.42 -12.28
N HIS A 322 17.14 14.40 -12.88
CA HIS A 322 17.72 13.04 -12.83
C HIS A 322 19.11 13.12 -13.40
N GLY A 323 20.04 12.44 -12.76
CA GLY A 323 21.43 12.52 -13.16
C GLY A 323 22.18 13.69 -12.57
N CYS A 324 21.57 14.87 -12.49
CA CYS A 324 22.26 16.08 -12.00
C CYS A 324 21.73 16.55 -10.62
N PHE A 325 21.37 15.61 -9.75
CA PHE A 325 20.69 15.95 -8.49
C PHE A 325 21.69 16.20 -7.34
N ASP A 326 22.21 17.42 -7.29
CA ASP A 326 23.30 17.82 -6.37
C ASP A 326 22.87 18.73 -5.20
N PHE A 327 21.57 18.86 -4.93
CA PHE A 327 21.04 19.78 -3.87
C PHE A 327 19.93 19.15 -3.00
N ASP A 328 19.67 19.77 -1.86
CA ASP A 328 18.73 19.21 -0.87
C ASP A 328 17.32 19.84 -0.91
N LEU A 329 16.29 19.09 -1.30
CA LEU A 329 14.93 19.66 -1.46
C LEU A 329 14.32 20.17 -0.16
N ASP A 330 14.84 19.67 0.96
CA ASP A 330 14.48 20.17 2.28
C ASP A 330 14.96 21.61 2.55
N ASN A 331 15.97 22.06 1.80
CA ASN A 331 16.51 23.41 1.87
C ASN A 331 16.44 24.07 0.48
N THR A 332 15.28 23.91 -0.16
CA THR A 332 15.01 24.39 -1.51
C THR A 332 13.71 25.20 -1.47
N LEU A 333 13.69 26.28 -2.24
CA LEU A 333 12.55 27.17 -2.34
C LEU A 333 12.08 27.24 -3.79
N TYR A 334 10.77 27.41 -3.96
CA TYR A 334 10.07 27.28 -5.23
C TYR A 334 9.38 28.59 -5.53
N PHE A 335 10.08 29.46 -6.26
CA PHE A 335 9.52 30.71 -6.75
C PHE A 335 8.81 30.42 -8.06
N PHE A 336 7.78 31.21 -8.38
CA PHE A 336 7.15 31.10 -9.69
C PHE A 336 6.55 32.41 -10.19
N ILE A 337 6.41 32.50 -11.51
CA ILE A 337 5.66 33.54 -12.22
C ILE A 337 4.69 32.85 -13.18
N ALA A 338 3.50 33.39 -13.38
CA ALA A 338 2.53 32.69 -14.24
C ALA A 338 1.49 33.58 -14.89
N GLY A 339 0.81 33.01 -15.88
CA GLY A 339 -0.31 33.65 -16.60
C GLY A 339 -0.02 33.91 -18.06
N ARG A 340 -0.86 34.73 -18.71
CA ARG A 340 -0.69 35.13 -20.12
C ARG A 340 0.75 35.55 -20.46
N TYR A 341 1.21 35.15 -21.65
CA TYR A 341 2.58 35.40 -22.07
C TYR A 341 2.68 36.83 -22.56
N GLU A 342 2.88 37.74 -21.61
CA GLU A 342 3.19 39.13 -21.90
C GLU A 342 4.56 39.45 -21.30
N TYR A 343 5.58 39.21 -22.12
CA TYR A 343 7.00 39.31 -21.75
C TYR A 343 7.37 40.57 -20.99
N LYS A 344 6.88 41.71 -21.44
CA LYS A 344 7.28 43.01 -20.89
C LYS A 344 6.32 43.45 -19.80
N ASN A 345 5.04 43.40 -20.13
CA ASN A 345 3.95 43.78 -19.24
C ASN A 345 3.91 43.03 -17.92
N LYS A 346 4.03 41.69 -17.97
CA LYS A 346 3.86 40.81 -16.78
C LYS A 346 5.09 40.70 -15.88
N GLY A 347 6.26 41.02 -16.42
CA GLY A 347 7.49 41.14 -15.64
C GLY A 347 8.56 40.08 -15.89
N ALA A 348 8.31 39.20 -16.86
CA ALA A 348 9.23 38.12 -17.19
C ALA A 348 10.64 38.64 -17.40
N ASP A 349 10.78 39.79 -18.06
CA ASP A 349 12.11 40.38 -18.27
C ASP A 349 12.80 40.73 -16.95
N MET A 350 12.08 41.34 -16.02
CA MET A 350 12.66 41.65 -14.70
C MET A 350 12.97 40.39 -13.91
N PHE A 351 11.99 39.49 -13.89
CA PHE A 351 12.07 38.26 -13.13
C PHE A 351 13.36 37.52 -13.45
N ILE A 352 13.60 37.26 -14.73
CA ILE A 352 14.73 36.46 -15.18
C ILE A 352 16.05 37.14 -14.82
N GLU A 353 16.11 38.46 -15.06
CA GLU A 353 17.26 39.28 -14.68
C GLU A 353 17.52 39.20 -13.17
N ALA A 354 16.50 39.50 -12.38
CA ALA A 354 16.61 39.51 -10.93
C ALA A 354 17.09 38.16 -10.37
N LEU A 355 16.57 37.06 -10.93
CA LEU A 355 17.03 35.71 -10.56
C LEU A 355 18.50 35.49 -10.86
N ALA A 356 18.95 35.92 -12.05
CA ALA A 356 20.38 35.84 -12.42
C ALA A 356 21.28 36.61 -11.46
N ARG A 357 20.78 37.74 -10.94
CA ARG A 357 21.51 38.55 -9.96
C ARG A 357 21.49 37.91 -8.60
N LEU A 358 20.34 37.36 -8.21
CA LEU A 358 20.22 36.60 -6.97
C LEU A 358 21.19 35.41 -6.95
N ASN A 359 21.29 34.74 -8.09
CA ASN A 359 22.21 33.61 -8.23
C ASN A 359 23.65 34.01 -7.93
N TYR A 360 24.06 35.18 -8.40
CA TYR A 360 25.37 35.75 -8.09
C TYR A 360 25.50 36.00 -6.58
N ARG A 361 24.50 36.66 -5.99
CA ARG A 361 24.50 36.99 -4.57
C ARG A 361 24.63 35.76 -3.70
N LEU A 362 23.82 34.74 -3.98
CA LEU A 362 23.83 33.49 -3.20
C LEU A 362 25.18 32.77 -3.28
N LYS A 363 25.80 32.82 -4.47
CA LYS A 363 27.17 32.28 -4.66
C LYS A 363 28.16 33.03 -3.78
N VAL A 364 28.25 34.35 -3.98
CA VAL A 364 29.16 35.20 -3.22
C VAL A 364 29.01 35.02 -1.70
N SER A 365 27.78 34.95 -1.21
CA SER A 365 27.54 34.80 0.23
C SER A 365 27.79 33.38 0.77
N GLY A 366 27.90 32.40 -0.13
CA GLY A 366 28.08 31.01 0.25
C GLY A 366 26.82 30.42 0.84
N SER A 367 25.66 30.75 0.27
CA SER A 367 24.38 30.28 0.80
C SER A 367 24.15 28.83 0.42
N LYS A 368 23.64 28.03 1.35
CA LYS A 368 23.31 26.61 1.08
C LYS A 368 21.91 26.43 0.42
N LYS A 369 21.16 27.51 0.28
CA LYS A 369 19.82 27.40 -0.31
C LYS A 369 19.93 27.19 -1.80
N THR A 370 18.82 26.70 -2.34
CA THR A 370 18.66 26.53 -3.78
C THR A 370 17.27 27.04 -4.11
N VAL A 371 17.17 27.81 -5.18
CA VAL A 371 15.88 28.30 -5.65
C VAL A 371 15.62 27.57 -6.95
N VAL A 372 14.43 26.98 -7.09
CA VAL A 372 13.96 26.47 -8.37
C VAL A 372 12.80 27.38 -8.81
N ALA A 373 13.06 28.17 -9.85
CA ALA A 373 12.12 29.17 -10.34
C ALA A 373 11.34 28.65 -11.54
N PHE A 374 10.02 28.61 -11.42
CA PHE A 374 9.15 28.17 -12.52
C PHE A 374 8.59 29.34 -13.33
N ILE A 375 8.45 29.16 -14.64
CA ILE A 375 7.75 30.10 -15.49
C ILE A 375 6.59 29.39 -16.18
N VAL A 376 5.36 29.75 -15.83
CA VAL A 376 4.17 29.04 -16.29
C VAL A 376 3.33 29.98 -17.17
N MET A 377 3.84 30.20 -18.39
CA MET A 377 3.21 31.07 -19.39
C MET A 377 3.05 30.35 -20.74
N PRO A 378 1.83 30.32 -21.32
CA PRO A 378 1.63 29.57 -22.57
C PRO A 378 2.30 30.17 -23.81
N ALA A 379 2.96 29.29 -24.55
CA ALA A 379 3.65 29.62 -25.78
C ALA A 379 3.32 28.50 -26.76
N LYS A 380 3.53 28.72 -28.05
CA LYS A 380 3.26 27.68 -29.02
C LYS A 380 4.30 26.56 -28.91
N ASN A 381 3.82 25.32 -28.73
CA ASN A 381 4.68 24.15 -28.51
C ASN A 381 4.19 22.88 -29.24
N ASN A 382 5.04 21.84 -29.26
CA ASN A 382 4.69 20.53 -29.81
C ASN A 382 4.66 19.47 -28.72
N SER A 383 4.05 19.81 -27.60
CA SER A 383 3.95 18.93 -26.43
C SER A 383 5.29 18.87 -25.68
N PHE A 384 5.39 17.90 -24.79
CA PHE A 384 6.54 17.71 -23.88
C PHE A 384 7.75 17.13 -24.60
N THR A 385 8.93 17.42 -24.07
CA THR A 385 10.15 16.79 -24.55
C THR A 385 10.12 15.34 -24.10
N VAL A 386 10.68 14.44 -24.91
CA VAL A 386 10.84 13.03 -24.53
C VAL A 386 11.75 12.87 -23.32
N GLU A 387 12.71 13.79 -23.16
CA GLU A 387 13.57 13.82 -21.99
C GLU A 387 12.78 14.12 -20.70
N ALA A 388 11.80 15.03 -20.80
CA ALA A 388 10.91 15.33 -19.66
C ALA A 388 10.07 14.12 -19.24
N LEU A 389 9.55 13.38 -20.21
CA LEU A 389 8.74 12.20 -19.95
C LEU A 389 9.55 10.97 -19.49
N LYS A 390 10.78 10.82 -19.98
CA LYS A 390 11.66 9.68 -19.60
C LYS A 390 12.18 9.83 -18.18
N GLY A 391 12.51 11.05 -17.81
CA GLY A 391 12.91 11.38 -16.45
C GLY A 391 11.88 10.96 -15.42
N GLN A 392 10.60 11.26 -15.64
CA GLN A 392 9.57 10.82 -14.69
C GLN A 392 9.58 9.31 -14.59
N ALA A 393 9.54 8.64 -15.75
CA ALA A 393 9.49 7.19 -15.82
C ALA A 393 10.70 6.50 -15.18
N GLU A 394 11.88 7.09 -15.32
CA GLU A 394 13.11 6.52 -14.73
C GLU A 394 13.10 6.69 -13.21
N VAL A 395 12.72 7.87 -12.74
CA VAL A 395 12.49 8.07 -11.30
C VAL A 395 11.37 7.18 -10.74
N ARG A 396 10.27 7.02 -11.47
CA ARG A 396 9.19 6.14 -11.04
C ARG A 396 9.62 4.69 -10.95
N ALA A 397 10.48 4.26 -11.88
CA ALA A 397 11.02 2.90 -11.89
C ALA A 397 11.89 2.68 -10.67
N LEU A 398 12.74 3.66 -10.36
CA LEU A 398 13.60 3.56 -9.19
C LEU A 398 12.73 3.36 -7.96
N GLU A 399 11.72 4.20 -7.79
CA GLU A 399 10.77 4.07 -6.68
C GLU A 399 10.22 2.64 -6.55
N ASN A 400 9.74 2.07 -7.65
CA ASN A 400 9.14 0.73 -7.59
C ASN A 400 10.12 -0.36 -7.23
N THR A 401 11.38 -0.27 -7.66
CA THR A 401 12.36 -1.27 -7.20
C THR A 401 12.79 -1.03 -5.77
N VAL A 402 12.86 0.23 -5.33
CA VAL A 402 13.13 0.45 -3.91
C VAL A 402 12.03 -0.16 -3.02
N HIS A 403 10.77 -0.01 -3.42
CA HIS A 403 9.65 -0.62 -2.67
C HIS A 403 9.76 -2.16 -2.62
N GLU A 404 10.16 -2.78 -3.72
CA GLU A 404 10.43 -4.22 -3.78
C GLU A 404 11.56 -4.67 -2.80
N VAL A 405 12.66 -3.92 -2.78
CA VAL A 405 13.80 -4.17 -1.89
C VAL A 405 13.45 -3.97 -0.41
N THR A 406 12.72 -2.89 -0.07
CA THR A 406 12.36 -2.63 1.34
C THR A 406 11.40 -3.71 1.84
N THR A 407 10.57 -4.25 0.95
CA THR A 407 9.72 -5.38 1.30
C THR A 407 10.52 -6.63 1.71
N SER A 408 11.63 -6.88 1.02
CA SER A 408 12.53 -7.98 1.38
C SER A 408 13.27 -7.69 2.67
N ILE A 409 13.77 -6.46 2.80
CA ILE A 409 14.38 -5.98 4.05
C ILE A 409 13.43 -6.18 5.22
N GLY A 410 12.16 -5.88 4.99
CA GLY A 410 11.12 -6.12 5.98
C GLY A 410 11.12 -7.53 6.51
N LYS A 411 11.05 -8.49 5.61
CA LYS A 411 10.92 -9.89 5.99
C LYS A 411 12.11 -10.40 6.74
N ARG A 412 13.28 -9.84 6.42
CA ARG A 412 14.52 -10.18 7.11
C ARG A 412 14.63 -9.57 8.50
N ILE A 413 14.34 -8.27 8.62
CA ILE A 413 14.23 -7.63 9.93
C ILE A 413 13.17 -8.33 10.79
N PHE A 414 11.99 -8.53 10.20
CA PHE A 414 10.92 -9.21 10.89
C PHE A 414 11.39 -10.55 11.42
N ASP A 415 12.14 -11.33 10.64
CA ASP A 415 12.52 -12.66 11.06
C ASP A 415 13.52 -12.69 12.22
N HIS A 416 14.49 -11.78 12.17
CA HIS A 416 15.46 -11.58 13.24
C HIS A 416 14.79 -11.26 14.57
N ALA A 417 13.87 -10.29 14.51
CA ALA A 417 13.14 -9.79 15.68
C ALA A 417 12.35 -10.88 16.41
N ILE A 418 11.64 -11.70 15.65
CA ILE A 418 10.78 -12.71 16.22
C ILE A 418 11.55 -13.95 16.72
N ARG A 419 12.74 -14.14 16.17
CA ARG A 419 13.62 -15.29 16.47
C ARG A 419 14.58 -14.98 17.61
N TYR A 420 14.94 -13.70 17.81
CA TYR A 420 15.83 -13.27 18.89
C TYR A 420 15.25 -13.73 20.20
N PRO A 421 16.03 -14.31 21.13
CA PRO A 421 17.49 -14.46 21.11
C PRO A 421 17.99 -15.85 20.63
N HIS A 422 17.15 -16.58 19.91
CA HIS A 422 17.43 -17.94 19.56
C HIS A 422 18.27 -18.06 18.28
N ASN A 423 18.76 -19.28 18.04
CA ASN A 423 19.54 -19.62 16.85
C ASN A 423 20.81 -18.79 16.71
N GLY A 424 21.47 -18.54 17.82
CA GLY A 424 22.70 -17.74 17.81
C GLY A 424 22.57 -16.27 17.42
N LEU A 425 21.35 -15.71 17.40
CA LEU A 425 21.16 -14.27 17.29
C LEU A 425 21.43 -13.67 18.67
N THR A 426 22.45 -12.81 18.75
CA THR A 426 22.93 -12.25 20.02
C THR A 426 22.59 -10.77 20.23
N THR A 427 22.17 -10.09 19.17
CA THR A 427 21.70 -8.73 19.25
C THR A 427 20.23 -8.72 18.86
N GLU A 428 19.45 -7.83 19.46
CA GLU A 428 18.03 -7.71 19.19
C GLU A 428 17.73 -7.41 17.71
N LEU A 429 18.60 -6.63 17.07
CA LEU A 429 18.40 -6.26 15.70
C LEU A 429 19.54 -6.71 14.84
N PRO A 430 19.29 -6.77 13.52
CA PRO A 430 20.37 -6.77 12.55
C PRO A 430 21.33 -5.63 12.84
N THR A 431 22.64 -5.90 12.74
CA THR A 431 23.67 -4.87 12.86
C THR A 431 24.44 -4.62 11.54
N ASP A 432 24.66 -5.69 10.77
CA ASP A 432 25.38 -5.59 9.50
C ASP A 432 24.36 -5.47 8.36
N LEU A 433 24.52 -4.46 7.49
CA LEU A 433 23.62 -4.28 6.33
C LEU A 433 23.52 -5.50 5.41
N GLY A 434 24.57 -6.32 5.39
CA GLY A 434 24.61 -7.55 4.60
C GLY A 434 23.49 -8.50 4.93
N GLU A 435 23.07 -8.53 6.19
CA GLU A 435 21.96 -9.38 6.63
C GLU A 435 20.65 -9.02 5.95
N LEU A 436 20.47 -7.75 5.59
CA LEU A 436 19.23 -7.25 5.02
C LEU A 436 19.28 -7.07 3.50
N LEU A 437 20.41 -6.56 2.99
CA LEU A 437 20.55 -6.22 1.57
C LEU A 437 21.34 -7.27 0.77
N LYS A 438 20.63 -8.09 0.00
CA LYS A 438 21.26 -9.16 -0.78
C LYS A 438 21.65 -8.69 -2.17
N SER A 439 22.57 -9.41 -2.82
CA SER A 439 23.14 -8.94 -4.08
C SER A 439 22.10 -8.89 -5.22
N SER A 440 21.14 -9.81 -5.23
CA SER A 440 20.00 -9.70 -6.17
C SER A 440 19.23 -8.37 -6.07
N ASP A 441 19.06 -7.89 -4.85
CA ASP A 441 18.45 -6.58 -4.57
C ASP A 441 19.37 -5.48 -5.09
N LYS A 442 20.64 -5.54 -4.74
CA LYS A 442 21.62 -4.55 -5.18
C LYS A 442 21.81 -4.44 -6.71
N VAL A 443 21.55 -5.52 -7.44
CA VAL A 443 21.76 -5.50 -8.91
C VAL A 443 20.73 -4.63 -9.59
N MET A 444 19.45 -4.86 -9.28
CA MET A 444 18.36 -4.08 -9.87
C MET A 444 18.37 -2.62 -9.40
N LEU A 445 18.89 -2.32 -8.21
CA LEU A 445 19.06 -0.92 -7.78
C LEU A 445 20.12 -0.18 -8.57
N LYS A 446 21.25 -0.84 -8.81
CA LYS A 446 22.33 -0.27 -9.63
C LYS A 446 21.93 -0.06 -11.09
N ARG A 447 21.16 -1.01 -11.62
CA ARG A 447 20.53 -0.87 -12.94
C ARG A 447 19.60 0.33 -13.02
N ARG A 448 18.77 0.53 -11.98
CA ARG A 448 17.93 1.71 -11.89
C ARG A 448 18.71 3.02 -11.78
N ILE A 449 19.80 2.99 -11.02
CA ILE A 449 20.71 4.14 -10.89
C ILE A 449 21.36 4.53 -12.23
N LEU A 450 21.69 3.52 -13.02
CA LEU A 450 22.36 3.71 -14.31
C LEU A 450 21.46 4.43 -15.29
N ALA A 451 20.22 3.98 -15.37
CA ALA A 451 19.20 4.63 -16.22
C ALA A 451 19.08 6.13 -16.01
N LEU A 452 19.27 6.58 -14.77
CA LEU A 452 19.12 7.99 -14.44
C LEU A 452 20.33 8.83 -14.85
N ARG A 453 21.46 8.19 -15.10
CA ARG A 453 22.70 8.89 -15.50
C ARG A 453 22.46 9.85 -16.68
N ARG A 454 23.16 11.00 -16.65
CA ARG A 454 23.15 11.93 -17.79
C ARG A 454 24.48 11.83 -18.58
N PRO A 455 24.42 12.06 -19.92
CA PRO A 455 25.63 12.20 -20.76
C PRO A 455 26.69 13.19 -20.23
N GLU A 456 27.96 12.92 -20.54
CA GLU A 456 29.09 13.67 -19.96
C GLU A 456 28.96 15.15 -20.28
N GLY A 457 28.55 15.94 -19.29
CA GLY A 457 28.36 17.40 -19.45
C GLY A 457 26.99 17.91 -19.93
N GLN A 458 25.99 17.01 -20.00
CA GLN A 458 24.60 17.40 -20.25
C GLN A 458 24.02 17.94 -18.96
N LEU A 459 23.40 19.10 -19.04
CA LEU A 459 22.77 19.74 -17.88
C LEU A 459 21.25 19.56 -17.93
N PRO A 460 20.56 19.78 -16.80
CA PRO A 460 19.10 19.75 -16.80
C PRO A 460 18.52 20.83 -17.68
N PRO A 461 17.47 20.53 -18.48
CA PRO A 461 16.95 21.57 -19.37
C PRO A 461 16.37 22.81 -18.67
N ILE A 462 16.15 23.86 -19.47
CA ILE A 462 15.47 25.07 -19.05
C ILE A 462 14.02 25.09 -19.54
N VAL A 463 13.59 24.03 -20.22
CA VAL A 463 12.24 23.97 -20.79
C VAL A 463 11.75 22.52 -20.79
N THR A 464 10.46 22.35 -20.61
CA THR A 464 9.87 21.02 -20.50
C THR A 464 9.25 20.53 -21.80
N HIS A 465 9.23 21.41 -22.81
CA HIS A 465 8.45 21.21 -24.04
C HIS A 465 9.34 21.47 -25.25
N ASN A 466 8.94 20.91 -26.40
CA ASN A 466 9.52 21.31 -27.69
C ASN A 466 8.77 22.52 -28.16
N MET A 467 9.51 23.60 -28.34
CA MET A 467 8.96 24.87 -28.77
C MET A 467 8.79 24.86 -30.28
N VAL A 468 7.66 25.38 -30.77
CA VAL A 468 7.47 25.61 -32.21
C VAL A 468 8.59 26.53 -32.72
N ASP A 469 8.75 27.71 -32.13
CA ASP A 469 9.86 28.62 -32.47
C ASP A 469 10.80 28.89 -31.30
N ASP A 470 11.67 27.92 -31.01
CA ASP A 470 12.63 28.03 -29.93
C ASP A 470 13.55 29.24 -30.09
N ALA A 471 14.10 29.43 -31.29
CA ALA A 471 15.15 30.44 -31.54
C ALA A 471 14.69 31.89 -31.37
N ASN A 472 13.40 32.17 -31.66
CA ASN A 472 12.84 33.51 -31.48
C ASN A 472 11.91 33.66 -30.26
N ASP A 473 12.01 32.77 -29.28
CA ASP A 473 11.22 32.91 -28.05
C ASP A 473 11.92 33.84 -27.06
N LEU A 474 11.13 34.73 -26.47
CA LEU A 474 11.67 35.85 -25.71
C LEU A 474 12.18 35.42 -24.35
N ILE A 475 11.45 34.51 -23.71
CA ILE A 475 11.82 33.99 -22.40
C ILE A 475 13.07 33.15 -22.50
N LEU A 476 13.10 32.24 -23.46
CA LEU A 476 14.29 31.38 -23.66
C LEU A 476 15.52 32.18 -24.10
N ASN A 477 15.33 33.17 -24.96
CA ASN A 477 16.45 34.04 -25.34
C ASN A 477 16.93 34.83 -24.14
N LYS A 478 16.02 35.26 -23.29
CA LYS A 478 16.41 36.02 -22.09
C LYS A 478 17.15 35.14 -21.09
N ILE A 479 16.71 33.88 -20.92
CA ILE A 479 17.40 32.92 -20.04
C ILE A 479 18.78 32.53 -20.60
N ARG A 480 18.85 32.29 -21.90
CA ARG A 480 20.13 32.03 -22.55
C ARG A 480 21.10 33.21 -22.41
N GLN A 481 20.55 34.42 -22.47
CA GLN A 481 21.36 35.64 -22.38
C GLN A 481 21.94 35.88 -20.97
N VAL A 482 21.14 35.67 -19.93
CA VAL A 482 21.66 35.73 -18.54
C VAL A 482 22.39 34.46 -18.10
N GLN A 483 22.37 33.43 -18.95
CA GLN A 483 23.17 32.22 -18.74
C GLN A 483 22.81 31.50 -17.45
N LEU A 484 21.53 31.15 -17.36
CA LEU A 484 21.02 30.28 -16.33
C LEU A 484 20.71 28.95 -17.02
N PHE A 485 21.72 28.08 -17.04
CA PHE A 485 21.66 26.80 -17.75
C PHE A 485 21.54 25.59 -16.83
N ASN A 486 21.15 25.86 -15.57
CA ASN A 486 21.04 24.85 -14.51
C ASN A 486 22.32 24.07 -14.29
N SER A 487 23.43 24.80 -14.29
CA SER A 487 24.74 24.28 -13.96
C SER A 487 24.76 23.96 -12.45
N PRO A 488 25.44 22.87 -12.03
CA PRO A 488 25.46 22.48 -10.60
C PRO A 488 25.82 23.59 -9.60
N SER A 489 26.64 24.55 -10.04
CA SER A 489 27.06 25.67 -9.23
C SER A 489 26.10 26.87 -9.22
N ASP A 490 25.15 26.90 -10.16
CA ASP A 490 24.04 27.84 -10.07
C ASP A 490 23.18 27.47 -8.86
N ARG A 491 23.02 28.40 -7.91
CA ARG A 491 22.07 28.24 -6.80
C ARG A 491 20.62 28.56 -7.21
N VAL A 492 20.43 29.14 -8.38
CA VAL A 492 19.10 29.36 -8.94
C VAL A 492 18.91 28.56 -10.21
N LYS A 493 17.83 27.79 -10.24
CA LYS A 493 17.51 26.89 -11.34
C LYS A 493 16.29 27.41 -12.08
N MET A 494 16.30 27.34 -13.40
CA MET A 494 15.23 27.88 -14.23
C MET A 494 14.49 26.76 -14.92
N ILE A 495 13.16 26.74 -14.80
CA ILE A 495 12.34 25.77 -15.54
C ILE A 495 11.15 26.48 -16.16
N PHE A 496 11.20 26.68 -17.47
CA PHE A 496 10.10 27.29 -18.22
C PHE A 496 9.14 26.18 -18.64
N HIS A 497 7.89 26.30 -18.20
CA HIS A 497 6.81 25.36 -18.52
C HIS A 497 5.76 26.13 -19.33
N PRO A 498 5.91 26.14 -20.68
CA PRO A 498 5.16 27.02 -21.59
C PRO A 498 3.72 26.58 -21.88
N GLU A 499 2.96 26.33 -20.82
CA GLU A 499 1.63 25.74 -20.94
C GLU A 499 0.94 25.80 -19.59
N PHE A 500 -0.38 25.99 -19.60
CA PHE A 500 -1.13 26.06 -18.34
C PHE A 500 -1.18 24.69 -17.67
N LEU A 501 -1.09 24.71 -16.34
CA LEU A 501 -1.00 23.50 -15.51
C LEU A 501 -2.35 22.84 -15.41
N ASN A 502 -2.36 21.52 -15.37
CA ASN A 502 -3.58 20.73 -15.28
C ASN A 502 -3.21 19.41 -14.60
N ALA A 503 -4.17 18.81 -13.90
CA ALA A 503 -3.95 17.53 -13.21
C ALA A 503 -3.70 16.33 -14.13
N ASN A 504 -4.08 16.45 -15.41
CA ASN A 504 -3.79 15.44 -16.45
C ASN A 504 -2.47 15.67 -17.15
N ASN A 505 -1.74 16.68 -16.74
CA ASN A 505 -0.37 16.85 -17.17
C ASN A 505 0.42 15.59 -16.76
N PRO A 506 1.04 14.89 -17.72
CA PRO A 506 1.78 13.70 -17.35
C PRO A 506 3.09 13.91 -16.58
N ILE A 507 3.75 15.08 -16.63
CA ILE A 507 5.02 15.25 -15.87
C ILE A 507 4.87 15.91 -14.52
N LEU A 508 3.86 16.78 -14.39
CA LEU A 508 3.67 17.59 -13.21
C LEU A 508 2.17 17.69 -12.98
N GLY A 509 1.61 16.60 -12.44
CA GLY A 509 0.17 16.38 -12.42
C GLY A 509 -0.52 17.16 -11.36
N LEU A 510 -0.60 18.47 -11.58
CA LEU A 510 -1.20 19.42 -10.65
C LEU A 510 -2.03 20.42 -11.42
N ASP A 511 -3.21 20.74 -10.91
CA ASP A 511 -3.95 21.92 -11.33
C ASP A 511 -3.22 23.14 -10.79
N TYR A 512 -3.39 24.27 -11.48
CA TYR A 512 -2.66 25.50 -11.15
C TYR A 512 -2.79 25.87 -9.67
N ASP A 513 -4.02 25.89 -9.16
CA ASP A 513 -4.26 26.22 -7.73
C ASP A 513 -3.36 25.37 -6.82
N GLU A 514 -3.35 24.05 -7.02
CA GLU A 514 -2.56 23.10 -6.22
C GLU A 514 -1.08 23.44 -6.32
N PHE A 515 -0.60 23.65 -7.53
CA PHE A 515 0.76 24.12 -7.77
C PHE A 515 1.14 25.39 -6.98
N VAL A 516 0.22 26.36 -6.90
CA VAL A 516 0.45 27.58 -6.13
C VAL A 516 0.71 27.23 -4.67
N ARG A 517 -0.13 26.36 -4.12
CA ARG A 517 -0.05 25.96 -2.72
C ARG A 517 1.32 25.36 -2.42
N GLY A 518 1.77 24.47 -3.30
CA GLY A 518 3.10 23.84 -3.16
C GLY A 518 4.29 24.79 -3.18
N CYS A 519 4.15 25.93 -3.84
CA CYS A 519 5.27 26.85 -3.99
C CYS A 519 5.47 27.67 -2.73
N HIS A 520 6.61 28.35 -2.67
CA HIS A 520 6.97 29.17 -1.51
C HIS A 520 6.74 30.67 -1.66
N LEU A 521 6.78 31.16 -2.89
CA LEU A 521 6.74 32.60 -3.20
C LEU A 521 6.37 32.87 -4.67
N GLY A 522 5.32 33.66 -4.89
CA GLY A 522 4.94 34.13 -6.23
C GLY A 522 5.66 35.43 -6.55
N VAL A 523 6.20 35.55 -7.77
CA VAL A 523 6.87 36.79 -8.20
C VAL A 523 6.26 37.23 -9.52
N PHE A 524 5.54 38.35 -9.44
CA PHE A 524 4.77 38.90 -10.56
C PHE A 524 5.14 40.38 -10.69
N PRO A 525 6.36 40.67 -11.19
CA PRO A 525 6.88 42.03 -11.14
C PRO A 525 6.38 42.85 -12.34
N SER A 526 5.07 43.10 -12.34
CA SER A 526 4.36 43.58 -13.51
C SER A 526 4.69 45.01 -13.85
N TYR A 527 4.57 45.34 -15.14
CA TYR A 527 4.65 46.72 -15.61
C TYR A 527 3.26 47.25 -15.96
N TYR A 528 2.45 46.43 -16.62
CA TYR A 528 1.06 46.78 -16.88
C TYR A 528 0.17 45.63 -16.41
N GLU A 529 -0.66 45.91 -15.41
CA GLU A 529 -1.53 44.92 -14.77
C GLU A 529 -2.63 45.70 -14.01
N PRO A 530 -3.75 45.99 -14.68
CA PRO A 530 -4.80 46.73 -14.01
C PRO A 530 -5.34 46.13 -12.73
N TRP A 531 -5.41 44.80 -12.62
CA TRP A 531 -5.64 44.15 -11.31
C TRP A 531 -4.51 43.18 -10.95
N GLY A 532 -4.56 41.97 -11.48
CA GLY A 532 -3.61 40.94 -11.11
C GLY A 532 -4.29 39.95 -10.19
N TYR A 533 -5.10 39.11 -10.80
CA TYR A 533 -5.71 38.00 -10.09
C TYR A 533 -4.66 36.98 -9.64
N THR A 534 -3.52 36.92 -10.34
CA THR A 534 -2.44 36.02 -9.94
C THR A 534 -1.97 36.29 -8.50
N PRO A 535 -1.41 37.49 -8.20
CA PRO A 535 -0.99 37.72 -6.82
C PRO A 535 -2.16 37.81 -5.82
N ALA A 536 -3.35 38.14 -6.29
CA ALA A 536 -4.54 38.06 -5.47
C ALA A 536 -4.82 36.62 -5.06
N GLU A 537 -4.79 35.69 -6.03
CA GLU A 537 -4.99 34.24 -5.77
C GLU A 537 -3.92 33.72 -4.87
N CYS A 538 -2.69 34.06 -5.19
CA CYS A 538 -1.51 33.68 -4.42
C CYS A 538 -1.73 33.99 -2.94
N THR A 539 -2.19 35.20 -2.67
CA THR A 539 -2.50 35.66 -1.31
C THR A 539 -3.64 34.88 -0.60
N VAL A 540 -4.69 34.52 -1.35
CA VAL A 540 -5.78 33.69 -0.81
C VAL A 540 -5.32 32.26 -0.46
N MET A 541 -4.30 31.76 -1.16
CA MET A 541 -3.77 30.42 -0.88
C MET A 541 -2.68 30.44 0.19
N GLY A 542 -2.46 31.57 0.86
CA GLY A 542 -1.48 31.62 1.95
C GLY A 542 -0.07 31.70 1.45
N VAL A 543 0.12 32.18 0.23
CA VAL A 543 1.44 32.19 -0.39
C VAL A 543 1.92 33.62 -0.58
N PRO A 544 3.09 33.97 0.01
CA PRO A 544 3.68 35.29 -0.19
C PRO A 544 3.86 35.62 -1.66
N SER A 545 3.92 36.90 -1.97
CA SER A 545 4.00 37.34 -3.36
C SER A 545 4.69 38.67 -3.46
N ILE A 546 5.53 38.77 -4.49
CA ILE A 546 6.15 40.03 -4.90
C ILE A 546 5.35 40.61 -6.07
N THR A 547 4.78 41.80 -5.86
CA THR A 547 4.06 42.53 -6.90
C THR A 547 4.74 43.89 -7.13
N THR A 548 4.07 44.76 -7.86
CA THR A 548 4.56 46.12 -8.09
C THR A 548 3.45 47.10 -7.87
N ASN A 549 3.85 48.34 -7.61
CA ASN A 549 2.94 49.46 -7.41
C ASN A 549 2.25 49.95 -8.69
N VAL A 550 2.73 49.53 -9.87
CA VAL A 550 1.99 49.79 -11.14
C VAL A 550 0.93 48.71 -11.47
N SER A 551 0.87 47.65 -10.67
CA SER A 551 -0.24 46.70 -10.71
C SER A 551 -1.38 47.21 -9.83
N GLY A 552 -2.60 46.86 -10.21
CA GLY A 552 -3.77 47.29 -9.48
C GLY A 552 -3.79 46.70 -8.11
N PHE A 553 -3.61 45.39 -8.05
CA PHE A 553 -3.49 44.67 -6.78
C PHE A 553 -2.41 45.31 -5.89
N GLY A 554 -1.23 45.53 -6.43
CA GLY A 554 -0.14 46.16 -5.67
C GLY A 554 -0.40 47.58 -5.19
N SER A 555 -1.11 48.37 -5.99
CA SER A 555 -1.53 49.73 -5.61
C SER A 555 -2.59 49.73 -4.50
N TYR A 556 -3.45 48.71 -4.50
CA TYR A 556 -4.48 48.52 -3.47
C TYR A 556 -3.88 48.16 -2.10
N MET A 557 -2.88 47.28 -2.10
CA MET A 557 -2.27 46.77 -0.86
C MET A 557 -1.29 47.77 -0.25
N GLU A 558 -0.67 48.58 -1.10
CA GLU A 558 0.23 49.66 -0.69
C GLU A 558 -0.56 50.73 0.06
N ASP A 559 -1.81 50.92 -0.36
CA ASP A 559 -2.74 51.85 0.29
C ASP A 559 -3.15 51.39 1.69
N LEU A 560 -3.54 50.12 1.80
CA LEU A 560 -4.12 49.54 3.04
C LEU A 560 -3.14 49.26 4.17
N ILE A 561 -1.89 48.92 3.84
CA ILE A 561 -0.87 48.52 4.80
C ILE A 561 0.43 49.24 4.49
N GLU A 562 1.07 49.78 5.53
CA GLU A 562 2.34 50.49 5.35
C GLU A 562 3.41 49.50 4.87
N THR A 563 4.04 49.78 3.72
CA THR A 563 4.82 48.76 2.96
C THR A 563 5.88 47.97 3.73
N ASN A 564 6.40 48.52 4.82
CA ASN A 564 7.32 47.78 5.70
C ASN A 564 6.58 46.76 6.60
N GLN A 565 5.40 47.11 7.09
CA GLN A 565 4.52 46.15 7.80
C GLN A 565 4.01 45.06 6.83
N ALA A 566 3.76 45.42 5.57
CA ALA A 566 3.16 44.52 4.58
C ALA A 566 4.03 43.36 4.14
N LYS A 567 5.34 43.47 4.34
CA LYS A 567 6.26 42.35 4.07
C LYS A 567 6.14 41.23 5.11
N ASP A 568 5.64 41.56 6.30
CA ASP A 568 5.36 40.55 7.32
C ASP A 568 4.06 39.80 7.00
N TYR A 569 3.24 40.32 6.10
CA TYR A 569 2.02 39.63 5.65
C TYR A 569 2.20 39.06 4.25
N GLY A 570 3.44 38.88 3.83
CA GLY A 570 3.75 38.33 2.52
C GLY A 570 3.25 39.13 1.32
N ILE A 571 3.35 40.46 1.40
CA ILE A 571 2.99 41.35 0.29
C ILE A 571 4.19 42.26 0.04
N TYR A 572 5.14 41.76 -0.75
CA TYR A 572 6.31 42.52 -1.13
C TYR A 572 5.89 43.36 -2.31
N ILE A 573 6.21 44.66 -2.27
CA ILE A 573 5.87 45.58 -3.37
C ILE A 573 7.11 46.32 -3.85
N VAL A 574 7.42 46.13 -5.13
CA VAL A 574 8.54 46.80 -5.78
C VAL A 574 8.02 48.11 -6.35
N ASP A 575 8.88 49.12 -6.35
CA ASP A 575 8.59 50.45 -6.90
C ASP A 575 9.09 50.53 -8.34
N ARG A 576 8.17 50.41 -9.30
CA ARG A 576 8.46 50.55 -10.74
C ARG A 576 7.97 51.88 -11.32
N ARG A 577 7.75 52.86 -10.45
CA ARG A 577 7.13 54.13 -10.82
C ARG A 577 8.07 55.31 -10.55
N PHE A 578 8.53 55.43 -9.31
CA PHE A 578 9.44 56.50 -8.89
C PHE A 578 10.89 56.01 -8.73
N LYS A 579 11.33 55.08 -9.60
CA LYS A 579 12.68 54.49 -9.57
C LYS A 579 13.08 54.01 -10.95
N ALA A 580 14.37 54.11 -11.26
CA ALA A 580 14.93 53.60 -12.53
C ALA A 580 14.79 52.08 -12.64
N PRO A 581 14.63 51.55 -13.87
CA PRO A 581 14.52 50.10 -14.03
C PRO A 581 15.70 49.23 -13.50
N ASP A 582 16.91 49.79 -13.35
CA ASP A 582 18.01 49.07 -12.70
C ASP A 582 17.98 49.18 -11.16
N GLU A 583 17.24 50.13 -10.61
CA GLU A 583 17.01 50.23 -9.16
C GLU A 583 15.85 49.32 -8.74
N SER A 584 14.78 49.34 -9.53
CA SER A 584 13.65 48.39 -9.43
C SER A 584 14.13 46.95 -9.34
N VAL A 585 14.96 46.57 -10.31
CA VAL A 585 15.55 45.24 -10.35
C VAL A 585 16.31 44.92 -9.07
N GLU A 586 17.17 45.83 -8.61
CA GLU A 586 17.92 45.60 -7.37
C GLU A 586 17.03 45.49 -6.11
N GLN A 587 15.87 46.15 -6.12
CA GLN A 587 14.89 46.01 -5.02
C GLN A 587 14.26 44.64 -4.99
N LEU A 588 13.85 44.15 -6.16
CA LEU A 588 13.33 42.80 -6.35
C LEU A 588 14.35 41.75 -5.89
N VAL A 589 15.60 41.92 -6.29
CA VAL A 589 16.69 41.04 -5.85
C VAL A 589 16.89 41.18 -4.34
N ASP A 590 16.75 42.39 -3.81
CA ASP A 590 16.78 42.60 -2.36
C ASP A 590 15.67 41.81 -1.63
N TYR A 591 14.45 41.84 -2.17
CA TYR A 591 13.33 41.12 -1.54
C TYR A 591 13.45 39.60 -1.62
N MET A 592 13.88 39.08 -2.76
CA MET A 592 14.13 37.63 -2.88
C MET A 592 15.20 37.18 -1.90
N GLU A 593 16.31 37.91 -1.82
CA GLU A 593 17.41 37.56 -0.91
C GLU A 593 16.97 37.59 0.54
N GLU A 594 16.03 38.47 0.85
CA GLU A 594 15.45 38.53 2.19
C GLU A 594 14.71 37.22 2.49
N PHE A 595 13.81 36.82 1.59
CA PHE A 595 13.01 35.59 1.76
C PHE A 595 13.84 34.30 1.78
N VAL A 596 14.91 34.26 1.00
CA VAL A 596 15.85 33.13 0.96
C VAL A 596 16.61 33.01 2.28
N LYS A 597 16.86 34.15 2.92
CA LYS A 597 17.46 34.19 4.26
C LYS A 597 16.52 33.61 5.34
N LYS A 598 15.21 33.62 5.12
CA LYS A 598 14.28 33.15 6.15
C LYS A 598 14.38 31.66 6.42
N THR A 599 14.06 31.32 7.67
CA THR A 599 13.98 29.96 8.19
C THR A 599 12.58 29.41 7.96
N ARG A 600 12.44 28.10 8.16
CA ARG A 600 11.17 27.43 8.05
C ARG A 600 10.12 27.94 9.04
N ARG A 601 10.50 28.17 10.29
CA ARG A 601 9.54 28.71 11.26
C ARG A 601 9.03 30.06 10.76
N GLN A 602 9.98 30.92 10.37
CA GLN A 602 9.64 32.23 9.85
C GLN A 602 8.73 32.14 8.64
N ARG A 603 9.06 31.25 7.70
CA ARG A 603 8.21 31.00 6.52
C ARG A 603 6.78 30.61 6.91
N ILE A 604 6.64 29.65 7.82
CA ILE A 604 5.30 29.13 8.21
C ILE A 604 4.44 30.20 8.86
N ASN A 605 5.07 31.05 9.67
CA ASN A 605 4.36 32.15 10.32
C ASN A 605 3.92 33.21 9.31
N GLN A 606 4.82 33.58 8.40
CA GLN A 606 4.49 34.52 7.33
C GLN A 606 3.34 34.01 6.48
N ARG A 607 3.35 32.72 6.13
CA ARG A 607 2.24 32.10 5.42
C ARG A 607 0.92 32.24 6.16
N ASN A 608 0.96 32.08 7.48
CA ASN A 608 -0.23 32.24 8.32
C ASN A 608 -0.79 33.64 8.30
N ARG A 609 0.09 34.62 8.44
CA ARG A 609 -0.29 36.04 8.35
C ARG A 609 -0.93 36.29 7.00
N THR A 610 -0.21 35.96 5.92
CA THR A 610 -0.71 36.06 4.54
C THR A 610 -2.12 35.51 4.34
N GLU A 611 -2.33 34.30 4.84
CA GLU A 611 -3.65 33.64 4.82
C GLU A 611 -4.72 34.50 5.52
N ARG A 612 -4.45 34.90 6.77
CA ARG A 612 -5.36 35.73 7.57
C ARG A 612 -5.69 37.07 6.84
N LEU A 613 -4.70 37.63 6.15
CA LEU A 613 -4.86 38.81 5.28
C LEU A 613 -5.85 38.70 4.12
N SER A 614 -6.25 37.50 3.74
CA SER A 614 -7.09 37.30 2.55
C SER A 614 -8.58 37.57 2.74
N ASP A 615 -9.05 37.80 3.97
CA ASP A 615 -10.44 38.29 4.20
C ASP A 615 -10.73 39.62 3.50
N LEU A 616 -9.70 40.44 3.39
CA LEU A 616 -9.75 41.70 2.70
C LEU A 616 -10.07 41.54 1.22
N LEU A 617 -9.69 40.40 0.62
CA LEU A 617 -9.95 40.17 -0.81
C LEU A 617 -11.32 39.54 -1.06
N ASP A 618 -12.11 39.32 0.00
CA ASP A 618 -13.41 38.64 -0.12
C ASP A 618 -14.47 39.59 -0.66
N TRP A 619 -15.29 39.12 -1.60
CA TRP A 619 -16.41 39.91 -2.14
C TRP A 619 -17.39 40.50 -1.09
N LYS A 620 -17.63 39.82 0.03
CA LYS A 620 -18.37 40.42 1.16
C LYS A 620 -17.86 41.83 1.51
N ARG A 621 -16.54 42.03 1.40
CA ARG A 621 -15.91 43.33 1.62
C ARG A 621 -15.80 44.21 0.36
N MET A 622 -15.26 43.66 -0.72
CA MET A 622 -14.97 44.46 -1.92
C MET A 622 -16.23 44.77 -2.69
N GLY A 623 -17.29 44.01 -2.41
CA GLY A 623 -18.57 44.20 -3.07
C GLY A 623 -19.35 45.40 -2.58
N LEU A 624 -18.87 46.01 -1.50
CA LEU A 624 -19.44 47.24 -0.99
C LEU A 624 -19.15 48.38 -1.94
N GLU A 625 -17.97 48.39 -2.51
CA GLU A 625 -17.62 49.40 -3.53
C GLU A 625 -18.62 49.43 -4.69
N TYR A 626 -19.03 48.26 -5.17
CA TYR A 626 -20.09 48.16 -6.20
C TYR A 626 -21.41 48.82 -5.70
N VAL A 627 -21.74 48.61 -4.43
CA VAL A 627 -22.94 49.22 -3.87
C VAL A 627 -22.86 50.76 -3.92
N LYS A 628 -21.72 51.32 -3.52
CA LYS A 628 -21.51 52.77 -3.57
C LYS A 628 -21.69 53.33 -4.96
N ALA A 629 -21.10 52.64 -5.95
CA ALA A 629 -21.16 53.05 -7.37
C ALA A 629 -22.57 53.11 -7.94
N ARG A 630 -23.44 52.20 -7.48
CA ARG A 630 -24.85 52.23 -7.86
C ARG A 630 -25.66 53.24 -7.06
N GLN A 631 -25.27 53.54 -5.82
CA GLN A 631 -25.88 54.64 -5.07
C GLN A 631 -25.58 55.98 -5.74
N LEU A 632 -24.32 56.21 -6.08
CA LEU A 632 -23.91 57.42 -6.81
C LEU A 632 -24.60 57.54 -8.16
N ALA A 633 -24.81 56.44 -8.87
CA ALA A 633 -25.50 56.50 -10.16
C ALA A 633 -26.96 56.89 -9.99
N LEU A 634 -27.61 56.35 -8.96
CA LEU A 634 -28.99 56.75 -8.60
C LEU A 634 -29.10 58.19 -8.06
N ARG A 635 -28.10 58.62 -7.29
CA ARG A 635 -27.99 59.99 -6.78
C ARG A 635 -27.89 61.02 -7.89
N ARG A 636 -27.12 60.72 -8.93
CA ARG A 636 -26.92 61.67 -10.03
C ARG A 636 -28.10 61.73 -11.00
N GLY A 637 -28.66 60.56 -11.26
CA GLY A 637 -29.78 60.41 -12.17
C GLY A 637 -31.10 60.96 -11.67
N TYR A 638 -31.40 60.76 -10.39
CA TYR A 638 -32.66 61.21 -9.82
C TYR A 638 -32.41 62.05 -8.56
N PRO A 639 -31.72 63.21 -8.69
CA PRO A 639 -31.32 63.99 -7.51
C PRO A 639 -32.48 64.34 -6.60
N ASP A 640 -33.64 64.67 -7.17
CA ASP A 640 -34.81 65.09 -6.40
C ASP A 640 -35.48 63.93 -5.67
N GLN A 641 -35.80 62.86 -6.39
CA GLN A 641 -36.33 61.66 -5.72
C GLN A 641 -35.35 61.15 -4.67
N PHE A 642 -34.06 61.30 -4.92
CA PHE A 642 -33.00 60.95 -3.96
C PHE A 642 -32.97 61.93 -2.78
N ARG A 643 -33.05 63.23 -3.07
CA ARG A 643 -33.06 64.30 -2.03
C ARG A 643 -34.23 64.14 -1.07
N GLU A 644 -35.43 64.01 -1.65
CA GLU A 644 -36.66 63.85 -0.85
C GLU A 644 -36.65 62.53 -0.06
N LEU A 645 -35.93 61.52 -0.55
CA LEU A 645 -35.76 60.25 0.18
C LEU A 645 -34.86 60.42 1.41
N VAL A 646 -33.78 61.18 1.26
CA VAL A 646 -32.72 61.25 2.26
C VAL A 646 -32.73 62.55 3.10
N GLY A 647 -33.61 63.49 2.75
CA GLY A 647 -33.75 64.76 3.49
C GLY A 647 -32.92 65.91 2.95
N GLU A 648 -31.65 65.62 2.64
CA GLU A 648 -30.71 66.59 2.09
C GLU A 648 -30.16 66.17 0.73
N GLU A 649 -29.56 67.15 0.06
CA GLU A 649 -28.87 66.95 -1.20
C GLU A 649 -27.44 66.52 -0.82
N LEU A 650 -27.21 65.20 -0.80
CA LEU A 650 -25.92 64.61 -0.38
C LEU A 650 -24.87 64.78 -1.44
N ASN A 651 -23.62 64.65 -1.02
CA ASN A 651 -22.48 64.99 -1.87
C ASN A 651 -22.31 63.94 -2.97
N ASP A 652 -22.21 64.38 -4.22
CA ASP A 652 -22.07 63.49 -5.35
C ASP A 652 -20.80 63.76 -6.15
N SER A 653 -19.77 64.36 -5.54
CA SER A 653 -18.50 64.57 -6.25
C SER A 653 -17.75 63.24 -6.54
N ASN A 654 -18.02 62.20 -5.75
CA ASN A 654 -17.54 60.83 -6.03
C ASN A 654 -18.15 59.76 -5.10
N MET A 655 -17.87 58.49 -5.37
CA MET A 655 -18.41 57.40 -4.56
C MET A 655 -18.13 57.54 -3.05
N ASP A 656 -16.92 57.95 -2.70
CA ASP A 656 -16.55 58.18 -1.30
C ASP A 656 -17.34 59.31 -0.66
N ALA A 657 -17.45 60.43 -1.35
CA ALA A 657 -18.15 61.62 -0.80
C ALA A 657 -19.59 61.32 -0.41
N LEU A 658 -20.26 60.51 -1.22
CA LEU A 658 -21.62 60.09 -0.96
C LEU A 658 -21.74 59.13 0.23
N ALA A 659 -20.72 58.28 0.45
CA ALA A 659 -20.66 57.36 1.62
C ALA A 659 -20.09 58.04 2.88
N SER B 22 -43.02 -57.96 -20.76
CA SER B 22 -43.98 -57.02 -20.11
C SER B 22 -43.38 -55.63 -19.86
N ARG B 23 -42.32 -55.58 -19.04
CA ARG B 23 -41.73 -54.32 -18.52
C ARG B 23 -40.35 -53.98 -19.10
N ASP B 24 -40.05 -52.70 -19.24
CA ASP B 24 -38.81 -52.23 -19.89
C ASP B 24 -37.69 -52.05 -18.88
N LEU B 25 -36.59 -52.78 -19.07
CA LEU B 25 -35.39 -52.68 -18.22
C LEU B 25 -34.38 -51.61 -18.67
N GLN B 26 -34.31 -51.34 -19.98
CA GLN B 26 -33.38 -50.31 -20.52
C GLN B 26 -33.81 -48.91 -20.09
N ASN B 27 -35.11 -48.63 -20.21
CA ASN B 27 -35.74 -47.40 -19.71
C ASN B 27 -36.49 -47.76 -18.42
N HIS B 28 -35.84 -47.48 -17.29
CA HIS B 28 -36.41 -47.74 -15.95
C HIS B 28 -36.50 -46.47 -15.09
N LEU B 29 -37.22 -46.60 -14.00
CA LEU B 29 -37.38 -45.52 -13.03
C LEU B 29 -36.40 -45.73 -11.88
N LEU B 30 -36.06 -44.64 -11.19
CA LEU B 30 -35.25 -44.72 -9.98
C LEU B 30 -35.91 -43.94 -8.86
N PHE B 31 -36.04 -44.59 -7.71
CA PHE B 31 -36.53 -43.96 -6.51
C PHE B 31 -35.54 -44.25 -5.40
N GLU B 32 -34.73 -43.25 -5.05
CA GLU B 32 -33.70 -43.37 -4.03
C GLU B 32 -34.17 -42.73 -2.71
N THR B 33 -34.37 -43.55 -1.68
CA THR B 33 -35.01 -43.11 -0.42
C THR B 33 -34.01 -43.03 0.72
N ALA B 34 -34.16 -42.04 1.59
CA ALA B 34 -33.26 -41.85 2.76
C ALA B 34 -33.85 -40.82 3.74
N THR B 35 -33.52 -40.92 5.04
CA THR B 35 -34.01 -39.90 6.00
C THR B 35 -33.32 -38.56 5.84
N GLU B 36 -32.16 -38.52 5.18
CA GLU B 36 -31.38 -37.29 5.04
C GLU B 36 -31.51 -36.59 3.67
N VAL B 37 -32.69 -36.56 3.07
CA VAL B 37 -32.84 -35.96 1.74
C VAL B 37 -33.12 -34.45 1.81
N ALA B 38 -34.12 -34.05 2.58
CA ALA B 38 -34.39 -32.63 2.77
C ALA B 38 -33.27 -31.94 3.54
N ASN B 39 -32.67 -32.65 4.52
CA ASN B 39 -31.96 -32.04 5.65
C ASN B 39 -30.67 -32.76 6.07
N ARG B 40 -29.65 -31.95 6.37
CA ARG B 40 -28.35 -32.43 6.79
C ARG B 40 -28.44 -32.87 8.24
N VAL B 41 -28.42 -34.18 8.43
CA VAL B 41 -28.26 -34.78 9.74
C VAL B 41 -26.82 -35.28 9.89
N GLY B 42 -26.32 -36.01 8.89
CA GLY B 42 -25.03 -36.69 8.95
C GLY B 42 -24.33 -36.77 7.60
N GLY B 43 -23.59 -37.86 7.41
CA GLY B 43 -22.77 -38.05 6.22
C GLY B 43 -23.57 -38.29 4.96
N ILE B 44 -24.72 -38.94 5.08
CA ILE B 44 -25.53 -39.34 3.91
C ILE B 44 -26.10 -38.13 3.12
N TYR B 45 -26.33 -37.00 3.79
CA TYR B 45 -26.68 -35.75 3.10
C TYR B 45 -25.63 -35.37 2.09
N SER B 46 -24.37 -35.35 2.53
CA SER B 46 -23.27 -34.97 1.63
C SER B 46 -23.08 -35.99 0.51
N VAL B 47 -23.36 -37.26 0.79
CA VAL B 47 -23.28 -38.32 -0.22
C VAL B 47 -24.38 -38.15 -1.28
N LEU B 48 -25.64 -38.11 -0.86
CA LEU B 48 -26.78 -38.01 -1.79
C LEU B 48 -26.78 -36.73 -2.63
N LYS B 49 -26.28 -35.64 -2.04
CA LYS B 49 -26.17 -34.35 -2.70
C LYS B 49 -25.14 -34.46 -3.79
N SER B 50 -23.91 -34.77 -3.42
CA SER B 50 -22.81 -34.79 -4.38
C SER B 50 -22.99 -35.83 -5.51
N LYS B 51 -23.69 -36.93 -5.21
CA LYS B 51 -24.00 -37.98 -6.19
C LYS B 51 -25.05 -37.56 -7.22
N ALA B 52 -25.90 -36.60 -6.87
CA ALA B 52 -27.05 -36.19 -7.71
C ALA B 52 -26.71 -35.74 -9.15
N PRO B 53 -25.67 -34.89 -9.35
CA PRO B 53 -25.25 -34.57 -10.71
C PRO B 53 -25.14 -35.79 -11.61
N ILE B 54 -24.23 -36.72 -11.34
CA ILE B 54 -24.11 -37.90 -12.22
C ILE B 54 -25.39 -38.78 -12.27
N THR B 55 -26.16 -38.82 -11.20
CA THR B 55 -27.42 -39.57 -11.19
C THR B 55 -28.46 -38.90 -12.12
N VAL B 56 -28.58 -37.57 -12.05
CA VAL B 56 -29.53 -36.80 -12.92
C VAL B 56 -29.18 -36.88 -14.41
N ALA B 57 -27.90 -36.70 -14.72
CA ALA B 57 -27.37 -36.84 -16.08
C ALA B 57 -27.84 -38.13 -16.77
N GLN B 58 -27.71 -39.23 -16.06
CA GLN B 58 -28.10 -40.56 -16.55
C GLN B 58 -29.62 -40.75 -16.61
N TYR B 59 -30.36 -40.13 -15.68
CA TYR B 59 -31.80 -40.38 -15.50
C TYR B 59 -32.77 -39.23 -15.83
N LYS B 60 -32.24 -38.02 -16.03
CA LYS B 60 -33.04 -36.77 -16.13
C LYS B 60 -34.31 -36.75 -15.23
N ASP B 61 -35.50 -36.92 -15.79
CA ASP B 61 -36.77 -36.82 -15.03
C ASP B 61 -37.32 -38.16 -14.50
N HIS B 62 -36.61 -39.26 -14.73
CA HIS B 62 -36.97 -40.58 -14.17
C HIS B 62 -36.56 -40.77 -12.68
N TYR B 63 -35.60 -39.95 -12.23
CA TYR B 63 -35.03 -40.03 -10.89
C TYR B 63 -35.84 -39.18 -9.92
N HIS B 64 -36.21 -39.74 -8.77
CA HIS B 64 -36.70 -38.98 -7.63
C HIS B 64 -36.05 -39.46 -6.35
N LEU B 65 -35.60 -38.51 -5.54
CA LEU B 65 -35.26 -38.79 -4.16
C LEU B 65 -36.54 -38.75 -3.34
N ILE B 66 -36.58 -39.53 -2.26
CA ILE B 66 -37.74 -39.58 -1.35
C ILE B 66 -37.25 -39.46 0.09
N GLY B 67 -37.97 -38.69 0.91
CA GLY B 67 -37.60 -38.53 2.30
C GLY B 67 -38.75 -38.07 3.16
N PRO B 68 -38.51 -37.98 4.48
CA PRO B 68 -39.48 -37.32 5.34
C PRO B 68 -39.34 -35.82 5.18
N LEU B 69 -40.44 -35.11 5.38
CA LEU B 69 -40.46 -33.66 5.32
C LEU B 69 -40.02 -33.12 6.68
N ASN B 70 -38.96 -32.32 6.68
CA ASN B 70 -38.60 -31.55 7.86
C ASN B 70 -39.35 -30.24 7.75
N LYS B 71 -40.52 -30.17 8.40
CA LYS B 71 -41.35 -28.96 8.38
C LYS B 71 -40.56 -27.71 8.82
N ALA B 72 -39.64 -27.86 9.77
CA ALA B 72 -38.87 -26.73 10.29
C ALA B 72 -37.89 -26.07 9.30
N THR B 73 -37.24 -26.86 8.43
CA THR B 73 -36.15 -26.34 7.56
C THR B 73 -36.28 -26.47 6.03
N TYR B 74 -37.18 -27.30 5.53
CA TYR B 74 -37.28 -27.61 4.09
C TYR B 74 -37.26 -26.39 3.16
N GLN B 75 -37.96 -25.33 3.59
CA GLN B 75 -38.09 -24.07 2.85
C GLN B 75 -36.79 -23.58 2.20
N ASN B 76 -35.69 -23.68 2.96
CA ASN B 76 -34.37 -23.20 2.51
C ASN B 76 -33.72 -24.03 1.40
N GLU B 77 -34.08 -25.30 1.31
CA GLU B 77 -33.44 -26.21 0.36
C GLU B 77 -34.31 -26.63 -0.81
N VAL B 78 -35.63 -26.68 -0.65
CA VAL B 78 -36.49 -27.15 -1.74
C VAL B 78 -37.16 -25.99 -2.48
N ASP B 79 -37.00 -26.03 -3.80
CA ASP B 79 -37.78 -25.21 -4.72
C ASP B 79 -39.09 -25.97 -4.85
N ILE B 80 -40.21 -25.31 -4.58
CA ILE B 80 -41.47 -26.00 -4.24
C ILE B 80 -42.38 -26.16 -5.46
N LEU B 81 -41.91 -26.87 -6.49
CA LEU B 81 -42.71 -27.13 -7.71
C LEU B 81 -44.15 -27.61 -7.45
N ASP B 82 -45.12 -27.09 -8.20
CA ASP B 82 -46.49 -27.60 -8.14
C ASP B 82 -46.60 -28.86 -9.00
N TRP B 83 -47.18 -29.88 -8.39
CA TRP B 83 -47.26 -31.23 -8.97
C TRP B 83 -48.63 -31.53 -9.61
N LYS B 84 -49.63 -30.70 -9.31
CA LYS B 84 -50.96 -30.80 -9.90
C LYS B 84 -50.96 -30.43 -11.38
N LYS B 85 -50.29 -29.32 -11.72
CA LYS B 85 -50.29 -28.77 -13.08
C LYS B 85 -49.72 -29.76 -14.10
N PRO B 86 -50.43 -29.97 -15.24
CA PRO B 86 -50.17 -31.09 -16.16
C PRO B 86 -48.74 -31.16 -16.74
N GLU B 87 -48.18 -30.00 -17.09
CA GLU B 87 -46.82 -29.90 -17.64
C GLU B 87 -45.65 -30.20 -16.67
N ALA B 88 -45.94 -30.39 -15.37
CA ALA B 88 -44.92 -30.79 -14.38
C ALA B 88 -44.34 -32.19 -14.61
N PHE B 89 -45.08 -33.06 -15.32
CA PHE B 89 -44.63 -34.42 -15.64
C PHE B 89 -44.84 -34.77 -17.11
N SER B 90 -43.90 -35.52 -17.68
CA SER B 90 -43.98 -35.96 -19.09
C SER B 90 -45.05 -37.03 -19.32
N ASP B 91 -45.23 -37.44 -20.57
CA ASP B 91 -46.18 -38.51 -20.92
C ASP B 91 -45.80 -39.83 -20.26
N GLU B 92 -44.54 -40.23 -20.39
CA GLU B 92 -44.06 -41.49 -19.79
C GLU B 92 -43.95 -41.45 -18.25
N MET B 93 -43.86 -40.25 -17.67
CA MET B 93 -43.92 -40.05 -16.20
C MET B 93 -45.28 -39.57 -15.69
N ARG B 94 -46.33 -39.75 -16.48
CA ARG B 94 -47.70 -39.51 -16.00
C ARG B 94 -48.02 -40.34 -14.75
N PRO B 95 -47.67 -41.64 -14.76
CA PRO B 95 -48.04 -42.51 -13.63
C PRO B 95 -47.67 -41.98 -12.25
N VAL B 96 -46.46 -41.42 -12.11
CA VAL B 96 -45.97 -40.88 -10.84
C VAL B 96 -46.91 -39.77 -10.34
N GLN B 97 -47.35 -38.91 -11.25
CA GLN B 97 -48.30 -37.85 -10.94
C GLN B 97 -49.64 -38.43 -10.48
N HIS B 98 -50.13 -39.44 -11.21
CA HIS B 98 -51.41 -40.09 -10.88
C HIS B 98 -51.33 -40.91 -9.61
N ALA B 99 -50.12 -41.33 -9.22
CA ALA B 99 -49.89 -41.99 -7.93
C ALA B 99 -49.86 -40.96 -6.79
N LEU B 100 -49.09 -39.88 -6.96
CA LEU B 100 -49.08 -38.75 -6.01
C LEU B 100 -50.49 -38.22 -5.76
N GLN B 101 -51.29 -38.18 -6.82
CA GLN B 101 -52.70 -37.84 -6.71
C GLN B 101 -53.42 -38.84 -5.81
N THR B 102 -53.23 -40.13 -6.08
CA THR B 102 -53.81 -41.23 -5.27
C THR B 102 -53.44 -41.12 -3.77
N MET B 103 -52.25 -40.60 -3.48
CA MET B 103 -51.80 -40.34 -2.11
C MET B 103 -52.55 -39.15 -1.50
N GLU B 104 -52.65 -38.06 -2.27
CA GLU B 104 -53.39 -36.86 -1.84
C GLU B 104 -54.86 -37.20 -1.61
N SER B 105 -55.42 -38.02 -2.50
CA SER B 105 -56.83 -38.41 -2.43
C SER B 105 -57.19 -39.28 -1.21
N ARG B 106 -56.23 -40.06 -0.70
CA ARG B 106 -56.43 -40.90 0.49
C ARG B 106 -55.89 -40.30 1.79
N GLY B 107 -55.39 -39.05 1.77
CA GLY B 107 -55.14 -38.27 2.99
C GLY B 107 -53.71 -37.87 3.34
N VAL B 108 -52.75 -38.22 2.49
CA VAL B 108 -51.32 -38.02 2.78
C VAL B 108 -50.88 -36.67 2.23
N HIS B 109 -50.19 -35.88 3.07
CA HIS B 109 -49.67 -34.57 2.66
C HIS B 109 -48.18 -34.63 2.41
N PHE B 110 -47.75 -34.02 1.30
CA PHE B 110 -46.38 -34.15 0.82
C PHE B 110 -45.98 -32.91 0.01
N VAL B 111 -44.67 -32.68 -0.13
CA VAL B 111 -44.11 -31.54 -0.87
C VAL B 111 -43.30 -32.01 -2.08
N TYR B 112 -43.84 -31.83 -3.29
CA TYR B 112 -43.07 -32.09 -4.51
C TYR B 112 -42.11 -30.93 -4.72
N GLY B 113 -40.97 -31.18 -5.34
CA GLY B 113 -39.99 -30.12 -5.49
C GLY B 113 -38.71 -30.42 -6.25
N ARG B 114 -37.80 -29.46 -6.19
CA ARG B 114 -36.51 -29.54 -6.85
C ARG B 114 -35.50 -29.11 -5.79
N TRP B 115 -34.58 -30.00 -5.47
CA TRP B 115 -33.62 -29.78 -4.39
C TRP B 115 -32.64 -28.72 -4.89
N LEU B 116 -32.48 -27.62 -4.15
CA LEU B 116 -31.60 -26.53 -4.56
C LEU B 116 -30.13 -26.89 -4.43
N ILE B 117 -29.67 -27.76 -5.33
CA ILE B 117 -28.28 -28.21 -5.40
C ILE B 117 -27.91 -28.47 -6.85
N GLU B 118 -26.61 -28.56 -7.12
CA GLU B 118 -26.16 -28.83 -8.47
C GLU B 118 -26.74 -30.17 -8.88
N GLY B 119 -27.36 -30.21 -10.06
CA GLY B 119 -28.11 -31.38 -10.53
C GLY B 119 -29.61 -31.16 -10.50
N ALA B 120 -30.09 -30.32 -9.58
CA ALA B 120 -31.50 -29.99 -9.46
C ALA B 120 -32.40 -31.23 -9.60
N PRO B 121 -32.17 -32.24 -8.76
CA PRO B 121 -32.96 -33.46 -8.84
C PRO B 121 -34.35 -33.28 -8.22
N LYS B 122 -35.32 -34.02 -8.72
CA LYS B 122 -36.68 -33.95 -8.18
C LYS B 122 -36.78 -34.71 -6.85
N VAL B 123 -37.56 -34.16 -5.92
CA VAL B 123 -37.69 -34.70 -4.59
C VAL B 123 -39.17 -34.84 -4.23
N ILE B 124 -39.51 -35.94 -3.55
CA ILE B 124 -40.83 -36.16 -2.93
C ILE B 124 -40.65 -36.30 -1.41
N LEU B 125 -41.06 -35.27 -0.67
CA LEU B 125 -40.94 -35.27 0.79
C LEU B 125 -42.31 -35.52 1.40
N PHE B 126 -42.39 -36.42 2.38
CA PHE B 126 -43.67 -36.78 3.00
C PHE B 126 -43.81 -36.16 4.38
N ASP B 127 -45.00 -35.65 4.66
CA ASP B 127 -45.32 -35.17 5.99
C ASP B 127 -45.71 -36.39 6.83
N LEU B 128 -44.87 -36.71 7.81
CA LEU B 128 -45.12 -37.85 8.70
C LEU B 128 -46.27 -37.57 9.68
N ASP B 129 -46.44 -36.31 10.11
CA ASP B 129 -47.62 -35.90 10.93
C ASP B 129 -48.94 -36.22 10.24
N SER B 130 -48.95 -36.14 8.91
CA SER B 130 -50.12 -36.47 8.11
C SER B 130 -50.48 -37.96 8.05
N VAL B 131 -49.68 -38.84 8.63
CA VAL B 131 -50.09 -40.23 8.86
C VAL B 131 -49.85 -40.73 10.29
N ARG B 132 -49.42 -39.84 11.18
CA ARG B 132 -49.05 -40.18 12.56
C ARG B 132 -50.17 -40.93 13.33
N GLY B 133 -51.43 -40.73 12.91
CA GLY B 133 -52.55 -41.52 13.43
C GLY B 133 -52.42 -43.01 13.21
N TYR B 134 -51.98 -43.41 12.01
CA TYR B 134 -51.86 -44.82 11.63
C TYR B 134 -50.80 -45.60 12.44
N SER B 135 -49.99 -44.89 13.24
CA SER B 135 -48.89 -45.48 14.03
C SER B 135 -49.25 -46.83 14.64
N ASN B 136 -50.27 -46.86 15.49
CA ASN B 136 -50.58 -48.07 16.24
C ASN B 136 -51.07 -49.24 15.37
N GLU B 137 -51.81 -48.94 14.32
CA GLU B 137 -52.23 -49.98 13.34
C GLU B 137 -51.00 -50.57 12.68
N TRP B 138 -50.09 -49.71 12.24
CA TRP B 138 -48.88 -50.11 11.50
C TRP B 138 -47.77 -50.68 12.37
N LYS B 139 -47.67 -50.24 13.63
CA LYS B 139 -46.74 -50.86 14.57
C LYS B 139 -47.18 -52.30 14.90
N GLY B 140 -48.49 -52.52 14.96
CA GLY B 140 -49.06 -53.86 15.07
C GLY B 140 -48.87 -54.70 13.82
N ASP B 141 -49.11 -54.12 12.64
CA ASP B 141 -48.91 -54.82 11.35
C ASP B 141 -47.47 -55.29 11.19
N LEU B 142 -46.52 -54.42 11.54
CA LEU B 142 -45.10 -54.73 11.41
C LEU B 142 -44.66 -55.84 12.35
N TRP B 143 -45.22 -55.88 13.57
CA TRP B 143 -44.90 -56.95 14.52
C TRP B 143 -45.50 -58.30 14.11
N SER B 144 -46.75 -58.30 13.66
CA SER B 144 -47.36 -59.52 13.14
C SER B 144 -46.65 -60.03 11.92
N LEU B 145 -46.24 -59.12 11.04
CA LEU B 145 -45.72 -59.49 9.74
C LEU B 145 -44.21 -59.82 9.79
N VAL B 146 -43.45 -59.10 10.60
CA VAL B 146 -41.98 -59.21 10.57
C VAL B 146 -41.30 -59.34 11.95
N GLY B 147 -42.08 -59.33 13.03
CA GLY B 147 -41.54 -59.51 14.38
C GLY B 147 -40.87 -58.30 15.03
N ILE B 148 -40.94 -57.13 14.39
CA ILE B 148 -40.24 -55.94 14.88
C ILE B 148 -41.06 -55.26 15.99
N PRO B 149 -40.55 -55.28 17.25
CA PRO B 149 -41.19 -54.50 18.31
C PRO B 149 -40.88 -53.01 18.15
N SER B 150 -41.60 -52.16 18.87
CA SER B 150 -41.55 -50.73 18.57
C SER B 150 -41.97 -49.89 19.78
N PRO B 151 -41.02 -49.66 20.71
CA PRO B 151 -41.23 -48.74 21.82
C PRO B 151 -41.71 -47.38 21.32
N GLU B 152 -42.65 -46.81 22.06
CA GLU B 152 -43.28 -45.54 21.71
C GLU B 152 -42.36 -44.38 22.12
N ASN B 153 -41.53 -44.60 23.13
CA ASN B 153 -40.57 -43.58 23.54
C ASN B 153 -39.40 -43.40 22.56
N ASP B 154 -39.18 -44.35 21.66
CA ASP B 154 -38.15 -44.19 20.60
C ASP B 154 -38.77 -43.41 19.43
N PHE B 155 -38.55 -42.10 19.47
CA PHE B 155 -39.14 -41.16 18.49
C PHE B 155 -38.64 -41.37 17.05
N GLU B 156 -37.46 -41.98 16.91
CA GLU B 156 -36.84 -42.23 15.60
C GLU B 156 -37.37 -43.45 14.83
N THR B 157 -37.54 -44.60 15.50
CA THR B 157 -38.15 -45.77 14.86
C THR B 157 -39.62 -45.49 14.57
N ASN B 158 -40.27 -44.67 15.40
CA ASN B 158 -41.61 -44.19 15.10
C ASN B 158 -41.62 -43.52 13.72
N ASP B 159 -40.70 -42.58 13.52
CA ASP B 159 -40.54 -41.92 12.22
C ASP B 159 -40.09 -42.86 11.11
N ALA B 160 -39.18 -43.77 11.45
CA ALA B 160 -38.70 -44.79 10.50
C ALA B 160 -39.81 -45.73 10.04
N ILE B 161 -40.76 -46.03 10.94
CA ILE B 161 -41.88 -46.92 10.65
C ILE B 161 -42.93 -46.21 9.80
N LEU B 162 -43.32 -45.00 10.21
CA LEU B 162 -44.25 -44.17 9.43
C LEU B 162 -43.75 -43.93 8.01
N LEU B 163 -42.46 -43.64 7.86
CA LEU B 163 -41.86 -43.42 6.55
C LEU B 163 -41.96 -44.68 5.67
N GLY B 164 -41.59 -45.82 6.24
CA GLY B 164 -41.59 -47.08 5.50
C GLY B 164 -42.94 -47.48 4.96
N TYR B 165 -43.97 -47.44 5.82
CA TYR B 165 -45.32 -47.80 5.41
C TYR B 165 -45.85 -46.87 4.32
N THR B 166 -45.58 -45.57 4.49
CA THR B 166 -45.91 -44.53 3.50
C THR B 166 -45.19 -44.76 2.17
N VAL B 167 -43.88 -45.00 2.21
CA VAL B 167 -43.09 -45.13 0.99
C VAL B 167 -43.44 -46.40 0.22
N ALA B 168 -43.74 -47.48 0.92
CA ALA B 168 -44.15 -48.74 0.26
C ALA B 168 -45.57 -48.62 -0.31
N TRP B 169 -46.40 -47.82 0.35
CA TRP B 169 -47.70 -47.38 -0.15
C TRP B 169 -47.54 -46.63 -1.48
N PHE B 170 -46.65 -45.63 -1.50
CA PHE B 170 -46.35 -44.86 -2.72
C PHE B 170 -45.79 -45.72 -3.85
N LEU B 171 -44.82 -46.58 -3.53
CA LEU B 171 -44.27 -47.49 -4.54
C LEU B 171 -45.30 -48.51 -5.03
N GLY B 172 -46.20 -48.92 -4.15
CA GLY B 172 -47.27 -49.85 -4.52
C GLY B 172 -48.20 -49.27 -5.58
N GLU B 173 -48.57 -48.01 -5.39
CA GLU B 173 -49.46 -47.30 -6.32
C GLU B 173 -48.79 -46.92 -7.64
N VAL B 174 -47.48 -46.69 -7.63
CA VAL B 174 -46.74 -46.42 -8.86
C VAL B 174 -46.57 -47.69 -9.71
N ALA B 175 -46.27 -48.82 -9.08
CA ALA B 175 -46.19 -50.12 -9.80
C ALA B 175 -47.53 -50.54 -10.43
N HIS B 176 -48.61 -50.15 -9.75
CA HIS B 176 -50.00 -50.41 -10.17
C HIS B 176 -50.43 -49.51 -11.35
N LEU B 177 -49.93 -48.27 -11.38
CA LEU B 177 -50.30 -47.28 -12.40
C LEU B 177 -49.25 -47.05 -13.51
N ASP B 178 -48.10 -47.72 -13.45
CA ASP B 178 -47.04 -47.57 -14.45
C ASP B 178 -46.78 -48.94 -15.06
N SER B 179 -47.26 -49.16 -16.29
CA SER B 179 -47.07 -50.45 -16.96
C SER B 179 -45.96 -50.43 -18.02
N GLN B 180 -45.20 -49.34 -18.09
CA GLN B 180 -44.12 -49.19 -19.07
C GLN B 180 -42.74 -49.52 -18.49
N HIS B 181 -42.40 -48.84 -17.39
CA HIS B 181 -41.05 -48.90 -16.83
C HIS B 181 -40.86 -49.99 -15.77
N ALA B 182 -39.64 -50.52 -15.68
CA ALA B 182 -39.18 -51.25 -14.49
C ALA B 182 -38.84 -50.23 -13.44
N ILE B 183 -39.04 -50.57 -12.16
CA ILE B 183 -38.85 -49.61 -11.06
C ILE B 183 -37.77 -50.11 -10.07
N VAL B 184 -36.75 -49.27 -9.87
CA VAL B 184 -35.65 -49.54 -8.95
C VAL B 184 -35.81 -48.64 -7.72
N ALA B 185 -36.01 -49.26 -6.56
CA ALA B 185 -36.18 -48.56 -5.29
C ALA B 185 -34.96 -48.80 -4.40
N HIS B 186 -34.08 -47.81 -4.36
CA HIS B 186 -32.88 -47.82 -3.51
C HIS B 186 -33.26 -47.26 -2.14
N PHE B 187 -32.76 -47.85 -1.07
CA PHE B 187 -32.94 -47.31 0.30
C PHE B 187 -31.60 -47.17 1.03
N HIS B 188 -31.48 -46.13 1.86
CA HIS B 188 -30.23 -45.82 2.54
C HIS B 188 -30.37 -45.74 4.04
N GLN B 189 -29.68 -46.65 4.73
CA GLN B 189 -29.59 -46.73 6.19
C GLN B 189 -30.92 -47.27 6.77
N TRP B 190 -30.83 -47.95 7.91
CA TRP B 190 -31.97 -48.67 8.49
C TRP B 190 -33.21 -47.80 8.74
N LEU B 191 -32.98 -46.53 9.08
CA LEU B 191 -34.06 -45.56 9.26
C LEU B 191 -34.99 -45.41 8.04
N ALA B 192 -34.44 -45.64 6.85
CA ALA B 192 -35.22 -45.63 5.61
C ALA B 192 -35.81 -47.02 5.25
N GLY B 193 -35.13 -48.08 5.67
CA GLY B 193 -35.45 -49.45 5.26
C GLY B 193 -36.62 -50.24 5.83
N VAL B 194 -37.58 -49.61 6.51
CA VAL B 194 -38.79 -50.33 6.96
C VAL B 194 -39.70 -50.70 5.77
N ALA B 195 -39.66 -49.90 4.72
CA ALA B 195 -40.40 -50.19 3.48
C ALA B 195 -40.00 -51.51 2.80
N LEU B 196 -38.77 -51.97 3.04
CA LEU B 196 -38.24 -53.17 2.39
C LEU B 196 -38.95 -54.51 2.70
N PRO B 197 -39.14 -54.85 4.00
CA PRO B 197 -39.95 -56.05 4.28
C PRO B 197 -41.36 -55.98 3.67
N LEU B 198 -41.92 -54.77 3.62
CA LEU B 198 -43.27 -54.54 3.11
C LEU B 198 -43.36 -54.76 1.60
N CYS B 199 -42.38 -54.25 0.85
CA CYS B 199 -42.27 -54.55 -0.58
C CYS B 199 -42.08 -56.05 -0.90
N ARG B 200 -41.33 -56.76 -0.05
CA ARG B 200 -41.09 -58.21 -0.24
C ARG B 200 -42.35 -59.03 0.01
N LYS B 201 -42.90 -58.85 1.20
CA LYS B 201 -43.99 -59.66 1.67
C LYS B 201 -45.29 -59.32 0.92
N ARG B 202 -45.44 -58.06 0.49
CA ARG B 202 -46.56 -57.68 -0.42
C ARG B 202 -46.34 -58.04 -1.90
N ARG B 203 -45.18 -58.61 -2.26
CA ARG B 203 -44.85 -58.96 -3.64
C ARG B 203 -45.00 -57.77 -4.64
N ILE B 204 -44.70 -56.55 -4.19
CA ILE B 204 -44.86 -55.34 -5.02
C ILE B 204 -43.86 -55.34 -6.17
N ASP B 205 -44.31 -55.05 -7.39
CA ASP B 205 -43.47 -55.21 -8.57
C ASP B 205 -42.49 -54.04 -8.81
N VAL B 206 -41.54 -53.90 -7.89
CA VAL B 206 -40.36 -53.06 -8.07
C VAL B 206 -39.17 -53.93 -7.66
N VAL B 207 -37.95 -53.55 -8.08
CA VAL B 207 -36.73 -54.16 -7.51
C VAL B 207 -36.13 -53.23 -6.46
N THR B 208 -35.46 -53.82 -5.47
CA THR B 208 -35.03 -53.09 -4.30
C THR B 208 -33.56 -53.27 -4.00
N ILE B 209 -32.89 -52.16 -3.69
CA ILE B 209 -31.50 -52.15 -3.21
C ILE B 209 -31.49 -51.54 -1.81
N PHE B 210 -30.60 -52.02 -0.95
CA PHE B 210 -30.39 -51.49 0.40
C PHE B 210 -28.89 -51.28 0.65
N THR B 211 -28.48 -50.03 0.81
CA THR B 211 -27.10 -49.70 1.17
C THR B 211 -27.03 -49.34 2.65
N THR B 212 -26.26 -50.10 3.41
CA THR B 212 -25.97 -49.74 4.80
C THR B 212 -24.66 -48.97 4.88
N HIS B 213 -24.66 -47.86 5.63
CA HIS B 213 -23.49 -46.98 5.78
C HIS B 213 -22.67 -47.21 7.06
N ALA B 214 -23.19 -48.06 7.93
CA ALA B 214 -22.42 -48.67 9.02
C ALA B 214 -23.22 -49.89 9.40
N THR B 215 -23.05 -50.43 10.61
CA THR B 215 -24.06 -51.30 11.19
C THR B 215 -24.26 -50.87 12.62
N LEU B 216 -25.48 -51.05 13.13
CA LEU B 216 -25.82 -50.73 14.50
C LEU B 216 -24.89 -51.45 15.48
N LEU B 217 -24.76 -52.76 15.36
CA LEU B 217 -23.95 -53.51 16.33
C LEU B 217 -22.48 -53.11 16.29
N GLY B 218 -21.99 -52.74 15.11
CA GLY B 218 -20.62 -52.24 14.97
C GLY B 218 -20.29 -51.01 15.80
N ARG B 219 -21.10 -49.99 15.62
CA ARG B 219 -20.93 -48.72 16.28
C ARG B 219 -21.00 -48.89 17.78
N TYR B 220 -21.97 -49.66 18.27
CA TYR B 220 -22.13 -49.93 19.71
C TYR B 220 -21.02 -50.78 20.34
N LEU B 221 -20.57 -51.86 19.66
CA LEU B 221 -19.48 -52.71 20.20
C LEU B 221 -18.11 -51.98 20.30
N CYS B 222 -17.87 -50.99 19.43
CA CYS B 222 -16.62 -50.21 19.39
C CYS B 222 -16.62 -48.88 20.16
N ALA B 223 -17.63 -48.65 20.98
CA ALA B 223 -17.62 -47.55 21.94
C ALA B 223 -16.68 -47.75 23.17
N SER B 224 -15.70 -48.67 23.14
CA SER B 224 -14.75 -48.90 24.27
C SER B 224 -13.73 -50.05 24.08
N PHE B 227 -13.00 -53.85 23.69
CA PHE B 227 -13.51 -54.95 22.83
C PHE B 227 -12.77 -55.13 21.49
N ASP B 228 -12.43 -56.37 21.16
CA ASP B 228 -11.52 -56.66 20.04
C ASP B 228 -12.27 -56.89 18.73
N PHE B 229 -12.97 -55.86 18.30
CA PHE B 229 -14.03 -55.98 17.28
C PHE B 229 -13.75 -56.87 16.06
N TYR B 230 -12.63 -56.63 15.37
CA TYR B 230 -12.38 -57.24 14.04
C TYR B 230 -12.01 -58.74 14.11
N ASN B 231 -11.40 -59.13 15.22
CA ASN B 231 -11.21 -60.55 15.54
C ASN B 231 -12.51 -61.12 16.12
N CYS B 232 -12.91 -60.63 17.29
CA CYS B 232 -14.06 -61.18 18.03
C CYS B 232 -15.50 -61.08 17.43
N LEU B 233 -15.70 -60.47 16.25
CA LEU B 233 -17.09 -60.30 15.76
C LEU B 233 -17.67 -61.53 15.09
N GLU B 234 -16.82 -62.39 14.55
CA GLU B 234 -17.27 -63.66 13.96
C GLU B 234 -17.96 -64.56 14.99
N SER B 235 -17.75 -64.29 16.28
CA SER B 235 -18.29 -65.06 17.39
C SER B 235 -19.23 -64.28 18.32
N VAL B 236 -20.04 -63.37 17.79
CA VAL B 236 -21.00 -62.63 18.62
C VAL B 236 -22.41 -63.16 18.39
N ASP B 237 -23.12 -63.43 19.48
CA ASP B 237 -24.55 -63.70 19.43
C ASP B 237 -25.20 -62.34 19.15
N VAL B 238 -25.74 -62.15 17.95
CA VAL B 238 -26.27 -60.82 17.58
C VAL B 238 -27.48 -60.37 18.42
N ASP B 239 -28.51 -61.21 18.52
CA ASP B 239 -29.74 -60.86 19.25
C ASP B 239 -29.46 -60.59 20.73
N HIS B 240 -28.47 -61.29 21.27
CA HIS B 240 -28.02 -61.06 22.63
C HIS B 240 -27.42 -59.67 22.80
N GLU B 241 -26.47 -59.33 21.94
CA GLU B 241 -25.82 -58.01 22.00
C GLU B 241 -26.79 -56.90 21.65
N ALA B 242 -27.68 -57.15 20.70
CA ALA B 242 -28.73 -56.18 20.40
C ALA B 242 -29.57 -55.88 21.63
N GLY B 243 -29.87 -56.92 22.41
CA GLY B 243 -30.63 -56.78 23.65
C GLY B 243 -29.89 -56.05 24.75
N ARG B 244 -28.61 -56.34 24.86
CA ARG B 244 -27.74 -55.79 25.89
C ARG B 244 -27.57 -54.28 25.79
N PHE B 245 -27.51 -53.77 24.57
CA PHE B 245 -27.43 -52.33 24.33
C PHE B 245 -28.82 -51.67 24.19
N GLY B 246 -29.88 -52.40 24.52
CA GLY B 246 -31.25 -51.92 24.37
C GLY B 246 -31.60 -51.36 23.03
N ILE B 247 -31.14 -52.00 21.97
CA ILE B 247 -31.44 -51.56 20.58
C ILE B 247 -32.04 -52.68 19.73
N TYR B 248 -32.66 -53.66 20.40
CA TYR B 248 -33.19 -54.80 19.70
C TYR B 248 -34.13 -54.35 18.57
N HIS B 249 -35.17 -53.60 18.90
CA HIS B 249 -36.08 -53.02 17.91
C HIS B 249 -35.39 -52.41 16.68
N ARG B 250 -34.35 -51.62 16.90
CA ARG B 250 -33.64 -50.96 15.80
C ARG B 250 -32.91 -51.96 14.92
N TYR B 251 -32.07 -52.76 15.56
CA TYR B 251 -31.34 -53.88 14.92
C TYR B 251 -32.20 -54.74 13.99
N CYS B 252 -33.40 -55.10 14.45
CA CYS B 252 -34.37 -55.84 13.64
C CYS B 252 -34.68 -55.17 12.33
N ILE B 253 -34.91 -53.85 12.36
CA ILE B 253 -35.22 -53.10 11.15
C ILE B 253 -34.04 -53.19 10.17
N GLU B 254 -32.82 -52.93 10.66
CA GLU B 254 -31.61 -53.03 9.84
C GLU B 254 -31.48 -54.41 9.21
N ARG B 255 -31.64 -55.46 10.01
CA ARG B 255 -31.55 -56.85 9.54
C ARG B 255 -32.68 -57.21 8.56
N ALA B 256 -33.89 -56.79 8.87
CA ALA B 256 -35.05 -57.02 8.00
C ALA B 256 -34.92 -56.30 6.66
N ALA B 257 -34.31 -55.11 6.65
CA ALA B 257 -33.96 -54.40 5.42
C ALA B 257 -32.88 -55.14 4.59
N ALA B 258 -31.85 -55.63 5.26
CA ALA B 258 -30.77 -56.36 4.59
C ALA B 258 -31.23 -57.70 3.98
N HIS B 259 -32.09 -58.44 4.67
CA HIS B 259 -32.55 -59.74 4.17
C HIS B 259 -33.60 -59.63 3.09
N SER B 260 -34.54 -58.70 3.23
CA SER B 260 -35.62 -58.60 2.27
C SER B 260 -35.31 -57.73 1.05
N ALA B 261 -34.10 -57.18 0.94
CA ALA B 261 -33.71 -56.42 -0.28
C ALA B 261 -33.23 -57.35 -1.38
N ASP B 262 -33.62 -57.09 -2.64
CA ASP B 262 -33.12 -57.86 -3.80
C ASP B 262 -31.60 -57.77 -3.87
N VAL B 263 -31.06 -56.58 -3.61
CA VAL B 263 -29.60 -56.34 -3.58
C VAL B 263 -29.22 -55.69 -2.24
N PHE B 264 -28.08 -56.06 -1.70
CA PHE B 264 -27.61 -55.57 -0.41
C PHE B 264 -26.18 -55.09 -0.54
N THR B 265 -25.96 -53.83 -0.22
CA THR B 265 -24.67 -53.19 -0.41
C THR B 265 -24.24 -52.49 0.86
N THR B 266 -22.93 -52.24 0.94
CA THR B 266 -22.33 -51.44 2.01
C THR B 266 -21.51 -50.34 1.32
N VAL B 267 -20.87 -49.48 2.10
CA VAL B 267 -19.98 -48.45 1.54
C VAL B 267 -18.51 -48.86 1.50
N SER B 268 -18.16 -50.04 2.02
CA SER B 268 -16.74 -50.43 2.06
C SER B 268 -16.60 -51.93 2.18
N GLN B 269 -15.40 -52.42 1.89
CA GLN B 269 -15.12 -53.83 2.09
C GLN B 269 -15.18 -54.11 3.58
N ILE B 270 -14.47 -53.32 4.35
CA ILE B 270 -14.38 -53.54 5.81
C ILE B 270 -15.75 -53.58 6.47
N THR B 271 -16.68 -52.75 6.03
CA THR B 271 -18.05 -52.78 6.55
C THR B 271 -18.86 -54.00 6.05
N ALA B 272 -18.62 -54.43 4.82
CA ALA B 272 -19.23 -55.67 4.30
C ALA B 272 -18.82 -56.91 5.09
N PHE B 273 -17.59 -56.91 5.59
CA PHE B 273 -17.11 -57.98 6.47
C PHE B 273 -17.89 -57.97 7.77
N GLU B 274 -17.84 -56.82 8.44
CA GLU B 274 -18.68 -56.49 9.62
C GLU B 274 -20.14 -56.87 9.37
N ALA B 275 -20.69 -56.47 8.24
CA ALA B 275 -22.11 -56.71 7.91
C ALA B 275 -22.47 -58.18 7.70
N GLU B 276 -21.59 -58.93 7.05
CA GLU B 276 -21.86 -60.35 6.79
C GLU B 276 -22.18 -61.08 8.07
N HIS B 277 -21.33 -60.89 9.06
CA HIS B 277 -21.46 -61.58 10.34
C HIS B 277 -22.48 -60.94 11.32
N LEU B 278 -22.74 -59.63 11.21
CA LEU B 278 -23.69 -58.97 12.12
C LEU B 278 -25.10 -58.81 11.57
N LEU B 279 -25.25 -58.83 10.25
CA LEU B 279 -26.59 -58.83 9.63
C LEU B 279 -26.94 -60.13 8.90
N LYS B 280 -26.04 -61.12 8.99
CA LYS B 280 -26.24 -62.47 8.44
C LYS B 280 -26.56 -62.43 6.95
N ARG B 281 -25.78 -61.65 6.21
CA ARG B 281 -25.85 -61.64 4.75
C ARG B 281 -24.58 -61.04 4.19
N LYS B 282 -23.90 -61.82 3.36
CA LYS B 282 -22.78 -61.34 2.59
C LYS B 282 -23.34 -60.32 1.61
N PRO B 283 -22.77 -59.10 1.60
CA PRO B 283 -23.29 -58.16 0.61
C PRO B 283 -22.89 -58.56 -0.80
N ASP B 284 -23.73 -58.14 -1.75
CA ASP B 284 -23.52 -58.40 -3.17
C ASP B 284 -22.51 -57.44 -3.79
N GLY B 285 -22.10 -56.39 -3.06
CA GLY B 285 -21.00 -55.53 -3.49
C GLY B 285 -20.93 -54.24 -2.69
N ILE B 286 -19.97 -53.40 -3.03
CA ILE B 286 -19.79 -52.16 -2.32
C ILE B 286 -20.06 -50.92 -3.21
N LEU B 287 -20.58 -49.88 -2.56
CA LEU B 287 -20.91 -48.59 -3.14
C LEU B 287 -20.14 -47.50 -2.40
N PRO B 288 -18.82 -47.40 -2.67
CA PRO B 288 -18.04 -46.41 -1.97
C PRO B 288 -18.44 -45.00 -2.38
N ASN B 289 -18.23 -44.06 -1.48
CA ASN B 289 -18.76 -42.70 -1.61
C ASN B 289 -17.82 -41.81 -2.39
N GLY B 290 -18.25 -41.46 -3.59
CA GLY B 290 -17.59 -40.42 -4.35
C GLY B 290 -17.75 -39.02 -3.78
N LEU B 291 -17.04 -38.12 -4.43
CA LEU B 291 -17.16 -36.69 -4.25
C LEU B 291 -17.42 -36.07 -5.62
N ASN B 292 -17.72 -34.77 -5.59
CA ASN B 292 -18.01 -34.01 -6.78
C ASN B 292 -16.79 -33.11 -7.02
N VAL B 293 -15.68 -33.74 -7.37
CA VAL B 293 -14.38 -33.04 -7.41
C VAL B 293 -14.37 -32.01 -8.55
N ILE B 294 -14.20 -30.75 -8.17
CA ILE B 294 -14.11 -29.64 -9.12
C ILE B 294 -12.65 -29.53 -9.52
N LYS B 295 -12.36 -29.85 -10.77
CA LYS B 295 -11.03 -29.62 -11.33
C LYS B 295 -10.84 -28.13 -11.43
N PHE B 296 -9.62 -27.68 -11.19
CA PHE B 296 -9.22 -26.36 -11.62
C PHE B 296 -8.93 -26.37 -13.12
N GLN B 297 -8.95 -25.17 -13.71
CA GLN B 297 -8.57 -24.96 -15.10
C GLN B 297 -7.11 -25.36 -15.31
N ALA B 298 -6.22 -24.83 -14.49
CA ALA B 298 -4.82 -25.25 -14.46
C ALA B 298 -4.63 -26.29 -13.35
N PHE B 299 -4.00 -27.41 -13.67
CA PHE B 299 -3.73 -28.48 -12.72
C PHE B 299 -2.90 -27.99 -11.53
N HIS B 300 -1.86 -27.22 -11.79
CA HIS B 300 -0.97 -26.72 -10.72
C HIS B 300 -1.54 -25.62 -9.80
N GLU B 301 -2.79 -25.21 -9.99
CA GLU B 301 -3.37 -24.19 -9.11
C GLU B 301 -3.46 -24.65 -7.66
N PHE B 302 -3.79 -25.93 -7.45
CA PHE B 302 -3.90 -26.49 -6.10
C PHE B 302 -2.57 -26.34 -5.34
N GLN B 303 -1.50 -26.42 -6.12
CA GLN B 303 -0.17 -26.26 -5.61
C GLN B 303 0.09 -24.83 -5.13
N ASN B 304 -0.49 -23.83 -5.81
CA ASN B 304 -0.33 -22.43 -5.42
C ASN B 304 -1.11 -22.13 -4.16
N LEU B 305 -2.35 -22.61 -4.13
CA LEU B 305 -3.18 -22.53 -2.93
C LEU B 305 -2.53 -23.14 -1.72
N HIS B 306 -1.85 -24.27 -1.89
CA HIS B 306 -1.14 -24.85 -0.76
C HIS B 306 -0.14 -23.87 -0.16
N ALA B 307 0.61 -23.16 -1.00
CA ALA B 307 1.63 -22.22 -0.53
C ALA B 307 1.02 -20.99 0.15
N LEU B 308 -0.17 -20.66 -0.31
CA LEU B 308 -0.91 -19.54 0.14
C LEU B 308 -1.50 -19.86 1.51
N LYS B 309 -2.24 -20.95 1.63
CA LYS B 309 -2.81 -21.28 2.93
C LYS B 309 -1.76 -21.63 3.94
N LYS B 310 -0.63 -22.19 3.52
CA LYS B 310 0.43 -22.49 4.45
C LYS B 310 0.96 -21.22 5.08
N GLU B 311 0.89 -20.08 4.37
CA GLU B 311 1.31 -18.80 4.97
C GLU B 311 0.46 -18.39 6.15
N LYS B 312 -0.83 -18.62 6.06
CA LYS B 312 -1.74 -18.36 7.15
C LYS B 312 -1.43 -19.23 8.35
N ILE B 313 -1.12 -20.50 8.12
CA ILE B 313 -0.70 -21.36 9.21
C ILE B 313 0.58 -20.81 9.80
N ASN B 314 1.57 -20.52 8.97
CA ASN B 314 2.81 -19.92 9.46
C ASN B 314 2.60 -18.70 10.30
N ASP B 315 1.61 -17.91 9.93
CA ASP B 315 1.28 -16.74 10.72
C ASP B 315 0.77 -17.08 12.12
N PHE B 316 -0.09 -18.10 12.16
CA PHE B 316 -0.61 -18.59 13.41
C PHE B 316 0.49 -19.13 14.29
N VAL B 317 1.44 -19.81 13.67
CA VAL B 317 2.51 -20.46 14.39
C VAL B 317 3.48 -19.44 15.00
N ARG B 318 3.75 -18.36 14.29
CA ARG B 318 4.69 -17.33 14.77
C ARG B 318 4.17 -16.70 16.05
N GLY B 319 2.87 -16.46 16.07
CA GLY B 319 2.17 -16.00 17.26
C GLY B 319 2.28 -17.04 18.36
N HIS B 320 1.96 -18.30 18.03
CA HIS B 320 1.86 -19.37 19.03
C HIS B 320 3.14 -19.56 19.74
N PHE B 321 4.23 -19.45 19.02
CA PHE B 321 5.56 -19.65 19.57
C PHE B 321 6.26 -18.34 19.79
N HIS B 322 5.51 -17.25 19.94
CA HIS B 322 6.12 -15.95 20.18
C HIS B 322 6.98 -16.10 21.42
N GLY B 323 8.15 -15.46 21.43
CA GLY B 323 9.07 -15.59 22.55
C GLY B 323 9.90 -16.87 22.51
N CYS B 324 9.33 -17.96 21.99
CA CYS B 324 9.93 -19.27 21.98
C CYS B 324 10.14 -19.76 20.53
N PHE B 325 10.57 -18.88 19.62
CA PHE B 325 10.61 -19.24 18.18
C PHE B 325 12.01 -19.59 17.65
N ASP B 326 12.44 -20.83 17.90
CA ASP B 326 13.83 -21.29 17.60
C ASP B 326 14.02 -22.19 16.36
N PHE B 327 12.98 -22.36 15.56
CA PHE B 327 13.03 -23.24 14.40
C PHE B 327 12.73 -22.48 13.12
N ASP B 328 12.77 -23.18 11.99
CA ASP B 328 12.64 -22.57 10.67
C ASP B 328 11.43 -23.09 9.90
N LEU B 329 10.44 -22.21 9.69
CA LEU B 329 9.18 -22.59 9.03
C LEU B 329 9.37 -23.12 7.61
N ASP B 330 10.44 -22.69 6.95
CA ASP B 330 10.78 -23.17 5.62
C ASP B 330 11.02 -24.67 5.61
N ASN B 331 11.26 -25.22 6.79
CA ASN B 331 11.69 -26.57 6.96
C ASN B 331 10.87 -27.18 8.12
N THR B 332 9.56 -26.90 8.09
CA THR B 332 8.60 -27.29 9.12
C THR B 332 7.42 -27.90 8.39
N LEU B 333 6.92 -29.03 8.86
CA LEU B 333 5.82 -29.71 8.20
C LEU B 333 4.65 -29.67 9.14
N TYR B 334 3.45 -29.74 8.59
CA TYR B 334 2.23 -29.56 9.36
C TYR B 334 1.47 -30.87 9.20
N PHE B 335 1.38 -31.62 10.29
CA PHE B 335 0.55 -32.84 10.32
C PHE B 335 -0.68 -32.36 11.00
N PHE B 336 -1.83 -32.96 10.68
CA PHE B 336 -3.04 -32.69 11.43
C PHE B 336 -3.95 -33.89 11.46
N ILE B 337 -4.72 -34.02 12.55
CA ILE B 337 -5.82 -35.00 12.61
C ILE B 337 -7.11 -34.22 12.77
N ALA B 338 -8.21 -34.74 12.24
CA ALA B 338 -9.45 -34.06 12.41
C ALA B 338 -10.65 -34.95 12.35
N GLY B 339 -11.68 -34.49 13.05
CA GLY B 339 -12.99 -35.11 13.02
C GLY B 339 -13.69 -34.98 14.34
N ARG B 340 -14.86 -35.64 14.44
CA ARG B 340 -15.62 -35.75 15.68
C ARG B 340 -14.66 -36.27 16.75
N TYR B 341 -14.79 -35.77 17.98
CA TYR B 341 -13.96 -36.21 19.10
C TYR B 341 -14.37 -37.63 19.45
N GLU B 342 -13.78 -38.60 18.75
CA GLU B 342 -13.82 -39.99 19.16
C GLU B 342 -12.39 -40.43 19.45
N TYR B 343 -11.99 -40.29 20.69
CA TYR B 343 -10.60 -40.46 21.11
C TYR B 343 -9.99 -41.78 20.67
N LYS B 344 -10.79 -42.83 20.73
CA LYS B 344 -10.33 -44.17 20.43
C LYS B 344 -10.70 -44.57 19.00
N ASN B 345 -11.94 -44.36 18.56
CA ASN B 345 -12.31 -44.70 17.17
C ASN B 345 -11.68 -43.87 16.05
N LYS B 346 -11.29 -42.63 16.32
CA LYS B 346 -10.70 -41.80 15.28
C LYS B 346 -9.19 -41.86 15.30
N GLY B 347 -8.62 -42.45 16.34
CA GLY B 347 -7.18 -42.73 16.39
C GLY B 347 -6.35 -41.69 17.11
N ALA B 348 -6.98 -40.86 17.94
CA ALA B 348 -6.29 -39.76 18.59
C ALA B 348 -5.20 -40.27 19.48
N ASP B 349 -5.50 -41.37 20.19
CA ASP B 349 -4.52 -42.05 21.03
C ASP B 349 -3.24 -42.50 20.30
N MET B 350 -3.39 -43.20 19.16
CA MET B 350 -2.24 -43.65 18.38
C MET B 350 -1.46 -42.47 17.85
N PHE B 351 -2.19 -41.52 17.26
CA PHE B 351 -1.62 -40.30 16.75
C PHE B 351 -0.70 -39.66 17.76
N ILE B 352 -1.22 -39.47 18.98
CA ILE B 352 -0.44 -38.81 20.03
C ILE B 352 0.76 -39.64 20.42
N GLU B 353 0.52 -40.92 20.70
CA GLU B 353 1.58 -41.90 20.99
C GLU B 353 2.66 -41.94 19.90
N ALA B 354 2.23 -42.14 18.64
CA ALA B 354 3.10 -42.15 17.46
C ALA B 354 3.97 -40.92 17.39
N LEU B 355 3.35 -39.75 17.55
CA LEU B 355 4.09 -38.49 17.52
C LEU B 355 5.18 -38.42 18.58
N ALA B 356 4.88 -38.95 19.77
CA ALA B 356 5.85 -38.96 20.86
C ALA B 356 7.07 -39.78 20.55
N ARG B 357 6.86 -40.85 19.78
CA ARG B 357 7.95 -41.71 19.31
C ARG B 357 8.67 -41.11 18.14
N LEU B 358 7.90 -40.50 17.23
CA LEU B 358 8.50 -39.74 16.15
C LEU B 358 9.44 -38.69 16.69
N ASN B 359 9.03 -38.02 17.76
CA ASN B 359 9.85 -37.00 18.37
C ASN B 359 11.20 -37.57 18.79
N TYR B 360 11.17 -38.77 19.39
CA TYR B 360 12.41 -39.45 19.82
C TYR B 360 13.31 -39.76 18.64
N ARG B 361 12.73 -40.30 17.57
CA ARG B 361 13.50 -40.59 16.37
C ARG B 361 14.18 -39.34 15.80
N LEU B 362 13.44 -38.25 15.68
CA LEU B 362 13.97 -37.07 15.03
C LEU B 362 15.10 -36.41 15.84
N LYS B 363 14.97 -36.45 17.17
CA LYS B 363 16.04 -35.98 18.07
C LYS B 363 17.33 -36.81 17.95
N VAL B 364 17.16 -38.14 18.00
CA VAL B 364 18.25 -39.14 17.78
C VAL B 364 19.01 -38.96 16.44
N SER B 365 18.30 -38.72 15.35
CA SER B 365 18.94 -38.58 14.05
C SER B 365 19.60 -37.21 13.78
N GLY B 366 19.54 -36.29 14.74
CA GLY B 366 20.03 -34.91 14.55
C GLY B 366 19.37 -34.13 13.42
N SER B 367 18.13 -34.46 13.10
CA SER B 367 17.40 -33.81 12.00
C SER B 367 17.06 -32.41 12.43
N LYS B 368 17.15 -31.49 11.50
CA LYS B 368 16.81 -30.09 11.79
C LYS B 368 15.34 -29.74 11.46
N LYS B 369 14.57 -30.68 10.91
CA LYS B 369 13.16 -30.45 10.61
C LYS B 369 12.31 -30.37 11.87
N THR B 370 11.12 -29.81 11.72
CA THR B 370 10.16 -29.73 12.81
C THR B 370 8.77 -30.13 12.34
N VAL B 371 8.05 -30.90 13.15
CA VAL B 371 6.66 -31.24 12.86
C VAL B 371 5.78 -30.47 13.85
N VAL B 372 4.82 -29.70 13.36
CA VAL B 372 3.86 -29.04 14.19
C VAL B 372 2.56 -29.82 13.92
N ALA B 373 2.12 -30.59 14.89
CA ALA B 373 0.91 -31.42 14.71
C ALA B 373 -0.35 -30.77 15.29
N PHE B 374 -1.39 -30.66 14.45
CA PHE B 374 -2.65 -30.08 14.83
C PHE B 374 -3.67 -31.14 15.15
N ILE B 375 -4.44 -30.92 16.22
CA ILE B 375 -5.61 -31.76 16.55
C ILE B 375 -6.86 -30.89 16.50
N VAL B 376 -7.73 -31.18 15.55
CA VAL B 376 -8.89 -30.37 15.28
C VAL B 376 -10.10 -31.24 15.54
N MET B 377 -10.48 -31.30 16.82
CA MET B 377 -11.62 -32.10 17.28
C MET B 377 -12.39 -31.29 18.31
N PRO B 378 -13.69 -31.05 18.07
CA PRO B 378 -14.46 -30.22 18.98
C PRO B 378 -14.65 -30.82 20.35
N ALA B 379 -14.31 -30.04 21.37
CA ALA B 379 -14.54 -30.35 22.78
C ALA B 379 -15.26 -29.16 23.43
N LYS B 380 -15.95 -29.39 24.55
CA LYS B 380 -16.58 -28.29 25.27
C LYS B 380 -15.50 -27.35 25.73
N ASN B 381 -15.67 -26.06 25.43
CA ASN B 381 -14.67 -25.05 25.80
C ASN B 381 -15.32 -23.71 26.17
N ASN B 382 -14.53 -22.78 26.69
CA ASN B 382 -14.97 -21.39 26.94
C ASN B 382 -14.11 -20.45 26.08
N SER B 383 -14.25 -20.65 24.78
CA SER B 383 -13.57 -19.86 23.75
C SER B 383 -12.06 -19.90 23.87
N PHE B 384 -11.42 -19.01 23.13
CA PHE B 384 -9.98 -18.90 23.05
C PHE B 384 -9.44 -18.38 24.34
N THR B 385 -8.15 -18.59 24.50
CA THR B 385 -7.45 -18.08 25.66
C THR B 385 -7.02 -16.64 25.39
N VAL B 386 -6.76 -15.91 26.46
CA VAL B 386 -6.11 -14.62 26.39
C VAL B 386 -4.73 -14.75 25.77
N GLU B 387 -4.03 -15.85 26.07
CA GLU B 387 -2.67 -16.02 25.57
C GLU B 387 -2.63 -16.18 24.07
N ALA B 388 -3.65 -16.83 23.52
CA ALA B 388 -3.67 -17.11 22.10
C ALA B 388 -3.86 -15.81 21.34
N LEU B 389 -4.81 -15.03 21.80
CA LEU B 389 -5.12 -13.75 21.20
C LEU B 389 -4.04 -12.69 21.42
N LYS B 390 -3.40 -12.68 22.59
CA LYS B 390 -2.32 -11.71 22.82
C LYS B 390 -1.15 -11.90 21.88
N GLY B 391 -0.75 -13.13 21.67
CA GLY B 391 0.36 -13.43 20.80
C GLY B 391 0.14 -13.00 19.36
N GLN B 392 -1.04 -13.23 18.78
CA GLN B 392 -1.31 -12.79 17.40
C GLN B 392 -1.12 -11.31 17.35
N ALA B 393 -1.74 -10.62 18.31
CA ALA B 393 -1.70 -9.18 18.36
C ALA B 393 -0.30 -8.63 18.51
N GLU B 394 0.49 -9.27 19.36
CA GLU B 394 1.86 -8.82 19.62
C GLU B 394 2.72 -8.95 18.38
N VAL B 395 2.50 -10.04 17.64
CA VAL B 395 3.21 -10.31 16.38
C VAL B 395 2.72 -9.33 15.34
N ARG B 396 1.40 -9.18 15.27
CA ARG B 396 0.75 -8.25 14.34
C ARG B 396 1.27 -6.83 14.54
N ALA B 397 1.53 -6.45 15.78
CA ALA B 397 2.15 -5.17 16.09
C ALA B 397 3.60 -5.10 15.64
N LEU B 398 4.35 -6.20 15.70
CA LEU B 398 5.71 -6.22 15.16
C LEU B 398 5.71 -6.07 13.65
N GLU B 399 4.77 -6.71 12.97
CA GLU B 399 4.65 -6.56 11.53
C GLU B 399 4.48 -5.11 11.12
N ASN B 400 3.60 -4.39 11.80
CA ASN B 400 3.32 -3.00 11.41
C ASN B 400 4.45 -2.07 11.75
N THR B 401 5.09 -2.29 12.88
CA THR B 401 6.25 -1.49 13.22
C THR B 401 7.37 -1.66 12.17
N VAL B 402 7.54 -2.88 11.63
CA VAL B 402 8.53 -3.15 10.59
C VAL B 402 8.14 -2.45 9.30
N HIS B 403 6.85 -2.52 8.94
CA HIS B 403 6.37 -1.82 7.74
C HIS B 403 6.60 -0.33 7.83
N GLU B 404 6.52 0.20 9.04
CA GLU B 404 6.81 1.60 9.29
C GLU B 404 8.30 1.88 9.16
N VAL B 405 9.14 1.00 9.69
CA VAL B 405 10.60 1.18 9.60
C VAL B 405 11.11 0.98 8.19
N THR B 406 10.54 0.04 7.43
CA THR B 406 11.00 -0.20 6.04
C THR B 406 10.67 0.94 5.11
N THR B 407 9.49 1.57 5.27
CA THR B 407 9.22 2.77 4.48
C THR B 407 10.24 3.90 4.77
N SER B 408 10.72 4.04 6.01
CA SER B 408 11.81 5.00 6.31
C SER B 408 13.09 4.62 5.63
N ILE B 409 13.47 3.34 5.71
CA ILE B 409 14.68 2.84 5.05
C ILE B 409 14.56 3.18 3.57
N GLY B 410 13.39 2.90 3.00
CA GLY B 410 13.08 3.21 1.60
C GLY B 410 13.41 4.62 1.17
N LYS B 411 12.91 5.60 1.91
CA LYS B 411 13.22 6.99 1.66
C LYS B 411 14.73 7.18 1.59
N ARG B 412 15.45 6.67 2.57
CA ARG B 412 16.87 6.90 2.66
C ARG B 412 17.67 6.22 1.53
N ILE B 413 17.21 5.04 1.09
CA ILE B 413 17.86 4.30 -0.01
C ILE B 413 17.64 5.07 -1.27
N PHE B 414 16.38 5.40 -1.52
CA PHE B 414 15.98 6.18 -2.67
C PHE B 414 16.82 7.43 -2.82
N ASP B 415 17.06 8.12 -1.71
CA ASP B 415 17.73 9.39 -1.75
C ASP B 415 19.17 9.25 -2.16
N HIS B 416 19.82 8.26 -1.57
CA HIS B 416 21.17 7.85 -1.94
C HIS B 416 21.30 7.49 -3.43
N ALA B 417 20.32 6.77 -3.96
CA ALA B 417 20.33 6.37 -5.37
C ALA B 417 20.21 7.52 -6.36
N ILE B 418 19.43 8.56 -6.06
CA ILE B 418 19.28 9.68 -7.00
C ILE B 418 20.36 10.75 -6.91
N ARG B 419 21.16 10.77 -5.85
CA ARG B 419 22.43 11.52 -5.91
C ARG B 419 23.61 10.54 -6.06
N TYR B 420 23.60 9.81 -7.17
CA TYR B 420 24.35 8.57 -7.33
C TYR B 420 25.88 8.67 -7.34
N PRO B 421 26.41 9.89 -7.67
CA PRO B 421 27.78 10.28 -7.33
C PRO B 421 27.95 11.63 -6.61
N HIS B 422 26.87 12.36 -6.35
CA HIS B 422 26.98 13.73 -5.84
C HIS B 422 27.02 13.83 -4.31
N ASN B 423 27.45 14.99 -3.82
CA ASN B 423 27.51 15.29 -2.39
C ASN B 423 28.27 14.27 -1.58
N GLY B 424 29.46 13.92 -2.07
CA GLY B 424 30.34 12.99 -1.37
C GLY B 424 29.99 11.51 -1.44
N LEU B 425 28.88 11.15 -2.09
CA LEU B 425 28.47 9.76 -2.19
C LEU B 425 29.39 9.04 -3.19
N THR B 426 30.30 8.22 -2.67
CA THR B 426 31.33 7.55 -3.47
C THR B 426 30.89 6.18 -4.01
N THR B 427 29.89 5.57 -3.36
CA THR B 427 29.36 4.24 -3.69
C THR B 427 27.92 4.39 -4.15
N GLU B 428 27.47 3.58 -5.10
CA GLU B 428 26.10 3.69 -5.62
C GLU B 428 25.04 3.48 -4.56
N LEU B 429 25.26 2.47 -3.72
CA LEU B 429 24.33 2.08 -2.68
C LEU B 429 24.91 2.37 -1.30
N PRO B 430 24.03 2.47 -0.29
CA PRO B 430 24.47 2.47 1.10
C PRO B 430 25.27 1.23 1.51
N THR B 431 26.15 1.44 2.47
CA THR B 431 27.26 0.54 2.77
C THR B 431 27.22 0.19 4.24
N ASP B 432 27.28 1.20 5.10
CA ASP B 432 26.93 1.01 6.50
C ASP B 432 25.41 1.04 6.59
N LEU B 433 24.81 0.06 7.29
CA LEU B 433 23.49 0.28 7.92
C LEU B 433 23.77 1.48 8.81
N GLY B 434 22.74 2.11 9.35
CA GLY B 434 22.97 3.32 10.16
C GLY B 434 22.84 4.57 9.32
N GLU B 435 23.21 4.49 8.05
CA GLU B 435 22.65 5.38 7.03
C GLU B 435 21.14 5.16 6.89
N LEU B 436 20.69 3.90 7.01
CA LEU B 436 19.28 3.53 6.83
C LEU B 436 18.48 3.34 8.15
N LEU B 437 19.05 2.60 9.11
CA LEU B 437 18.46 2.44 10.47
C LEU B 437 18.89 3.52 11.46
N LYS B 438 18.04 4.53 11.61
CA LYS B 438 18.26 5.60 12.60
C LYS B 438 17.74 5.13 13.98
N SER B 439 18.28 5.69 15.06
CA SER B 439 18.01 5.17 16.40
C SER B 439 16.55 5.25 16.91
N SER B 440 15.74 6.15 16.39
CA SER B 440 14.30 6.11 16.74
C SER B 440 13.62 4.83 16.22
N ASP B 441 14.06 4.35 15.06
CA ASP B 441 13.54 3.13 14.44
C ASP B 441 13.92 1.92 15.31
N LYS B 442 15.16 1.91 15.74
CA LYS B 442 15.69 0.88 16.65
C LYS B 442 14.91 0.74 17.94
N VAL B 443 14.49 1.85 18.52
CA VAL B 443 13.76 1.82 19.77
C VAL B 443 12.40 1.14 19.62
N MET B 444 11.68 1.39 18.53
CA MET B 444 10.32 0.86 18.45
C MET B 444 10.37 -0.63 18.08
N LEU B 445 11.32 -1.01 17.24
CA LEU B 445 11.54 -2.42 16.99
C LEU B 445 11.90 -3.19 18.25
N LYS B 446 12.83 -2.65 19.03
CA LYS B 446 13.21 -3.26 20.29
C LYS B 446 12.07 -3.36 21.28
N ARG B 447 11.22 -2.34 21.34
CA ARG B 447 10.02 -2.39 22.16
C ARG B 447 9.07 -3.49 21.72
N ARG B 448 8.84 -3.60 20.42
CA ARG B 448 7.95 -4.65 19.90
C ARG B 448 8.46 -6.03 20.20
N ILE B 449 9.79 -6.18 20.18
CA ILE B 449 10.46 -7.43 20.51
C ILE B 449 10.22 -7.78 21.96
N LEU B 450 10.52 -6.84 22.86
CA LEU B 450 10.17 -7.00 24.29
C LEU B 450 8.73 -7.49 24.56
N ALA B 451 7.75 -6.97 23.84
CA ALA B 451 6.37 -7.41 24.02
C ALA B 451 6.15 -8.87 23.74
N LEU B 452 7.02 -9.46 22.90
CA LEU B 452 6.95 -10.87 22.49
C LEU B 452 7.64 -11.84 23.45
N ARG B 453 8.49 -11.32 24.33
CA ARG B 453 9.11 -12.11 25.39
C ARG B 453 8.04 -12.84 26.18
N ARG B 454 8.33 -14.07 26.57
CA ARG B 454 7.49 -14.75 27.56
C ARG B 454 8.31 -15.08 28.81
N PRO B 455 7.62 -15.17 29.96
CA PRO B 455 8.24 -15.37 31.27
C PRO B 455 9.31 -16.43 31.26
N GLU B 456 10.36 -16.25 32.06
CA GLU B 456 11.40 -17.30 32.26
C GLU B 456 10.72 -18.66 32.45
N GLY B 457 11.03 -19.59 31.52
CA GLY B 457 10.58 -20.98 31.56
C GLY B 457 9.14 -21.27 31.14
N GLN B 458 8.43 -20.32 30.56
CA GLN B 458 7.10 -20.59 30.04
C GLN B 458 7.26 -21.24 28.66
N LEU B 459 6.48 -22.27 28.39
CA LEU B 459 6.51 -22.96 27.10
C LEU B 459 5.25 -22.70 26.30
N PRO B 460 5.35 -22.72 24.96
CA PRO B 460 4.15 -22.51 24.13
C PRO B 460 3.10 -23.55 24.45
N PRO B 461 1.83 -23.13 24.64
CA PRO B 461 0.82 -24.09 25.10
C PRO B 461 0.57 -25.22 24.13
N ILE B 462 -0.02 -26.28 24.65
CA ILE B 462 -0.49 -27.38 23.83
C ILE B 462 -1.98 -27.21 23.46
N VAL B 463 -2.61 -26.12 23.86
CA VAL B 463 -4.02 -25.91 23.53
C VAL B 463 -4.33 -24.43 23.26
N THR B 464 -5.26 -24.16 22.37
CA THR B 464 -5.64 -22.76 22.10
C THR B 464 -6.83 -22.20 22.90
N HIS B 465 -7.50 -23.05 23.68
CA HIS B 465 -8.77 -22.74 24.31
C HIS B 465 -8.69 -22.96 25.79
N ASN B 466 -9.56 -22.27 26.51
CA ASN B 466 -9.87 -22.64 27.87
C ASN B 466 -10.88 -23.77 27.75
N MET B 467 -10.56 -24.90 28.36
CA MET B 467 -11.43 -26.08 28.28
C MET B 467 -12.41 -26.05 29.44
N VAL B 468 -13.56 -26.68 29.27
CA VAL B 468 -14.52 -26.87 30.36
C VAL B 468 -13.93 -27.88 31.37
N ASP B 469 -13.79 -29.12 30.97
CA ASP B 469 -13.27 -30.13 31.88
C ASP B 469 -11.83 -30.53 31.54
N ASP B 470 -10.90 -29.61 31.80
CA ASP B 470 -9.49 -29.75 31.35
C ASP B 470 -8.82 -31.03 31.90
N ALA B 471 -8.92 -31.25 33.20
CA ALA B 471 -8.30 -32.40 33.86
C ALA B 471 -8.83 -33.76 33.44
N ASN B 472 -10.07 -33.85 32.99
CA ASN B 472 -10.56 -35.13 32.43
C ASN B 472 -10.50 -35.25 30.90
N ASP B 473 -9.95 -34.27 30.19
CA ASP B 473 -10.02 -34.33 28.75
C ASP B 473 -9.06 -35.43 28.24
N LEU B 474 -9.60 -36.36 27.47
CA LEU B 474 -8.79 -37.48 27.02
C LEU B 474 -7.54 -37.06 26.23
N ILE B 475 -7.71 -36.14 25.30
CA ILE B 475 -6.62 -35.74 24.41
C ILE B 475 -5.51 -35.04 25.17
N LEU B 476 -5.89 -34.08 26.00
CA LEU B 476 -4.90 -33.35 26.78
C LEU B 476 -4.18 -34.27 27.76
N ASN B 477 -4.93 -35.17 28.40
CA ASN B 477 -4.33 -36.11 29.34
C ASN B 477 -3.30 -36.95 28.65
N LYS B 478 -3.65 -37.41 27.44
CA LYS B 478 -2.76 -38.20 26.62
C LYS B 478 -1.50 -37.43 26.22
N ILE B 479 -1.62 -36.14 25.88
CA ILE B 479 -0.45 -35.32 25.53
C ILE B 479 0.45 -35.09 26.75
N ARG B 480 -0.17 -34.86 27.90
CA ARG B 480 0.56 -34.62 29.15
C ARG B 480 1.22 -35.86 29.64
N GLN B 481 0.59 -36.99 29.35
CA GLN B 481 1.12 -38.30 29.67
C GLN B 481 2.42 -38.61 28.93
N VAL B 482 2.42 -38.44 27.60
CA VAL B 482 3.62 -38.63 26.75
C VAL B 482 4.60 -37.43 26.77
N GLN B 483 4.22 -36.37 27.45
CA GLN B 483 5.07 -35.20 27.70
C GLN B 483 5.48 -34.35 26.49
N LEU B 484 4.61 -34.25 25.49
CA LEU B 484 4.81 -33.31 24.40
C LEU B 484 4.33 -31.91 24.82
N PHE B 485 5.26 -31.11 25.35
CA PHE B 485 4.98 -29.80 25.90
C PHE B 485 5.63 -28.66 25.09
N ASN B 486 5.87 -28.91 23.81
CA ASN B 486 6.44 -27.89 22.93
C ASN B 486 7.66 -27.21 23.54
N SER B 487 8.55 -27.98 24.14
CA SER B 487 9.80 -27.41 24.61
C SER B 487 10.77 -27.31 23.45
N PRO B 488 11.77 -26.43 23.54
CA PRO B 488 12.61 -26.14 22.38
C PRO B 488 13.24 -27.37 21.73
N SER B 489 13.73 -28.28 22.55
CA SER B 489 14.39 -29.50 22.04
C SER B 489 13.44 -30.47 21.32
N ASP B 490 12.17 -30.52 21.70
CA ASP B 490 11.20 -31.32 20.96
C ASP B 490 11.12 -30.88 19.49
N ARG B 491 11.20 -31.83 18.58
CA ARG B 491 11.09 -31.58 17.15
C ARG B 491 9.64 -31.75 16.72
N VAL B 492 8.82 -32.37 17.57
CA VAL B 492 7.40 -32.44 17.31
C VAL B 492 6.76 -31.47 18.27
N LYS B 493 5.86 -30.63 17.75
CA LYS B 493 5.05 -29.73 18.57
C LYS B 493 3.59 -30.14 18.52
N MET B 494 2.90 -29.96 19.64
CA MET B 494 1.48 -30.27 19.77
C MET B 494 0.66 -29.01 19.88
N ILE B 495 -0.47 -28.99 19.17
CA ILE B 495 -1.46 -27.94 19.25
C ILE B 495 -2.84 -28.57 19.12
N PHE B 496 -3.53 -28.69 20.25
CA PHE B 496 -4.93 -29.09 20.28
C PHE B 496 -5.74 -27.84 20.07
N HIS B 497 -6.65 -27.87 19.10
CA HIS B 497 -7.54 -26.75 18.84
C HIS B 497 -8.93 -27.33 18.95
N PRO B 498 -9.55 -27.29 20.15
CA PRO B 498 -10.78 -28.06 20.42
C PRO B 498 -12.03 -27.48 19.79
N GLU B 499 -11.97 -27.17 18.51
CA GLU B 499 -13.10 -26.59 17.80
C GLU B 499 -12.95 -26.57 16.30
N PHE B 500 -14.06 -26.71 15.61
CA PHE B 500 -14.06 -26.77 14.17
C PHE B 500 -13.49 -25.48 13.57
N LEU B 501 -12.67 -25.62 12.55
CA LEU B 501 -12.05 -24.45 11.97
C LEU B 501 -13.10 -23.70 11.19
N ASN B 502 -12.97 -22.39 11.27
CA ASN B 502 -13.83 -21.50 10.54
C ASN B 502 -13.06 -20.25 10.22
N ALA B 503 -13.33 -19.68 9.06
CA ALA B 503 -12.62 -18.48 8.60
C ALA B 503 -12.87 -17.25 9.48
N ASN B 504 -13.95 -17.26 10.27
CA ASN B 504 -14.19 -16.23 11.27
C ASN B 504 -13.44 -16.40 12.58
N ASN B 505 -12.82 -17.55 12.86
CA ASN B 505 -11.92 -17.65 14.03
C ASN B 505 -10.93 -16.48 14.00
N PRO B 506 -10.63 -15.89 15.14
CA PRO B 506 -9.70 -14.78 15.20
C PRO B 506 -8.23 -15.14 15.35
N ILE B 507 -7.86 -16.39 15.63
CA ILE B 507 -6.41 -16.73 15.71
C ILE B 507 -5.87 -17.45 14.49
N LEU B 508 -6.68 -18.34 13.91
CA LEU B 508 -6.28 -19.13 12.74
C LEU B 508 -7.43 -19.07 11.77
N GLY B 509 -7.42 -18.02 10.97
CA GLY B 509 -8.62 -17.61 10.26
C GLY B 509 -8.82 -18.33 8.95
N LEU B 510 -9.06 -19.63 9.02
CA LEU B 510 -9.14 -20.49 7.86
C LEU B 510 -10.32 -21.40 7.96
N ASP B 511 -11.06 -21.55 6.87
CA ASP B 511 -12.03 -22.63 6.76
C ASP B 511 -11.29 -23.94 6.69
N TYR B 512 -11.99 -25.03 6.96
CA TYR B 512 -11.35 -26.34 7.09
C TYR B 512 -10.59 -26.73 5.84
N ASP B 513 -11.30 -26.67 4.70
CA ASP B 513 -10.72 -26.99 3.40
C ASP B 513 -9.46 -26.17 3.14
N GLU B 514 -9.47 -24.87 3.47
CA GLU B 514 -8.28 -24.04 3.32
C GLU B 514 -7.14 -24.57 4.20
N PHE B 515 -7.45 -24.82 5.48
CA PHE B 515 -6.45 -25.37 6.42
C PHE B 515 -5.78 -26.66 5.91
N VAL B 516 -6.60 -27.58 5.40
CA VAL B 516 -6.10 -28.85 4.90
C VAL B 516 -5.08 -28.58 3.81
N ARG B 517 -5.47 -27.76 2.84
CA ARG B 517 -4.61 -27.43 1.72
C ARG B 517 -3.25 -26.91 2.11
N GLY B 518 -3.19 -26.12 3.17
CA GLY B 518 -1.92 -25.60 3.65
C GLY B 518 -1.09 -26.61 4.39
N CYS B 519 -1.70 -27.66 4.93
CA CYS B 519 -0.94 -28.67 5.70
C CYS B 519 -0.24 -29.58 4.75
N HIS B 520 0.71 -30.35 5.27
CA HIS B 520 1.48 -31.31 4.48
C HIS B 520 1.02 -32.76 4.53
N LEU B 521 0.41 -33.18 5.64
CA LEU B 521 0.05 -34.57 5.84
C LEU B 521 -1.13 -34.74 6.79
N GLY B 522 -2.20 -35.35 6.31
CA GLY B 522 -3.29 -35.81 7.18
C GLY B 522 -2.92 -37.14 7.85
N VAL B 523 -3.35 -37.33 9.10
CA VAL B 523 -3.05 -38.56 9.83
C VAL B 523 -4.29 -39.02 10.55
N PHE B 524 -4.94 -40.05 10.01
CA PHE B 524 -6.28 -40.46 10.44
C PHE B 524 -6.32 -41.97 10.79
N PRO B 525 -5.69 -42.36 11.92
CA PRO B 525 -5.47 -43.76 12.27
C PRO B 525 -6.73 -44.40 12.85
N SER B 526 -7.77 -44.39 12.05
CA SER B 526 -9.10 -44.71 12.56
C SER B 526 -9.24 -46.18 12.88
N TYR B 527 -10.11 -46.52 13.84
CA TYR B 527 -10.39 -47.90 14.23
C TYR B 527 -11.75 -48.36 13.77
N TYR B 528 -12.78 -47.54 13.94
CA TYR B 528 -14.10 -47.80 13.37
C TYR B 528 -14.49 -46.60 12.52
N GLU B 529 -14.64 -46.80 11.23
CA GLU B 529 -14.84 -45.70 10.27
C GLU B 529 -15.33 -46.37 8.96
N PRO B 530 -16.65 -46.61 8.85
CA PRO B 530 -17.22 -47.29 7.69
C PRO B 530 -16.88 -46.67 6.37
N TRP B 531 -16.70 -45.36 6.28
CA TRP B 531 -16.13 -44.75 5.08
C TRP B 531 -14.85 -43.94 5.31
N GLY B 532 -14.91 -42.77 5.92
CA GLY B 532 -13.65 -42.01 6.04
C GLY B 532 -13.58 -40.94 4.97
N TYR B 533 -14.46 -39.98 5.17
CA TYR B 533 -14.61 -38.82 4.37
C TYR B 533 -13.39 -37.96 4.55
N THR B 534 -12.87 -37.92 5.78
CA THR B 534 -11.78 -37.04 6.13
C THR B 534 -10.54 -37.24 5.26
N PRO B 535 -10.00 -38.48 5.17
CA PRO B 535 -8.84 -38.68 4.28
C PRO B 535 -9.19 -38.66 2.79
N ALA B 536 -10.45 -38.93 2.45
CA ALA B 536 -10.86 -38.89 1.06
C ALA B 536 -10.87 -37.44 0.58
N GLU B 537 -11.40 -36.54 1.42
CA GLU B 537 -11.36 -35.10 1.15
C GLU B 537 -9.93 -34.61 1.16
N CYS B 538 -9.16 -35.04 2.14
CA CYS B 538 -7.76 -34.68 2.23
C CYS B 538 -7.02 -35.00 0.92
N THR B 539 -7.38 -36.15 0.35
CA THR B 539 -6.80 -36.65 -0.89
C THR B 539 -7.23 -35.82 -2.11
N VAL B 540 -8.49 -35.39 -2.13
CA VAL B 540 -9.01 -34.45 -3.15
C VAL B 540 -8.27 -33.13 -3.17
N MET B 541 -7.81 -32.66 -2.00
CA MET B 541 -7.01 -31.44 -1.90
C MET B 541 -5.51 -31.62 -2.21
N GLY B 542 -5.10 -32.78 -2.71
CA GLY B 542 -3.69 -33.02 -3.02
C GLY B 542 -2.77 -33.22 -1.83
N VAL B 543 -3.33 -33.68 -0.71
CA VAL B 543 -2.60 -33.81 0.53
C VAL B 543 -2.50 -35.28 0.89
N PRO B 544 -1.26 -35.78 1.05
CA PRO B 544 -1.09 -37.15 1.47
C PRO B 544 -1.74 -37.41 2.83
N SER B 545 -2.19 -38.64 3.04
CA SER B 545 -2.83 -38.98 4.31
C SER B 545 -2.53 -40.42 4.72
N ILE B 546 -2.37 -40.61 6.03
CA ILE B 546 -2.22 -41.93 6.61
C ILE B 546 -3.62 -42.41 6.97
N THR B 547 -4.01 -43.59 6.53
CA THR B 547 -5.29 -44.15 6.96
C THR B 547 -5.05 -45.55 7.52
N THR B 548 -6.12 -46.32 7.72
CA THR B 548 -5.96 -47.68 8.22
C THR B 548 -6.75 -48.63 7.35
N ASN B 549 -6.40 -49.90 7.41
CA ASN B 549 -7.11 -50.92 6.66
C ASN B 549 -8.47 -51.30 7.28
N VAL B 550 -8.82 -50.77 8.44
CA VAL B 550 -10.17 -50.93 9.00
C VAL B 550 -11.03 -49.69 8.80
N SER B 551 -10.45 -48.67 8.15
CA SER B 551 -11.20 -47.55 7.61
C SER B 551 -11.76 -47.93 6.26
N GLY B 552 -13.00 -47.59 5.98
CA GLY B 552 -13.57 -47.86 4.66
C GLY B 552 -12.81 -47.25 3.48
N PHE B 553 -12.13 -46.14 3.73
CA PHE B 553 -11.35 -45.47 2.69
C PHE B 553 -10.10 -46.27 2.45
N GLY B 554 -9.35 -46.53 3.51
CA GLY B 554 -8.14 -47.34 3.42
C GLY B 554 -8.37 -48.76 2.89
N SER B 555 -9.52 -49.36 3.24
CA SER B 555 -9.91 -50.66 2.71
C SER B 555 -10.09 -50.55 1.18
N TYR B 556 -10.81 -49.51 0.73
CA TYR B 556 -11.04 -49.30 -0.71
C TYR B 556 -9.74 -49.08 -1.48
N MET B 557 -8.84 -48.28 -0.92
CA MET B 557 -7.59 -47.92 -1.58
C MET B 557 -6.61 -49.06 -1.64
N GLU B 558 -6.56 -49.88 -0.59
CA GLU B 558 -5.65 -51.02 -0.58
C GLU B 558 -6.03 -52.09 -1.59
N ASP B 559 -7.33 -52.21 -1.89
CA ASP B 559 -7.84 -53.07 -2.98
C ASP B 559 -7.60 -52.50 -4.39
N LEU B 560 -7.32 -51.20 -4.51
CA LEU B 560 -7.06 -50.56 -5.81
C LEU B 560 -5.61 -50.32 -6.14
N ILE B 561 -4.76 -50.17 -5.12
CA ILE B 561 -3.34 -50.00 -5.33
C ILE B 561 -2.63 -50.90 -4.34
N GLU B 562 -1.56 -51.55 -4.81
CA GLU B 562 -0.69 -52.34 -3.93
C GLU B 562 0.06 -51.39 -2.96
N THR B 563 -0.10 -51.63 -1.64
CA THR B 563 0.14 -50.57 -0.62
C THR B 563 1.58 -50.07 -0.49
N ASN B 564 2.53 -50.68 -1.18
CA ASN B 564 3.89 -50.11 -1.28
C ASN B 564 3.92 -49.02 -2.37
N GLN B 565 3.33 -49.30 -3.53
CA GLN B 565 3.16 -48.30 -4.62
C GLN B 565 2.21 -47.13 -4.21
N ALA B 566 1.21 -47.41 -3.35
CA ALA B 566 0.27 -46.38 -2.86
C ALA B 566 0.91 -45.28 -2.05
N LYS B 567 2.03 -45.57 -1.38
CA LYS B 567 2.78 -44.54 -0.68
C LYS B 567 3.36 -43.47 -1.60
N ASP B 568 3.57 -43.79 -2.86
CA ASP B 568 4.03 -42.80 -3.82
C ASP B 568 2.91 -41.83 -4.21
N TYR B 569 1.66 -42.24 -4.06
CA TYR B 569 0.52 -41.36 -4.31
C TYR B 569 -0.04 -40.75 -3.02
N GLY B 570 0.80 -40.71 -1.97
CA GLY B 570 0.42 -40.19 -0.66
C GLY B 570 -0.73 -40.88 0.05
N ILE B 571 -0.80 -42.21 -0.02
CA ILE B 571 -1.81 -42.98 0.70
C ILE B 571 -1.09 -44.04 1.52
N TYR B 572 -0.80 -43.73 2.78
CA TYR B 572 -0.12 -44.64 3.68
C TYR B 572 -1.23 -45.38 4.43
N ILE B 573 -1.12 -46.71 4.56
CA ILE B 573 -2.19 -47.52 5.13
C ILE B 573 -1.64 -48.33 6.28
N VAL B 574 -2.11 -48.04 7.49
CA VAL B 574 -1.68 -48.74 8.71
C VAL B 574 -2.55 -49.96 8.91
N ASP B 575 -1.91 -51.10 9.15
CA ASP B 575 -2.57 -52.36 9.45
C ASP B 575 -3.06 -52.35 10.90
N ARG B 576 -4.37 -52.28 11.10
CA ARG B 576 -4.97 -52.29 12.43
C ARG B 576 -5.70 -53.59 12.68
N ARG B 577 -5.46 -54.58 11.83
CA ARG B 577 -6.31 -55.76 11.74
C ARG B 577 -5.55 -57.06 11.92
N PHE B 578 -4.38 -57.16 11.31
CA PHE B 578 -3.51 -58.31 11.44
C PHE B 578 -2.21 -57.90 12.11
N LYS B 579 -2.28 -56.91 13.01
CA LYS B 579 -1.12 -56.47 13.78
C LYS B 579 -1.58 -56.06 15.17
N ALA B 580 -0.72 -56.29 16.17
CA ALA B 580 -1.02 -55.89 17.54
C ALA B 580 -1.01 -54.38 17.62
N PRO B 581 -1.70 -53.83 18.61
CA PRO B 581 -1.66 -52.37 18.65
C PRO B 581 -0.25 -51.75 18.71
N ASP B 582 0.72 -52.37 19.38
CA ASP B 582 2.05 -51.75 19.43
C ASP B 582 2.80 -51.86 18.11
N GLU B 583 2.44 -52.84 17.28
CA GLU B 583 3.02 -52.94 15.95
C GLU B 583 2.39 -51.92 15.00
N SER B 584 1.06 -51.75 15.08
CA SER B 584 0.35 -50.68 14.37
C SER B 584 0.90 -49.30 14.66
N VAL B 585 1.24 -49.04 15.92
CA VAL B 585 1.78 -47.75 16.34
C VAL B 585 3.16 -47.51 15.74
N GLU B 586 4.05 -48.50 15.85
CA GLU B 586 5.39 -48.39 15.26
C GLU B 586 5.37 -48.25 13.74
N GLN B 587 4.40 -48.87 13.09
CA GLN B 587 4.22 -48.72 11.66
C GLN B 587 3.86 -47.29 11.29
N LEU B 588 2.91 -46.73 12.05
CA LEU B 588 2.49 -45.33 11.91
C LEU B 588 3.67 -44.38 12.12
N VAL B 589 4.56 -44.68 13.05
CA VAL B 589 5.75 -43.87 13.25
C VAL B 589 6.64 -43.98 12.05
N ASP B 590 6.81 -45.20 11.53
CA ASP B 590 7.64 -45.48 10.32
C ASP B 590 7.17 -44.63 9.12
N TYR B 591 5.87 -44.65 8.84
CA TYR B 591 5.31 -43.79 7.82
C TYR B 591 5.56 -42.29 8.03
N MET B 592 5.22 -41.77 9.20
CA MET B 592 5.52 -40.38 9.51
C MET B 592 6.99 -40.04 9.35
N GLU B 593 7.88 -40.89 9.85
CA GLU B 593 9.31 -40.63 9.74
C GLU B 593 9.75 -40.63 8.27
N GLU B 594 9.17 -41.53 7.49
CA GLU B 594 9.43 -41.66 6.06
C GLU B 594 9.13 -40.40 5.29
N PHE B 595 7.99 -39.80 5.60
CA PHE B 595 7.55 -38.55 5.02
C PHE B 595 8.40 -37.34 5.43
N VAL B 596 8.75 -37.26 6.70
CA VAL B 596 9.54 -36.14 7.21
C VAL B 596 10.85 -36.04 6.44
N LYS B 597 11.43 -37.21 6.15
CA LYS B 597 12.73 -37.37 5.49
C LYS B 597 12.77 -36.76 4.11
N LYS B 598 11.63 -36.81 3.39
CA LYS B 598 11.53 -36.27 2.03
C LYS B 598 12.00 -34.85 1.95
N THR B 599 12.45 -34.49 0.76
CA THR B 599 12.84 -33.13 0.39
C THR B 599 11.61 -32.43 -0.09
N ARG B 600 11.73 -31.11 -0.28
CA ARG B 600 10.66 -30.33 -0.89
C ARG B 600 10.25 -30.80 -2.29
N ARG B 601 11.23 -31.03 -3.17
CA ARG B 601 10.89 -31.52 -4.51
C ARG B 601 10.09 -32.82 -4.45
N GLN B 602 10.49 -33.72 -3.55
CA GLN B 602 9.80 -34.99 -3.37
C GLN B 602 8.36 -34.78 -2.90
N ARG B 603 8.18 -33.92 -1.89
CA ARG B 603 6.84 -33.57 -1.40
C ARG B 603 5.93 -33.01 -2.52
N ILE B 604 6.50 -32.05 -3.25
CA ILE B 604 5.75 -31.36 -4.31
C ILE B 604 5.20 -32.32 -5.35
N ASN B 605 6.04 -33.29 -5.73
CA ASN B 605 5.72 -34.28 -6.76
C ASN B 605 4.81 -35.36 -6.23
N GLN B 606 4.94 -35.68 -4.95
CA GLN B 606 4.01 -36.60 -4.30
C GLN B 606 2.61 -36.01 -4.31
N ARG B 607 2.52 -34.70 -4.00
CA ARG B 607 1.21 -34.05 -3.96
C ARG B 607 0.56 -34.08 -5.33
N ASN B 608 1.37 -33.90 -6.37
CA ASN B 608 0.91 -34.00 -7.76
C ASN B 608 0.33 -35.36 -8.01
N ARG B 609 1.02 -36.38 -7.53
CA ARG B 609 0.52 -37.73 -7.68
C ARG B 609 -0.77 -37.91 -6.87
N THR B 610 -0.79 -37.45 -5.63
CA THR B 610 -2.02 -37.51 -4.82
C THR B 610 -3.18 -36.79 -5.47
N GLU B 611 -2.88 -35.64 -6.07
CA GLU B 611 -3.88 -34.86 -6.77
C GLU B 611 -4.41 -35.61 -7.99
N ARG B 612 -3.51 -36.24 -8.78
CA ARG B 612 -3.94 -37.06 -9.96
C ARG B 612 -4.82 -38.26 -9.54
N LEU B 613 -4.60 -38.77 -8.34
CA LEU B 613 -5.38 -39.86 -7.75
C LEU B 613 -6.82 -39.53 -7.43
N SER B 614 -7.11 -38.25 -7.24
CA SER B 614 -8.45 -37.84 -6.83
C SER B 614 -9.53 -37.91 -7.93
N ASP B 615 -9.18 -38.38 -9.12
CA ASP B 615 -10.20 -38.74 -10.12
C ASP B 615 -10.90 -40.01 -9.74
N LEU B 616 -10.19 -40.90 -9.06
CA LEU B 616 -10.78 -42.16 -8.65
C LEU B 616 -11.90 -41.99 -7.64
N LEU B 617 -11.85 -40.88 -6.92
CA LEU B 617 -12.85 -40.56 -5.92
C LEU B 617 -13.97 -39.70 -6.48
N ASP B 618 -13.91 -39.36 -7.76
CA ASP B 618 -14.97 -38.56 -8.43
C ASP B 618 -16.19 -39.45 -8.66
N TRP B 619 -17.38 -38.85 -8.55
CA TRP B 619 -18.62 -39.57 -8.82
C TRP B 619 -18.71 -40.07 -10.26
N LYS B 620 -18.02 -39.39 -11.18
CA LYS B 620 -17.84 -39.90 -12.54
C LYS B 620 -17.44 -41.38 -12.58
N ARG B 621 -16.50 -41.77 -11.71
CA ARG B 621 -16.01 -43.14 -11.62
C ARG B 621 -16.72 -43.99 -10.57
N MET B 622 -16.94 -43.43 -9.39
CA MET B 622 -17.52 -44.20 -8.26
C MET B 622 -18.98 -44.52 -8.50
N GLY B 623 -19.67 -43.64 -9.25
CA GLY B 623 -21.08 -43.81 -9.59
C GLY B 623 -21.39 -45.01 -10.47
N LEU B 624 -20.37 -45.58 -11.10
CA LEU B 624 -20.50 -46.85 -11.83
C LEU B 624 -20.88 -47.99 -10.89
N GLU B 625 -20.39 -47.97 -9.66
CA GLU B 625 -20.74 -49.00 -8.70
C GLU B 625 -22.23 -48.94 -8.38
N TYR B 626 -22.80 -47.74 -8.30
CA TYR B 626 -24.25 -47.61 -8.17
C TYR B 626 -24.96 -48.19 -9.41
N VAL B 627 -24.39 -48.04 -10.61
CA VAL B 627 -24.99 -48.63 -11.82
C VAL B 627 -24.96 -50.15 -11.74
N LYS B 628 -23.80 -50.71 -11.39
CA LYS B 628 -23.65 -52.16 -11.25
C LYS B 628 -24.67 -52.73 -10.27
N ALA B 629 -24.97 -51.99 -9.20
CA ALA B 629 -25.96 -52.39 -8.19
C ALA B 629 -27.39 -52.37 -8.70
N ARG B 630 -27.73 -51.36 -9.48
CA ARG B 630 -29.06 -51.26 -10.08
C ARG B 630 -29.23 -52.29 -11.19
N GLN B 631 -28.16 -52.56 -11.94
CA GLN B 631 -28.19 -53.62 -12.96
C GLN B 631 -28.51 -54.95 -12.30
N LEU B 632 -27.73 -55.32 -11.28
CA LEU B 632 -27.95 -56.56 -10.52
C LEU B 632 -29.37 -56.67 -9.96
N ALA B 633 -29.95 -55.56 -9.54
CA ALA B 633 -31.33 -55.57 -9.04
C ALA B 633 -32.28 -56.04 -10.14
N LEU B 634 -32.18 -55.44 -11.32
CA LEU B 634 -33.04 -55.78 -12.46
C LEU B 634 -32.81 -57.22 -12.91
N ARG B 635 -31.54 -57.55 -13.17
CA ARG B 635 -31.07 -58.91 -13.46
C ARG B 635 -31.68 -60.00 -12.56
N ARG B 636 -31.87 -59.68 -11.28
CA ARG B 636 -32.48 -60.59 -10.29
C ARG B 636 -34.01 -60.60 -10.32
N GLY B 637 -34.61 -59.43 -10.46
CA GLY B 637 -36.07 -59.32 -10.48
C GLY B 637 -36.75 -59.85 -11.73
N TYR B 638 -36.04 -59.80 -12.86
CA TYR B 638 -36.61 -60.18 -14.16
C TYR B 638 -35.54 -60.94 -15.00
N PRO B 639 -35.17 -62.17 -14.59
CA PRO B 639 -34.04 -62.86 -15.25
C PRO B 639 -34.25 -63.12 -16.74
N ASP B 640 -35.42 -63.65 -17.10
CA ASP B 640 -35.76 -63.97 -18.50
C ASP B 640 -35.69 -62.77 -19.44
N GLN B 641 -36.20 -61.63 -18.98
CA GLN B 641 -36.12 -60.38 -19.76
C GLN B 641 -34.67 -59.91 -19.88
N PHE B 642 -33.88 -60.14 -18.84
CA PHE B 642 -32.47 -59.75 -18.81
C PHE B 642 -31.61 -60.66 -19.67
N ARG B 643 -31.79 -61.98 -19.52
CA ARG B 643 -31.09 -62.98 -20.36
C ARG B 643 -31.27 -62.70 -21.86
N GLU B 644 -32.52 -62.44 -22.24
CA GLU B 644 -32.85 -62.10 -23.62
C GLU B 644 -32.24 -60.76 -24.06
N LEU B 645 -32.37 -59.73 -23.22
CA LEU B 645 -31.88 -58.39 -23.58
C LEU B 645 -30.34 -58.34 -23.79
N VAL B 646 -29.61 -59.22 -23.13
CA VAL B 646 -28.14 -59.26 -23.20
C VAL B 646 -27.60 -60.30 -24.19
N GLY B 647 -28.37 -61.35 -24.47
CA GLY B 647 -27.97 -62.40 -25.41
C GLY B 647 -27.41 -63.65 -24.73
N GLU B 648 -26.88 -63.49 -23.52
CA GLU B 648 -26.38 -64.60 -22.71
C GLU B 648 -26.91 -64.48 -21.28
N GLU B 649 -26.97 -65.61 -20.59
CA GLU B 649 -27.26 -65.60 -19.16
C GLU B 649 -25.97 -65.21 -18.41
N LEU B 650 -25.92 -63.97 -17.92
CA LEU B 650 -24.79 -63.51 -17.12
C LEU B 650 -24.98 -63.92 -15.66
N ASN B 651 -23.87 -64.19 -14.98
CA ASN B 651 -23.86 -64.68 -13.59
C ASN B 651 -24.39 -63.62 -12.61
N ASP B 652 -25.24 -64.01 -11.65
CA ASP B 652 -25.97 -63.05 -10.77
C ASP B 652 -25.66 -63.09 -9.26
N SER B 653 -24.56 -63.72 -8.87
CA SER B 653 -24.23 -63.85 -7.45
C SER B 653 -23.49 -62.64 -6.89
N ASN B 654 -23.05 -61.72 -7.74
CA ASN B 654 -22.32 -60.51 -7.31
C ASN B 654 -22.68 -59.33 -8.19
N MET B 655 -22.30 -58.14 -7.74
CA MET B 655 -22.26 -56.96 -8.60
C MET B 655 -21.10 -57.08 -9.58
N ASP B 656 -19.98 -57.60 -9.07
CA ASP B 656 -18.77 -57.85 -9.87
C ASP B 656 -18.92 -58.94 -10.95
N ALA B 657 -19.89 -59.85 -10.75
CA ALA B 657 -20.14 -60.96 -11.68
C ALA B 657 -21.01 -60.56 -12.89
N LEU B 658 -21.41 -59.30 -12.97
CA LEU B 658 -21.86 -58.71 -14.22
C LEU B 658 -20.71 -57.81 -14.71
N ALA B 659 -19.60 -58.46 -15.07
CA ALA B 659 -18.43 -57.80 -15.66
C ALA B 659 -17.96 -58.59 -16.89
N SER C 22 57.47 -33.37 -23.69
CA SER C 22 56.16 -34.02 -23.38
C SER C 22 55.21 -33.09 -22.62
N ARG C 23 54.33 -32.44 -23.39
CA ARG C 23 53.23 -31.65 -22.86
C ARG C 23 52.11 -32.55 -22.30
N ASP C 24 51.36 -32.02 -21.35
CA ASP C 24 50.29 -32.76 -20.68
C ASP C 24 48.96 -32.57 -21.43
N LEU C 25 48.41 -33.67 -21.96
CA LEU C 25 47.16 -33.61 -22.73
C LEU C 25 45.90 -33.59 -21.89
N GLN C 26 45.97 -34.20 -20.70
CA GLN C 26 44.82 -34.23 -19.78
C GLN C 26 44.60 -32.89 -19.08
N ASN C 27 45.62 -32.42 -18.35
CA ASN C 27 45.61 -31.10 -17.72
C ASN C 27 46.09 -30.07 -18.74
N HIS C 28 45.15 -29.55 -19.54
CA HIS C 28 45.45 -28.57 -20.60
C HIS C 28 44.81 -27.23 -20.31
N LEU C 29 45.16 -26.23 -21.11
CA LEU C 29 44.50 -24.93 -21.06
C LEU C 29 43.49 -24.79 -22.19
N LEU C 30 42.53 -23.89 -21.98
CA LEU C 30 41.61 -23.51 -23.04
C LEU C 30 41.63 -21.99 -23.18
N PHE C 31 41.71 -21.51 -24.42
CA PHE C 31 41.53 -20.10 -24.74
C PHE C 31 40.47 -19.98 -25.81
N GLU C 32 39.33 -19.41 -25.44
CA GLU C 32 38.19 -19.29 -26.36
C GLU C 32 38.04 -17.82 -26.81
N THR C 33 38.40 -17.55 -28.07
CA THR C 33 38.46 -16.17 -28.59
C THR C 33 37.25 -15.86 -29.48
N ALA C 34 36.70 -14.66 -29.31
CA ALA C 34 35.49 -14.21 -30.05
C ALA C 34 35.27 -12.70 -29.89
N THR C 35 34.74 -12.05 -30.93
CA THR C 35 34.45 -10.61 -30.88
C THR C 35 33.39 -10.27 -29.84
N GLU C 36 32.37 -11.13 -29.70
CA GLU C 36 31.21 -10.84 -28.85
C GLU C 36 31.40 -11.30 -27.40
N VAL C 37 32.57 -11.05 -26.82
CA VAL C 37 32.83 -11.40 -25.43
C VAL C 37 31.99 -10.49 -24.52
N ALA C 38 32.43 -9.29 -24.26
CA ALA C 38 31.67 -8.41 -23.38
C ALA C 38 30.80 -7.43 -24.20
N ASN C 39 30.09 -7.97 -25.20
CA ASN C 39 29.05 -7.21 -25.92
C ASN C 39 28.16 -8.07 -26.80
N ARG C 40 26.87 -8.12 -26.44
CA ARG C 40 25.86 -8.77 -27.27
C ARG C 40 25.75 -8.07 -28.62
N VAL C 41 26.15 -8.79 -29.66
CA VAL C 41 25.80 -8.43 -31.02
C VAL C 41 24.64 -9.33 -31.49
N GLY C 42 24.73 -10.62 -31.18
CA GLY C 42 23.72 -11.60 -31.59
C GLY C 42 23.84 -12.90 -30.79
N GLY C 43 23.66 -14.03 -31.47
CA GLY C 43 23.64 -15.35 -30.83
C GLY C 43 24.97 -15.85 -30.27
N ILE C 44 26.10 -15.41 -30.81
CA ILE C 44 27.44 -15.83 -30.32
C ILE C 44 27.69 -15.35 -28.87
N TYR C 45 27.18 -14.18 -28.52
CA TYR C 45 27.14 -13.73 -27.12
C TYR C 45 26.41 -14.79 -26.29
N SER C 46 25.27 -15.23 -26.83
CA SER C 46 24.39 -16.18 -26.16
C SER C 46 24.99 -17.59 -26.02
N VAL C 47 25.91 -18.00 -26.91
CA VAL C 47 26.66 -19.26 -26.66
C VAL C 47 27.70 -19.02 -25.56
N LEU C 48 28.59 -18.05 -25.75
CA LEU C 48 29.76 -17.93 -24.89
C LEU C 48 29.35 -17.73 -23.44
N LYS C 49 28.30 -16.92 -23.24
CA LYS C 49 27.67 -16.71 -21.94
C LYS C 49 27.05 -18.00 -21.42
N SER C 50 26.00 -18.50 -22.07
CA SER C 50 25.24 -19.66 -21.55
C SER C 50 26.11 -20.91 -21.34
N LYS C 51 27.12 -21.07 -22.17
CA LYS C 51 28.09 -22.16 -22.10
C LYS C 51 29.13 -22.02 -20.95
N ALA C 52 29.26 -20.84 -20.35
CA ALA C 52 30.33 -20.58 -19.36
C ALA C 52 30.28 -21.41 -18.08
N PRO C 53 29.06 -21.74 -17.60
CA PRO C 53 28.96 -22.62 -16.42
C PRO C 53 29.64 -23.97 -16.57
N ILE C 54 29.22 -24.81 -17.52
CA ILE C 54 29.93 -26.12 -17.73
C ILE C 54 31.40 -25.96 -18.15
N THR C 55 31.73 -24.88 -18.86
CA THR C 55 33.12 -24.68 -19.25
C THR C 55 33.97 -24.41 -18.02
N VAL C 56 33.53 -23.50 -17.15
CA VAL C 56 34.24 -23.19 -15.89
C VAL C 56 34.28 -24.42 -14.96
N ALA C 57 33.13 -25.08 -14.83
CA ALA C 57 33.01 -26.25 -13.97
C ALA C 57 34.08 -27.29 -14.27
N GLN C 58 34.34 -27.53 -15.55
CA GLN C 58 35.34 -28.52 -15.99
C GLN C 58 36.78 -28.01 -15.89
N TYR C 59 37.00 -26.76 -16.29
CA TYR C 59 38.33 -26.17 -16.35
C TYR C 59 38.73 -25.32 -15.13
N LYS C 60 37.82 -25.05 -14.20
CA LYS C 60 38.09 -24.14 -13.06
C LYS C 60 38.98 -22.98 -13.55
N ASP C 61 40.23 -22.84 -13.06
CA ASP C 61 41.08 -21.67 -13.38
C ASP C 61 41.85 -21.69 -14.73
N HIS C 62 41.71 -22.75 -15.52
CA HIS C 62 42.48 -22.95 -16.79
C HIS C 62 41.83 -22.24 -18.03
N TYR C 63 40.54 -21.95 -17.93
CA TYR C 63 39.74 -21.36 -19.01
C TYR C 63 39.79 -19.84 -19.01
N HIS C 64 40.08 -19.26 -20.18
CA HIS C 64 39.98 -17.81 -20.40
C HIS C 64 39.30 -17.51 -21.73
N LEU C 65 38.28 -16.65 -21.70
CA LEU C 65 37.71 -16.06 -22.92
C LEU C 65 38.60 -14.90 -23.37
N ILE C 66 38.66 -14.65 -24.67
CA ILE C 66 39.48 -13.55 -25.23
C ILE C 66 38.69 -12.77 -26.26
N GLY C 67 38.85 -11.45 -26.25
CA GLY C 67 38.12 -10.59 -27.18
C GLY C 67 38.71 -9.21 -27.33
N PRO C 68 38.04 -8.34 -28.10
CA PRO C 68 38.38 -6.93 -28.22
C PRO C 68 37.74 -6.13 -27.09
N LEU C 69 38.47 -5.17 -26.53
CA LEU C 69 37.97 -4.35 -25.41
C LEU C 69 36.91 -3.37 -25.89
N ASN C 70 35.72 -3.44 -25.29
CA ASN C 70 34.65 -2.48 -25.58
C ASN C 70 34.84 -1.24 -24.68
N LYS C 71 35.78 -0.38 -25.09
CA LYS C 71 36.03 0.93 -24.48
C LYS C 71 34.78 1.62 -23.91
N ALA C 72 33.73 1.65 -24.73
CA ALA C 72 32.48 2.35 -24.41
C ALA C 72 31.69 1.74 -23.24
N THR C 73 31.49 0.42 -23.24
CA THR C 73 30.53 -0.22 -22.29
C THR C 73 30.97 -1.56 -21.64
N TYR C 74 32.27 -1.84 -21.55
CA TYR C 74 32.75 -3.07 -20.89
C TYR C 74 32.49 -3.07 -19.38
N GLN C 75 32.43 -1.88 -18.77
CA GLN C 75 32.16 -1.72 -17.33
C GLN C 75 30.86 -2.37 -16.82
N ASN C 76 29.84 -2.46 -17.67
CA ASN C 76 28.55 -3.05 -17.30
C ASN C 76 28.62 -4.54 -16.97
N GLU C 77 29.35 -5.29 -17.78
CA GLU C 77 29.39 -6.76 -17.69
C GLU C 77 30.69 -7.33 -17.11
N VAL C 78 31.81 -6.60 -17.25
CA VAL C 78 33.11 -7.06 -16.76
C VAL C 78 33.46 -6.44 -15.41
N ASP C 79 33.72 -7.29 -14.43
CA ASP C 79 34.31 -6.91 -13.15
C ASP C 79 35.82 -6.91 -13.35
N ILE C 80 36.49 -5.85 -12.91
CA ILE C 80 37.88 -5.56 -13.31
C ILE C 80 38.87 -5.99 -12.23
N LEU C 81 39.15 -7.29 -12.16
CA LEU C 81 40.23 -7.82 -11.30
C LEU C 81 41.61 -7.23 -11.69
N ASP C 82 42.51 -7.21 -10.71
CA ASP C 82 43.88 -6.70 -10.86
C ASP C 82 44.85 -7.87 -11.11
N TRP C 83 45.40 -7.93 -12.33
CA TRP C 83 46.18 -9.09 -12.78
C TRP C 83 47.65 -9.15 -12.33
N LYS C 84 48.18 -8.04 -11.82
CA LYS C 84 49.57 -7.97 -11.35
C LYS C 84 49.79 -8.64 -9.98
N LYS C 85 48.78 -8.60 -9.10
CA LYS C 85 48.84 -9.28 -7.80
C LYS C 85 49.12 -10.79 -7.97
N PRO C 86 50.23 -11.30 -7.38
CA PRO C 86 50.51 -12.74 -7.48
C PRO C 86 49.42 -13.61 -6.83
N GLU C 87 48.66 -13.00 -5.91
CA GLU C 87 47.41 -13.54 -5.37
C GLU C 87 46.37 -13.96 -6.44
N ALA C 88 46.32 -13.26 -7.58
CA ALA C 88 45.30 -13.48 -8.64
C ALA C 88 45.65 -14.54 -9.73
N PHE C 89 46.64 -15.40 -9.47
CA PHE C 89 46.97 -16.54 -10.33
C PHE C 89 47.64 -17.64 -9.51
N SER C 90 47.27 -18.90 -9.75
CA SER C 90 47.98 -20.04 -9.17
C SER C 90 49.38 -20.12 -9.81
N ASP C 91 50.18 -21.11 -9.39
CA ASP C 91 51.55 -21.23 -9.90
C ASP C 91 51.73 -22.17 -11.09
N GLU C 92 50.78 -23.08 -11.33
CA GLU C 92 50.72 -23.77 -12.62
C GLU C 92 50.18 -22.84 -13.72
N MET C 93 49.32 -21.89 -13.33
CA MET C 93 48.86 -20.80 -14.20
C MET C 93 49.69 -19.50 -14.02
N ARG C 94 50.94 -19.63 -13.58
CA ARG C 94 51.90 -18.50 -13.54
C ARG C 94 52.30 -18.02 -14.93
N PRO C 95 52.49 -18.94 -15.89
CA PRO C 95 52.93 -18.50 -17.22
C PRO C 95 52.02 -17.45 -17.86
N VAL C 96 50.72 -17.56 -17.65
CA VAL C 96 49.74 -16.64 -18.25
C VAL C 96 49.91 -15.21 -17.70
N GLN C 97 50.31 -15.08 -16.43
CA GLN C 97 50.65 -13.78 -15.83
C GLN C 97 51.90 -13.17 -16.49
N HIS C 98 52.94 -14.00 -16.69
CA HIS C 98 54.21 -13.55 -17.30
C HIS C 98 54.09 -13.20 -18.79
N ALA C 99 53.13 -13.80 -19.49
CA ALA C 99 52.85 -13.47 -20.88
C ALA C 99 52.14 -12.11 -21.00
N LEU C 100 51.13 -11.89 -20.14
CA LEU C 100 50.44 -10.60 -20.07
C LEU C 100 51.38 -9.45 -19.68
N GLN C 101 52.32 -9.74 -18.78
CA GLN C 101 53.35 -8.77 -18.37
C GLN C 101 54.33 -8.43 -19.50
N THR C 102 54.67 -9.41 -20.34
CA THR C 102 55.46 -9.19 -21.55
C THR C 102 54.80 -8.22 -22.53
N MET C 103 53.46 -8.32 -22.64
CA MET C 103 52.68 -7.57 -23.63
C MET C 103 52.40 -6.14 -23.20
N GLU C 104 52.12 -5.95 -21.91
CA GLU C 104 52.05 -4.60 -21.33
C GLU C 104 53.41 -3.89 -21.43
N SER C 105 54.48 -4.64 -21.15
CA SER C 105 55.86 -4.15 -21.29
C SER C 105 56.25 -3.86 -22.75
N ARG C 106 55.74 -4.65 -23.69
CA ARG C 106 55.96 -4.42 -25.12
C ARG C 106 55.02 -3.34 -25.72
N GLY C 107 53.94 -2.96 -25.02
CA GLY C 107 53.10 -1.82 -25.41
C GLY C 107 51.60 -1.87 -25.12
N VAL C 108 50.98 -3.02 -25.34
CA VAL C 108 49.49 -3.10 -25.36
C VAL C 108 48.80 -2.96 -24.00
N HIS C 109 47.84 -2.04 -23.98
CA HIS C 109 46.90 -1.89 -22.87
C HIS C 109 45.80 -2.96 -23.04
N PHE C 110 45.34 -3.53 -21.92
CA PHE C 110 44.31 -4.57 -21.92
C PHE C 110 43.62 -4.65 -20.56
N VAL C 111 42.43 -5.27 -20.51
CA VAL C 111 41.68 -5.44 -19.26
C VAL C 111 41.58 -6.92 -18.91
N TYR C 112 42.12 -7.30 -17.74
CA TYR C 112 41.86 -8.61 -17.14
C TYR C 112 40.64 -8.47 -16.22
N GLY C 113 39.90 -9.55 -16.01
CA GLY C 113 38.73 -9.48 -15.16
C GLY C 113 37.89 -10.73 -15.02
N ARG C 114 36.65 -10.53 -14.61
CA ARG C 114 35.68 -11.58 -14.39
C ARG C 114 34.42 -11.13 -15.11
N TRP C 115 33.85 -11.99 -15.96
CA TRP C 115 32.62 -11.66 -16.67
C TRP C 115 31.46 -11.92 -15.72
N LEU C 116 30.62 -10.90 -15.48
CA LEU C 116 29.57 -10.97 -14.44
C LEU C 116 28.35 -11.75 -14.86
N ILE C 117 28.53 -13.05 -15.06
CA ILE C 117 27.44 -13.97 -15.36
C ILE C 117 27.73 -15.31 -14.69
N GLU C 118 26.70 -16.12 -14.48
CA GLU C 118 26.84 -17.46 -13.91
C GLU C 118 28.02 -18.22 -14.51
N GLY C 119 28.97 -18.57 -13.64
CA GLY C 119 30.24 -19.16 -14.05
C GLY C 119 31.39 -18.26 -13.66
N ALA C 120 31.24 -16.97 -13.92
CA ALA C 120 32.28 -15.98 -13.69
C ALA C 120 33.60 -16.39 -14.36
N PRO C 121 33.57 -16.51 -15.71
CA PRO C 121 34.78 -16.89 -16.44
C PRO C 121 35.76 -15.74 -16.50
N LYS C 122 37.05 -16.02 -16.33
CA LYS C 122 38.06 -14.98 -16.37
C LYS C 122 38.20 -14.53 -17.82
N VAL C 123 38.30 -13.22 -18.06
CA VAL C 123 38.38 -12.67 -19.44
C VAL C 123 39.65 -11.85 -19.67
N ILE C 124 40.10 -11.81 -20.92
CA ILE C 124 41.25 -11.00 -21.35
C ILE C 124 40.81 -10.18 -22.56
N LEU C 125 40.56 -8.90 -22.36
CA LEU C 125 40.07 -8.00 -23.41
C LEU C 125 41.17 -7.03 -23.87
N PHE C 126 41.60 -7.18 -25.12
CA PHE C 126 42.68 -6.36 -25.65
C PHE C 126 42.15 -5.05 -26.26
N ASP C 127 42.84 -3.95 -25.94
CA ASP C 127 42.53 -2.64 -26.49
C ASP C 127 43.12 -2.60 -27.91
N LEU C 128 42.25 -2.62 -28.92
CA LEU C 128 42.68 -2.60 -30.32
C LEU C 128 43.31 -1.26 -30.71
N ASP C 129 42.82 -0.17 -30.11
CA ASP C 129 43.43 1.16 -30.27
C ASP C 129 44.89 1.16 -29.84
N SER C 130 45.21 0.50 -28.72
CA SER C 130 46.56 0.49 -28.17
C SER C 130 47.60 -0.29 -28.98
N VAL C 131 47.19 -0.84 -30.13
CA VAL C 131 48.12 -1.39 -31.09
C VAL C 131 47.79 -0.97 -32.54
N ARG C 132 46.91 0.03 -32.73
CA ARG C 132 46.41 0.40 -34.05
C ARG C 132 47.49 1.03 -34.93
N GLY C 133 48.57 1.51 -34.31
CA GLY C 133 49.79 1.91 -35.00
C GLY C 133 50.46 0.85 -35.87
N TYR C 134 50.25 -0.44 -35.55
CA TYR C 134 50.83 -1.56 -36.30
C TYR C 134 50.03 -1.97 -37.57
N SER C 135 48.86 -1.37 -37.80
CA SER C 135 47.91 -1.81 -38.85
C SER C 135 48.52 -2.05 -40.26
N ASN C 136 49.22 -1.05 -40.80
CA ASN C 136 49.82 -1.14 -42.14
C ASN C 136 50.97 -2.14 -42.22
N GLU C 137 51.75 -2.20 -41.13
CA GLU C 137 52.80 -3.22 -40.95
C GLU C 137 52.19 -4.63 -41.01
N TRP C 138 51.09 -4.82 -40.28
CA TRP C 138 50.43 -6.12 -40.14
C TRP C 138 49.56 -6.49 -41.35
N LYS C 139 48.76 -5.54 -41.84
CA LYS C 139 47.98 -5.72 -43.09
C LYS C 139 48.86 -6.23 -44.24
N GLY C 140 50.09 -5.70 -44.30
CA GLY C 140 51.09 -6.12 -45.27
C GLY C 140 51.62 -7.53 -45.07
N ASP C 141 51.87 -7.92 -43.82
CA ASP C 141 52.31 -9.30 -43.51
C ASP C 141 51.25 -10.35 -43.92
N LEU C 142 49.98 -10.00 -43.73
CA LEU C 142 48.85 -10.90 -44.04
C LEU C 142 48.62 -11.04 -45.55
N TRP C 143 48.81 -9.95 -46.29
CA TRP C 143 48.81 -10.01 -47.77
C TRP C 143 49.98 -10.86 -48.26
N SER C 144 51.18 -10.56 -47.77
CA SER C 144 52.42 -11.20 -48.25
C SER C 144 52.54 -12.68 -47.91
N LEU C 145 52.12 -13.07 -46.70
CA LEU C 145 52.32 -14.44 -46.22
C LEU C 145 51.05 -15.26 -45.90
N VAL C 146 49.88 -14.75 -46.30
CA VAL C 146 48.67 -15.59 -46.47
C VAL C 146 47.76 -15.21 -47.68
N GLY C 147 48.01 -14.08 -48.35
CA GLY C 147 47.26 -13.70 -49.55
C GLY C 147 45.95 -12.96 -49.34
N ILE C 148 45.73 -12.42 -48.14
CA ILE C 148 44.46 -11.79 -47.74
C ILE C 148 44.50 -10.27 -47.98
N PRO C 149 43.64 -9.74 -48.89
CA PRO C 149 43.61 -8.29 -49.03
C PRO C 149 42.88 -7.65 -47.85
N SER C 150 43.08 -6.34 -47.72
CA SER C 150 42.53 -5.61 -46.60
C SER C 150 42.28 -4.16 -47.02
N PRO C 151 41.11 -3.92 -47.68
CA PRO C 151 40.59 -2.58 -47.90
C PRO C 151 40.60 -1.75 -46.62
N GLU C 152 41.13 -0.53 -46.75
CA GLU C 152 41.33 0.36 -45.61
C GLU C 152 40.01 0.83 -45.03
N ASN C 153 39.05 1.13 -45.92
CA ASN C 153 37.72 1.62 -45.54
C ASN C 153 36.87 0.70 -44.64
N ASP C 154 37.09 -0.61 -44.75
CA ASP C 154 36.33 -1.59 -43.96
C ASP C 154 36.82 -1.59 -42.50
N PHE C 155 36.12 -0.80 -41.66
CA PHE C 155 36.42 -0.64 -40.23
C PHE C 155 36.47 -1.96 -39.45
N GLU C 156 35.68 -2.95 -39.88
CA GLU C 156 35.61 -4.27 -39.20
C GLU C 156 36.80 -5.18 -39.52
N THR C 157 37.12 -5.36 -40.80
CA THR C 157 38.29 -6.18 -41.19
C THR C 157 39.61 -5.54 -40.77
N ASN C 158 39.58 -4.26 -40.42
CA ASN C 158 40.70 -3.60 -39.72
C ASN C 158 40.82 -4.18 -38.30
N ASP C 159 39.71 -4.15 -37.55
CA ASP C 159 39.68 -4.65 -36.17
C ASP C 159 39.99 -6.14 -36.08
N ALA C 160 39.33 -6.93 -36.93
CA ALA C 160 39.56 -8.39 -37.02
C ALA C 160 41.03 -8.77 -37.27
N ILE C 161 41.72 -7.96 -38.06
CA ILE C 161 43.16 -8.11 -38.31
C ILE C 161 43.96 -7.78 -37.05
N LEU C 162 43.66 -6.65 -36.43
CA LEU C 162 44.35 -6.21 -35.21
C LEU C 162 44.13 -7.18 -34.05
N LEU C 163 42.90 -7.66 -33.90
CA LEU C 163 42.55 -8.63 -32.88
C LEU C 163 43.35 -9.92 -33.04
N GLY C 164 43.32 -10.48 -34.26
CA GLY C 164 44.01 -11.73 -34.58
C GLY C 164 45.52 -11.71 -34.44
N TYR C 165 46.14 -10.60 -34.82
CA TYR C 165 47.59 -10.44 -34.65
C TYR C 165 47.97 -10.33 -33.17
N THR C 166 47.18 -9.57 -32.40
CA THR C 166 47.36 -9.43 -30.96
C THR C 166 47.22 -10.77 -30.22
N VAL C 167 46.28 -11.61 -30.66
CA VAL C 167 45.99 -12.88 -29.99
C VAL C 167 47.08 -13.95 -30.29
N ALA C 168 47.54 -14.03 -31.54
CA ALA C 168 48.63 -14.98 -31.91
C ALA C 168 49.99 -14.59 -31.33
N TRP C 169 50.17 -13.30 -31.09
CA TRP C 169 51.26 -12.76 -30.25
C TRP C 169 51.11 -13.33 -28.84
N PHE C 170 49.95 -13.12 -28.23
CA PHE C 170 49.65 -13.59 -26.87
C PHE C 170 49.89 -15.08 -26.69
N LEU C 171 49.29 -15.89 -27.58
CA LEU C 171 49.42 -17.36 -27.52
C LEU C 171 50.82 -17.87 -27.84
N GLY C 172 51.59 -17.11 -28.63
CA GLY C 172 53.00 -17.42 -28.88
C GLY C 172 53.80 -17.29 -27.60
N GLU C 173 53.60 -16.18 -26.90
CA GLU C 173 54.26 -15.92 -25.61
C GLU C 173 53.87 -16.94 -24.54
N VAL C 174 52.61 -17.37 -24.53
CA VAL C 174 52.14 -18.33 -23.53
C VAL C 174 52.79 -19.70 -23.76
N ALA C 175 52.83 -20.15 -25.03
CA ALA C 175 53.51 -21.40 -25.40
C ALA C 175 55.01 -21.34 -25.11
N HIS C 176 55.60 -20.16 -25.29
CA HIS C 176 57.00 -19.91 -24.97
C HIS C 176 57.30 -19.98 -23.44
N LEU C 177 56.37 -19.52 -22.62
CA LEU C 177 56.56 -19.45 -21.16
C LEU C 177 55.98 -20.64 -20.39
N ASP C 178 55.12 -21.42 -21.04
CA ASP C 178 54.48 -22.58 -20.43
C ASP C 178 54.97 -23.84 -21.15
N SER C 179 55.55 -24.77 -20.39
CA SER C 179 56.00 -26.05 -20.94
C SER C 179 55.22 -27.25 -20.38
N GLN C 180 54.26 -26.99 -19.49
CA GLN C 180 53.56 -28.06 -18.77
C GLN C 180 52.31 -28.53 -19.50
N HIS C 181 51.42 -27.58 -19.76
CA HIS C 181 50.10 -27.85 -20.29
C HIS C 181 50.09 -27.85 -21.82
N ALA C 182 49.36 -28.80 -22.41
CA ALA C 182 48.90 -28.66 -23.80
C ALA C 182 47.97 -27.47 -23.85
N ILE C 183 47.87 -26.81 -25.01
CA ILE C 183 47.03 -25.62 -25.12
C ILE C 183 46.06 -25.72 -26.29
N VAL C 184 44.80 -25.41 -26.00
CA VAL C 184 43.72 -25.46 -26.97
C VAL C 184 43.21 -24.04 -27.19
N ALA C 185 43.46 -23.52 -28.39
CA ALA C 185 42.89 -22.25 -28.83
C ALA C 185 41.67 -22.52 -29.71
N HIS C 186 40.49 -22.28 -29.14
CA HIS C 186 39.25 -22.29 -29.89
C HIS C 186 39.01 -20.85 -30.36
N PHE C 187 38.52 -20.71 -31.59
CA PHE C 187 38.13 -19.40 -32.14
C PHE C 187 36.73 -19.44 -32.72
N HIS C 188 36.01 -18.31 -32.64
CA HIS C 188 34.60 -18.22 -33.02
C HIS C 188 34.31 -17.08 -34.02
N GLN C 189 33.74 -17.47 -35.15
CA GLN C 189 33.42 -16.57 -36.27
C GLN C 189 34.66 -15.95 -36.94
N TRP C 190 34.48 -15.62 -38.21
CA TRP C 190 35.59 -15.15 -39.05
C TRP C 190 36.38 -13.95 -38.48
N LEU C 191 35.67 -13.01 -37.84
CA LEU C 191 36.27 -11.83 -37.19
C LEU C 191 37.39 -12.18 -36.17
N ALA C 192 37.22 -13.29 -35.47
CA ALA C 192 38.20 -13.77 -34.48
C ALA C 192 39.31 -14.65 -35.08
N GLY C 193 39.02 -15.23 -36.24
CA GLY C 193 39.93 -16.16 -36.88
C GLY C 193 41.10 -15.64 -37.72
N VAL C 194 41.47 -14.37 -37.63
CA VAL C 194 42.69 -13.91 -38.31
C VAL C 194 43.92 -14.52 -37.61
N ALA C 195 43.78 -14.79 -36.31
CA ALA C 195 44.83 -15.45 -35.53
C ALA C 195 45.18 -16.86 -36.02
N LEU C 196 44.19 -17.58 -36.56
CA LEU C 196 44.35 -19.00 -36.96
C LEU C 196 45.46 -19.30 -38.00
N PRO C 197 45.47 -18.60 -39.17
CA PRO C 197 46.58 -18.69 -40.11
C PRO C 197 47.94 -18.43 -39.50
N LEU C 198 48.02 -17.44 -38.62
CA LEU C 198 49.29 -17.08 -37.99
C LEU C 198 49.84 -18.23 -37.12
N CYS C 199 48.96 -18.88 -36.34
CA CYS C 199 49.36 -20.03 -35.49
C CYS C 199 49.89 -21.23 -36.27
N ARG C 200 49.24 -21.56 -37.39
CA ARG C 200 49.68 -22.64 -38.28
C ARG C 200 50.97 -22.26 -39.01
N LYS C 201 50.98 -21.05 -39.59
CA LYS C 201 52.10 -20.60 -40.43
C LYS C 201 53.35 -20.23 -39.62
N ARG C 202 53.19 -19.80 -38.37
CA ARG C 202 54.33 -19.65 -37.42
C ARG C 202 54.62 -20.92 -36.60
N ARG C 203 53.83 -21.98 -36.81
CA ARG C 203 53.93 -23.27 -36.11
C ARG C 203 54.01 -23.14 -34.56
N ILE C 204 53.16 -22.28 -34.00
CA ILE C 204 53.08 -22.00 -32.56
C ILE C 204 52.51 -23.24 -31.89
N ASP C 205 53.03 -23.63 -30.72
CA ASP C 205 52.69 -24.94 -30.12
C ASP C 205 51.36 -25.00 -29.32
N VAL C 206 50.26 -24.81 -30.05
CA VAL C 206 48.91 -24.96 -29.51
C VAL C 206 48.08 -25.72 -30.55
N VAL C 207 46.93 -26.26 -30.14
CA VAL C 207 46.00 -26.89 -31.10
C VAL C 207 44.77 -26.03 -31.25
N THR C 208 44.31 -25.92 -32.49
CA THR C 208 43.34 -24.92 -32.84
C THR C 208 42.00 -25.52 -33.23
N ILE C 209 40.93 -24.92 -32.71
CA ILE C 209 39.58 -25.18 -33.18
C ILE C 209 39.04 -23.87 -33.76
N PHE C 210 38.26 -24.00 -34.82
CA PHE C 210 37.54 -22.88 -35.40
C PHE C 210 36.09 -23.33 -35.50
N THR C 211 35.20 -22.56 -34.86
CA THR C 211 33.76 -22.69 -35.09
C THR C 211 33.28 -21.53 -35.96
N THR C 212 32.40 -21.81 -36.92
CA THR C 212 31.75 -20.78 -37.71
C THR C 212 30.25 -20.93 -37.52
N HIS C 213 29.62 -19.85 -37.07
CA HIS C 213 28.19 -19.88 -36.71
C HIS C 213 27.28 -19.56 -37.85
N ALA C 214 27.83 -19.00 -38.93
CA ALA C 214 27.15 -18.91 -40.23
C ALA C 214 28.21 -19.03 -41.32
N THR C 215 27.89 -18.63 -42.55
CA THR C 215 28.92 -18.28 -43.55
C THR C 215 28.57 -16.93 -44.15
N LEU C 216 29.58 -16.23 -44.65
CA LEU C 216 29.38 -14.93 -45.30
C LEU C 216 28.57 -15.14 -46.55
N LEU C 217 28.99 -16.04 -47.43
CA LEU C 217 28.28 -16.21 -48.69
C LEU C 217 26.83 -16.63 -48.49
N GLY C 218 26.57 -17.49 -47.52
CA GLY C 218 25.23 -17.98 -47.26
C GLY C 218 24.25 -16.91 -46.77
N ARG C 219 24.71 -16.03 -45.88
CA ARG C 219 23.91 -14.87 -45.50
C ARG C 219 23.59 -14.05 -46.73
N TYR C 220 24.64 -13.60 -47.41
CA TYR C 220 24.49 -12.69 -48.54
C TYR C 220 23.70 -13.28 -49.70
N LEU C 221 23.85 -14.59 -49.94
CA LEU C 221 23.04 -15.26 -50.97
C LEU C 221 21.54 -15.23 -50.64
N CYS C 222 21.20 -15.55 -49.38
CA CYS C 222 19.81 -15.57 -48.92
C CYS C 222 19.19 -14.19 -48.78
N ALA C 223 19.96 -13.23 -48.25
CA ALA C 223 19.49 -11.86 -47.90
C ALA C 223 18.66 -11.23 -49.02
N SER C 224 19.30 -11.00 -50.17
CA SER C 224 18.60 -10.67 -51.40
C SER C 224 17.81 -11.92 -51.84
N GLY C 225 16.56 -12.04 -51.38
CA GLY C 225 15.75 -13.27 -51.51
C GLY C 225 15.60 -13.81 -52.92
N SER C 226 16.71 -13.94 -53.63
CA SER C 226 16.71 -14.05 -55.06
C SER C 226 16.52 -15.50 -55.50
N PHE C 227 17.25 -16.44 -54.89
CA PHE C 227 17.24 -17.84 -55.36
C PHE C 227 17.11 -18.89 -54.25
N ASP C 228 16.92 -20.14 -54.69
CA ASP C 228 16.56 -21.28 -53.85
C ASP C 228 17.79 -21.92 -53.19
N PHE C 229 18.33 -21.21 -52.21
CA PHE C 229 19.64 -21.51 -51.59
C PHE C 229 19.87 -22.97 -51.18
N TYR C 230 18.86 -23.61 -50.59
CA TYR C 230 19.05 -24.94 -49.98
C TYR C 230 19.06 -26.10 -50.96
N ASN C 231 18.36 -25.97 -52.09
CA ASN C 231 18.36 -27.00 -53.15
C ASN C 231 19.42 -26.73 -54.24
N CYS C 232 19.62 -25.46 -54.63
CA CYS C 232 20.54 -25.07 -55.70
C CYS C 232 21.90 -24.50 -55.19
N LEU C 233 22.43 -25.06 -54.10
CA LEU C 233 23.65 -24.54 -53.46
C LEU C 233 24.95 -25.00 -54.11
N GLU C 234 25.06 -26.30 -54.35
CA GLU C 234 26.30 -26.90 -54.83
C GLU C 234 26.80 -26.23 -56.12
N SER C 235 25.87 -25.81 -56.97
CA SER C 235 26.16 -25.04 -58.19
C SER C 235 26.28 -23.52 -57.91
N VAL C 236 27.35 -23.12 -57.21
CA VAL C 236 27.61 -21.72 -56.88
C VAL C 236 29.11 -21.50 -57.01
N ASP C 237 29.51 -20.48 -57.78
CA ASP C 237 30.93 -20.22 -57.97
C ASP C 237 31.38 -19.29 -56.86
N VAL C 238 31.99 -19.88 -55.84
CA VAL C 238 32.33 -19.14 -54.61
C VAL C 238 33.18 -17.88 -54.89
N ASP C 239 34.08 -17.95 -55.86
CA ASP C 239 34.94 -16.81 -56.19
C ASP C 239 34.16 -15.69 -56.90
N HIS C 240 33.24 -16.08 -57.79
CA HIS C 240 32.34 -15.13 -58.49
C HIS C 240 31.51 -14.33 -57.48
N GLU C 241 30.84 -15.07 -56.59
CA GLU C 241 29.86 -14.52 -55.67
C GLU C 241 30.54 -13.72 -54.59
N ALA C 242 31.67 -14.23 -54.07
CA ALA C 242 32.53 -13.44 -53.20
C ALA C 242 32.86 -12.07 -53.84
N GLY C 243 33.20 -12.09 -55.15
CA GLY C 243 33.37 -10.86 -55.94
C GLY C 243 32.12 -9.99 -56.02
N ARG C 244 31.05 -10.56 -56.57
CA ARG C 244 29.72 -9.92 -56.75
C ARG C 244 29.19 -9.11 -55.56
N PHE C 245 29.35 -9.65 -54.37
CA PHE C 245 28.84 -9.04 -53.14
C PHE C 245 29.84 -8.07 -52.46
N GLY C 246 31.05 -7.96 -53.01
CA GLY C 246 32.07 -7.04 -52.49
C GLY C 246 32.57 -7.47 -51.12
N ILE C 247 32.91 -8.74 -51.02
CA ILE C 247 33.22 -9.42 -49.77
C ILE C 247 34.54 -10.20 -49.77
N TYR C 248 35.15 -10.38 -50.93
CA TYR C 248 36.31 -11.26 -51.11
C TYR C 248 37.32 -11.16 -49.97
N HIS C 249 37.76 -9.96 -49.64
CA HIS C 249 38.63 -9.70 -48.48
C HIS C 249 38.14 -10.32 -47.16
N ARG C 250 36.82 -10.31 -46.92
CA ARG C 250 36.20 -10.94 -45.74
C ARG C 250 36.14 -12.48 -45.84
N TYR C 251 35.49 -12.97 -46.91
CA TYR C 251 35.46 -14.40 -47.29
C TYR C 251 36.84 -15.07 -47.23
N CYS C 252 37.87 -14.35 -47.65
CA CYS C 252 39.25 -14.86 -47.57
C CYS C 252 39.77 -15.10 -46.14
N ILE C 253 39.27 -14.35 -45.15
CA ILE C 253 39.61 -14.60 -43.74
C ILE C 253 38.86 -15.83 -43.20
N GLU C 254 37.53 -15.88 -43.47
CA GLU C 254 36.63 -16.96 -43.04
C GLU C 254 37.09 -18.32 -43.57
N ARG C 255 37.53 -18.35 -44.83
CA ARG C 255 38.05 -19.57 -45.44
C ARG C 255 39.42 -19.93 -44.87
N ALA C 256 40.25 -18.92 -44.63
CA ALA C 256 41.60 -19.14 -44.11
C ALA C 256 41.58 -19.68 -42.69
N ALA C 257 40.61 -19.19 -41.90
CA ALA C 257 40.35 -19.70 -40.56
C ALA C 257 39.97 -21.18 -40.56
N ALA C 258 38.99 -21.53 -41.39
CA ALA C 258 38.51 -22.90 -41.53
C ALA C 258 39.57 -23.86 -42.07
N HIS C 259 40.43 -23.38 -42.97
CA HIS C 259 41.46 -24.25 -43.56
C HIS C 259 42.69 -24.39 -42.71
N SER C 260 43.07 -23.35 -41.97
CA SER C 260 44.25 -23.40 -41.12
C SER C 260 44.01 -23.95 -39.69
N ALA C 261 42.76 -24.33 -39.35
CA ALA C 261 42.44 -24.88 -38.01
C ALA C 261 42.62 -26.39 -37.95
N ASP C 262 43.19 -26.87 -36.84
CA ASP C 262 43.32 -28.31 -36.61
C ASP C 262 41.94 -28.98 -36.66
N VAL C 263 40.97 -28.40 -35.96
CA VAL C 263 39.60 -28.90 -35.98
C VAL C 263 38.68 -27.79 -36.44
N PHE C 264 37.84 -28.07 -37.45
CA PHE C 264 36.89 -27.09 -37.98
C PHE C 264 35.45 -27.52 -37.71
N THR C 265 34.67 -26.65 -37.07
CA THR C 265 33.30 -26.96 -36.65
C THR C 265 32.30 -25.89 -37.06
N THR C 266 31.06 -26.30 -37.14
CA THR C 266 29.96 -25.41 -37.22
C THR C 266 28.89 -25.88 -36.21
N VAL C 267 27.72 -25.25 -36.25
CA VAL C 267 26.69 -25.40 -35.20
C VAL C 267 25.49 -26.24 -35.60
N SER C 268 25.31 -26.54 -36.88
CA SER C 268 24.25 -27.45 -37.30
C SER C 268 24.68 -28.23 -38.50
N GLN C 269 23.97 -29.32 -38.74
CA GLN C 269 24.12 -30.10 -39.95
C GLN C 269 23.83 -29.27 -41.21
N ILE C 270 22.79 -28.44 -41.17
CA ILE C 270 22.47 -27.56 -42.30
C ILE C 270 23.67 -26.67 -42.65
N THR C 271 24.25 -26.02 -41.67
CA THR C 271 25.37 -25.11 -41.91
C THR C 271 26.70 -25.85 -42.23
N ALA C 272 26.83 -27.10 -41.82
CA ALA C 272 27.99 -27.93 -42.19
C ALA C 272 27.99 -28.27 -43.68
N PHE C 273 26.81 -28.58 -44.20
CA PHE C 273 26.58 -28.77 -45.64
C PHE C 273 26.97 -27.48 -46.37
N GLU C 274 26.45 -26.36 -45.89
CA GLU C 274 26.77 -25.03 -46.44
C GLU C 274 28.25 -24.65 -46.36
N ALA C 275 28.93 -25.01 -45.28
CA ALA C 275 30.35 -24.69 -45.11
C ALA C 275 31.26 -25.62 -45.94
N GLU C 276 30.80 -26.83 -46.24
CA GLU C 276 31.57 -27.76 -47.09
C GLU C 276 31.75 -27.15 -48.49
N HIS C 277 30.64 -26.71 -49.08
CA HIS C 277 30.61 -26.20 -50.45
C HIS C 277 31.00 -24.74 -50.64
N LEU C 278 30.86 -23.91 -49.60
CA LEU C 278 31.22 -22.49 -49.70
C LEU C 278 32.57 -22.11 -49.10
N LEU C 279 33.07 -22.88 -48.12
CA LEU C 279 34.43 -22.66 -47.58
C LEU C 279 35.45 -23.76 -47.96
N LYS C 280 34.99 -24.81 -48.65
CA LYS C 280 35.85 -25.86 -49.21
C LYS C 280 36.53 -26.71 -48.15
N ARG C 281 35.80 -27.01 -47.08
CA ARG C 281 36.25 -27.97 -46.07
C ARG C 281 35.09 -28.57 -45.32
N LYS C 282 35.02 -29.90 -45.28
CA LYS C 282 33.96 -30.57 -44.57
C LYS C 282 34.24 -30.44 -43.07
N PRO C 283 33.29 -29.88 -42.31
CA PRO C 283 33.57 -29.72 -40.89
C PRO C 283 33.75 -31.06 -40.20
N ASP C 284 34.69 -31.13 -39.27
CA ASP C 284 34.96 -32.35 -38.52
C ASP C 284 33.86 -32.71 -37.52
N GLY C 285 32.88 -31.81 -37.34
CA GLY C 285 31.74 -32.09 -36.48
C GLY C 285 30.88 -30.89 -36.20
N ILE C 286 29.77 -31.17 -35.52
CA ILE C 286 28.74 -30.19 -35.22
C ILE C 286 28.84 -29.87 -33.73
N LEU C 287 28.73 -28.57 -33.42
CA LEU C 287 28.62 -28.04 -32.05
C LEU C 287 27.27 -27.33 -31.79
N PRO C 288 26.17 -28.11 -31.69
CA PRO C 288 24.86 -27.49 -31.58
C PRO C 288 24.76 -26.74 -30.26
N ASN C 289 23.95 -25.69 -30.25
CA ASN C 289 23.98 -24.69 -29.18
C ASN C 289 23.02 -25.00 -28.05
N GLY C 290 23.60 -25.17 -26.87
CA GLY C 290 22.84 -25.33 -25.65
C GLY C 290 22.42 -24.03 -25.00
N LEU C 291 21.49 -24.16 -24.07
CA LEU C 291 21.12 -23.13 -23.11
C LEU C 291 21.50 -23.55 -21.70
N ASN C 292 21.54 -22.58 -20.79
CA ASN C 292 21.84 -22.81 -19.38
C ASN C 292 20.56 -23.15 -18.60
N VAL C 293 19.99 -24.35 -18.79
CA VAL C 293 18.64 -24.66 -18.28
C VAL C 293 18.59 -24.59 -16.73
N ILE C 294 17.81 -23.64 -16.20
CA ILE C 294 17.74 -23.34 -14.74
C ILE C 294 16.56 -24.06 -14.09
N LYS C 295 16.81 -25.30 -13.71
CA LYS C 295 15.75 -26.25 -13.42
C LYS C 295 15.04 -25.95 -12.08
N PHE C 296 14.00 -25.08 -12.13
CA PHE C 296 13.20 -24.67 -10.93
C PHE C 296 12.87 -25.83 -9.96
N GLN C 297 12.84 -25.52 -8.66
CA GLN C 297 12.49 -26.52 -7.64
C GLN C 297 11.05 -27.06 -7.81
N ALA C 298 10.15 -26.15 -8.15
CA ALA C 298 8.79 -26.49 -8.54
C ALA C 298 8.70 -26.43 -10.05
N PHE C 299 8.31 -27.52 -10.68
CA PHE C 299 8.17 -27.58 -12.14
C PHE C 299 7.22 -26.48 -12.64
N HIS C 300 6.07 -26.38 -11.99
CA HIS C 300 5.03 -25.41 -12.32
C HIS C 300 5.36 -23.93 -12.04
N GLU C 301 6.53 -23.59 -11.50
CA GLU C 301 6.91 -22.17 -11.32
C GLU C 301 6.87 -21.36 -12.63
N PHE C 302 7.38 -21.95 -13.71
CA PHE C 302 7.41 -21.29 -15.02
C PHE C 302 6.02 -20.83 -15.49
N GLN C 303 4.96 -21.52 -15.06
CA GLN C 303 3.60 -21.06 -15.35
C GLN C 303 3.23 -19.76 -14.61
N ASN C 304 3.65 -19.67 -13.35
CA ASN C 304 3.34 -18.52 -12.53
C ASN C 304 4.09 -17.31 -13.07
N LEU C 305 5.32 -17.52 -13.52
CA LEU C 305 6.07 -16.44 -14.19
C LEU C 305 5.41 -15.96 -15.49
N HIS C 306 4.88 -16.89 -16.28
CA HIS C 306 4.13 -16.53 -17.47
C HIS C 306 3.05 -15.54 -17.14
N ALA C 307 2.22 -15.90 -16.15
CA ALA C 307 1.04 -15.09 -15.81
C ALA C 307 1.37 -13.71 -15.24
N LEU C 308 2.52 -13.66 -14.58
CA LEU C 308 3.02 -12.51 -13.90
C LEU C 308 3.64 -11.55 -14.90
N LYS C 309 4.50 -12.05 -15.78
CA LYS C 309 5.06 -11.21 -16.84
C LYS C 309 4.02 -10.82 -17.86
N LYS C 310 3.00 -11.66 -18.07
CA LYS C 310 1.95 -11.33 -19.03
C LYS C 310 1.25 -10.05 -18.59
N GLU C 311 1.02 -9.91 -17.30
CA GLU C 311 0.31 -8.77 -16.76
C GLU C 311 1.07 -7.47 -17.04
N LYS C 312 2.40 -7.50 -17.11
CA LYS C 312 3.19 -6.33 -17.53
C LYS C 312 3.04 -5.96 -19.02
N ILE C 313 2.86 -6.98 -19.85
CA ILE C 313 2.52 -6.80 -21.25
C ILE C 313 1.08 -6.25 -21.36
N ASN C 314 0.15 -6.81 -20.60
CA ASN C 314 -1.20 -6.23 -20.48
C ASN C 314 -1.13 -4.72 -20.09
N ASP C 315 -0.17 -4.38 -19.23
CA ASP C 315 -0.02 -3.01 -18.77
C ASP C 315 0.51 -2.06 -19.86
N PHE C 316 1.50 -2.50 -20.61
CA PHE C 316 1.94 -1.76 -21.82
C PHE C 316 0.75 -1.56 -22.76
N VAL C 317 0.13 -2.67 -23.13
CA VAL C 317 -0.88 -2.72 -24.20
C VAL C 317 -2.02 -1.75 -23.93
N ARG C 318 -2.56 -1.75 -22.71
CA ARG C 318 -3.62 -0.84 -22.34
C ARG C 318 -3.23 0.62 -22.60
N GLY C 319 -2.00 1.00 -22.26
CA GLY C 319 -1.45 2.31 -22.63
C GLY C 319 -1.35 2.58 -24.12
N HIS C 320 -0.90 1.59 -24.87
CA HIS C 320 -0.77 1.71 -26.32
C HIS C 320 -2.12 1.93 -27.02
N PHE C 321 -3.14 1.22 -26.51
CA PHE C 321 -4.51 1.30 -27.04
C PHE C 321 -5.45 2.30 -26.29
N HIS C 322 -4.87 3.14 -25.42
CA HIS C 322 -5.66 4.13 -24.67
C HIS C 322 -6.49 4.84 -25.68
N GLY C 323 -7.79 4.98 -25.41
CA GLY C 323 -8.73 5.52 -26.38
C GLY C 323 -9.40 4.43 -27.21
N CYS C 324 -8.61 3.58 -27.87
CA CYS C 324 -9.13 2.58 -28.83
C CYS C 324 -9.20 1.13 -28.28
N PHE C 325 -9.51 1.00 -27.00
CA PHE C 325 -9.45 -0.29 -26.29
C PHE C 325 -10.82 -0.99 -26.26
N ASP C 326 -11.06 -1.79 -27.30
CA ASP C 326 -12.33 -2.47 -27.52
C ASP C 326 -12.26 -4.00 -27.41
N PHE C 327 -11.15 -4.54 -26.88
CA PHE C 327 -10.98 -6.01 -26.77
C PHE C 327 -10.66 -6.47 -25.34
N ASP C 328 -10.86 -7.76 -25.10
CA ASP C 328 -10.72 -8.38 -23.77
C ASP C 328 -9.36 -9.09 -23.66
N LEU C 329 -8.44 -8.57 -22.83
CA LEU C 329 -7.09 -9.14 -22.72
C LEU C 329 -7.10 -10.56 -22.19
N ASP C 330 -8.12 -10.91 -21.43
CA ASP C 330 -8.37 -12.29 -21.03
C ASP C 330 -8.53 -13.28 -22.22
N ASN C 331 -8.90 -12.76 -23.39
CA ASN C 331 -9.12 -13.54 -24.58
C ASN C 331 -8.22 -13.05 -25.70
N THR C 332 -6.98 -12.70 -25.32
CA THR C 332 -6.01 -12.08 -26.22
C THR C 332 -4.66 -12.78 -26.07
N LEU C 333 -4.03 -13.08 -27.20
CA LEU C 333 -2.78 -13.82 -27.25
C LEU C 333 -1.71 -12.91 -27.84
N TYR C 334 -0.47 -13.21 -27.50
CA TYR C 334 0.67 -12.32 -27.71
C TYR C 334 1.72 -13.08 -28.51
N PHE C 335 1.63 -12.95 -29.82
CA PHE C 335 2.62 -13.46 -30.74
C PHE C 335 3.74 -12.45 -30.84
N PHE C 336 4.94 -12.94 -31.11
CA PHE C 336 6.06 -12.04 -31.31
C PHE C 336 7.17 -12.63 -32.21
N ILE C 337 7.86 -11.74 -32.91
CA ILE C 337 9.11 -12.06 -33.56
C ILE C 337 10.15 -11.16 -32.93
N ALA C 338 11.38 -11.65 -32.84
CA ALA C 338 12.45 -10.84 -32.30
C ALA C 338 13.75 -11.28 -32.91
N GLY C 339 14.71 -10.36 -32.89
CA GLY C 339 16.07 -10.59 -33.36
C GLY C 339 16.55 -9.44 -34.20
N ARG C 340 17.85 -9.44 -34.49
CA ARG C 340 18.54 -8.44 -35.34
C ARG C 340 17.76 -8.17 -36.65
N TYR C 341 17.87 -6.95 -37.16
CA TYR C 341 17.12 -6.55 -38.36
C TYR C 341 17.72 -7.18 -39.62
N GLU C 342 17.29 -8.39 -39.97
CA GLU C 342 17.54 -8.95 -41.29
C GLU C 342 16.19 -9.30 -41.92
N TYR C 343 15.58 -8.34 -42.59
CA TYR C 343 14.17 -8.41 -43.02
C TYR C 343 13.75 -9.78 -43.59
N LYS C 344 14.58 -10.29 -44.51
CA LYS C 344 14.24 -11.47 -45.30
C LYS C 344 14.72 -12.74 -44.64
N ASN C 345 15.98 -12.69 -44.18
CA ASN C 345 16.61 -13.81 -43.49
C ASN C 345 15.84 -14.22 -42.24
N LYS C 346 15.52 -13.26 -41.38
CA LYS C 346 14.86 -13.51 -40.10
C LYS C 346 13.36 -13.79 -40.17
N GLY C 347 12.76 -13.50 -41.31
CA GLY C 347 11.41 -13.94 -41.60
C GLY C 347 10.36 -12.87 -41.47
N ALA C 348 10.78 -11.63 -41.21
CA ALA C 348 9.86 -10.53 -40.92
C ALA C 348 8.81 -10.40 -42.03
N ASP C 349 9.26 -10.60 -43.28
CA ASP C 349 8.37 -10.66 -44.43
C ASP C 349 7.22 -11.67 -44.28
N MET C 350 7.55 -12.95 -44.00
CA MET C 350 6.56 -14.01 -43.88
C MET C 350 5.65 -13.77 -42.69
N PHE C 351 6.26 -13.31 -41.59
CA PHE C 351 5.52 -13.03 -40.39
C PHE C 351 4.40 -12.02 -40.63
N ILE C 352 4.73 -10.89 -41.25
CA ILE C 352 3.77 -9.82 -41.47
C ILE C 352 2.69 -10.24 -42.50
N GLU C 353 3.06 -11.02 -43.53
CA GLU C 353 2.07 -11.53 -44.51
C GLU C 353 1.07 -12.48 -43.85
N ALA C 354 1.62 -13.47 -43.14
CA ALA C 354 0.83 -14.49 -42.42
C ALA C 354 -0.13 -13.90 -41.39
N LEU C 355 0.31 -12.85 -40.69
CA LEU C 355 -0.59 -12.13 -39.77
C LEU C 355 -1.76 -11.48 -40.52
N ALA C 356 -1.46 -10.89 -41.67
CA ALA C 356 -2.49 -10.28 -42.50
C ALA C 356 -3.53 -11.28 -42.97
N ARG C 357 -3.09 -12.44 -43.41
CA ARG C 357 -4.02 -13.48 -43.83
C ARG C 357 -4.79 -14.04 -42.65
N LEU C 358 -4.08 -14.25 -41.54
CA LEU C 358 -4.69 -14.67 -40.25
C LEU C 358 -5.79 -13.70 -39.82
N ASN C 359 -5.54 -12.42 -40.02
CA ASN C 359 -6.55 -11.40 -39.73
C ASN C 359 -7.84 -11.71 -40.51
N TYR C 360 -7.68 -11.90 -41.82
CA TYR C 360 -8.80 -12.25 -42.71
C TYR C 360 -9.53 -13.56 -42.30
N ARG C 361 -8.77 -14.60 -41.95
CA ARG C 361 -9.37 -15.88 -41.52
C ARG C 361 -10.19 -15.70 -40.27
N LEU C 362 -9.64 -14.99 -39.29
CA LEU C 362 -10.31 -14.75 -38.01
C LEU C 362 -11.54 -13.85 -38.13
N LYS C 363 -11.52 -12.90 -39.06
CA LYS C 363 -12.70 -12.06 -39.37
C LYS C 363 -13.79 -12.88 -40.06
N VAL C 364 -13.43 -13.64 -41.09
CA VAL C 364 -14.38 -14.52 -41.77
C VAL C 364 -15.01 -15.55 -40.81
N SER C 365 -14.20 -16.18 -39.96
CA SER C 365 -14.73 -17.20 -39.04
C SER C 365 -15.37 -16.62 -37.78
N GLY C 366 -15.38 -15.30 -37.62
CA GLY C 366 -16.04 -14.62 -36.49
C GLY C 366 -15.41 -14.90 -35.14
N SER C 367 -14.11 -15.21 -35.15
CA SER C 367 -13.38 -15.60 -33.94
C SER C 367 -13.33 -14.41 -32.99
N LYS C 368 -13.61 -14.68 -31.73
CA LYS C 368 -13.67 -13.66 -30.69
C LYS C 368 -12.28 -13.33 -30.14
N LYS C 369 -11.28 -14.14 -30.48
CA LYS C 369 -9.92 -13.91 -30.00
C LYS C 369 -9.33 -12.67 -30.66
N THR C 370 -8.31 -12.10 -30.00
CA THR C 370 -7.50 -11.03 -30.58
C THR C 370 -6.07 -11.47 -30.47
N VAL C 371 -5.26 -11.15 -31.48
CA VAL C 371 -3.84 -11.40 -31.42
C VAL C 371 -3.19 -10.05 -31.39
N VAL C 372 -2.22 -9.85 -30.51
CA VAL C 372 -1.40 -8.66 -30.54
C VAL C 372 0.02 -9.11 -30.92
N ALA C 373 0.45 -8.74 -32.12
CA ALA C 373 1.74 -9.15 -32.65
C ALA C 373 2.83 -8.13 -32.37
N PHE C 374 3.90 -8.53 -31.71
CA PHE C 374 5.05 -7.65 -31.49
C PHE C 374 6.19 -7.99 -32.43
N ILE C 375 6.83 -6.95 -32.98
CA ILE C 375 8.08 -7.09 -33.73
C ILE C 375 9.14 -6.34 -32.94
N VAL C 376 10.17 -7.08 -32.52
CA VAL C 376 11.24 -6.53 -31.72
C VAL C 376 12.52 -6.68 -32.54
N MET C 377 12.80 -5.69 -33.40
CA MET C 377 13.95 -5.66 -34.32
C MET C 377 14.61 -4.29 -34.27
N PRO C 378 15.86 -4.19 -33.79
CA PRO C 378 16.48 -2.85 -33.75
C PRO C 378 16.60 -2.20 -35.12
N ALA C 379 16.13 -0.96 -35.23
CA ALA C 379 16.26 -0.14 -36.43
C ALA C 379 16.71 1.23 -35.98
N LYS C 380 17.21 2.06 -36.89
CA LYS C 380 17.67 3.41 -36.49
C LYS C 380 16.51 4.35 -36.10
N ASN C 381 16.53 4.83 -34.85
CA ASN C 381 15.43 5.62 -34.30
C ASN C 381 15.91 6.80 -33.45
N ASN C 382 14.98 7.72 -33.15
CA ASN C 382 15.22 8.85 -32.26
C ASN C 382 14.45 8.67 -30.97
N SER C 383 14.57 7.47 -30.39
CA SER C 383 13.92 7.11 -29.14
C SER C 383 12.38 7.07 -29.30
N PHE C 384 11.68 7.04 -28.17
CA PHE C 384 10.25 6.74 -28.15
C PHE C 384 9.45 7.92 -28.63
N THR C 385 8.29 7.63 -29.23
CA THR C 385 7.32 8.66 -29.55
C THR C 385 6.85 9.27 -28.27
N VAL C 386 6.60 10.57 -28.33
CA VAL C 386 6.05 11.27 -27.20
C VAL C 386 4.65 10.71 -26.88
N GLU C 387 3.94 10.18 -27.87
CA GLU C 387 2.62 9.59 -27.66
C GLU C 387 2.67 8.31 -26.85
N ALA C 388 3.69 7.48 -27.09
CA ALA C 388 3.81 6.22 -26.38
C ALA C 388 4.05 6.43 -24.89
N LEU C 389 4.88 7.44 -24.57
CA LEU C 389 5.21 7.76 -23.20
C LEU C 389 4.03 8.36 -22.43
N LYS C 390 3.39 9.37 -23.03
CA LYS C 390 2.17 9.98 -22.49
C LYS C 390 1.11 8.96 -22.11
N GLY C 391 0.83 8.04 -23.03
CA GLY C 391 -0.14 6.97 -22.81
C GLY C 391 0.08 6.12 -21.56
N GLN C 392 1.35 5.76 -21.28
CA GLN C 392 1.64 5.04 -20.03
C GLN C 392 1.24 5.99 -18.94
N ALA C 393 1.83 7.19 -18.94
CA ALA C 393 1.59 8.23 -17.91
C ALA C 393 0.12 8.48 -17.64
N GLU C 394 -0.66 8.49 -18.72
CA GLU C 394 -2.11 8.67 -18.67
C GLU C 394 -2.77 7.49 -18.00
N VAL C 395 -2.35 6.27 -18.35
CA VAL C 395 -2.94 5.07 -17.76
C VAL C 395 -2.49 4.86 -16.31
N ARG C 396 -1.27 5.22 -15.95
CA ARG C 396 -0.87 5.22 -14.54
C ARG C 396 -1.65 6.22 -13.70
N ALA C 397 -1.82 7.43 -14.22
CA ALA C 397 -2.60 8.45 -13.53
C ALA C 397 -4.05 8.01 -13.24
N LEU C 398 -4.62 7.21 -14.15
CA LEU C 398 -5.93 6.61 -13.98
C LEU C 398 -5.89 5.59 -12.85
N GLU C 399 -4.90 4.69 -12.92
CA GLU C 399 -4.68 3.67 -11.87
C GLU C 399 -4.65 4.28 -10.47
N ASN C 400 -3.95 5.39 -10.31
CA ASN C 400 -3.82 6.03 -8.99
C ASN C 400 -5.07 6.74 -8.52
N THR C 401 -5.82 7.30 -9.47
CA THR C 401 -7.10 7.90 -9.12
C THR C 401 -8.04 6.78 -8.66
N VAL C 402 -8.08 5.68 -9.40
CA VAL C 402 -8.93 4.53 -9.04
C VAL C 402 -8.56 4.01 -7.64
N HIS C 403 -7.26 3.95 -7.35
CA HIS C 403 -6.80 3.57 -6.01
C HIS C 403 -7.35 4.52 -4.98
N GLU C 404 -7.19 5.82 -5.22
CA GLU C 404 -7.71 6.87 -4.33
C GLU C 404 -9.21 6.66 -4.07
N VAL C 405 -9.98 6.49 -5.14
CA VAL C 405 -11.43 6.29 -5.04
C VAL C 405 -11.78 5.00 -4.28
N THR C 406 -11.10 3.89 -4.55
CA THR C 406 -11.43 2.64 -3.82
C THR C 406 -11.12 2.70 -2.32
N THR C 407 -10.08 3.44 -1.93
CA THR C 407 -9.78 3.58 -0.51
C THR C 407 -11.00 4.15 0.19
N SER C 408 -11.57 5.22 -0.36
CA SER C 408 -12.75 5.83 0.23
C SER C 408 -13.98 4.92 0.13
N ILE C 409 -14.11 4.17 -0.97
CA ILE C 409 -15.18 3.14 -1.06
C ILE C 409 -15.03 2.18 0.12
N GLY C 410 -13.77 1.83 0.41
CA GLY C 410 -13.43 1.01 1.56
C GLY C 410 -14.02 1.52 2.82
N LYS C 411 -13.74 2.79 3.12
CA LYS C 411 -14.15 3.41 4.38
C LYS C 411 -15.65 3.33 4.54
N ARG C 412 -16.36 3.52 3.42
CA ARG C 412 -17.81 3.51 3.41
C ARG C 412 -18.41 2.12 3.59
N ILE C 413 -17.86 1.10 2.91
CA ILE C 413 -18.34 -0.28 3.11
C ILE C 413 -18.09 -0.70 4.54
N PHE C 414 -16.91 -0.35 5.06
CA PHE C 414 -16.53 -0.69 6.42
C PHE C 414 -17.49 -0.09 7.44
N ASP C 415 -17.86 1.18 7.23
CA ASP C 415 -18.78 1.82 8.14
C ASP C 415 -20.13 1.14 8.09
N HIS C 416 -20.60 0.83 6.89
CA HIS C 416 -21.88 0.13 6.80
C HIS C 416 -21.85 -1.16 7.59
N ALA C 417 -20.78 -1.94 7.41
CA ALA C 417 -20.70 -3.28 7.94
C ALA C 417 -20.56 -3.26 9.44
N ILE C 418 -19.77 -2.36 9.98
CA ILE C 418 -19.61 -2.33 11.44
C ILE C 418 -20.77 -1.70 12.17
N ARG C 419 -21.58 -0.93 11.47
CA ARG C 419 -22.74 -0.26 12.02
C ARG C 419 -23.99 -1.13 11.94
N TYR C 420 -24.12 -1.92 10.88
CA TYR C 420 -25.28 -2.78 10.66
C TYR C 420 -25.61 -3.54 11.92
N PRO C 421 -26.87 -3.61 12.35
CA PRO C 421 -28.07 -3.07 11.69
C PRO C 421 -28.62 -1.76 12.33
N HIS C 422 -27.72 -0.94 12.88
CA HIS C 422 -28.09 0.26 13.59
C HIS C 422 -28.21 1.45 12.64
N ASN C 423 -28.80 2.55 13.10
CA ASN C 423 -28.85 3.81 12.36
C ASN C 423 -29.53 3.69 11.02
N GLY C 424 -30.62 2.92 11.00
CA GLY C 424 -31.40 2.70 9.81
C GLY C 424 -30.69 1.97 8.68
N LEU C 425 -29.67 1.16 9.00
CA LEU C 425 -29.03 0.30 8.02
C LEU C 425 -29.61 -1.10 8.14
N THR C 426 -30.64 -1.33 7.36
CA THR C 426 -31.48 -2.49 7.48
C THR C 426 -30.98 -3.69 6.65
N THR C 427 -29.97 -3.49 5.79
CA THR C 427 -29.35 -4.57 5.02
C THR C 427 -27.87 -4.63 5.33
N GLU C 428 -27.32 -5.84 5.39
CA GLU C 428 -25.93 -6.04 5.76
C GLU C 428 -24.95 -5.20 4.93
N LEU C 429 -25.25 -5.05 3.63
CA LEU C 429 -24.36 -4.33 2.74
C LEU C 429 -25.04 -3.18 2.07
N PRO C 430 -24.25 -2.26 1.49
CA PRO C 430 -24.77 -1.32 0.53
C PRO C 430 -25.39 -2.03 -0.66
N THR C 431 -26.42 -1.42 -1.20
CA THR C 431 -27.17 -1.93 -2.35
C THR C 431 -27.16 -0.95 -3.54
N ASP C 432 -27.17 0.34 -3.23
CA ASP C 432 -27.09 1.40 -4.22
C ASP C 432 -25.64 1.95 -4.33
N LEU C 433 -25.12 2.01 -5.55
CA LEU C 433 -23.77 2.54 -5.80
C LEU C 433 -23.52 3.93 -5.20
N GLY C 434 -24.57 4.73 -5.09
CA GLY C 434 -24.47 6.09 -4.54
C GLY C 434 -23.98 6.23 -3.11
N GLU C 435 -24.24 5.23 -2.28
CA GLU C 435 -23.68 5.19 -0.92
C GLU C 435 -22.14 5.14 -0.91
N LEU C 436 -21.55 4.60 -1.97
CA LEU C 436 -20.11 4.38 -2.05
C LEU C 436 -19.42 5.36 -2.98
N LEU C 437 -19.98 5.59 -4.17
CA LEU C 437 -19.43 6.53 -5.16
C LEU C 437 -20.03 7.93 -5.03
N LYS C 438 -19.19 8.90 -4.67
CA LYS C 438 -19.61 10.30 -4.51
C LYS C 438 -19.15 11.09 -5.72
N SER C 439 -19.81 12.21 -6.01
CA SER C 439 -19.55 12.93 -7.26
C SER C 439 -18.10 13.45 -7.32
N SER C 440 -17.55 13.88 -6.19
CA SER C 440 -16.11 14.22 -6.09
C SER C 440 -15.17 13.11 -6.64
N ASP C 441 -15.46 11.86 -6.27
CA ASP C 441 -14.81 10.66 -6.83
C ASP C 441 -15.08 10.57 -8.32
N LYS C 442 -16.34 10.78 -8.72
CA LYS C 442 -16.76 10.70 -10.14
C LYS C 442 -16.12 11.75 -11.06
N VAL C 443 -15.75 12.89 -10.48
CA VAL C 443 -15.17 13.99 -11.26
C VAL C 443 -13.74 13.66 -11.65
N MET C 444 -12.89 13.33 -10.68
CA MET C 444 -11.48 12.95 -10.98
C MET C 444 -11.43 11.69 -11.86
N LEU C 445 -12.34 10.74 -11.68
CA LEU C 445 -12.39 9.59 -12.58
C LEU C 445 -12.70 10.01 -13.99
N LYS C 446 -13.69 10.88 -14.16
CA LYS C 446 -14.09 11.33 -15.48
C LYS C 446 -13.02 12.18 -16.16
N ARG C 447 -12.24 12.91 -15.36
CA ARG C 447 -11.10 13.69 -15.88
C ARG C 447 -10.01 12.77 -16.44
N ARG C 448 -9.72 11.72 -15.69
CA ARG C 448 -8.75 10.72 -16.12
C ARG C 448 -9.19 9.94 -17.35
N ILE C 449 -10.49 9.68 -17.47
CA ILE C 449 -11.05 9.07 -18.67
C ILE C 449 -10.93 10.00 -19.89
N LEU C 450 -11.12 11.29 -19.67
CA LEU C 450 -10.94 12.28 -20.74
C LEU C 450 -9.51 12.33 -21.24
N ALA C 451 -8.54 12.25 -20.31
CA ALA C 451 -7.11 12.34 -20.69
C ALA C 451 -6.66 11.18 -21.56
N LEU C 452 -7.37 10.07 -21.47
CA LEU C 452 -7.13 8.92 -22.31
C LEU C 452 -7.72 9.05 -23.71
N ARG C 453 -8.82 9.75 -23.84
CA ARG C 453 -9.47 9.92 -25.14
C ARG C 453 -8.45 10.33 -26.19
N ARG C 454 -8.54 9.78 -27.40
CA ARG C 454 -7.65 10.21 -28.46
C ARG C 454 -8.49 10.81 -29.56
N PRO C 455 -7.88 11.74 -30.35
CA PRO C 455 -8.55 12.45 -31.46
C PRO C 455 -9.44 11.57 -32.32
N GLU C 456 -10.51 12.16 -32.84
CA GLU C 456 -11.57 11.38 -33.48
C GLU C 456 -11.04 10.89 -34.84
N GLY C 457 -11.09 9.57 -35.05
CA GLY C 457 -10.51 8.92 -36.23
C GLY C 457 -9.10 8.41 -36.08
N GLN C 458 -8.38 8.83 -35.02
CA GLN C 458 -6.99 8.41 -34.78
C GLN C 458 -6.94 6.94 -34.36
N LEU C 459 -5.93 6.21 -34.83
CA LEU C 459 -5.78 4.79 -34.54
C LEU C 459 -4.49 4.56 -33.77
N PRO C 460 -4.42 3.46 -32.97
CA PRO C 460 -3.21 3.15 -32.17
C PRO C 460 -2.04 2.91 -33.09
N PRO C 461 -0.86 3.44 -32.75
CA PRO C 461 0.25 3.29 -33.67
C PRO C 461 0.71 1.85 -33.99
N ILE C 462 1.42 1.75 -35.10
CA ILE C 462 2.05 0.50 -35.51
C ILE C 462 3.52 0.53 -35.13
N VAL C 463 3.93 1.55 -34.36
CA VAL C 463 5.33 1.73 -34.01
C VAL C 463 5.43 2.59 -32.75
N THR C 464 6.45 2.31 -31.93
CA THR C 464 6.59 2.96 -30.63
C THR C 464 7.66 4.04 -30.59
N HIS C 465 8.30 4.28 -31.72
CA HIS C 465 9.48 5.12 -31.78
C HIS C 465 9.31 6.05 -32.94
N ASN C 466 10.10 7.11 -32.93
CA ASN C 466 10.28 7.93 -34.13
C ASN C 466 11.44 7.33 -34.87
N MET C 467 11.17 6.97 -36.13
CA MET C 467 12.18 6.34 -36.96
C MET C 467 12.99 7.42 -37.62
N VAL C 468 14.25 7.12 -37.91
CA VAL C 468 15.02 7.85 -38.89
C VAL C 468 14.67 7.11 -40.17
N ASP C 469 14.23 7.81 -41.20
CA ASP C 469 13.81 7.18 -42.47
C ASP C 469 12.60 6.22 -42.34
N ASP C 470 11.58 6.74 -41.66
CA ASP C 470 10.27 6.09 -41.55
C ASP C 470 9.73 5.57 -42.91
N ALA C 471 9.77 6.46 -43.90
CA ALA C 471 9.24 6.18 -45.26
C ALA C 471 9.88 5.00 -45.99
N ASN C 472 11.16 4.73 -45.70
CA ASN C 472 11.90 3.63 -46.32
C ASN C 472 12.15 2.43 -45.42
N ASP C 473 11.70 2.45 -44.16
CA ASP C 473 11.82 1.23 -43.35
C ASP C 473 11.03 0.07 -43.96
N LEU C 474 11.65 -1.11 -43.99
CA LEU C 474 11.12 -2.26 -44.71
C LEU C 474 9.94 -2.87 -44.01
N ILE C 475 10.07 -3.04 -42.69
CA ILE C 475 9.00 -3.59 -41.84
C ILE C 475 7.77 -2.70 -41.91
N LEU C 476 7.98 -1.39 -41.74
CA LEU C 476 6.85 -0.44 -41.76
C LEU C 476 6.13 -0.45 -43.10
N ASN C 477 6.89 -0.31 -44.18
CA ASN C 477 6.33 -0.41 -45.53
C ASN C 477 5.50 -1.68 -45.74
N LYS C 478 5.97 -2.80 -45.18
CA LYS C 478 5.26 -4.07 -45.30
C LYS C 478 4.00 -4.08 -44.46
N ILE C 479 4.05 -3.49 -43.26
CA ILE C 479 2.87 -3.38 -42.43
C ILE C 479 1.83 -2.51 -43.12
N ARG C 480 2.30 -1.42 -43.73
CA ARG C 480 1.43 -0.47 -44.49
C ARG C 480 0.85 -1.12 -45.74
N GLN C 481 1.68 -1.86 -46.47
CA GLN C 481 1.20 -2.57 -47.66
C GLN C 481 0.07 -3.59 -47.33
N VAL C 482 0.22 -4.40 -46.28
CA VAL C 482 -0.84 -5.36 -45.88
C VAL C 482 -2.02 -4.75 -45.15
N GLN C 483 -1.88 -3.48 -44.75
CA GLN C 483 -2.94 -2.65 -44.14
C GLN C 483 -3.43 -3.21 -42.82
N LEU C 484 -2.47 -3.48 -41.94
CA LEU C 484 -2.74 -3.85 -40.58
C LEU C 484 -2.46 -2.57 -39.78
N PHE C 485 -3.50 -1.74 -39.65
CA PHE C 485 -3.40 -0.44 -39.02
C PHE C 485 -4.07 -0.38 -37.64
N ASN C 486 -4.21 -1.53 -36.98
CA ASN C 486 -4.84 -1.62 -35.65
C ASN C 486 -6.24 -1.00 -35.61
N SER C 487 -7.01 -1.24 -36.67
CA SER C 487 -8.40 -0.83 -36.72
C SER C 487 -9.22 -1.72 -35.79
N PRO C 488 -10.29 -1.18 -35.17
CA PRO C 488 -11.17 -1.96 -34.27
C PRO C 488 -11.60 -3.31 -34.84
N SER C 489 -11.87 -3.32 -36.15
CA SER C 489 -12.29 -4.51 -36.88
C SER C 489 -11.22 -5.61 -36.94
N ASP C 490 -9.96 -5.21 -37.15
CA ASP C 490 -8.83 -6.14 -37.17
C ASP C 490 -8.75 -7.01 -35.92
N ARG C 491 -8.87 -8.32 -36.09
CA ARG C 491 -8.61 -9.25 -35.01
C ARG C 491 -7.10 -9.46 -34.75
N VAL C 492 -6.23 -8.95 -35.63
CA VAL C 492 -4.77 -8.98 -35.41
C VAL C 492 -4.23 -7.56 -35.32
N LYS C 493 -3.54 -7.26 -34.23
CA LYS C 493 -2.91 -5.95 -34.04
C LYS C 493 -1.41 -6.08 -34.23
N MET C 494 -0.79 -4.97 -34.62
CA MET C 494 0.63 -4.92 -34.91
C MET C 494 1.28 -3.87 -34.01
N ILE C 495 2.43 -4.19 -33.42
CA ILE C 495 3.27 -3.23 -32.71
C ILE C 495 4.77 -3.49 -32.98
N PHE C 496 5.41 -2.53 -33.61
CA PHE C 496 6.80 -2.63 -34.00
C PHE C 496 7.60 -1.82 -33.00
N HIS C 497 8.40 -2.49 -32.20
CA HIS C 497 9.25 -1.87 -31.20
C HIS C 497 10.71 -1.94 -31.69
N PRO C 498 11.17 -0.94 -32.46
CA PRO C 498 12.46 -1.05 -33.16
C PRO C 498 13.70 -0.91 -32.29
N GLU C 499 13.78 -1.71 -31.23
CA GLU C 499 14.94 -1.73 -30.32
C GLU C 499 14.88 -2.96 -29.43
N PHE C 500 16.03 -3.41 -28.95
CA PHE C 500 16.05 -4.60 -28.05
C PHE C 500 15.51 -4.29 -26.64
N LEU C 501 14.65 -5.18 -26.13
CA LEU C 501 13.93 -4.99 -24.86
C LEU C 501 14.88 -5.05 -23.69
N ASN C 502 14.66 -4.19 -22.72
CA ASN C 502 15.49 -4.12 -21.53
C ASN C 502 14.62 -3.60 -20.39
N ALA C 503 14.88 -4.09 -19.18
CA ALA C 503 14.07 -3.74 -18.02
C ALA C 503 13.99 -2.24 -17.67
N ASN C 504 14.98 -1.43 -18.07
CA ASN C 504 14.94 0.04 -17.89
C ASN C 504 14.17 0.81 -18.96
N ASN C 505 13.61 0.08 -19.93
CA ASN C 505 12.78 0.64 -20.97
C ASN C 505 11.56 1.27 -20.31
N PRO C 506 11.32 2.57 -20.59
CA PRO C 506 10.24 3.30 -19.87
C PRO C 506 8.81 2.99 -20.27
N ILE C 507 8.55 2.39 -21.44
CA ILE C 507 7.17 2.01 -21.83
C ILE C 507 6.84 0.54 -21.54
N LEU C 508 7.82 -0.33 -21.71
CA LEU C 508 7.63 -1.77 -21.53
C LEU C 508 8.87 -2.29 -20.81
N GLY C 509 8.85 -2.12 -19.50
CA GLY C 509 10.03 -2.37 -18.66
C GLY C 509 10.22 -3.83 -18.33
N LEU C 510 10.66 -4.58 -19.33
CA LEU C 510 10.95 -6.00 -19.22
C LEU C 510 12.26 -6.28 -19.88
N ASP C 511 13.02 -7.22 -19.31
CA ASP C 511 14.12 -7.85 -20.03
C ASP C 511 13.58 -8.81 -21.08
N TYR C 512 14.39 -9.08 -22.10
CA TYR C 512 13.93 -9.96 -23.16
C TYR C 512 13.42 -11.29 -22.62
N ASP C 513 14.17 -11.90 -21.68
CA ASP C 513 13.73 -13.16 -21.06
C ASP C 513 12.29 -13.05 -20.51
N GLU C 514 12.03 -12.01 -19.72
CA GLU C 514 10.73 -11.83 -19.07
C GLU C 514 9.62 -11.69 -20.10
N PHE C 515 9.85 -10.83 -21.09
CA PHE C 515 8.90 -10.61 -22.17
C PHE C 515 8.49 -11.93 -22.83
N VAL C 516 9.47 -12.80 -23.07
CA VAL C 516 9.18 -14.07 -23.73
C VAL C 516 8.23 -14.89 -22.86
N ARG C 517 8.56 -15.02 -21.58
CA ARG C 517 7.67 -15.68 -20.63
C ARG C 517 6.22 -15.16 -20.69
N GLY C 518 6.07 -13.85 -20.73
CA GLY C 518 4.76 -13.24 -20.87
C GLY C 518 4.02 -13.59 -22.16
N CYS C 519 4.72 -13.68 -23.29
CA CYS C 519 4.02 -13.92 -24.57
C CYS C 519 3.43 -15.31 -24.65
N HIS C 520 2.64 -15.59 -25.68
CA HIS C 520 2.05 -16.92 -25.87
C HIS C 520 2.71 -17.76 -26.95
N LEU C 521 3.35 -17.14 -27.93
CA LEU C 521 3.86 -17.86 -29.10
C LEU C 521 4.98 -17.05 -29.75
N GLY C 522 6.17 -17.65 -29.84
CA GLY C 522 7.27 -17.06 -30.60
C GLY C 522 7.22 -17.50 -32.06
N VAL C 523 7.23 -16.56 -32.99
CA VAL C 523 7.16 -16.88 -34.42
C VAL C 523 8.41 -16.32 -35.11
N PHE C 524 9.28 -17.23 -35.55
CA PHE C 524 10.62 -16.92 -36.10
C PHE C 524 10.81 -17.70 -37.41
N PRO C 525 10.19 -17.23 -38.50
CA PRO C 525 10.12 -18.04 -39.70
C PRO C 525 11.31 -17.72 -40.62
N SER C 526 12.49 -18.08 -40.12
CA SER C 526 13.75 -17.67 -40.73
C SER C 526 14.01 -18.50 -41.97
N TYR C 527 14.46 -17.85 -43.04
CA TYR C 527 14.99 -18.54 -44.20
C TYR C 527 16.46 -18.82 -44.03
N TYR C 528 17.19 -17.98 -43.29
CA TYR C 528 18.59 -18.25 -42.98
C TYR C 528 18.86 -18.20 -41.47
N GLU C 529 19.18 -19.37 -40.91
CA GLU C 529 19.31 -19.54 -39.45
C GLU C 529 20.17 -20.77 -39.07
N PRO C 530 21.50 -20.59 -39.05
CA PRO C 530 22.42 -21.67 -38.69
C PRO C 530 22.05 -22.49 -37.49
N TRP C 531 21.61 -21.82 -36.43
CA TRP C 531 20.98 -22.47 -35.28
C TRP C 531 19.65 -21.79 -35.00
N GLY C 532 19.70 -20.59 -34.41
CA GLY C 532 18.50 -19.86 -34.00
C GLY C 532 18.19 -20.08 -32.52
N TYR C 533 18.93 -19.36 -31.68
CA TYR C 533 18.66 -19.33 -30.25
C TYR C 533 17.29 -18.76 -29.85
N THR C 534 16.73 -17.98 -30.75
CA THR C 534 15.51 -17.29 -30.50
C THR C 534 14.31 -18.21 -30.19
N PRO C 535 14.12 -19.30 -30.96
CA PRO C 535 13.10 -20.29 -30.59
C PRO C 535 13.57 -21.26 -29.54
N ALA C 536 14.88 -21.50 -29.48
CA ALA C 536 15.42 -22.43 -28.49
C ALA C 536 15.19 -21.88 -27.10
N GLU C 537 15.43 -20.58 -26.90
CA GLU C 537 15.31 -19.99 -25.56
C GLU C 537 13.84 -19.75 -25.20
N CYS C 538 13.03 -19.61 -26.24
CA CYS C 538 11.57 -19.70 -26.16
C CYS C 538 11.15 -21.04 -25.57
N THR C 539 11.80 -22.10 -26.03
CA THR C 539 11.44 -23.46 -25.66
C THR C 539 11.77 -23.77 -24.21
N VAL C 540 12.98 -23.47 -23.75
CA VAL C 540 13.33 -23.75 -22.33
C VAL C 540 12.45 -23.00 -21.34
N MET C 541 11.89 -21.87 -21.78
CA MET C 541 10.96 -21.09 -20.98
C MET C 541 9.51 -21.43 -21.28
N GLY C 542 9.23 -22.65 -21.73
CA GLY C 542 7.85 -23.14 -21.84
C GLY C 542 6.91 -22.44 -22.83
N VAL C 543 7.46 -21.68 -23.79
CA VAL C 543 6.69 -20.92 -24.78
C VAL C 543 6.79 -21.61 -26.13
N PRO C 544 5.65 -22.04 -26.70
CA PRO C 544 5.66 -22.60 -28.05
C PRO C 544 6.26 -21.66 -29.09
N SER C 545 6.93 -22.23 -30.08
CA SER C 545 7.60 -21.43 -31.10
C SER C 545 7.37 -22.03 -32.47
N ILE C 546 7.22 -21.13 -33.47
CA ILE C 546 7.19 -21.53 -34.87
C ILE C 546 8.58 -21.25 -35.44
N THR C 547 9.23 -22.30 -35.98
CA THR C 547 10.49 -22.15 -36.75
C THR C 547 10.34 -22.73 -38.18
N THR C 548 11.44 -22.90 -38.90
CA THR C 548 11.39 -23.51 -40.24
C THR C 548 12.34 -24.68 -40.26
N ASN C 549 12.17 -25.53 -41.27
CA ASN C 549 13.05 -26.68 -41.49
C ASN C 549 14.45 -26.34 -42.07
N VAL C 550 14.70 -25.07 -42.42
CA VAL C 550 15.99 -24.62 -42.93
C VAL C 550 16.85 -23.94 -41.87
N SER C 551 16.39 -24.05 -40.63
CA SER C 551 17.05 -23.50 -39.46
C SER C 551 17.79 -24.66 -38.77
N GLY C 552 18.94 -24.38 -38.16
CA GLY C 552 19.67 -25.41 -37.43
C GLY C 552 18.77 -26.02 -36.38
N PHE C 553 18.22 -25.16 -35.52
CA PHE C 553 17.35 -25.57 -34.42
C PHE C 553 16.17 -26.38 -34.92
N GLY C 554 15.51 -25.89 -35.97
CA GLY C 554 14.35 -26.59 -36.52
C GLY C 554 14.62 -28.01 -37.01
N SER C 555 15.71 -28.17 -37.77
CA SER C 555 16.10 -29.49 -38.32
C SER C 555 16.52 -30.42 -37.19
N TYR C 556 17.38 -29.94 -36.30
CA TYR C 556 17.71 -30.64 -35.05
C TYR C 556 16.47 -31.23 -34.33
N MET C 557 15.44 -30.42 -34.10
CA MET C 557 14.23 -30.87 -33.39
C MET C 557 13.40 -31.83 -34.23
N GLU C 558 13.25 -31.49 -35.51
CA GLU C 558 12.55 -32.34 -36.48
C GLU C 558 13.15 -33.73 -36.53
N ASP C 559 14.46 -33.81 -36.28
CA ASP C 559 15.17 -35.07 -36.19
C ASP C 559 14.73 -35.90 -34.97
N LEU C 560 14.49 -35.23 -33.85
CA LEU C 560 14.15 -35.90 -32.58
C LEU C 560 12.68 -36.24 -32.37
N ILE C 561 11.77 -35.51 -33.00
CA ILE C 561 10.32 -35.68 -32.79
C ILE C 561 9.63 -35.67 -34.15
N GLU C 562 8.70 -36.60 -34.36
CA GLU C 562 7.93 -36.64 -35.60
C GLU C 562 7.05 -35.37 -35.72
N THR C 563 7.07 -34.73 -36.90
CA THR C 563 6.61 -33.32 -37.07
C THR C 563 5.14 -33.03 -36.69
N ASN C 564 4.28 -34.05 -36.74
CA ASN C 564 2.90 -33.93 -36.21
C ASN C 564 2.86 -34.06 -34.67
N GLN C 565 3.67 -34.97 -34.13
CA GLN C 565 3.89 -35.08 -32.68
C GLN C 565 4.61 -33.86 -32.10
N ALA C 566 5.47 -33.23 -32.90
CA ALA C 566 6.24 -32.03 -32.48
C ALA C 566 5.42 -30.76 -32.20
N LYS C 567 4.24 -30.66 -32.81
CA LYS C 567 3.33 -29.53 -32.55
C LYS C 567 2.72 -29.57 -31.15
N ASP C 568 2.50 -30.78 -30.64
CA ASP C 568 1.93 -30.93 -29.30
C ASP C 568 2.94 -30.64 -28.18
N TYR C 569 4.22 -30.50 -28.52
CA TYR C 569 5.25 -30.05 -27.57
C TYR C 569 5.69 -28.60 -27.84
N GLY C 570 4.87 -27.86 -28.60
CA GLY C 570 5.13 -26.47 -28.94
C GLY C 570 6.35 -26.26 -29.81
N ILE C 571 6.55 -27.18 -30.77
CA ILE C 571 7.55 -27.01 -31.83
C ILE C 571 6.83 -27.10 -33.16
N TYR C 572 6.36 -25.95 -33.62
CA TYR C 572 5.78 -25.78 -34.95
C TYR C 572 6.88 -25.49 -35.97
N ILE C 573 7.05 -26.37 -36.97
CA ILE C 573 8.11 -26.20 -37.98
C ILE C 573 7.46 -26.11 -39.34
N VAL C 574 7.69 -24.99 -40.03
CA VAL C 574 7.12 -24.74 -41.37
C VAL C 574 8.13 -25.09 -42.45
N ASP C 575 7.62 -25.56 -43.58
CA ASP C 575 8.45 -26.05 -44.70
C ASP C 575 8.86 -24.93 -45.72
N ARG C 576 10.13 -24.55 -45.67
CA ARG C 576 10.74 -23.50 -46.50
C ARG C 576 11.80 -24.10 -47.46
N ARG C 577 11.68 -25.41 -47.71
CA ARG C 577 12.57 -26.13 -48.63
C ARG C 577 11.75 -26.80 -49.74
N PHE C 578 10.84 -27.70 -49.35
CA PHE C 578 10.03 -28.50 -50.29
C PHE C 578 8.62 -27.94 -50.51
N LYS C 579 8.50 -26.60 -50.52
CA LYS C 579 7.19 -25.94 -50.70
C LYS C 579 7.45 -24.56 -51.27
N ALA C 580 6.56 -24.12 -52.15
CA ALA C 580 6.63 -22.78 -52.72
C ALA C 580 6.48 -21.77 -51.59
N PRO C 581 7.14 -20.59 -51.71
CA PRO C 581 7.00 -19.54 -50.69
C PRO C 581 5.56 -19.25 -50.26
N ASP C 582 4.61 -19.24 -51.20
CA ASP C 582 3.21 -19.04 -50.86
C ASP C 582 2.55 -20.22 -50.13
N GLU C 583 3.05 -21.43 -50.33
CA GLU C 583 2.58 -22.57 -49.55
C GLU C 583 3.10 -22.51 -48.11
N SER C 584 4.33 -22.04 -47.95
CA SER C 584 4.96 -21.85 -46.65
C SER C 584 4.16 -20.86 -45.81
N VAL C 585 3.87 -19.72 -46.42
CA VAL C 585 3.08 -18.66 -45.79
C VAL C 585 1.75 -19.23 -45.30
N GLU C 586 1.00 -19.88 -46.19
CA GLU C 586 -0.27 -20.51 -45.81
C GLU C 586 -0.12 -21.58 -44.74
N GLN C 587 0.98 -22.30 -44.73
CA GLN C 587 1.19 -23.30 -43.68
C GLN C 587 1.39 -22.60 -42.35
N LEU C 588 2.24 -21.59 -42.34
CA LEU C 588 2.43 -20.71 -41.16
C LEU C 588 1.11 -20.11 -40.64
N VAL C 589 0.22 -19.67 -41.54
CA VAL C 589 -1.11 -19.19 -41.16
C VAL C 589 -1.93 -20.33 -40.53
N ASP C 590 -1.92 -21.52 -41.13
CA ASP C 590 -2.64 -22.67 -40.56
C ASP C 590 -2.19 -22.91 -39.14
N TYR C 591 -0.88 -22.89 -38.92
CA TYR C 591 -0.31 -23.07 -37.58
C TYR C 591 -0.83 -22.03 -36.62
N MET C 592 -0.75 -20.77 -37.02
CA MET C 592 -1.26 -19.69 -36.20
C MET C 592 -2.74 -19.87 -35.87
N GLU C 593 -3.56 -20.12 -36.89
CA GLU C 593 -5.03 -20.29 -36.71
C GLU C 593 -5.37 -21.48 -35.79
N GLU C 594 -4.59 -22.55 -35.91
CA GLU C 594 -4.73 -23.75 -35.08
C GLU C 594 -4.44 -23.43 -33.61
N PHE C 595 -3.44 -22.59 -33.38
CA PHE C 595 -3.06 -22.16 -32.03
C PHE C 595 -4.18 -21.38 -31.42
N VAL C 596 -4.65 -20.38 -32.18
CA VAL C 596 -5.71 -19.47 -31.73
C VAL C 596 -6.99 -20.20 -31.30
N LYS C 597 -7.36 -21.25 -32.03
CA LYS C 597 -8.51 -22.09 -31.64
C LYS C 597 -8.35 -22.78 -30.27
N LYS C 598 -7.12 -22.89 -29.77
CA LYS C 598 -6.90 -23.50 -28.46
C LYS C 598 -7.56 -22.73 -27.35
N THR C 599 -8.02 -23.52 -26.38
CA THR C 599 -8.56 -23.07 -25.13
C THR C 599 -7.40 -22.82 -24.15
N ARG C 600 -7.71 -22.19 -23.03
CA ARG C 600 -6.70 -21.93 -21.99
C ARG C 600 -6.10 -23.23 -21.47
N ARG C 601 -6.95 -24.15 -21.05
CA ARG C 601 -6.50 -25.43 -20.51
C ARG C 601 -5.48 -26.06 -21.47
N GLN C 602 -5.78 -26.02 -22.76
CA GLN C 602 -4.85 -26.56 -23.78
C GLN C 602 -3.53 -25.82 -23.87
N ARG C 603 -3.59 -24.50 -23.85
CA ARG C 603 -2.38 -23.69 -23.87
C ARG C 603 -1.49 -23.97 -22.67
N ILE C 604 -2.12 -24.11 -21.51
CA ILE C 604 -1.42 -24.46 -20.28
C ILE C 604 -0.76 -25.84 -20.41
N ASN C 605 -1.49 -26.82 -20.90
CA ASN C 605 -0.95 -28.18 -21.07
C ASN C 605 0.19 -28.25 -22.11
N GLN C 606 0.02 -27.56 -23.24
CA GLN C 606 1.06 -27.47 -24.28
C GLN C 606 2.36 -26.88 -23.72
N ARG C 607 2.24 -25.81 -22.94
CA ARG C 607 3.41 -25.16 -22.35
C ARG C 607 4.20 -26.08 -21.42
N ASN C 608 3.51 -26.93 -20.64
CA ASN C 608 4.19 -27.89 -19.77
C ASN C 608 5.01 -28.80 -20.62
N ARG C 609 4.35 -29.37 -21.63
CA ARG C 609 5.00 -30.29 -22.56
C ARG C 609 6.22 -29.61 -23.15
N THR C 610 6.06 -28.38 -23.62
CA THR C 610 7.20 -27.61 -24.14
C THR C 610 8.31 -27.52 -23.09
N GLU C 611 7.93 -27.20 -21.85
CA GLU C 611 8.89 -27.10 -20.74
C GLU C 611 9.69 -28.37 -20.59
N ARG C 612 8.99 -29.53 -20.63
CA ARG C 612 9.62 -30.86 -20.46
C ARG C 612 10.65 -31.18 -21.58
N LEU C 613 10.51 -30.58 -22.76
CA LEU C 613 11.54 -30.67 -23.83
C LEU C 613 12.88 -29.96 -23.52
N SER C 614 12.94 -29.13 -22.49
CA SER C 614 14.08 -28.23 -22.33
C SER C 614 15.38 -28.88 -21.82
N ASP C 615 15.31 -30.11 -21.35
CA ASP C 615 16.54 -30.87 -21.04
C ASP C 615 17.34 -31.29 -22.30
N LEU C 616 16.68 -31.32 -23.46
CA LEU C 616 17.35 -31.62 -24.73
C LEU C 616 18.29 -30.50 -25.17
N LEU C 617 18.02 -29.27 -24.72
CA LEU C 617 18.86 -28.11 -25.03
C LEU C 617 19.82 -27.70 -23.89
N ASP C 618 19.87 -28.49 -22.81
CA ASP C 618 20.78 -28.22 -21.69
C ASP C 618 22.25 -28.40 -22.13
N TRP C 619 23.07 -27.37 -21.92
CA TRP C 619 24.53 -27.47 -22.07
C TRP C 619 25.19 -28.67 -21.36
N LYS C 620 24.61 -29.19 -20.28
CA LYS C 620 25.07 -30.44 -19.64
C LYS C 620 25.19 -31.60 -20.64
N ARG C 621 24.27 -31.64 -21.60
CA ARG C 621 24.25 -32.62 -22.69
C ARG C 621 24.99 -32.11 -23.96
N MET C 622 24.69 -30.88 -24.38
CA MET C 622 25.26 -30.33 -25.62
C MET C 622 26.78 -30.06 -25.52
N GLY C 623 27.26 -29.76 -24.32
CA GLY C 623 28.65 -29.36 -24.13
C GLY C 623 29.63 -30.52 -24.21
N LEU C 624 29.10 -31.73 -24.37
CA LEU C 624 29.90 -32.92 -24.66
C LEU C 624 30.54 -32.83 -26.04
N GLU C 625 29.81 -32.33 -27.03
CA GLU C 625 30.38 -32.15 -28.35
C GLU C 625 31.57 -31.19 -28.33
N TYR C 626 31.57 -30.20 -27.46
CA TYR C 626 32.74 -29.32 -27.34
C TYR C 626 33.91 -30.13 -26.75
N VAL C 627 33.65 -31.00 -25.77
CA VAL C 627 34.72 -31.86 -25.24
C VAL C 627 35.29 -32.71 -26.38
N LYS C 628 34.41 -33.27 -27.22
CA LYS C 628 34.83 -34.05 -28.39
C LYS C 628 35.70 -33.27 -29.38
N ALA C 629 35.29 -32.03 -29.69
CA ALA C 629 36.07 -31.14 -30.56
C ALA C 629 37.45 -30.84 -29.99
N ARG C 630 37.52 -30.68 -28.68
CA ARG C 630 38.79 -30.42 -28.02
C ARG C 630 39.66 -31.66 -27.95
N GLN C 631 39.06 -32.83 -27.73
CA GLN C 631 39.78 -34.11 -27.80
C GLN C 631 40.38 -34.32 -29.19
N LEU C 632 39.57 -34.18 -30.24
CA LEU C 632 40.03 -34.34 -31.62
C LEU C 632 41.20 -33.41 -31.99
N ALA C 633 41.20 -32.19 -31.46
CA ALA C 633 42.33 -31.26 -31.69
C ALA C 633 43.62 -31.79 -31.05
N LEU C 634 43.55 -32.13 -29.77
CA LEU C 634 44.67 -32.75 -29.05
C LEU C 634 45.12 -34.06 -29.70
N ARG C 635 44.16 -34.83 -30.21
CA ARG C 635 44.46 -36.10 -30.90
C ARG C 635 45.21 -35.86 -32.22
N ARG C 636 44.87 -34.79 -32.93
CA ARG C 636 45.56 -34.41 -34.16
C ARG C 636 46.92 -33.76 -33.88
N GLY C 637 46.94 -32.79 -32.96
CA GLY C 637 48.18 -32.08 -32.62
C GLY C 637 49.31 -32.89 -32.00
N TYR C 638 48.99 -33.94 -31.23
CA TYR C 638 49.97 -34.74 -30.50
C TYR C 638 49.59 -36.21 -30.61
N PRO C 639 49.67 -36.78 -31.84
CA PRO C 639 49.20 -38.15 -32.13
C PRO C 639 49.84 -39.23 -31.28
N ASP C 640 51.15 -39.13 -31.07
CA ASP C 640 51.92 -40.13 -30.29
C ASP C 640 51.53 -40.13 -28.83
N GLN C 641 51.54 -38.93 -28.24
CA GLN C 641 51.17 -38.75 -26.84
C GLN C 641 49.75 -39.27 -26.61
N PHE C 642 48.84 -38.93 -27.53
CA PHE C 642 47.45 -39.40 -27.45
C PHE C 642 47.36 -40.93 -27.60
N ARG C 643 48.13 -41.51 -28.53
CA ARG C 643 48.16 -42.96 -28.76
C ARG C 643 48.51 -43.70 -27.47
N GLU C 644 49.66 -43.35 -26.90
CA GLU C 644 50.15 -44.02 -25.68
C GLU C 644 49.26 -43.76 -24.48
N LEU C 645 48.57 -42.62 -24.46
CA LEU C 645 47.63 -42.27 -23.37
C LEU C 645 46.34 -43.10 -23.39
N VAL C 646 45.97 -43.62 -24.55
CA VAL C 646 44.73 -44.37 -24.73
C VAL C 646 44.95 -45.88 -24.93
N GLY C 647 46.06 -46.27 -25.58
CA GLY C 647 46.40 -47.69 -25.80
C GLY C 647 46.31 -48.15 -27.26
N GLU C 648 45.31 -47.63 -27.96
CA GLU C 648 45.10 -47.86 -29.39
C GLU C 648 45.52 -46.65 -30.20
N GLU C 649 45.42 -46.79 -31.52
CA GLU C 649 45.47 -45.66 -32.44
C GLU C 649 44.02 -45.44 -32.84
N LEU C 650 43.43 -44.37 -32.31
CA LEU C 650 42.02 -44.10 -32.58
C LEU C 650 41.83 -43.27 -33.84
N ASN C 651 40.60 -43.29 -34.34
CA ASN C 651 40.24 -42.71 -35.64
C ASN C 651 40.09 -41.18 -35.53
N ASP C 652 40.96 -40.43 -36.20
CA ASP C 652 40.93 -38.97 -36.15
C ASP C 652 40.28 -38.30 -37.36
N SER C 653 39.45 -39.05 -38.11
CA SER C 653 38.81 -38.47 -39.28
C SER C 653 37.84 -37.35 -38.89
N ASN C 654 37.11 -37.53 -37.81
CA ASN C 654 36.16 -36.52 -37.35
C ASN C 654 35.83 -36.72 -35.88
N MET C 655 35.02 -35.82 -35.31
CA MET C 655 34.71 -35.88 -33.89
C MET C 655 34.04 -37.16 -33.43
N ASP C 656 33.12 -37.69 -34.23
CA ASP C 656 32.39 -38.92 -33.87
C ASP C 656 33.19 -40.20 -34.07
N ALA C 657 33.96 -40.22 -35.15
CA ALA C 657 34.89 -41.30 -35.47
C ALA C 657 35.82 -41.60 -34.31
N LEU C 658 36.31 -40.56 -33.65
CA LEU C 658 37.17 -40.71 -32.47
C LEU C 658 36.44 -41.21 -31.21
N ALA C 659 35.18 -40.80 -30.98
CA ALA C 659 34.49 -41.06 -29.69
C ALA C 659 33.76 -42.41 -29.64
N SER D 22 33.32 40.18 51.96
CA SER D 22 34.27 39.46 51.05
C SER D 22 33.72 38.12 50.54
N ARG D 23 32.59 38.19 49.83
CA ARG D 23 31.87 37.02 49.29
C ARG D 23 31.03 37.45 48.08
N ASP D 24 31.27 36.86 46.91
CA ASP D 24 30.55 37.26 45.68
C ASP D 24 29.14 36.67 45.67
N LEU D 25 28.16 37.53 45.42
CA LEU D 25 26.75 37.14 45.32
C LEU D 25 26.35 36.80 43.88
N GLN D 26 26.85 37.56 42.91
CA GLN D 26 26.49 37.37 41.49
C GLN D 26 27.06 36.09 40.86
N ASN D 27 28.31 35.78 41.18
CA ASN D 27 28.92 34.50 40.87
C ASN D 27 28.90 33.65 42.14
N HIS D 28 27.77 32.98 42.35
CA HIS D 28 27.54 32.10 43.52
C HIS D 28 27.36 30.63 43.10
N LEU D 29 27.40 29.73 44.09
CA LEU D 29 27.18 28.31 43.86
C LEU D 29 25.78 27.90 44.26
N LEU D 30 25.31 26.79 43.69
CA LEU D 30 24.01 26.19 44.01
C LEU D 30 24.19 24.72 44.36
N PHE D 31 23.53 24.29 45.44
CA PHE D 31 23.52 22.90 45.89
C PHE D 31 22.10 22.45 46.21
N GLU D 32 21.49 21.74 45.26
CA GLU D 32 20.09 21.30 45.33
C GLU D 32 19.97 19.86 45.87
N THR D 33 19.72 19.74 47.17
CA THR D 33 19.65 18.45 47.86
C THR D 33 18.22 17.90 47.80
N ALA D 34 18.10 16.58 47.59
CA ALA D 34 16.80 15.88 47.59
C ALA D 34 16.95 14.37 47.71
N THR D 35 15.94 13.72 48.29
CA THR D 35 15.86 12.25 48.39
C THR D 35 15.82 11.56 47.02
N GLU D 36 15.16 12.19 46.05
CA GLU D 36 14.88 11.56 44.77
C GLU D 36 15.89 11.85 43.63
N VAL D 37 17.09 12.32 43.97
CA VAL D 37 18.15 12.58 42.97
C VAL D 37 18.74 11.26 42.43
N ALA D 38 18.40 10.96 41.18
CA ALA D 38 18.86 9.75 40.49
C ALA D 38 18.26 8.44 41.07
N ASN D 39 17.00 8.51 41.51
CA ASN D 39 16.10 7.33 41.57
C ASN D 39 14.61 7.73 41.62
N ARG D 40 13.84 7.22 40.67
CA ARG D 40 12.42 7.57 40.54
C ARG D 40 11.58 6.96 41.67
N VAL D 41 11.53 7.66 42.79
CA VAL D 41 10.69 7.29 43.94
C VAL D 41 9.36 8.08 43.96
N GLY D 42 9.29 9.23 43.29
CA GLY D 42 8.05 9.99 43.23
C GLY D 42 8.09 11.23 42.36
N GLY D 43 7.15 12.15 42.62
CA GLY D 43 6.98 13.37 41.83
C GLY D 43 8.24 14.22 41.71
N ILE D 44 9.04 14.26 42.78
CA ILE D 44 10.22 15.13 42.85
C ILE D 44 11.35 14.68 41.90
N TYR D 45 11.37 13.41 41.51
CA TYR D 45 12.30 12.93 40.47
C TYR D 45 12.10 13.70 39.15
N SER D 46 10.85 13.68 38.67
CA SER D 46 10.52 14.31 37.39
C SER D 46 10.76 15.82 37.39
N VAL D 47 10.61 16.47 38.55
CA VAL D 47 10.83 17.91 38.70
C VAL D 47 12.31 18.26 38.53
N LEU D 48 13.16 17.63 39.35
CA LEU D 48 14.62 17.85 39.31
C LEU D 48 15.26 17.46 37.96
N LYS D 49 14.70 16.44 37.32
CA LYS D 49 15.15 15.99 36.00
C LYS D 49 14.88 17.04 34.90
N SER D 50 13.65 17.55 34.85
CA SER D 50 13.21 18.46 33.77
C SER D 50 13.70 19.89 33.96
N LYS D 51 13.89 20.27 35.22
CA LYS D 51 14.44 21.58 35.59
C LYS D 51 15.96 21.68 35.31
N ALA D 52 16.64 20.55 35.19
CA ALA D 52 18.10 20.52 35.01
C ALA D 52 18.63 21.32 33.81
N PRO D 53 18.01 21.17 32.62
CA PRO D 53 18.43 22.00 31.46
C PRO D 53 18.55 23.49 31.74
N ILE D 54 17.50 24.10 32.28
CA ILE D 54 17.50 25.55 32.60
C ILE D 54 18.47 25.90 33.77
N THR D 55 18.54 25.05 34.80
CA THR D 55 19.44 25.29 35.93
C THR D 55 20.91 25.08 35.62
N VAL D 56 21.22 24.17 34.69
CA VAL D 56 22.61 23.96 34.22
C VAL D 56 23.04 25.11 33.29
N ALA D 57 22.17 25.49 32.35
CA ALA D 57 22.43 26.63 31.45
C ALA D 57 22.80 27.91 32.20
N GLN D 58 22.14 28.15 33.34
CA GLN D 58 22.45 29.30 34.20
C GLN D 58 23.78 29.17 34.95
N TYR D 59 24.03 27.99 35.52
CA TYR D 59 25.20 27.75 36.40
C TYR D 59 26.34 26.93 35.79
N LYS D 60 26.22 26.53 34.52
CA LYS D 60 27.24 25.72 33.81
C LYS D 60 27.98 24.72 34.72
N ASP D 61 28.97 25.24 35.44
CA ASP D 61 29.93 24.46 36.23
C ASP D 61 29.63 24.48 37.77
N HIS D 62 28.80 25.43 38.23
CA HIS D 62 28.63 25.69 39.68
C HIS D 62 27.52 24.90 40.39
N TYR D 63 26.67 24.23 39.61
CA TYR D 63 25.48 23.53 40.11
C TYR D 63 25.81 22.06 40.37
N HIS D 64 25.49 21.59 41.58
CA HIS D 64 25.57 20.16 41.90
C HIS D 64 24.30 19.74 42.62
N LEU D 65 23.63 18.70 42.13
CA LEU D 65 22.57 18.02 42.87
C LEU D 65 23.19 17.11 43.93
N ILE D 66 22.50 16.91 45.05
CA ILE D 66 22.98 16.06 46.13
C ILE D 66 21.88 15.11 46.61
N GLY D 67 22.20 13.82 46.76
CA GLY D 67 21.23 12.83 47.21
C GLY D 67 21.82 11.60 47.89
N PRO D 68 20.96 10.76 48.51
CA PRO D 68 21.42 9.51 49.10
C PRO D 68 21.74 8.47 48.02
N LEU D 69 22.91 7.84 48.11
CA LEU D 69 23.37 6.86 47.13
C LEU D 69 22.46 5.63 47.10
N ASN D 70 21.74 5.48 46.00
CA ASN D 70 20.91 4.31 45.78
C ASN D 70 21.81 3.12 45.41
N LYS D 71 22.29 2.41 46.42
CA LYS D 71 23.21 1.26 46.23
C LYS D 71 22.72 0.27 45.16
N ALA D 72 21.42 0.00 45.16
CA ALA D 72 20.79 -0.95 44.23
C ALA D 72 20.89 -0.59 42.73
N THR D 73 20.46 0.62 42.36
CA THR D 73 20.32 0.98 40.92
C THR D 73 20.73 2.41 40.55
N TYR D 74 21.63 3.02 41.32
CA TYR D 74 22.31 4.24 40.86
C TYR D 74 22.95 4.02 39.49
N GLN D 75 23.57 2.85 39.30
CA GLN D 75 24.39 2.55 38.10
C GLN D 75 23.64 2.75 36.78
N ASN D 76 22.37 2.31 36.72
CA ASN D 76 21.56 2.45 35.50
C ASN D 76 21.16 3.89 35.16
N GLU D 77 21.42 4.87 36.05
CA GLU D 77 21.11 6.29 35.82
C GLU D 77 22.29 7.27 35.81
N VAL D 78 23.37 6.97 36.54
CA VAL D 78 24.48 7.93 36.70
C VAL D 78 25.77 7.50 35.96
N ASP D 79 26.33 8.44 35.19
CA ASP D 79 27.61 8.24 34.50
C ASP D 79 28.71 8.54 35.51
N ILE D 80 29.58 7.57 35.75
CA ILE D 80 30.40 7.53 36.98
C ILE D 80 31.82 8.12 36.83
N LEU D 81 31.87 9.45 36.68
CA LEU D 81 33.13 10.21 36.54
C LEU D 81 33.94 10.19 37.85
N ASP D 82 35.25 9.99 37.73
CA ASP D 82 36.16 10.01 38.88
C ASP D 82 36.59 11.44 39.21
N TRP D 83 36.67 11.73 40.51
CA TRP D 83 36.77 13.10 41.04
C TRP D 83 38.16 13.50 41.54
N LYS D 84 39.08 12.54 41.66
CA LYS D 84 40.44 12.78 42.18
C LYS D 84 41.34 13.49 41.18
N LYS D 85 41.11 13.24 39.88
CA LYS D 85 41.81 13.92 38.80
C LYS D 85 41.61 15.44 38.87
N PRO D 86 42.70 16.23 38.91
CA PRO D 86 42.59 17.69 38.78
C PRO D 86 41.96 18.13 37.46
N GLU D 87 42.08 17.26 36.44
CA GLU D 87 41.30 17.35 35.20
C GLU D 87 39.80 17.64 35.42
N ALA D 88 39.19 16.91 36.36
CA ALA D 88 37.72 16.88 36.55
C ALA D 88 37.09 18.03 37.38
N PHE D 89 37.79 19.15 37.53
CA PHE D 89 37.26 20.36 38.21
C PHE D 89 38.03 21.59 37.75
N SER D 90 37.36 22.75 37.72
CA SER D 90 38.04 24.02 37.41
C SER D 90 38.74 24.57 38.64
N ASP D 91 39.51 25.63 38.46
CA ASP D 91 40.27 26.25 39.57
C ASP D 91 39.38 27.02 40.54
N GLU D 92 38.38 27.73 40.03
CA GLU D 92 37.40 28.42 40.88
C GLU D 92 36.44 27.44 41.57
N MET D 93 36.14 26.32 40.90
CA MET D 93 35.39 25.18 41.49
C MET D 93 36.32 24.09 42.05
N ARG D 94 37.54 24.48 42.40
CA ARG D 94 38.46 23.59 43.11
C ARG D 94 37.98 23.29 44.55
N PRO D 95 37.42 24.30 45.28
CA PRO D 95 37.04 24.08 46.69
C PRO D 95 36.19 22.85 46.98
N VAL D 96 35.23 22.55 46.10
CA VAL D 96 34.39 21.33 46.24
C VAL D 96 35.18 20.01 46.13
N GLN D 97 36.27 20.01 45.36
CA GLN D 97 37.15 18.85 45.26
C GLN D 97 37.90 18.62 46.58
N HIS D 98 38.50 19.69 47.11
CA HIS D 98 39.22 19.65 48.40
C HIS D 98 38.32 19.26 49.60
N ALA D 99 37.03 19.56 49.51
CA ALA D 99 36.05 19.19 50.54
C ALA D 99 35.66 17.71 50.47
N LEU D 100 35.43 17.21 49.25
CA LEU D 100 35.22 15.76 49.01
C LEU D 100 36.42 14.95 49.53
N GLN D 101 37.61 15.48 49.30
CA GLN D 101 38.88 14.88 49.76
C GLN D 101 39.03 14.87 51.28
N THR D 102 38.59 15.96 51.94
CA THR D 102 38.57 16.03 53.40
C THR D 102 37.60 15.00 54.03
N MET D 103 36.59 14.57 53.28
CA MET D 103 35.65 13.52 53.71
C MET D 103 36.04 12.12 53.24
N GLU D 104 36.66 12.03 52.07
CA GLU D 104 37.42 10.86 51.67
C GLU D 104 38.43 10.46 52.77
N SER D 105 39.23 11.44 53.20
CA SER D 105 40.29 11.20 54.20
C SER D 105 39.80 11.04 55.65
N ARG D 106 38.52 11.31 55.91
CA ARG D 106 37.91 11.05 57.22
C ARG D 106 36.87 9.90 57.19
N GLY D 107 36.74 9.21 56.05
CA GLY D 107 36.09 7.88 56.00
C GLY D 107 34.97 7.65 55.00
N VAL D 108 34.16 8.68 54.76
CA VAL D 108 32.84 8.53 54.12
C VAL D 108 32.88 8.23 52.61
N HIS D 109 32.11 7.22 52.18
CA HIS D 109 32.04 6.83 50.77
C HIS D 109 31.05 7.76 50.03
N PHE D 110 31.41 8.17 48.81
CA PHE D 110 30.56 9.08 48.03
C PHE D 110 30.88 9.03 46.53
N VAL D 111 29.88 8.73 45.69
CA VAL D 111 30.06 8.74 44.21
C VAL D 111 29.76 10.12 43.58
N TYR D 112 30.71 10.58 42.76
CA TYR D 112 30.56 11.76 41.92
C TYR D 112 30.09 11.29 40.55
N GLY D 113 29.71 12.23 39.68
CA GLY D 113 29.47 11.92 38.27
C GLY D 113 28.67 12.95 37.50
N ARG D 114 27.96 12.46 36.48
CA ARG D 114 26.94 13.25 35.77
C ARG D 114 25.70 12.38 35.50
N TRP D 115 24.52 12.99 35.63
CA TRP D 115 23.25 12.29 35.57
C TRP D 115 22.86 12.09 34.11
N LEU D 116 22.49 10.86 33.71
CA LEU D 116 22.10 10.56 32.30
C LEU D 116 20.76 11.22 31.90
N ILE D 117 20.76 12.55 31.89
CA ILE D 117 19.57 13.37 31.70
C ILE D 117 20.02 14.54 30.82
N GLU D 118 19.13 15.04 29.97
CA GLU D 118 19.43 16.21 29.15
C GLU D 118 19.84 17.35 30.07
N GLY D 119 20.96 18.00 29.74
CA GLY D 119 21.57 19.00 30.61
C GLY D 119 22.77 18.46 31.37
N ALA D 120 22.73 17.16 31.70
CA ALA D 120 23.86 16.45 32.30
C ALA D 120 24.42 17.19 33.52
N PRO D 121 23.57 17.40 34.54
CA PRO D 121 24.01 18.08 35.73
C PRO D 121 24.92 17.17 36.54
N LYS D 122 25.92 17.76 37.19
CA LYS D 122 26.84 16.99 38.02
C LYS D 122 26.20 16.65 39.36
N VAL D 123 26.46 15.44 39.86
CA VAL D 123 25.80 14.93 41.07
C VAL D 123 26.77 14.32 42.08
N ILE D 124 26.36 14.36 43.36
CA ILE D 124 27.11 13.82 44.48
C ILE D 124 26.15 12.95 45.28
N LEU D 125 26.39 11.64 45.28
CA LEU D 125 25.54 10.70 46.01
C LEU D 125 26.30 10.13 47.21
N PHE D 126 25.96 10.59 48.41
CA PHE D 126 26.64 10.15 49.63
C PHE D 126 26.07 8.82 50.12
N ASP D 127 26.96 7.87 50.41
CA ASP D 127 26.62 6.52 50.90
C ASP D 127 26.26 6.52 52.40
N LEU D 128 24.97 6.36 52.71
CA LEU D 128 24.47 6.39 54.10
C LEU D 128 24.85 5.19 54.97
N ASP D 129 25.12 4.05 54.34
CA ASP D 129 25.63 2.86 55.03
C ASP D 129 27.03 3.09 55.59
N SER D 130 27.85 3.86 54.85
CA SER D 130 29.20 4.23 55.30
C SER D 130 29.22 5.24 56.47
N VAL D 131 28.05 5.67 56.93
CA VAL D 131 27.93 6.54 58.10
C VAL D 131 27.05 5.96 59.23
N ARG D 132 26.28 4.90 58.95
CA ARG D 132 25.35 4.30 59.94
C ARG D 132 25.87 4.21 61.38
N GLY D 133 27.18 3.96 61.55
CA GLY D 133 27.84 3.96 62.87
C GLY D 133 27.76 5.25 63.70
N TYR D 134 27.49 6.38 63.05
CA TYR D 134 27.25 7.66 63.76
C TYR D 134 25.84 7.84 64.29
N SER D 135 24.92 6.93 63.94
CA SER D 135 23.49 7.11 64.19
C SER D 135 23.12 7.52 65.61
N ASN D 136 23.68 6.83 66.61
CA ASN D 136 23.35 7.08 68.01
C ASN D 136 23.90 8.40 68.52
N GLU D 137 25.09 8.79 68.05
CA GLU D 137 25.62 10.15 68.33
C GLU D 137 24.70 11.22 67.73
N TRP D 138 24.28 11.00 66.49
CA TRP D 138 23.51 12.00 65.74
C TRP D 138 22.02 12.06 66.10
N LYS D 139 21.42 10.92 66.41
CA LYS D 139 20.04 10.90 66.94
C LYS D 139 19.96 11.70 68.24
N GLY D 140 20.92 11.48 69.13
CA GLY D 140 21.02 12.18 70.40
C GLY D 140 21.38 13.65 70.29
N ASP D 141 22.22 13.99 69.31
CA ASP D 141 22.55 15.40 69.02
C ASP D 141 21.31 16.20 68.61
N LEU D 142 20.52 15.62 67.71
CA LEU D 142 19.28 16.24 67.23
C LEU D 142 18.21 16.29 68.34
N TRP D 143 18.16 15.25 69.18
CA TRP D 143 17.33 15.24 70.39
C TRP D 143 17.63 16.46 71.29
N SER D 144 18.92 16.72 71.51
CA SER D 144 19.36 17.84 72.34
C SER D 144 19.20 19.19 71.63
N LEU D 145 19.73 19.29 70.42
CA LEU D 145 19.84 20.58 69.71
C LEU D 145 18.51 21.14 69.14
N VAL D 146 17.57 20.27 68.77
CA VAL D 146 16.23 20.71 68.31
C VAL D 146 15.01 19.90 68.82
N GLY D 147 15.21 18.91 69.70
CA GLY D 147 14.09 18.18 70.33
C GLY D 147 13.30 17.24 69.43
N ILE D 148 13.97 16.61 68.47
CA ILE D 148 13.35 15.73 67.48
C ILE D 148 13.55 14.26 67.90
N PRO D 149 12.45 13.56 68.30
CA PRO D 149 12.61 12.16 68.71
C PRO D 149 12.91 11.26 67.51
N SER D 150 13.34 10.02 67.78
CA SER D 150 13.84 9.14 66.73
C SER D 150 13.60 7.65 67.05
N PRO D 151 12.36 7.17 66.86
CA PRO D 151 12.05 5.73 66.87
C PRO D 151 13.01 4.96 65.97
N GLU D 152 13.67 3.97 66.55
CA GLU D 152 14.71 3.17 65.88
C GLU D 152 14.16 2.35 64.71
N ASN D 153 12.94 1.84 64.88
CA ASN D 153 12.28 1.02 63.84
C ASN D 153 11.73 1.79 62.60
N ASP D 154 11.86 3.12 62.56
CA ASP D 154 11.53 3.90 61.37
C ASP D 154 12.76 4.00 60.43
N PHE D 155 12.86 3.07 59.48
CA PHE D 155 13.98 3.04 58.51
C PHE D 155 14.11 4.31 57.68
N GLU D 156 12.98 4.97 57.38
CA GLU D 156 12.95 6.21 56.58
C GLU D 156 13.61 7.41 57.30
N THR D 157 13.13 7.76 58.49
CA THR D 157 13.73 8.85 59.30
C THR D 157 15.17 8.57 59.74
N ASN D 158 15.57 7.30 59.80
CA ASN D 158 16.97 6.94 60.03
C ASN D 158 17.85 7.40 58.89
N ASP D 159 17.42 7.10 57.66
CA ASP D 159 18.14 7.55 56.46
C ASP D 159 18.08 9.07 56.28
N ALA D 160 16.93 9.67 56.60
CA ALA D 160 16.78 11.13 56.55
C ALA D 160 17.69 11.88 57.54
N ILE D 161 18.02 11.24 58.65
CA ILE D 161 18.88 11.84 59.69
C ILE D 161 20.36 11.76 59.31
N LEU D 162 20.75 10.67 58.64
CA LEU D 162 22.16 10.45 58.23
C LEU D 162 22.53 11.36 57.08
N LEU D 163 21.66 11.38 56.06
CA LEU D 163 21.83 12.24 54.87
C LEU D 163 22.12 13.69 55.22
N GLY D 164 21.25 14.30 56.01
CA GLY D 164 21.37 15.72 56.31
C GLY D 164 22.56 16.09 57.20
N TYR D 165 22.91 15.23 58.15
CA TYR D 165 24.16 15.38 58.91
C TYR D 165 25.38 15.19 58.02
N THR D 166 25.31 14.22 57.12
CA THR D 166 26.34 14.02 56.09
C THR D 166 26.41 15.23 55.15
N VAL D 167 25.26 15.75 54.74
CA VAL D 167 25.19 16.89 53.81
C VAL D 167 25.58 18.22 54.48
N ALA D 168 25.21 18.41 55.74
CA ALA D 168 25.62 19.61 56.48
C ALA D 168 27.13 19.61 56.77
N TRP D 169 27.68 18.43 57.09
CA TRP D 169 29.14 18.20 57.17
C TRP D 169 29.83 18.78 55.93
N PHE D 170 29.30 18.39 54.77
CA PHE D 170 29.85 18.76 53.48
C PHE D 170 29.85 20.27 53.23
N LEU D 171 28.67 20.88 53.34
CA LEU D 171 28.50 22.33 53.11
C LEU D 171 29.32 23.20 54.08
N GLY D 172 29.57 22.67 55.29
CA GLY D 172 30.46 23.30 56.26
C GLY D 172 31.91 23.33 55.78
N GLU D 173 32.40 22.21 55.26
CA GLU D 173 33.77 22.13 54.73
C GLU D 173 33.94 22.87 53.39
N VAL D 174 32.87 22.96 52.59
CA VAL D 174 32.89 23.74 51.35
C VAL D 174 32.95 25.23 51.66
N ALA D 175 32.08 25.70 52.55
CA ALA D 175 32.08 27.10 53.00
C ALA D 175 33.45 27.51 53.56
N HIS D 176 34.08 26.63 54.33
CA HIS D 176 35.39 26.92 54.91
C HIS D 176 36.55 26.83 53.90
N LEU D 177 36.40 26.03 52.84
CA LEU D 177 37.41 25.92 51.78
C LEU D 177 37.11 26.76 50.52
N ASP D 178 36.00 27.49 50.54
CA ASP D 178 35.61 28.40 49.45
C ASP D 178 35.42 29.79 50.05
N SER D 179 36.32 30.73 49.73
CA SER D 179 36.23 32.13 50.20
C SER D 179 35.90 33.14 49.09
N GLN D 180 35.45 32.63 47.93
CA GLN D 180 35.10 33.47 46.77
C GLN D 180 33.58 33.54 46.58
N HIS D 181 32.95 32.38 46.43
CA HIS D 181 31.53 32.29 46.06
C HIS D 181 30.63 32.29 47.28
N ALA D 182 29.53 33.05 47.21
CA ALA D 182 28.40 32.82 48.11
C ALA D 182 27.81 31.45 47.75
N ILE D 183 27.27 30.74 48.74
CA ILE D 183 26.78 29.38 48.53
C ILE D 183 25.28 29.31 48.87
N VAL D 184 24.48 28.87 47.89
CA VAL D 184 23.03 28.68 48.05
C VAL D 184 22.70 27.18 48.17
N ALA D 185 22.08 26.79 49.27
CA ALA D 185 21.74 25.39 49.54
C ALA D 185 20.23 25.19 49.48
N HIS D 186 19.76 24.58 48.39
CA HIS D 186 18.33 24.29 48.20
C HIS D 186 18.03 22.89 48.71
N PHE D 187 16.98 22.74 49.52
CA PHE D 187 16.58 21.45 50.06
C PHE D 187 15.14 21.11 49.68
N HIS D 188 14.93 19.84 49.28
CA HIS D 188 13.63 19.38 48.77
C HIS D 188 13.01 18.26 49.62
N GLN D 189 11.85 18.58 50.20
CA GLN D 189 11.05 17.71 51.05
C GLN D 189 11.69 17.45 52.40
N TRP D 190 10.84 17.12 53.36
CA TRP D 190 11.25 16.94 54.76
C TRP D 190 12.35 15.90 54.97
N LEU D 191 12.38 14.88 54.12
CA LEU D 191 13.40 13.83 54.18
C LEU D 191 14.82 14.35 53.91
N ALA D 192 14.94 15.40 53.10
CA ALA D 192 16.22 16.06 52.81
C ALA D 192 16.59 17.14 53.84
N GLY D 193 15.59 17.65 54.56
CA GLY D 193 15.75 18.83 55.40
C GLY D 193 16.07 18.71 56.88
N VAL D 194 16.74 17.64 57.31
CA VAL D 194 17.36 17.69 58.66
C VAL D 194 18.64 18.52 58.62
N ALA D 195 19.23 18.67 57.43
CA ALA D 195 20.41 19.53 57.23
C ALA D 195 20.14 21.02 57.46
N LEU D 196 18.87 21.43 57.46
CA LEU D 196 18.50 22.83 57.64
C LEU D 196 18.74 23.39 59.07
N PRO D 197 18.18 22.76 60.14
CA PRO D 197 18.48 23.19 61.53
C PRO D 197 19.96 23.19 61.92
N LEU D 198 20.76 22.32 61.31
CA LEU D 198 22.21 22.27 61.57
C LEU D 198 22.90 23.48 60.94
N CYS D 199 22.59 23.77 59.68
CA CYS D 199 23.12 24.97 59.00
C CYS D 199 22.82 26.27 59.77
N ARG D 200 21.65 26.34 60.41
CA ARG D 200 21.27 27.53 61.21
C ARG D 200 21.86 27.50 62.63
N LYS D 201 21.59 26.43 63.37
CA LYS D 201 22.13 26.25 64.73
C LYS D 201 23.64 26.41 64.77
N ARG D 202 24.34 25.83 63.78
CA ARG D 202 25.81 25.92 63.66
C ARG D 202 26.36 27.14 62.87
N ARG D 203 25.54 28.19 62.69
CA ARG D 203 25.95 29.47 62.05
C ARG D 203 26.87 29.35 60.82
N ILE D 204 26.58 28.38 59.96
CA ILE D 204 27.39 28.10 58.74
C ILE D 204 27.12 29.20 57.70
N ASP D 205 28.15 29.54 56.92
CA ASP D 205 28.10 30.70 56.01
C ASP D 205 27.61 30.34 54.60
N VAL D 206 26.38 29.85 54.54
CA VAL D 206 25.66 29.61 53.29
C VAL D 206 24.24 30.17 53.47
N VAL D 207 23.40 30.09 52.43
CA VAL D 207 22.00 30.50 52.55
C VAL D 207 21.08 29.36 52.10
N THR D 208 19.96 29.21 52.80
CA THR D 208 19.12 28.02 52.67
C THR D 208 17.74 28.31 52.09
N ILE D 209 17.36 27.54 51.05
CA ILE D 209 15.98 27.46 50.58
C ILE D 209 15.45 26.09 50.97
N PHE D 210 14.19 26.05 51.41
CA PHE D 210 13.47 24.78 51.63
C PHE D 210 12.13 24.82 50.88
N THR D 211 11.90 23.80 50.07
CA THR D 211 10.63 23.61 49.37
C THR D 211 9.92 22.37 49.91
N THR D 212 8.62 22.47 50.21
CA THR D 212 7.80 21.30 50.48
C THR D 212 6.81 21.11 49.36
N HIS D 213 6.83 19.92 48.78
CA HIS D 213 5.91 19.52 47.73
C HIS D 213 4.60 18.94 48.28
N ALA D 214 4.49 18.87 49.61
CA ALA D 214 3.24 18.55 50.31
C ALA D 214 3.40 18.94 51.79
N THR D 215 2.54 18.41 52.65
CA THR D 215 2.79 18.40 54.09
C THR D 215 2.40 17.05 54.63
N LEU D 216 3.10 16.61 55.67
CA LEU D 216 2.79 15.31 56.29
C LEU D 216 1.33 15.24 56.69
N LEU D 217 0.92 16.20 57.51
CA LEU D 217 -0.44 16.25 58.05
C LEU D 217 -1.50 16.28 56.95
N GLY D 218 -1.32 17.22 56.01
CA GLY D 218 -2.20 17.39 54.87
C GLY D 218 -2.54 16.07 54.21
N ARG D 219 -1.52 15.25 53.93
CA ARG D 219 -1.72 13.95 53.32
C ARG D 219 -2.55 13.04 54.22
N TYR D 220 -2.13 12.91 55.48
CA TYR D 220 -2.79 11.98 56.41
C TYR D 220 -4.25 12.35 56.69
N LEU D 221 -4.48 13.59 57.12
CA LEU D 221 -5.83 14.06 57.48
C LEU D 221 -6.89 13.78 56.39
N CYS D 222 -6.51 13.93 55.11
CA CYS D 222 -7.43 13.76 53.97
C CYS D 222 -7.90 12.32 53.69
N ALA D 223 -7.34 11.33 54.37
CA ALA D 223 -7.97 9.99 54.44
C ALA D 223 -9.28 10.07 55.28
N SER D 224 -10.43 10.14 54.60
CA SER D 224 -11.78 10.27 55.20
C SER D 224 -12.14 11.71 55.69
N GLY D 225 -13.26 11.87 56.41
CA GLY D 225 -13.76 13.17 56.85
C GLY D 225 -12.81 13.94 57.77
N ASP D 228 -13.14 17.45 56.79
CA ASP D 228 -13.49 18.54 55.88
C ASP D 228 -12.30 19.51 55.73
N PHE D 229 -11.19 18.91 55.33
CA PHE D 229 -9.83 19.46 55.38
C PHE D 229 -9.66 20.96 55.10
N TYR D 230 -10.21 21.45 54.00
CA TYR D 230 -9.89 22.79 53.52
C TYR D 230 -10.57 23.91 54.33
N ASN D 231 -11.71 23.58 54.93
CA ASN D 231 -12.45 24.53 55.75
C ASN D 231 -12.01 24.43 57.21
N CYS D 232 -11.99 23.22 57.76
CA CYS D 232 -11.68 23.00 59.18
C CYS D 232 -10.26 22.46 59.39
N LEU D 233 -9.24 23.29 59.16
CA LEU D 233 -7.82 22.90 59.44
C LEU D 233 -7.01 23.92 60.19
N GLU D 234 -7.20 25.21 59.92
CA GLU D 234 -6.44 26.25 60.62
C GLU D 234 -6.69 26.20 62.12
N SER D 235 -7.89 25.75 62.51
CA SER D 235 -8.22 25.48 63.90
C SER D 235 -8.34 23.97 64.17
N VAL D 236 -7.23 23.27 64.05
CA VAL D 236 -7.04 21.95 64.69
C VAL D 236 -5.61 21.91 65.21
N ASP D 237 -5.38 21.08 66.22
CA ASP D 237 -4.08 21.05 66.90
C ASP D 237 -3.09 20.21 66.09
N VAL D 238 -1.90 20.78 65.89
CA VAL D 238 -0.89 20.21 65.01
C VAL D 238 -0.02 19.18 65.73
N ASP D 239 0.34 19.49 66.98
CA ASP D 239 1.15 18.56 67.79
C ASP D 239 0.33 17.36 68.29
N HIS D 240 -0.97 17.53 68.50
CA HIS D 240 -1.84 16.41 68.86
C HIS D 240 -2.08 15.47 67.69
N GLU D 241 -2.45 16.02 66.54
CA GLU D 241 -2.83 15.23 65.35
C GLU D 241 -1.64 14.52 64.68
N ALA D 242 -0.45 15.12 64.76
CA ALA D 242 0.80 14.42 64.40
C ALA D 242 1.03 13.22 65.33
N GLY D 243 0.81 13.43 66.62
CA GLY D 243 0.83 12.36 67.61
C GLY D 243 -0.30 11.36 67.44
N ARG D 244 -1.48 11.84 67.04
CA ARG D 244 -2.63 10.98 66.74
C ARG D 244 -2.32 10.02 65.58
N PHE D 245 -1.95 10.57 64.41
CA PHE D 245 -1.64 9.76 63.21
C PHE D 245 -0.32 8.95 63.30
N GLY D 246 0.48 9.23 64.34
CA GLY D 246 1.59 8.36 64.75
C GLY D 246 2.95 8.66 64.13
N ILE D 247 3.12 9.87 63.60
CA ILE D 247 4.40 10.31 63.02
C ILE D 247 4.66 11.73 63.55
N TYR D 248 4.85 11.83 64.86
CA TYR D 248 5.23 13.08 65.49
C TYR D 248 6.68 13.41 65.15
N HIS D 249 7.54 12.41 65.33
CA HIS D 249 8.96 12.45 64.93
C HIS D 249 9.26 12.96 63.50
N ARG D 250 8.51 12.51 62.50
CA ARG D 250 8.70 13.00 61.12
C ARG D 250 8.16 14.43 60.94
N TYR D 251 6.99 14.73 61.52
CA TYR D 251 6.46 16.09 61.51
C TYR D 251 7.44 17.12 62.11
N CYS D 252 8.14 16.72 63.17
CA CYS D 252 9.12 17.58 63.82
C CYS D 252 10.23 18.01 62.85
N ILE D 253 10.65 17.08 61.97
CA ILE D 253 11.70 17.36 60.98
C ILE D 253 11.24 18.30 59.86
N GLU D 254 9.98 18.15 59.42
CA GLU D 254 9.40 19.04 58.42
C GLU D 254 9.27 20.47 58.96
N ARG D 255 8.74 20.60 60.17
CA ARG D 255 8.54 21.91 60.80
C ARG D 255 9.86 22.59 61.16
N ALA D 256 10.83 21.79 61.59
CA ALA D 256 12.17 22.28 61.84
C ALA D 256 12.77 22.80 60.53
N ALA D 257 12.64 22.00 59.46
CA ALA D 257 13.13 22.36 58.12
C ALA D 257 12.57 23.69 57.63
N ALA D 258 11.26 23.84 57.74
CA ALA D 258 10.59 25.06 57.32
C ALA D 258 11.02 26.29 58.13
N HIS D 259 11.19 26.13 59.45
CA HIS D 259 11.53 27.27 60.32
C HIS D 259 12.99 27.68 60.27
N SER D 260 13.90 26.72 60.19
CA SER D 260 15.33 27.02 60.14
C SER D 260 15.85 27.51 58.78
N ALA D 261 15.04 27.38 57.73
CA ALA D 261 15.42 27.82 56.38
C ALA D 261 15.32 29.34 56.22
N ASP D 262 16.28 29.95 55.52
CA ASP D 262 16.26 31.41 55.28
C ASP D 262 15.04 31.82 54.47
N VAL D 263 14.72 31.05 53.44
CA VAL D 263 13.49 31.21 52.68
C VAL D 263 12.80 29.85 52.59
N PHE D 264 11.49 29.87 52.75
CA PHE D 264 10.67 28.67 52.76
C PHE D 264 9.64 28.80 51.65
N THR D 265 9.45 27.72 50.89
CA THR D 265 8.56 27.72 49.72
C THR D 265 7.73 26.44 49.63
N THR D 266 6.64 26.52 48.89
CA THR D 266 5.85 25.37 48.51
C THR D 266 5.77 25.39 46.99
N VAL D 267 5.00 24.47 46.40
CA VAL D 267 4.86 24.39 44.94
C VAL D 267 3.58 25.02 44.39
N SER D 268 2.65 25.41 45.26
CA SER D 268 1.41 26.08 44.84
C SER D 268 0.77 26.82 46.00
N GLN D 269 -0.06 27.80 45.68
CA GLN D 269 -0.64 28.65 46.72
C GLN D 269 -1.53 27.82 47.67
N ILE D 270 -2.34 26.89 47.15
CA ILE D 270 -3.16 26.02 48.02
C ILE D 270 -2.35 25.20 49.03
N THR D 271 -1.16 24.78 48.62
CA THR D 271 -0.24 24.09 49.50
C THR D 271 0.46 25.06 50.44
N ALA D 272 0.69 26.29 49.99
CA ALA D 272 1.20 27.37 50.86
C ALA D 272 0.25 27.68 51.99
N PHE D 273 -1.05 27.69 51.69
CA PHE D 273 -2.11 27.92 52.68
C PHE D 273 -2.17 26.77 53.67
N GLU D 274 -2.18 25.56 53.13
CA GLU D 274 -2.04 24.32 53.89
C GLU D 274 -0.80 24.36 54.83
N ALA D 275 0.35 24.80 54.30
CA ALA D 275 1.61 24.81 55.05
C ALA D 275 1.69 25.93 56.08
N GLU D 276 1.13 27.11 55.78
CA GLU D 276 1.10 28.22 56.76
C GLU D 276 0.52 27.72 58.08
N HIS D 277 -0.69 27.18 58.03
CA HIS D 277 -1.39 26.72 59.23
C HIS D 277 -0.82 25.43 59.83
N LEU D 278 -0.27 24.53 59.03
CA LEU D 278 0.23 23.23 59.54
C LEU D 278 1.74 23.19 59.83
N LEU D 279 2.50 24.12 59.27
CA LEU D 279 3.94 24.26 59.59
C LEU D 279 4.28 25.59 60.30
N LYS D 280 3.27 26.41 60.58
CA LYS D 280 3.44 27.65 61.34
C LYS D 280 4.46 28.59 60.70
N ARG D 281 4.35 28.74 59.38
CA ARG D 281 5.13 29.71 58.65
C ARG D 281 4.50 30.00 57.29
N LYS D 282 4.18 31.28 57.07
CA LYS D 282 3.72 31.76 55.76
C LYS D 282 4.90 31.64 54.82
N PRO D 283 4.70 31.04 53.63
CA PRO D 283 5.86 30.94 52.75
C PRO D 283 6.23 32.28 52.09
N ASP D 284 7.53 32.51 51.92
CA ASP D 284 8.05 33.66 51.17
C ASP D 284 7.89 33.58 49.63
N GLY D 285 7.30 32.49 49.10
CA GLY D 285 7.06 32.37 47.67
C GLY D 285 6.59 30.98 47.23
N ILE D 286 6.12 30.91 45.99
CA ILE D 286 5.67 29.69 45.33
C ILE D 286 6.71 29.24 44.30
N LEU D 287 7.08 27.96 44.31
CA LEU D 287 7.95 27.39 43.28
C LEU D 287 7.20 26.35 42.46
N PRO D 288 6.37 26.81 41.51
CA PRO D 288 5.61 25.81 40.78
C PRO D 288 6.50 24.94 39.86
N ASN D 289 5.97 23.75 39.56
CA ASN D 289 6.68 22.71 38.85
C ASN D 289 6.42 22.91 37.37
N GLY D 290 7.46 23.30 36.64
CA GLY D 290 7.42 23.32 35.20
C GLY D 290 7.58 21.96 34.53
N LEU D 291 7.49 22.01 33.21
CA LEU D 291 7.82 20.91 32.34
C LEU D 291 8.81 21.38 31.29
N ASN D 292 9.61 20.44 30.82
CA ASN D 292 10.53 20.68 29.72
C ASN D 292 9.72 20.52 28.44
N VAL D 293 9.09 21.61 27.96
CA VAL D 293 8.15 21.50 26.82
C VAL D 293 8.91 21.36 25.51
N ILE D 294 8.36 20.53 24.63
CA ILE D 294 8.98 20.24 23.34
C ILE D 294 8.21 21.00 22.25
N LYS D 295 8.70 22.21 21.93
CA LYS D 295 8.07 23.06 20.93
C LYS D 295 8.34 22.50 19.54
N PHE D 296 7.28 22.17 18.80
CA PHE D 296 7.40 21.76 17.40
C PHE D 296 7.91 22.90 16.50
N GLN D 297 8.37 22.53 15.31
CA GLN D 297 8.78 23.49 14.28
C GLN D 297 7.61 24.35 13.84
N ALA D 298 6.48 23.70 13.59
CA ALA D 298 5.23 24.34 13.18
C ALA D 298 4.21 24.19 14.29
N PHE D 299 3.65 25.31 14.75
CA PHE D 299 2.71 25.34 15.88
C PHE D 299 1.54 24.36 15.70
N HIS D 300 0.94 24.37 14.52
CA HIS D 300 -0.18 23.48 14.18
C HIS D 300 0.16 22.00 14.05
N GLU D 301 1.39 21.60 14.34
CA GLU D 301 1.74 20.17 14.31
C GLU D 301 0.96 19.34 15.34
N PHE D 302 0.83 19.88 16.55
CA PHE D 302 0.13 19.19 17.65
C PHE D 302 -1.31 18.84 17.24
N GLN D 303 -1.89 19.69 16.41
CA GLN D 303 -3.25 19.50 15.90
C GLN D 303 -3.35 18.28 14.96
N ASN D 304 -2.33 18.09 14.14
CA ASN D 304 -2.31 16.93 13.28
C ASN D 304 -2.16 15.65 14.08
N LEU D 305 -1.28 15.67 15.08
CA LEU D 305 -1.16 14.54 16.04
C LEU D 305 -2.49 14.22 16.70
N HIS D 306 -3.19 15.24 17.18
CA HIS D 306 -4.49 15.00 17.76
C HIS D 306 -5.32 14.12 16.85
N ALA D 307 -5.37 14.45 15.57
CA ALA D 307 -6.22 13.71 14.63
C ALA D 307 -5.76 12.29 14.36
N LEU D 308 -4.44 12.11 14.36
CA LEU D 308 -3.86 10.79 14.18
C LEU D 308 -4.14 9.91 15.36
N LYS D 309 -3.83 10.40 16.55
CA LYS D 309 -4.05 9.60 17.73
C LYS D 309 -5.55 9.38 17.95
N LYS D 310 -6.41 10.34 17.60
CA LYS D 310 -7.87 10.08 17.71
C LYS D 310 -8.30 8.90 16.83
N GLU D 311 -7.59 8.66 15.73
CA GLU D 311 -7.87 7.51 14.87
C GLU D 311 -7.60 6.21 15.59
N LYS D 312 -6.49 6.15 16.32
CA LYS D 312 -6.16 4.98 17.13
C LYS D 312 -7.20 4.71 18.24
N ILE D 313 -7.74 5.77 18.83
CA ILE D 313 -8.80 5.62 19.81
C ILE D 313 -10.08 5.17 19.14
N ASN D 314 -10.36 5.63 17.92
CA ASN D 314 -11.55 5.18 17.18
C ASN D 314 -11.49 3.72 16.83
N ASP D 315 -10.29 3.28 16.49
CA ASP D 315 -10.07 1.90 16.18
C ASP D 315 -10.42 1.06 17.39
N PHE D 316 -9.92 1.47 18.55
CA PHE D 316 -10.23 0.78 19.80
C PHE D 316 -11.71 0.73 20.04
N VAL D 317 -12.36 1.86 19.81
CA VAL D 317 -13.75 2.03 20.18
C VAL D 317 -14.64 1.15 19.29
N ARG D 318 -14.32 1.09 18.01
CA ARG D 318 -15.07 0.25 17.08
C ARG D 318 -15.05 -1.18 17.54
N GLY D 319 -13.86 -1.60 17.95
CA GLY D 319 -13.63 -2.92 18.50
C GLY D 319 -14.49 -3.13 19.73
N HIS D 320 -14.43 -2.17 20.65
CA HIS D 320 -15.11 -2.25 21.94
C HIS D 320 -16.62 -2.37 21.84
N PHE D 321 -17.20 -1.60 20.91
CA PHE D 321 -18.65 -1.58 20.69
C PHE D 321 -18.97 -2.40 19.44
N HIS D 322 -18.21 -3.43 19.16
CA HIS D 322 -18.51 -4.24 17.99
C HIS D 322 -19.90 -4.80 18.24
N GLY D 323 -20.75 -4.83 17.22
CA GLY D 323 -22.13 -5.29 17.41
C GLY D 323 -23.08 -4.37 18.18
N CYS D 324 -22.57 -3.28 18.73
CA CYS D 324 -23.39 -2.30 19.45
C CYS D 324 -22.96 -0.91 19.00
N PHE D 325 -22.72 -0.76 17.70
CA PHE D 325 -22.17 0.47 17.16
C PHE D 325 -23.22 1.36 16.50
N ASP D 326 -23.98 2.07 17.35
CA ASP D 326 -25.07 2.96 16.93
C ASP D 326 -24.71 4.43 16.86
N PHE D 327 -23.51 4.83 17.22
CA PHE D 327 -23.17 6.25 17.20
C PHE D 327 -22.16 6.62 16.09
N ASP D 328 -21.90 7.91 15.89
CA ASP D 328 -21.02 8.38 14.82
C ASP D 328 -19.80 9.01 15.47
N LEU D 329 -18.62 8.45 15.22
CA LEU D 329 -17.37 8.87 15.86
C LEU D 329 -16.95 10.27 15.48
N ASP D 330 -17.44 10.72 14.34
CA ASP D 330 -17.21 12.10 13.90
C ASP D 330 -17.87 13.14 14.82
N ASN D 331 -18.88 12.69 15.58
CA ASN D 331 -19.62 13.49 16.53
C ASN D 331 -19.56 12.87 17.96
N THR D 332 -18.34 12.55 18.37
CA THR D 332 -18.09 11.80 19.59
C THR D 332 -16.91 12.43 20.28
N LEU D 333 -16.94 12.44 21.60
CA LEU D 333 -15.90 13.10 22.39
C LEU D 333 -15.33 12.17 23.42
N TYR D 334 -14.02 12.31 23.64
CA TYR D 334 -13.25 11.41 24.47
C TYR D 334 -12.83 12.21 25.67
N PHE D 335 -13.50 11.95 26.79
CA PHE D 335 -13.13 12.51 28.10
C PHE D 335 -12.32 11.44 28.77
N PHE D 336 -11.30 11.84 29.52
CA PHE D 336 -10.58 10.88 30.36
C PHE D 336 -10.15 11.46 31.70
N ILE D 337 -10.00 10.57 32.67
CA ILE D 337 -9.30 10.82 33.94
C ILE D 337 -8.17 9.82 33.97
N ALA D 338 -7.04 10.18 34.58
CA ALA D 338 -5.91 9.26 34.66
C ALA D 338 -5.05 9.54 35.85
N GLY D 339 -4.30 8.53 36.27
CA GLY D 339 -3.31 8.69 37.32
C GLY D 339 -3.35 7.57 38.34
N ARG D 340 -2.67 7.81 39.47
CA ARG D 340 -2.66 6.89 40.60
C ARG D 340 -4.10 6.64 41.04
N TYR D 341 -4.36 5.40 41.44
CA TYR D 341 -5.70 5.00 41.89
C TYR D 341 -5.87 5.52 43.31
N GLU D 342 -6.31 6.77 43.40
CA GLU D 342 -6.81 7.35 44.63
C GLU D 342 -8.25 7.80 44.37
N TYR D 343 -9.19 6.90 44.63
CA TYR D 343 -10.59 7.09 44.29
C TYR D 343 -11.20 8.41 44.78
N LYS D 344 -10.83 8.86 45.98
CA LYS D 344 -11.38 10.14 46.50
C LYS D 344 -10.51 11.34 46.20
N ASN D 345 -9.21 11.23 46.49
CA ASN D 345 -8.28 12.34 46.25
C ASN D 345 -8.18 12.80 44.82
N LYS D 346 -8.26 11.88 43.86
CA LYS D 346 -8.10 12.24 42.45
C LYS D 346 -9.43 12.57 41.76
N GLY D 347 -10.55 12.29 42.44
CA GLY D 347 -11.86 12.72 42.03
C GLY D 347 -12.64 11.75 41.18
N ALA D 348 -12.21 10.49 41.15
CA ALA D 348 -12.91 9.47 40.37
C ALA D 348 -14.37 9.32 40.76
N ASP D 349 -14.69 9.55 42.03
CA ASP D 349 -16.09 9.58 42.53
C ASP D 349 -16.92 10.70 41.91
N MET D 350 -16.38 11.92 41.90
CA MET D 350 -17.05 13.07 41.31
C MET D 350 -17.22 12.87 39.82
N PHE D 351 -16.12 12.45 39.19
CA PHE D 351 -16.06 12.22 37.75
C PHE D 351 -17.19 11.31 37.27
N ILE D 352 -17.27 10.13 37.87
CA ILE D 352 -18.29 9.16 37.53
C ILE D 352 -19.71 9.67 37.81
N GLU D 353 -19.90 10.35 38.96
CA GLU D 353 -21.21 10.87 39.34
C GLU D 353 -21.60 11.96 38.36
N ALA D 354 -20.65 12.86 38.08
CA ALA D 354 -20.87 13.93 37.11
C ALA D 354 -21.28 13.36 35.76
N LEU D 355 -20.55 12.34 35.28
CA LEU D 355 -20.83 11.70 33.99
C LEU D 355 -22.23 11.09 33.94
N ALA D 356 -22.67 10.50 35.05
CA ALA D 356 -24.04 9.99 35.13
C ALA D 356 -25.09 11.09 35.01
N ARG D 357 -24.80 12.26 35.56
CA ARG D 357 -25.71 13.41 35.47
C ARG D 357 -25.72 14.00 34.05
N LEU D 358 -24.51 14.23 33.51
CA LEU D 358 -24.32 14.65 32.11
C LEU D 358 -25.06 13.78 31.15
N ASN D 359 -25.10 12.50 31.45
CA ASN D 359 -25.86 11.57 30.66
C ASN D 359 -27.34 11.94 30.67
N TYR D 360 -27.90 12.13 31.87
CA TYR D 360 -29.30 12.48 31.98
C TYR D 360 -29.59 13.73 31.16
N ARG D 361 -28.75 14.74 31.32
CA ARG D 361 -28.91 16.00 30.62
C ARG D 361 -28.96 15.78 29.09
N LEU D 362 -27.93 15.12 28.56
CA LEU D 362 -27.82 14.96 27.11
C LEU D 362 -29.04 14.22 26.59
N LYS D 363 -29.55 13.25 27.36
CA LYS D 363 -30.76 12.52 26.98
C LYS D 363 -31.97 13.42 26.97
N VAL D 364 -32.19 14.12 28.07
CA VAL D 364 -33.29 15.07 28.19
C VAL D 364 -33.28 16.06 27.04
N SER D 365 -32.13 16.65 26.74
CA SER D 365 -32.01 17.64 25.66
C SER D 365 -31.92 17.04 24.24
N GLY D 366 -32.05 15.73 24.09
CA GLY D 366 -32.00 15.10 22.78
C GLY D 366 -30.71 15.30 21.98
N SER D 367 -29.60 15.58 22.67
CA SER D 367 -28.31 15.74 22.01
C SER D 367 -28.04 14.55 21.11
N LYS D 368 -27.38 14.79 20.00
CA LYS D 368 -26.93 13.72 19.13
C LYS D 368 -25.48 13.37 19.43
N LYS D 369 -24.80 14.07 20.34
CA LYS D 369 -23.41 13.74 20.65
C LYS D 369 -23.30 12.51 21.56
N THR D 370 -22.08 11.94 21.57
CA THR D 370 -21.72 10.85 22.49
C THR D 370 -20.43 11.22 23.20
N VAL D 371 -20.31 10.77 24.45
CA VAL D 371 -19.09 10.93 25.21
C VAL D 371 -18.61 9.54 25.62
N VAL D 372 -17.40 9.17 25.20
CA VAL D 372 -16.77 7.95 25.70
C VAL D 372 -15.77 8.39 26.76
N ALA D 373 -16.09 8.07 28.02
CA ALA D 373 -15.26 8.44 29.14
C ALA D 373 -14.29 7.33 29.51
N PHE D 374 -12.98 7.62 29.46
CA PHE D 374 -11.93 6.67 29.87
C PHE D 374 -11.47 6.92 31.31
N ILE D 375 -11.30 5.86 32.10
CA ILE D 375 -10.66 5.97 33.40
C ILE D 375 -9.43 5.10 33.27
N VAL D 376 -8.26 5.71 33.47
CA VAL D 376 -6.98 5.00 33.32
C VAL D 376 -6.25 5.10 34.65
N MET D 377 -6.66 4.21 35.58
CA MET D 377 -6.09 4.14 36.91
C MET D 377 -5.69 2.70 37.18
N PRO D 378 -4.40 2.44 37.47
CA PRO D 378 -3.98 1.04 37.65
C PRO D 378 -4.63 0.34 38.81
N ALA D 379 -5.11 -0.87 38.55
CA ALA D 379 -5.73 -1.73 39.54
C ALA D 379 -5.30 -3.20 39.35
N LYS D 380 -5.28 -3.97 40.43
CA LYS D 380 -4.94 -5.39 40.36
C LYS D 380 -5.85 -6.13 39.39
N ASN D 381 -5.23 -6.69 38.35
CA ASN D 381 -5.94 -7.38 37.26
C ASN D 381 -5.24 -8.69 36.79
N ASN D 382 -5.92 -9.50 36.00
CA ASN D 382 -5.32 -10.65 35.30
C ASN D 382 -5.36 -10.38 33.78
N SER D 383 -4.69 -9.29 33.43
CA SER D 383 -4.55 -8.81 32.05
C SER D 383 -5.90 -8.54 31.36
N PHE D 384 -5.88 -8.49 30.03
CA PHE D 384 -7.02 -8.10 29.24
C PHE D 384 -8.02 -9.23 29.19
N THR D 385 -9.25 -8.90 28.83
CA THR D 385 -10.30 -9.91 28.70
C THR D 385 -10.23 -10.53 27.33
N VAL D 386 -10.76 -11.75 27.20
CA VAL D 386 -10.89 -12.40 25.89
C VAL D 386 -11.83 -11.65 24.98
N GLU D 387 -12.87 -11.04 25.57
CA GLU D 387 -13.82 -10.24 24.79
C GLU D 387 -13.18 -9.02 24.18
N ALA D 388 -12.30 -8.41 24.94
CA ALA D 388 -11.54 -7.28 24.46
C ALA D 388 -10.69 -7.68 23.27
N LEU D 389 -9.92 -8.74 23.39
CA LEU D 389 -9.02 -9.14 22.33
C LEU D 389 -9.72 -9.70 21.08
N LYS D 390 -10.84 -10.40 21.29
CA LYS D 390 -11.64 -10.88 20.17
C LYS D 390 -12.24 -9.77 19.35
N GLY D 391 -12.64 -8.71 20.02
CA GLY D 391 -13.18 -7.55 19.36
C GLY D 391 -12.19 -6.91 18.42
N GLN D 392 -10.97 -6.56 18.85
CA GLN D 392 -10.00 -5.95 17.92
C GLN D 392 -9.86 -6.89 16.74
N ALA D 393 -9.70 -8.18 17.03
CA ALA D 393 -9.48 -9.19 16.01
C ALA D 393 -10.63 -9.31 15.01
N GLU D 394 -11.87 -9.31 15.49
CA GLU D 394 -13.02 -9.43 14.62
C GLU D 394 -13.16 -8.25 13.67
N VAL D 395 -12.76 -7.08 14.17
CA VAL D 395 -12.77 -5.83 13.43
C VAL D 395 -11.60 -5.79 12.47
N ARG D 396 -10.42 -6.16 12.96
CA ARG D 396 -9.22 -6.21 12.14
C ARG D 396 -9.43 -7.16 10.94
N ALA D 397 -10.18 -8.24 11.17
CA ALA D 397 -10.59 -9.14 10.11
C ALA D 397 -11.52 -8.46 9.13
N LEU D 398 -12.54 -7.77 9.62
CA LEU D 398 -13.42 -7.04 8.71
C LEU D 398 -12.63 -6.08 7.85
N GLU D 399 -11.67 -5.36 8.43
CA GLU D 399 -10.83 -4.41 7.68
C GLU D 399 -10.15 -5.08 6.48
N ASN D 400 -9.65 -6.29 6.66
CA ASN D 400 -8.95 -6.97 5.60
C ASN D 400 -9.90 -7.51 4.54
N THR D 401 -11.04 -8.08 4.91
CA THR D 401 -12.00 -8.51 3.91
C THR D 401 -12.48 -7.32 3.11
N VAL D 402 -12.53 -6.15 3.73
CA VAL D 402 -12.93 -4.94 3.03
C VAL D 402 -11.83 -4.60 2.03
N HIS D 403 -10.58 -4.64 2.48
CA HIS D 403 -9.45 -4.30 1.60
C HIS D 403 -9.35 -5.21 0.38
N GLU D 404 -9.64 -6.48 0.57
CA GLU D 404 -9.70 -7.42 -0.53
C GLU D 404 -10.82 -7.04 -1.51
N VAL D 405 -12.01 -6.74 -1.00
CA VAL D 405 -13.12 -6.39 -1.87
C VAL D 405 -12.85 -5.09 -2.66
N THR D 406 -12.24 -4.10 -2.01
CA THR D 406 -12.04 -2.82 -2.68
C THR D 406 -10.98 -2.89 -3.77
N THR D 407 -10.07 -3.88 -3.76
CA THR D 407 -9.15 -4.01 -4.92
C THR D 407 -9.86 -4.67 -6.12
N SER D 408 -10.76 -5.61 -5.87
CA SER D 408 -11.58 -6.18 -6.96
C SER D 408 -12.45 -5.09 -7.57
N ILE D 409 -13.03 -4.25 -6.70
CA ILE D 409 -13.82 -3.12 -7.16
C ILE D 409 -12.94 -2.21 -8.01
N GLY D 410 -11.72 -1.95 -7.55
CA GLY D 410 -10.70 -1.21 -8.32
C GLY D 410 -10.51 -1.77 -9.72
N LYS D 411 -10.22 -3.06 -9.82
CA LYS D 411 -10.03 -3.74 -11.12
C LYS D 411 -11.20 -3.51 -12.06
N ARG D 412 -12.41 -3.50 -11.51
CA ARG D 412 -13.62 -3.37 -12.32
C ARG D 412 -13.97 -1.92 -12.75
N ILE D 413 -13.67 -0.96 -11.89
CA ILE D 413 -13.81 0.46 -12.20
C ILE D 413 -12.82 0.83 -13.29
N PHE D 414 -11.56 0.49 -13.05
CA PHE D 414 -10.47 0.71 -14.00
C PHE D 414 -10.77 0.13 -15.37
N ASP D 415 -11.47 -0.99 -15.41
CA ASP D 415 -11.80 -1.60 -16.68
C ASP D 415 -12.80 -0.76 -17.41
N HIS D 416 -13.90 -0.42 -16.74
CA HIS D 416 -14.94 0.45 -17.30
C HIS D 416 -14.35 1.77 -17.77
N ALA D 417 -13.48 2.36 -16.96
CA ALA D 417 -12.82 3.62 -17.30
C ALA D 417 -12.05 3.58 -18.63
N ILE D 418 -11.22 2.55 -18.80
CA ILE D 418 -10.32 2.50 -19.96
C ILE D 418 -10.98 1.93 -21.21
N ARG D 419 -12.12 1.28 -21.01
CA ARG D 419 -12.88 0.64 -22.07
C ARG D 419 -13.87 1.58 -22.74
N TYR D 420 -14.45 2.49 -21.95
CA TYR D 420 -15.45 3.46 -22.44
C TYR D 420 -14.90 4.22 -23.62
N PRO D 421 -15.66 4.33 -24.71
CA PRO D 421 -17.09 3.95 -24.81
C PRO D 421 -17.38 2.63 -25.56
N HIS D 422 -16.40 1.73 -25.61
CA HIS D 422 -16.47 0.57 -26.49
C HIS D 422 -17.22 -0.57 -25.83
N ASN D 423 -17.52 -1.60 -26.61
CA ASN D 423 -18.18 -2.81 -26.10
C ASN D 423 -19.48 -2.53 -25.37
N GLY D 424 -20.24 -1.56 -25.84
CA GLY D 424 -21.56 -1.27 -25.30
C GLY D 424 -21.60 -0.51 -23.99
N LEU D 425 -20.46 0.02 -23.54
CA LEU D 425 -20.44 0.92 -22.38
C LEU D 425 -20.93 2.32 -22.79
N THR D 426 -22.14 2.62 -22.35
CA THR D 426 -22.81 3.87 -22.66
C THR D 426 -22.50 5.00 -21.66
N THR D 427 -22.09 4.66 -20.44
CA THR D 427 -21.80 5.64 -19.39
C THR D 427 -20.32 5.57 -19.05
N GLU D 428 -19.72 6.69 -18.68
CA GLU D 428 -18.28 6.75 -18.40
C GLU D 428 -17.89 5.94 -17.19
N LEU D 429 -18.79 5.84 -16.21
CA LEU D 429 -18.53 5.07 -15.00
C LEU D 429 -19.62 4.06 -14.77
N PRO D 430 -19.35 3.06 -13.91
CA PRO D 430 -20.40 2.16 -13.46
C PRO D 430 -21.47 2.93 -12.74
N THR D 431 -22.70 2.46 -12.89
CA THR D 431 -23.87 3.09 -12.27
C THR D 431 -24.62 2.13 -11.34
N ASP D 432 -24.54 0.83 -11.65
CA ASP D 432 -25.15 -0.23 -10.86
C ASP D 432 -24.06 -0.94 -10.06
N LEU D 433 -24.24 -1.00 -8.74
CA LEU D 433 -23.26 -1.62 -7.84
C LEU D 433 -23.03 -3.07 -8.21
N GLY D 434 -24.05 -3.73 -8.77
CA GLY D 434 -23.94 -5.08 -9.32
C GLY D 434 -22.72 -5.31 -10.20
N GLU D 435 -22.37 -4.31 -10.99
CA GLU D 435 -21.15 -4.34 -11.78
C GLU D 435 -19.92 -4.54 -10.91
N LEU D 436 -19.86 -3.88 -9.76
CA LEU D 436 -18.67 -3.88 -8.90
C LEU D 436 -18.64 -4.91 -7.76
N LEU D 437 -19.79 -5.16 -7.10
CA LEU D 437 -19.88 -6.15 -5.99
C LEU D 437 -20.51 -7.47 -6.43
N LYS D 438 -19.68 -8.51 -6.48
CA LYS D 438 -20.07 -9.83 -6.94
C LYS D 438 -20.35 -10.76 -5.76
N SER D 439 -21.24 -11.73 -5.95
CA SER D 439 -21.73 -12.64 -4.89
C SER D 439 -20.65 -13.08 -3.94
N SER D 440 -19.55 -13.55 -4.50
CA SER D 440 -18.39 -13.95 -3.72
C SER D 440 -17.85 -12.86 -2.77
N ASP D 441 -17.80 -11.61 -3.23
CA ASP D 441 -17.40 -10.48 -2.38
C ASP D 441 -18.42 -10.28 -1.25
N LYS D 442 -19.70 -10.36 -1.60
CA LYS D 442 -20.80 -10.16 -0.65
C LYS D 442 -20.80 -11.20 0.46
N VAL D 443 -20.50 -12.44 0.10
CA VAL D 443 -20.48 -13.55 1.07
C VAL D 443 -19.40 -13.38 2.14
N MET D 444 -18.18 -12.99 1.78
CA MET D 444 -17.13 -12.88 2.79
C MET D 444 -17.38 -11.71 3.71
N LEU D 445 -17.86 -10.59 3.15
CA LEU D 445 -18.28 -9.44 3.92
C LEU D 445 -19.43 -9.72 4.91
N LYS D 446 -20.42 -10.47 4.47
CA LYS D 446 -21.50 -10.88 5.35
C LYS D 446 -21.05 -11.79 6.48
N ARG D 447 -20.15 -12.72 6.19
CA ARG D 447 -19.58 -13.58 7.21
C ARG D 447 -18.83 -12.78 8.28
N ARG D 448 -18.02 -11.82 7.86
CA ARG D 448 -17.33 -10.91 8.79
C ARG D 448 -18.22 -10.13 9.71
N ILE D 449 -19.34 -9.65 9.14
CA ILE D 449 -20.33 -8.87 9.86
C ILE D 449 -20.92 -9.74 10.93
N LEU D 450 -21.33 -10.95 10.57
CA LEU D 450 -21.82 -11.93 11.54
C LEU D 450 -20.89 -12.17 12.73
N ALA D 451 -19.60 -12.23 12.45
CA ALA D 451 -18.60 -12.46 13.49
C ALA D 451 -18.52 -11.34 14.54
N LEU D 452 -18.98 -10.14 14.17
CA LEU D 452 -19.02 -9.00 15.07
C LEU D 452 -20.32 -8.92 15.91
N ARG D 453 -21.38 -9.58 15.43
CA ARG D 453 -22.66 -9.72 16.13
C ARG D 453 -22.46 -10.15 17.56
N ARG D 454 -23.22 -9.58 18.50
CA ARG D 454 -23.09 -10.02 19.88
C ARG D 454 -24.40 -10.58 20.46
N PRO D 455 -24.27 -11.54 21.42
CA PRO D 455 -25.41 -12.23 22.04
C PRO D 455 -26.53 -11.29 22.43
N GLU D 456 -27.78 -11.73 22.27
CA GLU D 456 -28.92 -10.82 22.41
C GLU D 456 -28.95 -10.27 23.86
N GLY D 457 -29.01 -8.94 23.98
CA GLY D 457 -28.99 -8.28 25.28
C GLY D 457 -27.62 -8.01 25.89
N GLN D 458 -26.55 -8.54 25.32
CA GLN D 458 -25.19 -8.24 25.81
C GLN D 458 -24.88 -6.78 25.54
N LEU D 459 -24.11 -6.17 26.43
CA LEU D 459 -23.70 -4.77 26.25
C LEU D 459 -22.19 -4.59 26.23
N PRO D 460 -21.73 -3.51 25.62
CA PRO D 460 -20.30 -3.24 25.64
C PRO D 460 -19.83 -3.11 27.07
N PRO D 461 -18.83 -3.91 27.46
CA PRO D 461 -18.36 -3.87 28.84
C PRO D 461 -18.00 -2.46 29.34
N ILE D 462 -17.96 -2.36 30.66
CA ILE D 462 -17.48 -1.17 31.33
C ILE D 462 -16.00 -1.29 31.67
N VAL D 463 -15.39 -2.45 31.42
CA VAL D 463 -14.00 -2.67 31.77
C VAL D 463 -13.27 -3.52 30.73
N THR D 464 -12.01 -3.22 30.49
CA THR D 464 -11.22 -3.94 29.47
C THR D 464 -10.50 -5.22 29.96
N HIS D 465 -10.49 -5.44 31.28
CA HIS D 465 -9.62 -6.37 31.96
C HIS D 465 -10.45 -7.27 32.86
N ASN D 466 -9.85 -8.41 33.21
CA ASN D 466 -10.33 -9.20 34.35
C ASN D 466 -9.69 -8.64 35.61
N MET D 467 -10.53 -8.17 36.53
CA MET D 467 -10.07 -7.64 37.82
C MET D 467 -9.87 -8.81 38.80
N VAL D 468 -8.82 -8.73 39.61
CA VAL D 468 -8.59 -9.69 40.70
C VAL D 468 -9.77 -9.63 41.67
N ASP D 469 -10.09 -8.43 42.18
CA ASP D 469 -11.28 -8.24 43.03
C ASP D 469 -12.30 -7.29 42.40
N ASP D 470 -13.12 -7.85 41.52
CA ASP D 470 -14.14 -7.12 40.80
C ASP D 470 -15.21 -6.47 41.69
N ALA D 471 -15.77 -7.24 42.62
CA ALA D 471 -16.92 -6.77 43.40
C ALA D 471 -16.51 -5.68 44.35
N ASN D 472 -15.30 -5.78 44.90
CA ASN D 472 -14.82 -4.75 45.83
C ASN D 472 -14.09 -3.59 45.21
N ASP D 473 -13.89 -3.56 43.90
CA ASP D 473 -13.23 -2.41 43.28
C ASP D 473 -14.13 -1.19 43.40
N LEU D 474 -13.55 -0.08 43.85
CA LEU D 474 -14.34 1.13 44.13
C LEU D 474 -14.94 1.74 42.87
N ILE D 475 -14.12 1.86 41.83
CA ILE D 475 -14.55 2.42 40.54
C ILE D 475 -15.68 1.62 39.89
N LEU D 476 -15.60 0.29 39.88
CA LEU D 476 -16.68 -0.50 39.31
C LEU D 476 -17.93 -0.46 40.15
N ASN D 477 -17.77 -0.29 41.46
CA ASN D 477 -18.91 -0.25 42.36
C ASN D 477 -19.71 1.03 42.15
N LYS D 478 -18.95 2.11 41.99
CA LYS D 478 -19.50 3.41 41.66
C LYS D 478 -20.15 3.45 40.29
N ILE D 479 -19.54 2.83 39.28
CA ILE D 479 -20.12 2.81 37.93
C ILE D 479 -21.42 2.01 37.91
N ARG D 480 -21.47 0.94 38.71
CA ARG D 480 -22.67 0.08 38.78
C ARG D 480 -23.80 0.76 39.54
N GLN D 481 -23.42 1.61 40.48
CA GLN D 481 -24.36 2.29 41.36
C GLN D 481 -25.12 3.39 40.62
N VAL D 482 -24.40 4.18 39.81
CA VAL D 482 -24.99 5.19 38.90
C VAL D 482 -25.51 4.60 37.58
N GLN D 483 -25.44 3.28 37.45
CA GLN D 483 -25.95 2.53 36.31
C GLN D 483 -25.52 2.99 34.89
N LEU D 484 -24.24 3.33 34.73
CA LEU D 484 -23.65 3.61 33.41
C LEU D 484 -23.13 2.29 32.81
N PHE D 485 -24.01 1.59 32.12
CA PHE D 485 -23.71 0.26 31.60
C PHE D 485 -23.55 0.21 30.08
N ASN D 486 -23.20 1.35 29.45
CA ASN D 486 -23.08 1.48 27.99
C ASN D 486 -24.25 0.90 27.23
N SER D 487 -25.45 1.23 27.69
CA SER D 487 -26.65 0.91 26.93
C SER D 487 -26.70 1.82 25.69
N PRO D 488 -27.31 1.36 24.58
CA PRO D 488 -27.37 2.15 23.36
C PRO D 488 -27.90 3.54 23.55
N SER D 489 -28.92 3.68 24.41
CA SER D 489 -29.53 4.97 24.75
C SER D 489 -28.77 5.86 25.75
N ASP D 490 -27.72 5.37 26.41
CA ASP D 490 -26.81 6.26 27.11
C ASP D 490 -25.98 7.04 26.12
N ARG D 491 -26.00 8.36 26.22
CA ARG D 491 -25.09 9.21 25.47
C ARG D 491 -23.71 9.34 26.12
N VAL D 492 -23.55 8.83 27.35
CA VAL D 492 -22.22 8.75 27.97
C VAL D 492 -21.83 7.31 28.18
N LYS D 493 -20.65 6.94 27.67
CA LYS D 493 -20.14 5.59 27.79
C LYS D 493 -18.95 5.57 28.77
N MET D 494 -18.82 4.45 29.47
CA MET D 494 -17.80 4.24 30.47
C MET D 494 -16.90 3.13 30.01
N ILE D 495 -15.60 3.35 30.18
CA ILE D 495 -14.56 2.39 29.88
C ILE D 495 -13.47 2.54 30.94
N PHE D 496 -13.43 1.59 31.87
CA PHE D 496 -12.37 1.52 32.87
C PHE D 496 -11.26 0.68 32.26
N HIS D 497 -10.08 1.28 32.11
CA HIS D 497 -8.92 0.55 31.62
C HIS D 497 -7.98 0.57 32.79
N PRO D 498 -8.04 -0.47 33.66
CA PRO D 498 -7.37 -0.45 34.95
C PRO D 498 -5.88 -0.65 34.88
N GLU D 499 -5.18 0.12 34.05
CA GLU D 499 -3.76 -0.09 33.83
C GLU D 499 -3.15 1.00 33.01
N PHE D 500 -1.93 1.40 33.34
CA PHE D 500 -1.21 2.44 32.60
C PHE D 500 -1.12 2.11 31.10
N LEU D 501 -1.19 3.15 30.26
CA LEU D 501 -1.19 2.94 28.81
C LEU D 501 0.21 2.80 28.31
N ASN D 502 0.45 1.73 27.56
CA ASN D 502 1.71 1.49 26.87
C ASN D 502 1.47 1.21 25.39
N ALA D 503 2.42 1.58 24.55
CA ALA D 503 2.37 1.29 23.10
C ALA D 503 2.37 -0.19 22.77
N ASN D 504 2.85 -1.03 23.68
CA ASN D 504 2.76 -2.50 23.53
C ASN D 504 1.41 -3.09 23.90
N ASN D 505 0.48 -2.31 24.44
CA ASN D 505 -0.89 -2.82 24.64
C ASN D 505 -1.42 -3.45 23.35
N PRO D 506 -2.01 -4.64 23.45
CA PRO D 506 -2.67 -5.22 22.28
C PRO D 506 -4.00 -4.61 21.86
N ILE D 507 -4.74 -3.93 22.75
CA ILE D 507 -6.07 -3.40 22.35
C ILE D 507 -6.16 -1.90 22.06
N LEU D 508 -5.34 -1.12 22.77
CA LEU D 508 -5.32 0.31 22.60
C LEU D 508 -3.86 0.73 22.65
N GLY D 509 -3.20 0.50 21.52
CA GLY D 509 -1.74 0.55 21.42
C GLY D 509 -1.21 1.96 21.32
N LEU D 510 -1.10 2.62 22.46
CA LEU D 510 -0.72 4.02 22.54
C LEU D 510 0.00 4.27 23.85
N ASP D 511 1.12 4.99 23.81
CA ASP D 511 1.70 5.52 25.04
C ASP D 511 0.79 6.60 25.61
N TYR D 512 0.92 6.87 26.91
CA TYR D 512 0.00 7.81 27.58
C TYR D 512 -0.11 9.17 26.87
N ASP D 513 1.04 9.78 26.62
CA ASP D 513 1.11 11.06 25.93
C ASP D 513 0.38 11.05 24.59
N GLU D 514 0.50 9.99 23.78
CA GLU D 514 -0.26 9.89 22.52
C GLU D 514 -1.77 9.75 22.75
N PHE D 515 -2.15 9.02 23.79
CA PHE D 515 -3.56 8.88 24.13
C PHE D 515 -4.21 10.22 24.49
N VAL D 516 -3.47 11.07 25.21
CA VAL D 516 -3.95 12.38 25.67
C VAL D 516 -4.23 13.24 24.45
N ARG D 517 -3.23 13.33 23.57
CA ARG D 517 -3.34 14.06 22.30
C ARG D 517 -4.61 13.75 21.51
N GLY D 518 -4.94 12.48 21.38
CA GLY D 518 -6.14 12.08 20.65
C GLY D 518 -7.44 12.37 21.36
N CYS D 519 -7.39 12.60 22.66
CA CYS D 519 -8.58 12.88 23.43
C CYS D 519 -9.01 14.32 23.24
N HIS D 520 -10.19 14.65 23.75
CA HIS D 520 -10.70 15.99 23.68
C HIS D 520 -10.71 16.77 25.01
N LEU D 521 -10.86 16.08 26.14
CA LEU D 521 -11.00 16.76 27.43
C LEU D 521 -10.49 15.91 28.60
N GLY D 522 -9.45 16.39 29.28
CA GLY D 522 -9.01 15.81 30.55
C GLY D 522 -9.88 16.28 31.70
N VAL D 523 -10.20 15.39 32.63
CA VAL D 523 -11.08 15.73 33.77
C VAL D 523 -10.45 15.20 35.06
N PHE D 524 -9.90 16.11 35.86
CA PHE D 524 -9.07 15.77 37.01
C PHE D 524 -9.59 16.54 38.24
N PRO D 525 -10.78 16.13 38.73
CA PRO D 525 -11.42 16.82 39.83
C PRO D 525 -10.85 16.42 41.21
N SER D 526 -9.58 16.75 41.43
CA SER D 526 -8.83 16.28 42.57
C SER D 526 -9.19 17.02 43.85
N TYR D 527 -8.99 16.35 44.99
CA TYR D 527 -9.25 16.89 46.33
C TYR D 527 -7.95 17.09 47.11
N TYR D 528 -7.00 16.19 47.01
CA TYR D 528 -5.65 16.47 47.54
C TYR D 528 -4.65 16.25 46.40
N GLU D 529 -3.97 17.33 46.01
CA GLU D 529 -3.10 17.33 44.82
C GLU D 529 -2.23 18.61 44.88
N PRO D 530 -1.13 18.54 45.65
CA PRO D 530 -0.26 19.71 45.83
C PRO D 530 0.23 20.33 44.55
N TRP D 531 0.37 19.51 43.49
CA TRP D 531 0.57 20.02 42.12
C TRP D 531 -0.47 19.50 41.10
N GLY D 532 -0.35 18.26 40.65
CA GLY D 532 -1.22 17.79 39.56
C GLY D 532 -0.51 17.95 38.22
N TYR D 533 0.37 16.98 37.96
CA TYR D 533 1.12 16.95 36.73
C TYR D 533 0.21 16.48 35.61
N THR D 534 -0.85 15.73 35.97
CA THR D 534 -1.82 15.22 35.01
C THR D 534 -2.52 16.33 34.20
N PRO D 535 -3.12 17.34 34.86
CA PRO D 535 -3.67 18.43 34.06
C PRO D 535 -2.62 19.37 33.47
N ALA D 536 -1.43 19.42 34.04
CA ALA D 536 -0.37 20.28 33.50
C ALA D 536 0.20 19.68 32.21
N GLU D 537 0.36 18.37 32.16
CA GLU D 537 0.86 17.77 30.95
C GLU D 537 -0.26 17.74 29.92
N CYS D 538 -1.51 17.57 30.37
CA CYS D 538 -2.66 17.61 29.45
C CYS D 538 -2.68 18.93 28.69
N THR D 539 -2.36 19.99 29.41
CA THR D 539 -2.27 21.32 28.86
C THR D 539 -1.10 21.50 27.87
N VAL D 540 0.08 20.91 28.12
CA VAL D 540 1.18 21.04 27.12
C VAL D 540 0.92 20.21 25.85
N MET D 541 0.00 19.25 25.92
CA MET D 541 -0.45 18.53 24.75
C MET D 541 -1.57 19.25 23.97
N GLY D 542 -1.95 20.46 24.38
CA GLY D 542 -3.01 21.20 23.71
C GLY D 542 -4.41 20.69 24.01
N VAL D 543 -4.59 19.99 25.11
CA VAL D 543 -5.87 19.38 25.44
C VAL D 543 -6.49 20.08 26.64
N PRO D 544 -7.74 20.54 26.50
CA PRO D 544 -8.41 21.18 27.64
C PRO D 544 -8.60 20.26 28.83
N SER D 545 -8.55 20.83 30.02
CA SER D 545 -8.68 20.07 31.24
C SER D 545 -9.51 20.80 32.27
N ILE D 546 -10.34 20.02 32.96
CA ILE D 546 -11.07 20.43 34.14
C ILE D 546 -10.25 20.05 35.36
N THR D 547 -9.88 21.04 36.16
CA THR D 547 -9.22 20.82 37.45
C THR D 547 -10.02 21.55 38.55
N THR D 548 -9.40 21.70 39.73
CA THR D 548 -10.04 22.30 40.91
C THR D 548 -9.13 23.31 41.61
N ASN D 549 -9.74 24.33 42.21
CA ASN D 549 -9.04 25.35 43.06
C ASN D 549 -8.24 24.76 44.23
N VAL D 550 -8.58 23.53 44.58
CA VAL D 550 -7.91 22.72 45.58
C VAL D 550 -6.59 22.07 45.07
N SER D 551 -6.45 21.86 43.76
CA SER D 551 -5.20 21.30 43.22
C SER D 551 -4.21 22.42 43.04
N GLY D 552 -2.93 22.10 43.18
CA GLY D 552 -1.86 23.07 43.03
C GLY D 552 -1.82 23.71 41.65
N PHE D 553 -2.24 22.97 40.64
CA PHE D 553 -2.30 23.48 39.28
C PHE D 553 -3.47 24.47 39.17
N GLY D 554 -4.66 24.02 39.55
CA GLY D 554 -5.83 24.90 39.53
C GLY D 554 -5.71 26.16 40.38
N SER D 555 -5.05 26.05 41.53
CA SER D 555 -4.74 27.22 42.36
C SER D 555 -3.94 28.21 41.54
N TYR D 556 -2.85 27.74 40.94
CA TYR D 556 -1.92 28.55 40.15
C TYR D 556 -2.54 29.19 38.91
N MET D 557 -3.43 28.46 38.25
CA MET D 557 -4.08 28.94 37.02
C MET D 557 -5.20 29.94 37.30
N GLU D 558 -5.89 29.84 38.44
CA GLU D 558 -6.92 30.82 38.80
C GLU D 558 -6.32 32.13 39.31
N ASP D 559 -5.07 32.05 39.77
CA ASP D 559 -4.27 33.21 40.16
C ASP D 559 -3.77 33.97 38.94
N LEU D 560 -3.55 33.28 37.84
CA LEU D 560 -2.95 33.84 36.65
C LEU D 560 -3.95 34.29 35.58
N ILE D 561 -5.19 33.82 35.67
CA ILE D 561 -6.26 34.18 34.71
C ILE D 561 -7.58 34.24 35.47
N GLU D 562 -8.39 35.26 35.21
CA GLU D 562 -9.71 35.37 35.85
C GLU D 562 -10.61 34.23 35.34
N THR D 563 -11.19 33.47 36.28
CA THR D 563 -11.70 32.11 36.04
C THR D 563 -12.69 31.94 34.86
N ASN D 564 -13.53 32.93 34.59
CA ASN D 564 -14.41 32.85 33.43
C ASN D 564 -13.62 32.95 32.13
N GLN D 565 -12.59 33.82 32.10
CA GLN D 565 -11.69 33.91 30.94
C GLN D 565 -10.85 32.63 30.73
N ALA D 566 -10.44 31.97 31.81
CA ALA D 566 -9.67 30.71 31.75
C ALA D 566 -10.35 29.56 31.00
N LYS D 567 -11.68 29.53 30.99
CA LYS D 567 -12.44 28.58 30.17
C LYS D 567 -12.25 28.72 28.66
N ASP D 568 -11.83 29.89 28.21
CA ASP D 568 -11.54 30.13 26.79
C ASP D 568 -10.19 29.58 26.40
N TYR D 569 -9.32 29.33 27.39
CA TYR D 569 -8.03 28.66 27.15
C TYR D 569 -8.02 27.14 27.49
N GLY D 570 -9.20 26.56 27.74
CA GLY D 570 -9.32 25.15 28.09
C GLY D 570 -8.88 24.82 29.49
N ILE D 571 -9.09 25.75 30.43
CA ILE D 571 -8.78 25.53 31.83
C ILE D 571 -10.05 25.78 32.63
N TYR D 572 -10.80 24.71 32.89
CA TYR D 572 -12.00 24.77 33.72
C TYR D 572 -11.66 24.46 35.19
N ILE D 573 -12.05 25.33 36.10
CA ILE D 573 -11.72 25.15 37.52
C ILE D 573 -13.02 24.98 38.31
N VAL D 574 -13.18 23.81 38.92
CA VAL D 574 -14.32 23.46 39.76
C VAL D 574 -13.94 23.94 41.13
N ASP D 575 -14.89 24.59 41.79
CA ASP D 575 -14.72 25.06 43.16
C ASP D 575 -15.10 23.92 44.11
N ARG D 576 -14.09 23.37 44.79
CA ARG D 576 -14.28 22.30 45.78
C ARG D 576 -13.93 22.75 47.20
N ARG D 577 -13.83 24.06 47.39
CA ARG D 577 -13.42 24.58 48.69
C ARG D 577 -14.41 25.57 49.31
N PHE D 578 -15.04 26.41 48.50
CA PHE D 578 -16.12 27.29 48.95
C PHE D 578 -17.48 26.83 48.44
N LYS D 579 -17.62 25.54 48.15
CA LYS D 579 -18.88 24.98 47.69
C LYS D 579 -19.16 23.67 48.41
N ALA D 580 -20.45 23.32 48.55
CA ALA D 580 -20.83 21.99 49.03
C ALA D 580 -20.46 20.96 47.97
N PRO D 581 -20.22 19.71 48.40
CA PRO D 581 -19.80 18.72 47.43
C PRO D 581 -20.87 18.43 46.35
N ASP D 582 -22.15 18.61 46.64
CA ASP D 582 -23.17 18.45 45.60
C ASP D 582 -23.13 19.57 44.57
N GLU D 583 -22.77 20.77 44.98
CA GLU D 583 -22.70 21.92 44.08
C GLU D 583 -21.49 21.76 43.17
N SER D 584 -20.33 21.46 43.78
CA SER D 584 -19.11 21.11 43.02
C SER D 584 -19.36 20.10 41.90
N VAL D 585 -20.07 19.03 42.22
CA VAL D 585 -20.51 18.06 41.22
C VAL D 585 -21.29 18.75 40.12
N GLU D 586 -22.33 19.51 40.46
CA GLU D 586 -23.16 20.16 39.45
C GLU D 586 -22.40 21.20 38.60
N GLN D 587 -21.36 21.79 39.18
CA GLN D 587 -20.50 22.70 38.44
C GLN D 587 -19.68 21.94 37.41
N LEU D 588 -19.14 20.80 37.83
CA LEU D 588 -18.42 19.90 36.95
C LEU D 588 -19.35 19.48 35.81
N VAL D 589 -20.57 19.05 36.12
CA VAL D 589 -21.49 18.65 35.05
C VAL D 589 -21.68 19.83 34.13
N ASP D 590 -21.90 21.03 34.67
CA ASP D 590 -22.11 22.24 33.85
C ASP D 590 -20.99 22.44 32.85
N TYR D 591 -19.75 22.42 33.33
CA TYR D 591 -18.57 22.54 32.44
C TYR D 591 -18.54 21.52 31.32
N MET D 592 -18.79 20.26 31.64
CA MET D 592 -18.82 19.21 30.64
C MET D 592 -19.88 19.47 29.60
N GLU D 593 -21.08 19.81 30.04
CA GLU D 593 -22.18 20.10 29.12
C GLU D 593 -21.79 21.26 28.22
N GLU D 594 -21.09 22.22 28.80
CA GLU D 594 -20.59 23.36 28.07
C GLU D 594 -19.70 22.88 26.94
N PHE D 595 -18.69 22.09 27.26
CA PHE D 595 -17.75 21.59 26.26
C PHE D 595 -18.42 20.74 25.18
N VAL D 596 -19.33 19.83 25.57
CA VAL D 596 -20.04 18.99 24.58
C VAL D 596 -20.69 19.84 23.46
N LYS D 597 -21.35 20.92 23.87
CA LYS D 597 -22.12 21.78 22.96
C LYS D 597 -21.29 22.46 21.89
N LYS D 598 -20.00 22.67 22.16
CA LYS D 598 -19.11 23.31 21.22
C LYS D 598 -19.20 22.69 19.84
N THR D 599 -18.95 23.50 18.83
CA THR D 599 -18.77 23.04 17.47
C THR D 599 -17.32 22.56 17.29
N ARG D 600 -17.04 21.89 16.17
CA ARG D 600 -15.66 21.47 15.87
C ARG D 600 -14.73 22.67 15.76
N ARG D 601 -15.13 23.68 14.97
CA ARG D 601 -14.31 24.87 14.82
C ARG D 601 -13.94 25.44 16.18
N GLN D 602 -14.94 25.53 17.05
CA GLN D 602 -14.72 26.00 18.42
C GLN D 602 -13.72 25.13 19.17
N ARG D 603 -13.89 23.81 19.09
CA ARG D 603 -12.98 22.84 19.73
C ARG D 603 -11.52 23.02 19.30
N ILE D 604 -11.38 23.22 17.96
CA ILE D 604 -10.07 23.37 17.32
C ILE D 604 -9.37 24.61 17.87
N ASN D 605 -10.07 25.73 17.87
CA ASN D 605 -9.46 26.98 18.32
C ASN D 605 -9.17 26.99 19.81
N GLN D 606 -10.08 26.46 20.62
CA GLN D 606 -9.83 26.36 22.05
C GLN D 606 -8.55 25.57 22.29
N ARG D 607 -8.31 24.51 21.49
CA ARG D 607 -7.07 23.75 21.60
C ARG D 607 -5.88 24.64 21.26
N ASN D 608 -5.99 25.45 20.21
CA ASN D 608 -4.90 26.38 19.88
C ASN D 608 -4.62 27.32 21.05
N ARG D 609 -5.69 27.79 21.70
CA ARG D 609 -5.55 28.68 22.84
C ARG D 609 -4.84 27.99 24.00
N THR D 610 -5.25 26.74 24.28
CA THR D 610 -4.60 25.90 25.30
C THR D 610 -3.13 25.65 25.01
N GLU D 611 -2.79 25.51 23.73
CA GLU D 611 -1.43 25.26 23.33
C GLU D 611 -0.55 26.48 23.59
N ARG D 612 -1.04 27.68 23.30
CA ARG D 612 -0.24 28.89 23.60
C ARG D 612 -0.01 29.06 25.10
N LEU D 613 -1.00 28.65 25.89
CA LEU D 613 -0.95 28.73 27.33
C LEU D 613 0.10 27.83 27.97
N SER D 614 0.52 26.80 27.24
CA SER D 614 1.54 25.91 27.75
C SER D 614 2.96 26.47 27.69
N ASP D 615 3.14 27.70 27.23
CA ASP D 615 4.40 28.41 27.47
C ASP D 615 4.61 28.64 28.95
N LEU D 616 3.52 28.96 29.65
CA LEU D 616 3.60 29.35 31.04
C LEU D 616 3.99 28.23 31.95
N LEU D 617 3.86 27.00 31.46
CA LEU D 617 4.29 25.80 32.18
C LEU D 617 5.72 25.36 31.85
N ASP D 618 6.43 26.09 31.00
CA ASP D 618 7.78 25.73 30.57
C ASP D 618 8.76 26.14 31.66
N TRP D 619 9.85 25.41 31.79
CA TRP D 619 10.90 25.79 32.74
C TRP D 619 11.59 27.12 32.38
N LYS D 620 11.57 27.50 31.10
CA LYS D 620 12.02 28.84 30.67
C LYS D 620 11.31 29.98 31.41
N ARG D 621 10.05 29.77 31.77
CA ARG D 621 9.31 30.73 32.57
C ARG D 621 9.34 30.34 34.05
N MET D 622 8.89 29.14 34.37
CA MET D 622 8.67 28.74 35.78
C MET D 622 9.97 28.67 36.57
N GLY D 623 11.09 28.53 35.87
CA GLY D 623 12.43 28.60 36.46
C GLY D 623 12.86 29.97 36.96
N LEU D 624 12.17 31.04 36.53
CA LEU D 624 12.39 32.39 37.07
C LEU D 624 11.99 32.48 38.53
N GLU D 625 11.04 31.66 38.95
CA GLU D 625 10.63 31.62 40.36
C GLU D 625 11.72 31.00 41.25
N TYR D 626 12.44 30.00 40.75
CA TYR D 626 13.61 29.44 41.45
C TYR D 626 14.70 30.52 41.58
N VAL D 627 14.85 31.38 40.57
CA VAL D 627 15.73 32.57 40.65
C VAL D 627 15.28 33.53 41.77
N LYS D 628 14.00 33.92 41.78
CA LYS D 628 13.43 34.78 42.83
C LYS D 628 13.66 34.26 44.25
N ALA D 629 13.47 32.95 44.44
CA ALA D 629 13.73 32.29 45.71
C ALA D 629 15.22 32.36 46.05
N ARG D 630 16.08 32.24 45.05
CA ARG D 630 17.53 32.40 45.25
C ARG D 630 17.97 33.87 45.47
N GLN D 631 17.33 34.81 44.79
CA GLN D 631 17.60 36.24 45.06
C GLN D 631 17.20 36.59 46.49
N LEU D 632 16.04 36.10 46.94
CA LEU D 632 15.57 36.35 48.31
C LEU D 632 16.41 35.65 49.39
N ALA D 633 17.06 34.54 49.04
CA ALA D 633 17.95 33.86 49.98
C ALA D 633 19.29 34.59 50.14
N LEU D 634 19.78 35.20 49.07
CA LEU D 634 21.02 36.00 49.13
C LEU D 634 20.81 37.37 49.78
N ARG D 635 19.66 37.98 49.51
CA ARG D 635 19.21 39.25 50.15
C ARG D 635 19.10 39.17 51.68
N ARG D 636 18.63 38.05 52.21
CA ARG D 636 18.47 37.85 53.65
C ARG D 636 19.80 37.54 54.33
N GLY D 637 20.59 36.67 53.71
CA GLY D 637 21.87 36.22 54.27
C GLY D 637 23.02 37.22 54.29
N TYR D 638 22.98 38.24 53.41
CA TYR D 638 24.07 39.24 53.31
C TYR D 638 23.58 40.69 52.99
N PRO D 639 22.58 41.21 53.74
CA PRO D 639 21.80 42.43 53.35
C PRO D 639 22.58 43.67 52.86
N ASP D 640 23.75 43.94 53.44
CA ASP D 640 24.56 45.14 53.10
C ASP D 640 25.27 44.97 51.77
N GLN D 641 25.96 43.84 51.63
CA GLN D 641 26.60 43.48 50.36
C GLN D 641 25.59 43.64 49.22
N PHE D 642 24.36 43.16 49.43
CA PHE D 642 23.30 43.24 48.41
C PHE D 642 22.79 44.67 48.24
N ARG D 643 22.49 45.34 49.35
CA ARG D 643 22.05 46.74 49.32
C ARG D 643 23.06 47.63 48.61
N GLU D 644 24.35 47.39 48.85
CA GLU D 644 25.44 48.04 48.15
C GLU D 644 25.51 47.61 46.69
N LEU D 645 25.38 46.30 46.43
CA LEU D 645 25.50 45.74 45.08
C LEU D 645 24.45 46.22 44.08
N VAL D 646 23.24 46.52 44.56
CA VAL D 646 22.09 46.81 43.68
C VAL D 646 21.72 48.30 43.57
N GLY D 647 21.78 49.05 44.68
CA GLY D 647 21.52 50.50 44.65
C GLY D 647 20.59 50.99 45.74
N GLU D 648 19.53 50.24 46.01
CA GLU D 648 18.59 50.52 47.11
C GLU D 648 18.69 49.43 48.18
N GLU D 649 17.69 49.34 49.05
CA GLU D 649 17.45 48.17 49.89
C GLU D 649 15.94 47.92 49.88
N LEU D 650 15.49 47.11 48.90
CA LEU D 650 14.07 47.06 48.54
C LEU D 650 13.18 46.37 49.59
N ASN D 651 13.29 45.05 49.73
CA ASN D 651 12.42 44.30 50.67
C ASN D 651 12.94 42.88 50.93
N ASP D 652 12.76 42.41 52.17
CA ASP D 652 13.34 41.14 52.64
C ASP D 652 12.32 40.06 52.99
N SER D 653 11.03 40.33 52.78
CA SER D 653 9.93 39.51 53.33
C SER D 653 9.35 38.45 52.38
N ASN D 654 9.65 38.56 51.09
CA ASN D 654 8.75 38.09 50.04
C ASN D 654 9.48 37.96 48.70
N MET D 655 9.31 36.83 48.01
CA MET D 655 9.97 36.57 46.72
C MET D 655 9.48 37.56 45.65
N ASP D 656 8.17 37.81 45.62
CA ASP D 656 7.56 38.77 44.70
C ASP D 656 7.93 40.24 44.98
N ALA D 657 8.26 40.59 46.23
CA ALA D 657 8.64 41.98 46.58
C ALA D 657 9.98 42.47 46.00
N LEU D 658 10.80 41.55 45.50
CA LEU D 658 12.00 41.89 44.72
C LEU D 658 11.65 42.10 43.24
N ALA D 659 12.56 42.74 42.50
CA ALA D 659 12.40 42.97 41.06
C ALA D 659 12.81 41.73 40.26
N1 UDP E . -4.26 30.51 -14.53
C2 UDP E . -4.61 29.21 -14.96
N3 UDP E . -3.68 28.26 -15.13
C4 UDP E . -2.39 28.53 -14.94
C5 UDP E . -2.00 29.81 -14.54
C6 UDP E . -2.97 30.80 -14.33
O2 UDP E . -5.81 28.91 -15.16
O4 UDP E . -1.53 27.63 -15.12
C1' UDP E . -5.32 31.53 -14.34
C2' UDP E . -5.31 32.17 -12.95
O2' UDP E . -6.42 31.68 -12.20
C3' UDP E . -5.34 33.67 -13.18
C4' UDP E . -5.09 33.86 -14.67
O4' UDP E . -5.19 32.58 -15.30
O3' UDP E . -6.61 34.23 -12.80
C5' UDP E . -3.71 34.42 -15.01
O5' UDP E . -3.73 35.83 -14.96
PA UDP E . -3.46 36.74 -16.27
O1A UDP E . -1.96 36.78 -16.50
O2A UDP E . -4.40 36.26 -17.35
O3A UDP E . -3.94 38.21 -15.79
PB UDP E . -3.62 38.81 -14.32
O1B UDP E . -2.41 38.08 -13.78
O2B UDP E . -3.31 40.26 -14.61
O3B UDP E . -4.90 38.57 -13.56
C1 G6P F . 3.89 22.79 6.25
C2 G6P F . 3.79 21.51 7.10
C3 G6P F . 4.96 21.38 8.08
C4 G6P F . 6.30 21.68 7.43
C5 G6P F . 6.25 22.98 6.63
C6 G6P F . 7.47 23.21 5.77
O1 G6P F . 3.57 23.96 7.01
O2 G6P F . 2.53 21.48 7.76
O3 G6P F . 4.97 20.04 8.54
O4 G6P F . 7.32 21.75 8.45
O5 G6P F . 5.19 22.93 5.69
O6 G6P F . 7.57 24.58 5.37
P G6P F . 8.38 24.96 4.02
O1P G6P F . 7.57 24.31 2.93
O2P G6P F . 8.34 26.46 3.98
O3P G6P F . 9.78 24.42 4.24
N1 UDP G . -14.84 -30.93 9.46
C2 UDP G . -15.14 -29.55 9.35
N3 UDP G . -14.40 -28.62 10.00
C4 UDP G . -13.35 -28.99 10.75
C5 UDP G . -13.03 -30.35 10.89
C6 UDP G . -13.79 -31.31 10.23
O2 UDP G . -16.10 -29.15 8.65
O4 UDP G . -12.69 -28.10 11.34
C1' UDP G . -15.65 -31.93 8.74
C2' UDP G . -14.88 -32.54 7.57
O2' UDP G . -15.13 -31.85 6.34
C3' UDP G . -15.31 -34.00 7.53
C4' UDP G . -16.09 -34.24 8.81
O4' UDP G . -16.04 -33.02 9.58
O3' UDP G . -16.12 -34.27 6.37
C5' UDP G . -15.53 -35.39 9.65
O5' UDP G . -16.58 -36.11 10.31
PA UDP G . -16.27 -37.50 11.08
O1A UDP G . -15.16 -37.26 12.07
O2A UDP G . -17.59 -38.01 11.63
O3A UDP G . -15.81 -38.49 9.87
PB UDP G . -14.33 -38.94 9.37
O1B UDP G . -14.39 -40.45 9.43
O2B UDP G . -14.27 -38.44 7.95
O3B UDP G . -13.26 -38.33 10.27
C1 G6P H . 4.03 -24.97 -3.70
C2 G6P H . 4.60 -23.66 -4.25
C3 G6P H . 6.11 -23.72 -4.22
C4 G6P H . 6.56 -23.98 -2.81
C5 G6P H . 6.03 -25.34 -2.38
C6 G6P H . 6.46 -25.71 -0.96
O1 G6P H . 4.27 -25.98 -4.67
O2 G6P H . 4.09 -23.48 -5.58
O3 G6P H . 6.62 -22.47 -4.66
O4 G6P H . 7.99 -23.94 -2.75
O5 G6P H . 4.61 -25.32 -2.45
O6 G6P H . 6.12 -27.07 -0.65
P G6P H . 6.13 -27.57 0.89
O1P G6P H . 7.50 -27.18 1.41
O2P G6P H . 4.96 -26.86 1.48
O3P G6P H . 5.80 -29.04 0.82
C1 GCS I . 24.18 -16.74 -35.76
C2 GCS I . 23.10 -17.60 -36.42
C3 GCS I . 22.19 -18.18 -35.35
C4 GCS I . 23.02 -18.94 -34.33
C5 GCS I . 24.09 -18.01 -33.75
C6 GCS I . 24.98 -18.68 -32.72
N2 GCS I . 22.25 -16.83 -37.30
O1 GCS I . 25.09 -16.27 -36.74
O3 GCS I . 21.18 -18.99 -35.96
O4 GCS I . 22.14 -19.38 -33.30
O5 GCS I . 24.91 -17.51 -34.82
O6 GCS I . 25.50 -19.92 -33.22
N1 UDP J . 17.88 -10.90 -27.83
C2 UDP J . 18.05 -9.92 -26.81
N3 UDP J . 17.18 -8.92 -26.65
C4 UDP J . 16.10 -8.82 -27.43
C5 UDP J . 15.87 -9.75 -28.43
C6 UDP J . 16.79 -10.80 -28.62
O2 UDP J . 19.04 -9.96 -26.05
O4 UDP J . 15.29 -7.88 -27.26
C1' UDP J . 18.84 -12.00 -28.00
C2' UDP J . 18.18 -13.36 -27.77
O2' UDP J . 18.36 -13.78 -26.41
C3' UDP J . 18.83 -14.31 -28.76
C4' UDP J . 19.71 -13.43 -29.65
O4' UDP J . 19.42 -12.07 -29.32
O3' UDP J . 19.59 -15.32 -28.09
C5' UDP J . 19.52 -13.68 -31.13
O5' UDP J . 20.32 -14.78 -31.55
PA UDP J . 19.86 -15.93 -32.59
O1A UDP J . 20.83 -17.07 -32.41
O2A UDP J . 18.37 -16.18 -32.52
O3A UDP J . 20.13 -15.38 -34.08
PB UDP J . 21.20 -14.24 -34.43
O1B UDP J . 21.55 -14.58 -35.86
O2B UDP J . 20.37 -12.97 -34.27
O3B UDP J . 22.37 -14.37 -33.48
C1 G6P K . -0.54 -19.58 -15.87
C2 G6P K . -1.22 -19.31 -14.53
C3 G6P K . -2.71 -19.61 -14.57
C4 G6P K . -3.41 -19.06 -15.82
C5 G6P K . -2.59 -19.27 -17.09
C6 G6P K . -3.13 -18.47 -18.26
O1 G6P K . -0.49 -20.99 -16.16
O2 G6P K . -0.57 -20.06 -13.51
O3 G6P K . -3.30 -19.02 -13.43
O4 G6P K . -4.69 -19.70 -15.95
O5 G6P K . -1.23 -18.88 -16.91
O6 G6P K . -2.42 -18.79 -19.45
P G6P K . -2.70 -18.01 -20.83
O1P G6P K . -4.20 -17.82 -20.88
O2P G6P K . -1.89 -16.74 -20.64
O3P G6P K . -2.21 -18.92 -21.91
N1 UDP L . 0.84 8.31 33.69
C2 UDP L . 1.41 7.42 32.74
N3 UDP L . 0.63 6.55 32.07
C4 UDP L . -0.70 6.50 32.27
C5 UDP L . -1.28 7.36 33.21
C6 UDP L . -0.49 8.28 33.91
O2 UDP L . 2.64 7.44 32.52
O4 UDP L . -1.39 5.69 31.64
C1' UDP L . 1.72 9.26 34.42
C2' UDP L . 1.65 10.65 33.82
O2' UDP L . 2.82 10.95 33.04
C3' UDP L . 1.48 11.61 34.99
C4' UDP L . 1.55 10.73 36.23
O4' UDP L . 1.36 9.38 35.80
O3' UDP L . 2.48 12.64 35.01
C5' UDP L . 0.48 11.10 37.23
O5' UDP L . 0.72 10.50 38.49
PA UDP L . -0.20 10.95 39.72
O1A UDP L . 0.25 10.21 40.96
O2A UDP L . -1.64 10.83 39.28
O3A UDP L . 0.24 12.51 39.90
PB UDP L . -0.71 13.82 39.85
O1B UDP L . -0.91 14.14 38.38
O2B UDP L . -1.98 13.45 40.58
O3B UDP L . 0.12 14.85 40.58
C1 G6P M . -7.48 18.56 13.92
C2 G6P M . -7.27 18.23 12.45
C3 G6P M . -8.53 18.50 11.68
C4 G6P M . -9.71 17.77 12.28
C5 G6P M . -9.83 18.11 13.76
C6 G6P M . -10.87 17.26 14.47
O1 G6P M . -7.69 19.95 14.07
O2 G6P M . -6.19 18.99 11.89
O3 G6P M . -8.34 17.98 10.38
O4 G6P M . -10.89 18.15 11.58
O5 G6P M . -8.61 17.86 14.43
O6 G6P M . -11.19 17.93 15.68
P G6P M . -11.94 17.21 16.90
O1P G6P M . -13.30 16.84 16.39
O2P G6P M . -11.88 18.23 18.02
O3P G6P M . -11.07 16.01 17.21
#